data_6DVY
#
_entry.id   6DVY
#
_cell.length_a   1
_cell.length_b   1
_cell.length_c   1
_cell.angle_alpha   90.00
_cell.angle_beta   90.00
_cell.angle_gamma   90.00
#
_symmetry.space_group_name_H-M   'P 1'
#
loop_
_entity.id
_entity.type
_entity.pdbx_description
1 polymer 'Transient receptor potential cation channel subfamily V member 3'
2 non-polymer '2-aminoethyl diphenylborinate'
#
_entity_poly.entity_id   1
_entity_poly.type   'polypeptide(L)'
_entity_poly.pdbx_seq_one_letter_code
;MGAHSKEMAPLMGKRTTAPGGNPVVLTEKRPADLTPTKKSAHFFLEIEGFEPNPTVTKTSPPIFSKPMDSNIRQCLSGNC
DDMDSPQSPQDDVTETPSNPNSPSANLAKEEQRQKKKRLKKRIFAAVSEGCVEELRELLQDLQDLCRRRRGLDVPDFLMH
KLTASDTGKTCLMKALLNINPNTKEIVRILLAFAEENDILDRFINAEYTEEAYEGQTALNIAIERRQGDITAVLIAAGAD
VNAHAKGVFFNPKYQHEGFYFGETPLALAACTNQPEIVQLLMENEQTDITSQDSRGNNILHALVTVAEDFKTQNDFVKRM
YDMILLRSGNWELETMRNNDGLTPLQLAAKMGKAEILKYILSREIKEKPLRSLSRKFTDWAYGPVSSSLYDLTNVDTTTD
NSVLEIIVYNTNIDNRHEMLTLEPLHTLLHTKWKKFAKYMFFLSFCFYFFYNITLTLVSYYRPREDEDLPHPLALTHKMS
WLQLLGRMFVLIWATCISVKEGIAIFLLRPSDLQSILSDAWFHFVFFVQAVLVILSVFLYLFAYKEYLACLVLAMALGWA
NMLYYTRGFQSMGMYSVMIQKVILHDVLKFLFVYILFLLGFGVALASLIEKCSKDKKDCSSYGSFSDAVLELFKLTIGLG
DLNIQQNSTYPILFLFLLITYVILTFVLLLNMLIALMGETVENVSKESERIWRLQRARTILEFEKMLPEWLRSRFRMGEL
CKVADEDFRLCLRINEVKWTEWKTHVSFLNEDPGPIRRTADLNKIQDSSRSNSKTTLYAFDELDEFPETSV
;
_entity_poly.pdbx_strand_id   A,B,C,D
#
loop_
_chem_comp.id
_chem_comp.type
_chem_comp.name
_chem_comp.formula
FZ4 non-polymer '2-aminoethyl diphenylborinate' 'C14 H16 B N O'
#
# COMPACT_ATOMS: atom_id res chain seq x y z
N LYS A 115 63.94 19.78 -29.97
CA LYS A 115 63.52 20.24 -31.29
C LYS A 115 63.25 21.75 -31.19
N LYS A 116 63.22 22.25 -29.95
CA LYS A 116 62.90 23.64 -29.61
C LYS A 116 61.52 24.02 -30.14
N LYS A 117 60.52 23.35 -29.55
CA LYS A 117 59.13 23.42 -30.00
C LYS A 117 58.38 24.58 -29.31
N ARG A 118 58.99 25.76 -29.39
CA ARG A 118 58.35 26.95 -28.85
C ARG A 118 57.23 27.46 -29.75
N LEU A 119 57.12 26.93 -30.96
CA LEU A 119 56.04 27.32 -31.86
C LEU A 119 54.81 26.46 -31.64
N LYS A 120 55.01 25.15 -31.42
CA LYS A 120 53.90 24.21 -31.37
C LYS A 120 53.09 24.37 -30.09
N LYS A 121 53.76 24.39 -28.95
CA LYS A 121 53.06 24.45 -27.66
C LYS A 121 52.47 25.83 -27.44
N ARG A 122 53.03 26.85 -28.08
CA ARG A 122 52.47 28.20 -27.99
C ARG A 122 51.13 28.29 -28.69
N ILE A 123 50.97 27.54 -29.79
CA ILE A 123 49.70 27.56 -30.52
C ILE A 123 48.64 26.79 -29.75
N PHE A 124 49.00 25.59 -29.25
CA PHE A 124 48.03 24.71 -28.60
C PHE A 124 47.48 25.32 -27.32
N ALA A 125 48.28 26.15 -26.65
CA ALA A 125 47.75 26.92 -25.54
C ALA A 125 46.80 28.00 -26.04
N ALA A 126 47.21 28.71 -27.10
CA ALA A 126 46.38 29.79 -27.63
C ALA A 126 45.13 29.25 -28.30
N VAL A 127 45.20 28.02 -28.80
CA VAL A 127 44.00 27.34 -29.28
C VAL A 127 43.09 26.98 -28.11
N SER A 128 43.68 26.51 -27.01
CA SER A 128 42.88 26.16 -25.84
C SER A 128 42.30 27.39 -25.17
N GLU A 129 42.96 28.54 -25.32
CA GLU A 129 42.35 29.78 -24.89
C GLU A 129 41.20 30.17 -25.81
N GLY A 130 41.28 29.76 -27.07
CA GLY A 130 40.35 30.22 -28.08
C GLY A 130 40.63 31.62 -28.58
N CYS A 131 41.71 32.24 -28.16
CA CYS A 131 42.00 33.62 -28.51
C CYS A 131 42.34 33.74 -30.00
N VAL A 132 41.73 34.73 -30.65
CA VAL A 132 41.87 34.92 -32.08
C VAL A 132 43.09 35.77 -32.41
N GLU A 133 43.21 36.93 -31.76
CA GLU A 133 44.23 37.91 -32.13
C GLU A 133 45.62 37.41 -31.80
N GLU A 134 45.76 36.62 -30.74
CA GLU A 134 47.05 36.03 -30.44
C GLU A 134 47.38 34.92 -31.44
N LEU A 135 46.35 34.25 -31.95
CA LEU A 135 46.59 33.17 -32.91
C LEU A 135 46.97 33.71 -34.28
N ARG A 136 46.41 34.87 -34.66
CA ARG A 136 46.73 35.45 -35.97
C ARG A 136 48.19 35.88 -36.03
N GLU A 137 48.75 36.29 -34.89
CA GLU A 137 50.18 36.52 -34.80
C GLU A 137 50.95 35.21 -34.96
N LEU A 138 50.40 34.10 -34.45
CA LEU A 138 51.09 32.82 -34.55
C LEU A 138 51.06 32.27 -35.97
N LEU A 139 50.12 32.73 -36.79
CA LEU A 139 50.04 32.25 -38.15
C LEU A 139 51.10 32.86 -39.04
N GLN A 140 51.29 34.17 -38.99
CA GLN A 140 52.22 34.84 -39.88
C GLN A 140 53.67 34.50 -39.53
N ASP A 141 53.92 34.22 -38.25
CA ASP A 141 55.23 33.69 -37.86
C ASP A 141 55.42 32.29 -38.40
N LEU A 142 54.34 31.52 -38.50
CA LEU A 142 54.45 30.18 -39.06
C LEU A 142 54.52 30.23 -40.58
N GLN A 143 53.86 31.22 -41.19
CA GLN A 143 53.99 31.45 -42.63
C GLN A 143 55.42 31.81 -43.00
N ASP A 144 56.07 32.62 -42.17
CA ASP A 144 57.49 32.89 -42.35
C ASP A 144 58.32 31.66 -42.02
N LEU A 145 57.83 30.81 -41.11
CA LEU A 145 58.57 29.59 -40.80
C LEU A 145 58.40 28.56 -41.91
N CYS A 146 57.29 28.63 -42.65
CA CYS A 146 57.18 27.84 -43.86
C CYS A 146 58.10 28.38 -44.96
N ARG A 147 58.40 29.68 -44.92
CA ARG A 147 59.27 30.29 -45.92
C ARG A 147 60.73 29.87 -45.76
N ARG A 148 61.14 29.55 -44.53
CA ARG A 148 62.56 29.31 -44.26
C ARG A 148 63.06 28.00 -44.86
N ARG A 149 62.18 27.04 -45.09
CA ARG A 149 62.59 25.81 -45.75
C ARG A 149 61.45 25.31 -46.62
N ARG A 150 61.80 24.94 -47.86
CA ARG A 150 60.82 24.54 -48.86
C ARG A 150 61.24 23.29 -49.61
N GLY A 151 61.62 22.24 -48.90
CA GLY A 151 61.83 20.95 -49.54
C GLY A 151 60.62 20.06 -49.46
N LEU A 152 59.84 20.21 -48.38
CA LEU A 152 58.63 19.45 -48.10
C LEU A 152 57.44 20.35 -47.81
N ASP A 153 57.17 21.31 -48.71
CA ASP A 153 56.75 22.68 -48.41
C ASP A 153 55.70 22.85 -47.33
N VAL A 154 54.46 22.50 -47.62
CA VAL A 154 53.40 22.54 -46.63
C VAL A 154 53.21 21.27 -45.78
N PRO A 155 53.09 20.00 -46.35
CA PRO A 155 52.47 18.93 -45.56
C PRO A 155 53.33 18.42 -44.42
N ASP A 156 54.56 18.05 -44.70
CA ASP A 156 55.35 17.35 -43.69
C ASP A 156 55.99 18.27 -42.68
N PHE A 157 55.87 19.59 -42.85
CA PHE A 157 56.31 20.53 -41.83
C PHE A 157 55.17 20.95 -40.92
N LEU A 158 54.00 21.25 -41.49
CA LEU A 158 52.87 21.67 -40.67
C LEU A 158 52.28 20.53 -39.87
N MET A 159 52.34 19.30 -40.37
CA MET A 159 51.82 18.17 -39.62
C MET A 159 52.80 17.74 -38.54
N HIS A 160 54.02 18.25 -38.59
CA HIS A 160 54.90 18.12 -37.43
C HIS A 160 54.64 19.23 -36.43
N LYS A 161 54.01 20.32 -36.88
CA LYS A 161 53.70 21.44 -36.00
C LYS A 161 52.26 21.42 -35.49
N LEU A 162 51.30 20.91 -36.27
CA LEU A 162 49.92 20.96 -35.85
C LEU A 162 49.46 19.71 -35.14
N THR A 163 50.27 18.66 -35.12
CA THR A 163 49.89 17.38 -34.55
C THR A 163 50.89 17.01 -33.47
N ALA A 164 50.38 16.59 -32.31
CA ALA A 164 51.23 16.12 -31.24
C ALA A 164 51.92 14.81 -31.65
N SER A 165 53.07 14.57 -31.03
CA SER A 165 53.90 13.46 -31.46
C SER A 165 53.34 12.12 -30.98
N ASP A 166 53.17 11.97 -29.67
CA ASP A 166 52.80 10.69 -29.07
C ASP A 166 51.34 10.34 -29.27
N THR A 167 50.43 11.25 -28.89
CA THR A 167 49.01 10.93 -28.97
C THR A 167 48.50 11.02 -30.40
N GLY A 168 49.13 11.85 -31.22
CA GLY A 168 48.56 12.16 -32.51
C GLY A 168 47.43 13.16 -32.46
N LYS A 169 47.25 13.85 -31.34
CA LYS A 169 46.19 14.82 -31.20
C LYS A 169 46.53 16.06 -32.02
N THR A 170 45.63 16.44 -32.92
CA THR A 170 45.91 17.54 -33.82
C THR A 170 45.49 18.87 -33.21
N CYS A 171 45.74 19.93 -33.97
CA CYS A 171 45.39 21.27 -33.53
C CYS A 171 43.89 21.47 -33.59
N LEU A 172 43.22 20.84 -34.55
CA LEU A 172 41.79 21.05 -34.70
C LEU A 172 41.02 20.30 -33.62
N MET A 173 41.50 19.10 -33.25
CA MET A 173 40.86 18.38 -32.16
C MET A 173 41.09 19.07 -30.83
N LYS A 174 42.24 19.72 -30.67
CA LYS A 174 42.46 20.56 -29.49
C LYS A 174 41.51 21.75 -29.49
N ALA A 175 41.12 22.23 -30.67
CA ALA A 175 40.15 23.30 -30.74
C ALA A 175 38.75 22.83 -30.39
N LEU A 176 38.53 21.53 -30.37
CA LEU A 176 37.21 20.99 -30.09
C LEU A 176 37.12 20.26 -28.76
N LEU A 177 38.23 19.96 -28.12
CA LEU A 177 38.16 19.45 -26.76
C LEU A 177 37.79 20.59 -25.84
N ASN A 178 38.65 21.60 -25.76
CA ASN A 178 38.27 22.83 -25.10
C ASN A 178 37.31 23.58 -26.01
N ILE A 179 36.35 24.29 -25.41
CA ILE A 179 35.41 25.06 -26.20
C ILE A 179 34.96 26.29 -25.42
N ASN A 180 35.03 27.44 -26.07
CA ASN A 180 34.59 28.74 -25.58
C ASN A 180 33.82 29.38 -26.72
N PRO A 181 33.10 30.52 -26.48
CA PRO A 181 32.36 31.13 -27.61
C PRO A 181 33.17 31.71 -28.76
N ASN A 182 34.50 31.55 -28.77
CA ASN A 182 35.33 31.91 -29.91
C ASN A 182 35.64 30.70 -30.79
N THR A 183 35.04 29.55 -30.50
CA THR A 183 35.33 28.36 -31.29
C THR A 183 34.61 28.37 -32.63
N LYS A 184 33.51 29.11 -32.73
CA LYS A 184 32.84 29.25 -34.02
C LYS A 184 33.69 30.00 -35.03
N GLU A 185 34.60 30.84 -34.56
CA GLU A 185 35.57 31.51 -35.42
C GLU A 185 36.88 30.74 -35.54
N ILE A 186 37.33 30.10 -34.45
CA ILE A 186 38.67 29.56 -34.45
C ILE A 186 38.74 28.24 -35.22
N VAL A 187 37.60 27.60 -35.47
CA VAL A 187 37.57 26.48 -36.39
C VAL A 187 37.76 26.97 -37.83
N ARG A 188 37.10 28.09 -38.15
CA ARG A 188 37.19 28.67 -39.48
C ARG A 188 38.61 29.11 -39.80
N ILE A 189 39.30 29.67 -38.82
CA ILE A 189 40.67 30.12 -39.03
C ILE A 189 41.60 28.94 -39.20
N LEU A 190 41.41 27.90 -38.39
CA LEU A 190 42.22 26.69 -38.55
C LEU A 190 41.82 25.90 -39.78
N LEU A 191 40.62 26.11 -40.30
CA LEU A 191 40.31 25.54 -41.61
C LEU A 191 40.90 26.37 -42.73
N ALA A 192 40.77 27.71 -42.65
CA ALA A 192 41.30 28.57 -43.69
C ALA A 192 42.81 28.53 -43.72
N PHE A 193 43.45 28.27 -42.57
CA PHE A 193 44.89 28.05 -42.56
C PHE A 193 45.27 26.79 -43.31
N ALA A 194 44.49 25.72 -43.17
CA ALA A 194 44.71 24.54 -43.98
C ALA A 194 44.27 24.72 -45.42
N GLU A 195 43.28 25.59 -45.67
CA GLU A 195 42.88 25.92 -47.03
C GLU A 195 43.89 26.79 -47.74
N GLU A 196 44.49 27.76 -47.06
CA GLU A 196 45.53 28.58 -47.68
C GLU A 196 46.81 27.79 -47.88
N ASN A 197 46.99 26.68 -47.19
CA ASN A 197 48.18 25.87 -47.33
C ASN A 197 47.90 24.52 -47.97
N ASP A 198 46.64 24.26 -48.37
CA ASP A 198 46.26 23.15 -49.24
C ASP A 198 46.57 21.80 -48.62
N ILE A 199 46.39 21.70 -47.30
CA ILE A 199 46.63 20.48 -46.54
C ILE A 199 45.39 19.99 -45.84
N LEU A 200 44.21 20.45 -46.26
CA LEU A 200 43.00 20.33 -45.44
C LEU A 200 42.53 18.89 -45.33
N ASP A 201 42.74 18.10 -46.39
CA ASP A 201 42.21 16.74 -46.43
C ASP A 201 42.88 15.83 -45.43
N ARG A 202 44.19 15.94 -45.28
CA ARG A 202 44.89 15.23 -44.21
C ARG A 202 44.80 15.97 -42.88
N PHE A 203 44.23 17.17 -42.87
CA PHE A 203 44.05 17.91 -41.63
C PHE A 203 42.66 17.72 -41.07
N ILE A 204 41.65 17.70 -41.94
CA ILE A 204 40.28 17.52 -41.46
C ILE A 204 40.05 16.05 -41.12
N ASN A 205 40.89 15.15 -41.62
CA ASN A 205 40.65 13.71 -41.45
C ASN A 205 41.79 13.02 -40.73
N ALA A 206 42.45 13.70 -39.80
CA ALA A 206 43.53 13.09 -39.08
C ALA A 206 43.02 12.42 -37.82
N GLU A 207 43.73 11.37 -37.39
CA GLU A 207 43.27 10.51 -36.32
C GLU A 207 44.35 10.43 -35.24
N TYR A 208 43.94 9.91 -34.08
CA TYR A 208 44.92 9.58 -33.05
C TYR A 208 45.79 8.43 -33.50
N THR A 209 47.11 8.60 -33.39
CA THR A 209 48.02 7.48 -33.47
C THR A 209 48.08 6.73 -32.15
N GLU A 210 47.50 7.31 -31.10
CA GLU A 210 47.50 6.70 -29.79
C GLU A 210 46.63 5.44 -29.81
N GLU A 211 47.07 4.44 -29.05
CA GLU A 211 46.42 3.13 -29.09
C GLU A 211 45.04 3.17 -28.44
N ALA A 212 44.81 4.12 -27.53
CA ALA A 212 43.54 4.18 -26.83
C ALA A 212 42.42 4.85 -27.63
N TYR A 213 42.74 5.52 -28.73
CA TYR A 213 41.76 6.34 -29.41
C TYR A 213 41.86 6.18 -30.92
N GLU A 214 42.02 4.94 -31.39
CA GLU A 214 42.47 4.71 -32.76
C GLU A 214 41.36 5.07 -33.75
N GLY A 215 41.36 6.32 -34.20
CA GLY A 215 40.37 6.79 -35.14
C GLY A 215 39.39 7.79 -34.58
N GLN A 216 39.69 8.37 -33.43
CA GLN A 216 38.89 9.46 -32.88
C GLN A 216 39.21 10.70 -33.71
N THR A 217 38.37 10.99 -34.71
CA THR A 217 38.64 12.06 -35.65
C THR A 217 38.09 13.38 -35.12
N ALA A 218 38.36 14.45 -35.85
CA ALA A 218 37.85 15.76 -35.48
C ALA A 218 36.35 15.88 -35.69
N LEU A 219 35.78 15.09 -36.59
CA LEU A 219 34.34 15.09 -36.77
C LEU A 219 33.61 14.41 -35.62
N ASN A 220 34.15 13.28 -35.14
CA ASN A 220 33.60 12.61 -33.96
C ASN A 220 33.62 13.50 -32.74
N ILE A 221 34.74 14.18 -32.50
CA ILE A 221 34.88 15.03 -31.33
C ILE A 221 34.09 16.33 -31.47
N ALA A 222 33.63 16.67 -32.67
CA ALA A 222 32.75 17.81 -32.83
C ALA A 222 31.30 17.41 -32.63
N ILE A 223 30.95 16.20 -33.06
CA ILE A 223 29.64 15.63 -32.75
C ILE A 223 29.55 15.33 -31.26
N GLU A 224 30.68 14.94 -30.66
CA GLU A 224 30.74 14.65 -29.23
C GLU A 224 30.41 15.87 -28.39
N ARG A 225 30.91 17.03 -28.77
CA ARG A 225 30.56 18.25 -28.07
C ARG A 225 29.26 18.87 -28.55
N ARG A 226 28.50 18.14 -29.37
CA ARG A 226 27.12 18.46 -29.74
C ARG A 226 27.00 19.78 -30.46
N GLN A 227 28.02 20.16 -31.20
CA GLN A 227 28.04 21.43 -31.91
C GLN A 227 27.50 21.22 -33.31
N GLY A 228 26.23 21.53 -33.51
CA GLY A 228 25.60 21.32 -34.80
C GLY A 228 26.05 22.29 -35.87
N ASP A 229 26.28 23.55 -35.51
CA ASP A 229 26.71 24.54 -36.49
C ASP A 229 28.13 24.29 -36.95
N ILE A 230 29.00 23.89 -36.03
CA ILE A 230 30.40 23.64 -36.36
C ILE A 230 30.52 22.36 -37.17
N THR A 231 29.62 21.40 -36.95
CA THR A 231 29.66 20.12 -37.64
C THR A 231 29.41 20.28 -39.13
N ALA A 232 28.44 21.10 -39.51
CA ALA A 232 28.10 21.29 -40.92
C ALA A 232 29.24 22.00 -41.67
N VAL A 233 30.02 22.79 -40.95
CA VAL A 233 31.19 23.43 -41.55
C VAL A 233 32.25 22.38 -41.89
N LEU A 234 32.45 21.42 -40.99
CA LEU A 234 33.49 20.43 -41.19
C LEU A 234 33.14 19.47 -42.31
N ILE A 235 31.85 19.12 -42.42
CA ILE A 235 31.40 18.31 -43.54
C ILE A 235 31.51 19.10 -44.84
N ALA A 236 31.22 20.40 -44.79
CA ALA A 236 31.41 21.25 -45.97
C ALA A 236 32.89 21.46 -46.24
N ALA A 237 33.73 21.32 -45.22
CA ALA A 237 35.17 21.34 -45.43
C ALA A 237 35.71 19.98 -45.85
N GLY A 238 34.86 18.96 -45.90
CA GLY A 238 35.27 17.66 -46.40
C GLY A 238 35.70 16.67 -45.36
N ALA A 239 35.10 16.68 -44.17
CA ALA A 239 35.46 15.73 -43.14
C ALA A 239 34.96 14.34 -43.51
N ASP A 240 35.71 13.32 -43.10
CA ASP A 240 35.30 11.95 -43.38
C ASP A 240 34.15 11.57 -42.47
N VAL A 241 32.97 11.37 -43.06
CA VAL A 241 31.77 11.03 -42.30
C VAL A 241 31.68 9.55 -42.01
N ASN A 242 32.47 8.72 -42.70
CA ASN A 242 32.43 7.29 -42.52
C ASN A 242 33.62 6.80 -41.70
N ALA A 243 34.00 7.55 -40.68
CA ALA A 243 35.19 7.22 -39.90
C ALA A 243 34.92 6.03 -38.98
N HIS A 244 35.99 5.55 -38.35
CA HIS A 244 35.89 4.48 -37.37
C HIS A 244 36.90 4.71 -36.27
N ALA A 245 36.43 4.67 -35.04
CA ALA A 245 37.27 4.88 -33.86
C ALA A 245 37.45 3.55 -33.14
N LYS A 246 38.57 2.89 -33.39
CA LYS A 246 38.79 1.53 -32.93
C LYS A 246 39.59 1.47 -31.64
N GLY A 247 39.45 2.47 -30.77
CA GLY A 247 40.32 2.54 -29.60
C GLY A 247 39.91 1.57 -28.51
N VAL A 248 40.52 1.74 -27.34
CA VAL A 248 40.29 0.84 -26.23
C VAL A 248 39.09 1.32 -25.40
N PHE A 249 38.29 2.25 -25.93
CA PHE A 249 37.04 2.55 -25.24
C PHE A 249 35.95 1.52 -25.50
N PHE A 250 36.25 0.38 -26.12
CA PHE A 250 35.23 -0.65 -26.29
C PHE A 250 34.93 -1.35 -24.97
N ASN A 251 35.99 -1.81 -24.27
CA ASN A 251 35.96 -2.18 -22.86
C ASN A 251 34.97 -3.26 -22.47
N PRO A 252 35.33 -4.54 -22.60
CA PRO A 252 34.55 -5.61 -21.93
C PRO A 252 34.24 -5.33 -20.47
N LYS A 253 35.16 -4.73 -19.74
CA LYS A 253 34.84 -4.09 -18.45
C LYS A 253 34.15 -2.76 -18.76
N TYR A 254 32.84 -2.85 -18.96
CA TYR A 254 32.08 -1.80 -19.64
C TYR A 254 31.86 -0.54 -18.82
N GLN A 255 31.50 -0.69 -17.55
CA GLN A 255 30.97 0.41 -16.75
C GLN A 255 31.96 1.55 -16.55
N HIS A 256 33.26 1.28 -16.64
CA HIS A 256 34.25 2.33 -16.64
C HIS A 256 34.87 2.43 -18.03
N GLU A 257 35.28 3.67 -18.36
CA GLU A 257 35.96 4.12 -19.58
C GLU A 257 35.41 3.57 -20.88
N GLY A 258 34.12 3.25 -20.92
CA GLY A 258 33.60 2.54 -22.07
C GLY A 258 32.95 3.43 -23.11
N PHE A 259 31.61 3.41 -23.10
CA PHE A 259 30.75 4.05 -24.08
C PHE A 259 31.02 3.52 -25.49
N TYR A 260 30.68 2.24 -25.67
CA TYR A 260 30.58 1.67 -27.01
C TYR A 260 29.42 2.32 -27.72
N PHE A 261 29.64 2.75 -28.96
CA PHE A 261 28.58 3.38 -29.72
C PHE A 261 28.67 2.99 -31.19
N GLY A 262 29.51 2.01 -31.48
CA GLY A 262 29.62 1.53 -32.84
C GLY A 262 30.56 2.32 -33.73
N GLU A 263 31.28 3.26 -33.11
CA GLU A 263 32.49 3.94 -33.61
C GLU A 263 32.32 4.78 -34.88
N THR A 264 31.14 4.82 -35.46
CA THR A 264 31.01 5.66 -36.64
C THR A 264 30.50 7.04 -36.25
N PRO A 265 30.82 8.07 -37.03
CA PRO A 265 30.27 9.40 -36.74
C PRO A 265 28.78 9.49 -36.91
N LEU A 266 28.18 8.64 -37.74
CA LEU A 266 26.73 8.65 -37.88
C LEU A 266 26.06 8.08 -36.64
N ALA A 267 26.61 7.01 -36.09
CA ALA A 267 26.00 6.41 -34.91
C ALA A 267 26.22 7.25 -33.67
N LEU A 268 27.30 8.04 -33.63
CA LEU A 268 27.58 8.84 -32.44
C LEU A 268 26.57 9.94 -32.25
N ALA A 269 26.18 10.62 -33.32
CA ALA A 269 25.05 11.53 -33.22
C ALA A 269 23.76 10.77 -32.98
N ALA A 270 23.67 9.54 -33.49
CA ALA A 270 22.49 8.74 -33.23
C ALA A 270 22.48 8.21 -31.81
N CYS A 271 23.65 8.06 -31.19
CA CYS A 271 23.66 7.53 -29.84
C CYS A 271 23.45 8.62 -28.81
N THR A 272 23.88 9.84 -29.07
CA THR A 272 23.90 10.87 -28.04
C THR A 272 22.81 11.92 -28.23
N ASN A 273 21.63 11.51 -28.72
CA ASN A 273 20.46 12.38 -28.89
C ASN A 273 20.75 13.60 -29.75
N GLN A 274 21.30 13.39 -30.91
CA GLN A 274 21.57 14.51 -31.79
C GLN A 274 20.77 14.30 -33.06
N PRO A 275 19.47 14.60 -33.05
CA PRO A 275 18.65 14.26 -34.22
C PRO A 275 18.94 15.13 -35.42
N GLU A 276 19.34 16.37 -35.21
CA GLU A 276 19.60 17.29 -36.31
C GLU A 276 20.89 16.92 -37.03
N ILE A 277 21.87 16.40 -36.30
CA ILE A 277 23.12 15.98 -36.92
C ILE A 277 22.91 14.68 -37.70
N VAL A 278 22.08 13.78 -37.17
CA VAL A 278 21.68 12.60 -37.94
C VAL A 278 20.87 13.03 -39.15
N GLN A 279 20.02 14.04 -38.98
CA GLN A 279 19.33 14.65 -40.11
C GLN A 279 20.32 15.33 -41.05
N LEU A 280 21.45 15.81 -40.52
CA LEU A 280 22.49 16.35 -41.38
C LEU A 280 23.29 15.24 -42.05
N LEU A 281 23.77 14.26 -41.28
CA LEU A 281 24.67 13.26 -41.81
C LEU A 281 24.01 12.30 -42.79
N MET A 282 22.75 11.92 -42.59
CA MET A 282 22.11 11.00 -43.50
C MET A 282 21.69 11.67 -44.79
N GLU A 283 21.68 13.00 -44.84
CA GLU A 283 21.46 13.68 -46.11
C GLU A 283 22.73 13.80 -46.94
N ASN A 284 23.89 13.62 -46.31
CA ASN A 284 25.12 13.47 -47.07
C ASN A 284 25.08 12.16 -47.82
N GLU A 285 25.30 12.24 -49.13
CA GLU A 285 25.22 11.03 -49.96
C GLU A 285 26.44 10.14 -49.79
N GLN A 286 27.54 10.67 -49.25
CA GLN A 286 28.72 9.85 -49.03
C GLN A 286 28.66 9.07 -47.74
N THR A 287 27.62 9.27 -46.92
CA THR A 287 27.52 8.58 -45.65
C THR A 287 27.12 7.13 -45.87
N ASP A 288 27.98 6.21 -45.43
CA ASP A 288 27.70 4.78 -45.57
C ASP A 288 26.83 4.37 -44.38
N ILE A 289 25.53 4.31 -44.62
CA ILE A 289 24.59 4.00 -43.55
C ILE A 289 24.61 2.50 -43.27
N THR A 290 24.93 1.71 -44.28
CA THR A 290 24.99 0.26 -44.20
C THR A 290 26.33 -0.22 -43.64
N SER A 291 27.19 0.70 -43.19
CA SER A 291 28.55 0.36 -42.79
C SER A 291 28.57 -0.44 -41.50
N GLN A 292 29.67 -1.15 -41.29
CA GLN A 292 29.80 -2.06 -40.16
C GLN A 292 30.86 -1.58 -39.17
N ASP A 293 31.15 -2.42 -38.18
CA ASP A 293 32.03 -2.12 -37.06
C ASP A 293 33.11 -3.20 -37.00
N SER A 294 34.09 -2.98 -36.12
CA SER A 294 35.04 -4.03 -35.77
C SER A 294 34.34 -5.22 -35.14
N ARG A 295 33.25 -4.98 -34.41
CA ARG A 295 32.40 -6.07 -33.96
C ARG A 295 31.42 -6.53 -35.04
N GLY A 296 31.48 -5.95 -36.23
CA GLY A 296 30.52 -6.26 -37.27
C GLY A 296 29.21 -5.53 -37.15
N ASN A 297 29.07 -4.63 -36.17
CA ASN A 297 27.81 -3.97 -35.91
C ASN A 297 27.50 -2.90 -36.95
N ASN A 298 26.27 -2.91 -37.44
CA ASN A 298 25.79 -1.75 -38.18
C ASN A 298 25.23 -0.74 -37.19
N ILE A 299 24.56 0.29 -37.69
CA ILE A 299 24.11 1.34 -36.80
C ILE A 299 22.93 0.90 -35.93
N LEU A 300 22.06 0.04 -36.43
CA LEU A 300 20.95 -0.40 -35.60
C LEU A 300 21.40 -1.38 -34.53
N HIS A 301 22.52 -2.06 -34.73
CA HIS A 301 23.15 -2.76 -33.61
C HIS A 301 23.63 -1.78 -32.57
N ALA A 302 24.14 -0.63 -33.00
CA ALA A 302 24.71 0.32 -32.06
C ALA A 302 23.64 0.98 -31.20
N LEU A 303 22.47 1.26 -31.77
CA LEU A 303 21.40 1.80 -30.96
C LEU A 303 20.85 0.77 -29.99
N VAL A 304 20.83 -0.49 -30.41
CA VAL A 304 20.41 -1.57 -29.54
C VAL A 304 21.36 -1.73 -28.36
N THR A 305 22.65 -1.68 -28.60
CA THR A 305 23.59 -1.86 -27.52
C THR A 305 23.70 -0.67 -26.60
N VAL A 306 22.93 0.40 -26.76
CA VAL A 306 23.00 1.53 -25.85
C VAL A 306 21.68 1.69 -25.13
N ALA A 307 20.57 1.50 -25.86
CA ALA A 307 19.23 1.89 -25.42
C ALA A 307 18.78 1.20 -24.15
N GLU A 308 18.73 1.94 -23.05
CA GLU A 308 18.52 1.32 -21.75
C GLU A 308 17.07 0.93 -21.55
N ASP A 309 16.87 0.02 -20.60
CA ASP A 309 15.53 -0.38 -20.18
C ASP A 309 15.05 0.53 -19.05
N PHE A 310 15.19 1.82 -19.30
CA PHE A 310 14.54 2.85 -18.51
C PHE A 310 13.35 3.32 -19.33
N LYS A 311 12.23 3.57 -18.69
CA LYS A 311 11.05 3.98 -19.42
C LYS A 311 11.15 5.47 -19.72
N THR A 312 10.90 5.81 -21.00
CA THR A 312 10.75 7.16 -21.56
C THR A 312 11.74 8.20 -21.01
N GLN A 313 13.06 8.00 -21.17
CA GLN A 313 14.03 9.04 -20.79
C GLN A 313 14.04 10.17 -21.83
N ASN A 314 12.88 10.83 -21.94
CA ASN A 314 12.34 11.45 -23.15
C ASN A 314 12.73 10.64 -24.40
N ASP A 315 12.40 9.33 -24.33
CA ASP A 315 13.20 8.25 -24.92
C ASP A 315 13.51 8.47 -26.40
N PHE A 316 14.77 8.67 -26.68
CA PHE A 316 15.12 9.21 -27.97
C PHE A 316 15.51 8.08 -28.90
N VAL A 317 16.02 6.98 -28.33
CA VAL A 317 16.62 5.94 -29.16
C VAL A 317 15.57 5.23 -29.99
N LYS A 318 14.45 4.86 -29.36
CA LYS A 318 13.33 4.31 -30.09
C LYS A 318 12.77 5.31 -31.09
N ARG A 319 12.76 6.58 -30.73
CA ARG A 319 12.39 7.63 -31.66
C ARG A 319 13.41 7.76 -32.78
N MET A 320 14.66 7.38 -32.54
CA MET A 320 15.70 7.58 -33.53
C MET A 320 16.05 6.31 -34.28
N TYR A 321 15.84 5.14 -33.65
CA TYR A 321 15.75 3.90 -34.40
C TYR A 321 14.63 3.97 -35.42
N ASP A 322 13.53 4.61 -35.05
CA ASP A 322 12.44 4.87 -35.98
C ASP A 322 12.91 5.79 -37.09
N MET A 323 13.78 6.73 -36.76
CA MET A 323 14.09 7.78 -37.72
C MET A 323 15.06 7.30 -38.78
N ILE A 324 15.96 6.38 -38.45
CA ILE A 324 16.97 5.94 -39.40
C ILE A 324 16.37 5.08 -40.50
N LEU A 325 15.51 4.13 -40.14
CA LEU A 325 14.87 3.29 -41.15
C LEU A 325 13.90 4.09 -42.01
N LEU A 326 13.25 5.08 -41.44
CA LEU A 326 12.35 5.89 -42.25
C LEU A 326 13.07 6.98 -43.02
N ARG A 327 14.29 7.35 -42.61
CA ARG A 327 15.08 8.25 -43.43
C ARG A 327 15.57 7.56 -44.68
N SER A 328 16.04 6.33 -44.54
CA SER A 328 16.62 5.61 -45.67
C SER A 328 16.66 4.14 -45.33
N GLY A 329 16.89 3.33 -46.34
CA GLY A 329 17.12 1.93 -46.12
C GLY A 329 16.03 1.07 -46.71
N ASN A 330 16.45 -0.04 -47.29
CA ASN A 330 15.56 -1.11 -47.68
C ASN A 330 15.44 -2.04 -46.47
N TRP A 331 14.88 -3.23 -46.68
CA TRP A 331 14.86 -4.22 -45.61
C TRP A 331 16.24 -4.79 -45.33
N GLU A 332 17.21 -4.54 -46.23
CA GLU A 332 18.55 -5.10 -46.12
C GLU A 332 19.43 -4.34 -45.14
N LEU A 333 18.90 -4.04 -43.98
CA LEU A 333 19.72 -3.50 -42.90
C LEU A 333 19.56 -4.27 -41.61
N GLU A 334 18.38 -4.84 -41.34
CA GLU A 334 18.19 -5.69 -40.19
C GLU A 334 18.47 -7.15 -40.49
N THR A 335 18.74 -7.49 -41.75
CA THR A 335 19.25 -8.81 -42.06
C THR A 335 20.76 -8.89 -41.89
N MET A 336 21.41 -7.77 -41.67
CA MET A 336 22.86 -7.77 -41.50
C MET A 336 23.23 -8.28 -40.12
N ARG A 337 24.21 -9.16 -40.08
CA ARG A 337 24.66 -9.77 -38.85
C ARG A 337 26.00 -9.19 -38.42
N ASN A 338 26.27 -9.26 -37.13
CA ASN A 338 27.52 -8.79 -36.57
C ASN A 338 28.57 -9.91 -36.62
N ASN A 339 29.65 -9.76 -35.85
CA ASN A 339 30.62 -10.83 -35.75
C ASN A 339 30.25 -11.84 -34.67
N ASP A 340 28.99 -11.83 -34.24
CA ASP A 340 28.42 -12.92 -33.48
C ASP A 340 27.37 -13.60 -34.34
N GLY A 341 26.93 -12.90 -35.38
CA GLY A 341 26.00 -13.45 -36.33
C GLY A 341 24.56 -13.16 -35.97
N LEU A 342 24.31 -12.01 -35.34
CA LEU A 342 23.02 -11.69 -34.78
C LEU A 342 22.37 -10.54 -35.54
N THR A 343 21.10 -10.71 -35.88
CA THR A 343 20.31 -9.62 -36.40
C THR A 343 20.02 -8.65 -35.26
N PRO A 344 19.71 -7.38 -35.57
CA PRO A 344 19.43 -6.42 -34.49
C PRO A 344 18.18 -6.73 -33.69
N LEU A 345 17.23 -7.46 -34.26
CA LEU A 345 16.16 -8.00 -33.44
C LEU A 345 16.71 -9.03 -32.46
N GLN A 346 17.57 -9.92 -32.92
CA GLN A 346 18.19 -10.88 -32.02
C GLN A 346 19.13 -10.22 -31.03
N LEU A 347 19.83 -9.16 -31.44
CA LEU A 347 20.73 -8.49 -30.53
C LEU A 347 19.95 -7.74 -29.46
N ALA A 348 18.76 -7.24 -29.81
CA ALA A 348 17.91 -6.60 -28.82
C ALA A 348 17.35 -7.61 -27.84
N ALA A 349 17.24 -8.85 -28.26
CA ALA A 349 16.74 -9.88 -27.36
C ALA A 349 17.86 -10.41 -26.48
N LYS A 350 19.03 -10.63 -27.06
CA LYS A 350 20.14 -11.18 -26.29
C LYS A 350 20.65 -10.17 -25.27
N MET A 351 20.74 -8.90 -25.65
CA MET A 351 21.05 -7.87 -24.68
C MET A 351 19.87 -7.57 -23.77
N GLY A 352 18.66 -7.97 -24.15
CA GLY A 352 17.51 -7.85 -23.28
C GLY A 352 16.94 -6.46 -23.20
N LYS A 353 17.22 -5.60 -24.17
CA LYS A 353 16.69 -4.24 -24.17
C LYS A 353 15.23 -4.33 -24.57
N ALA A 354 14.34 -4.24 -23.58
CA ALA A 354 12.94 -4.55 -23.82
C ALA A 354 12.23 -3.46 -24.60
N GLU A 355 12.53 -2.21 -24.30
CA GLU A 355 11.73 -1.11 -24.82
C GLU A 355 11.98 -0.90 -26.30
N ILE A 356 13.22 -1.12 -26.75
CA ILE A 356 13.50 -1.05 -28.18
C ILE A 356 12.91 -2.26 -28.88
N LEU A 357 12.69 -3.35 -28.15
CA LEU A 357 12.15 -4.53 -28.78
C LEU A 357 10.62 -4.49 -28.81
N LYS A 358 10.01 -3.62 -28.03
CA LYS A 358 8.58 -3.39 -28.20
C LYS A 358 8.31 -2.59 -29.47
N TYR A 359 9.29 -1.83 -29.94
CA TYR A 359 9.12 -1.13 -31.20
C TYR A 359 9.35 -2.03 -32.40
N ILE A 360 10.41 -2.82 -32.38
CA ILE A 360 10.80 -3.63 -33.54
C ILE A 360 9.74 -4.66 -33.85
N LEU A 361 9.17 -5.28 -32.82
CA LEU A 361 8.12 -6.25 -33.08
C LEU A 361 6.79 -5.61 -33.41
N SER A 362 6.54 -4.37 -32.98
CA SER A 362 5.34 -3.75 -33.51
C SER A 362 5.65 -3.09 -34.84
N ARG A 363 6.31 -1.93 -34.79
CA ARG A 363 6.66 -1.09 -35.94
C ARG A 363 5.54 -0.96 -36.96
N GLU A 364 4.44 -0.30 -36.63
CA GLU A 364 3.42 -0.04 -37.63
C GLU A 364 3.79 1.25 -38.37
N ILE A 365 3.68 1.21 -39.69
CA ILE A 365 4.04 2.34 -40.55
C ILE A 365 2.81 2.70 -41.36
N LYS A 366 2.25 3.88 -41.09
CA LYS A 366 1.06 4.31 -41.80
C LYS A 366 1.43 5.19 -42.98
N GLU A 367 2.20 4.64 -43.92
CA GLU A 367 2.55 5.38 -45.12
C GLU A 367 2.39 4.46 -46.31
N LYS A 368 2.56 4.99 -47.50
CA LYS A 368 2.69 4.12 -48.65
C LYS A 368 3.80 4.56 -49.63
N PRO A 369 5.02 4.96 -49.19
CA PRO A 369 6.18 4.53 -49.97
C PRO A 369 6.86 3.31 -49.37
N LEU A 370 6.73 3.14 -48.05
CA LEU A 370 7.67 2.29 -47.33
C LEU A 370 6.99 1.55 -46.18
N ARG A 371 5.72 1.21 -46.32
CA ARG A 371 5.11 0.36 -45.31
C ARG A 371 5.53 -1.10 -45.44
N SER A 372 6.36 -1.42 -46.42
CA SER A 372 6.98 -2.75 -46.50
C SER A 372 7.95 -2.97 -45.36
N LEU A 373 8.47 -1.90 -44.76
CA LEU A 373 9.41 -2.05 -43.65
C LEU A 373 8.69 -2.37 -42.35
N SER A 374 7.36 -2.30 -42.35
CA SER A 374 6.61 -2.48 -41.12
C SER A 374 6.57 -3.94 -40.71
N ARG A 375 6.52 -4.18 -39.40
CA ARG A 375 6.43 -5.51 -38.83
C ARG A 375 5.01 -5.85 -38.40
N LYS A 376 4.21 -4.85 -38.01
CA LYS A 376 2.79 -5.01 -37.74
C LYS A 376 1.99 -4.52 -38.93
N PHE A 377 0.97 -5.28 -39.30
CA PHE A 377 0.08 -4.86 -40.37
C PHE A 377 -1.33 -4.83 -39.82
N THR A 378 -2.28 -4.82 -40.74
CA THR A 378 -3.69 -4.89 -40.40
C THR A 378 -4.36 -5.89 -41.33
N ASP A 379 -5.22 -6.74 -40.80
CA ASP A 379 -5.99 -7.55 -41.74
C ASP A 379 -7.10 -6.67 -42.29
N TRP A 380 -7.87 -6.11 -41.37
CA TRP A 380 -9.00 -5.28 -41.72
C TRP A 380 -9.27 -4.36 -40.55
N ALA A 381 -10.02 -3.31 -40.82
CA ALA A 381 -10.39 -2.40 -39.75
C ALA A 381 -11.85 -2.01 -39.95
N TYR A 382 -12.64 -2.20 -38.90
CA TYR A 382 -14.05 -1.86 -38.99
C TYR A 382 -14.47 -1.31 -37.65
N GLY A 383 -14.41 0.01 -37.51
CA GLY A 383 -14.73 0.66 -36.26
C GLY A 383 -13.77 0.25 -35.17
N PRO A 384 -14.27 0.10 -33.94
CA PRO A 384 -13.40 -0.29 -32.83
C PRO A 384 -13.09 -1.77 -32.74
N VAL A 385 -13.30 -2.54 -33.81
CA VAL A 385 -12.79 -3.90 -33.86
C VAL A 385 -11.84 -3.98 -35.04
N SER A 386 -10.61 -4.43 -34.81
CA SER A 386 -9.64 -4.49 -35.88
C SER A 386 -8.68 -5.65 -35.68
N SER A 387 -8.19 -6.21 -36.78
CA SER A 387 -7.37 -7.41 -36.76
C SER A 387 -5.96 -7.07 -37.18
N SER A 388 -5.00 -7.41 -36.33
CA SER A 388 -3.60 -7.06 -36.52
C SER A 388 -2.79 -8.26 -36.97
N LEU A 389 -1.81 -8.01 -37.83
CA LEU A 389 -1.00 -9.04 -38.47
C LEU A 389 0.49 -8.76 -38.24
N TYR A 390 1.23 -9.78 -37.83
CA TYR A 390 2.63 -9.62 -37.47
C TYR A 390 3.54 -10.33 -38.46
N ASP A 391 4.60 -9.64 -38.89
CA ASP A 391 5.41 -10.12 -40.00
C ASP A 391 6.28 -11.32 -39.62
N LEU A 392 6.76 -11.37 -38.38
CA LEU A 392 7.06 -12.62 -37.65
C LEU A 392 8.13 -13.49 -38.34
N THR A 393 9.12 -12.87 -39.00
CA THR A 393 10.03 -13.68 -39.80
C THR A 393 11.00 -14.47 -38.92
N ASN A 394 11.90 -13.78 -38.23
CA ASN A 394 12.83 -14.45 -37.33
C ASN A 394 12.29 -14.66 -35.94
N VAL A 395 11.00 -14.35 -35.71
CA VAL A 395 10.47 -14.35 -34.35
C VAL A 395 10.21 -15.76 -33.87
N ASP A 396 9.49 -16.54 -34.65
CA ASP A 396 9.06 -17.87 -34.27
C ASP A 396 10.21 -18.85 -34.29
N THR A 397 10.10 -19.90 -33.48
CA THR A 397 11.10 -20.97 -33.43
C THR A 397 10.94 -21.85 -34.67
N THR A 398 11.41 -21.34 -35.80
CA THR A 398 11.45 -22.11 -37.02
C THR A 398 12.78 -22.00 -37.74
N THR A 399 13.65 -21.07 -37.35
CA THR A 399 14.99 -20.95 -37.88
C THR A 399 16.00 -21.19 -36.78
N ASP A 400 17.27 -21.16 -37.13
CA ASP A 400 18.32 -21.32 -36.14
C ASP A 400 18.47 -20.06 -35.33
N ASN A 401 18.46 -20.23 -33.99
CA ASN A 401 18.65 -19.16 -33.01
C ASN A 401 17.60 -18.07 -33.19
N SER A 402 16.33 -18.44 -32.99
CA SER A 402 15.23 -17.53 -33.15
C SER A 402 15.12 -16.60 -31.94
N VAL A 403 14.08 -15.77 -31.93
CA VAL A 403 13.93 -14.76 -30.89
C VAL A 403 13.53 -15.40 -29.57
N LEU A 404 12.54 -16.28 -29.62
CA LEU A 404 12.16 -17.03 -28.43
C LEU A 404 13.27 -17.96 -28.00
N GLU A 405 14.07 -18.45 -28.96
CA GLU A 405 15.24 -19.24 -28.63
C GLU A 405 16.24 -18.42 -27.83
N ILE A 406 16.31 -17.12 -28.08
CA ILE A 406 17.35 -16.33 -27.47
C ILE A 406 16.78 -15.44 -26.37
N ILE A 407 15.46 -15.43 -26.21
CA ILE A 407 14.90 -14.80 -25.01
C ILE A 407 14.80 -15.80 -23.88
N VAL A 408 14.14 -16.92 -24.14
CA VAL A 408 13.70 -17.76 -23.04
C VAL A 408 14.86 -18.59 -22.50
N TYR A 409 15.70 -19.11 -23.38
CA TYR A 409 16.89 -19.82 -22.96
C TYR A 409 17.98 -18.91 -22.41
N ASN A 410 17.86 -17.60 -22.60
CA ASN A 410 18.84 -16.65 -22.06
C ASN A 410 18.75 -16.64 -20.54
N THR A 411 19.89 -16.40 -19.89
CA THR A 411 19.95 -16.40 -18.44
C THR A 411 20.49 -15.08 -17.93
N ASN A 412 21.22 -14.38 -18.79
CA ASN A 412 22.00 -13.22 -18.40
C ASN A 412 21.12 -12.04 -18.04
N ILE A 413 20.12 -11.77 -18.87
CA ILE A 413 19.31 -10.57 -18.69
C ILE A 413 18.34 -10.75 -17.54
N ASP A 414 17.85 -9.63 -17.03
CA ASP A 414 16.98 -9.67 -15.86
C ASP A 414 15.53 -9.80 -16.28
N ASN A 415 15.11 -8.99 -17.24
CA ASN A 415 13.69 -8.81 -17.53
C ASN A 415 13.24 -9.67 -18.71
N ARG A 416 13.28 -10.98 -18.51
CA ARG A 416 12.71 -11.86 -19.52
C ARG A 416 11.18 -11.83 -19.49
N HIS A 417 10.61 -11.63 -18.30
CA HIS A 417 9.16 -11.56 -18.20
C HIS A 417 8.62 -10.25 -18.75
N GLU A 418 9.42 -9.18 -18.68
CA GLU A 418 8.97 -7.92 -19.25
C GLU A 418 9.03 -7.95 -20.77
N MET A 419 9.72 -8.94 -21.32
CA MET A 419 9.81 -9.06 -22.78
C MET A 419 8.77 -10.02 -23.33
N LEU A 420 8.39 -11.04 -22.56
CA LEU A 420 7.45 -12.01 -23.09
C LEU A 420 6.01 -11.56 -22.93
N THR A 421 5.79 -10.41 -22.28
CA THR A 421 4.44 -9.85 -22.22
C THR A 421 4.03 -9.27 -23.57
N LEU A 422 5.01 -9.01 -24.43
CA LEU A 422 4.79 -8.36 -25.71
C LEU A 422 3.96 -9.22 -26.64
N GLU A 423 3.11 -8.55 -27.44
CA GLU A 423 2.08 -9.25 -28.21
C GLU A 423 2.56 -10.26 -29.26
N PRO A 424 3.64 -10.05 -30.04
CA PRO A 424 4.04 -11.14 -30.96
C PRO A 424 4.61 -12.33 -30.24
N LEU A 425 5.17 -12.11 -29.05
CA LEU A 425 5.75 -13.23 -28.31
C LEU A 425 4.71 -13.89 -27.44
N HIS A 426 3.70 -13.13 -27.01
CA HIS A 426 2.78 -13.63 -26.00
C HIS A 426 1.81 -14.63 -26.61
N THR A 427 1.02 -14.20 -27.59
CA THR A 427 0.00 -15.06 -28.16
C THR A 427 0.61 -16.21 -28.92
N LEU A 428 1.84 -16.04 -29.40
CA LEU A 428 2.57 -17.15 -29.98
C LEU A 428 2.94 -18.17 -28.91
N LEU A 429 3.25 -17.71 -27.71
CA LEU A 429 3.54 -18.65 -26.62
C LEU A 429 2.28 -19.31 -26.09
N HIS A 430 1.15 -18.57 -26.12
CA HIS A 430 -0.16 -19.12 -25.76
C HIS A 430 -0.62 -20.17 -26.77
N THR A 431 -0.36 -19.94 -28.05
CA THR A 431 -0.83 -20.87 -29.07
C THR A 431 0.02 -22.13 -29.08
N LYS A 432 1.32 -21.99 -28.83
CA LYS A 432 2.15 -23.18 -28.59
C LYS A 432 1.72 -23.88 -27.31
N TRP A 433 1.15 -23.15 -26.37
CA TRP A 433 0.69 -23.78 -25.15
C TRP A 433 -0.59 -24.56 -25.37
N LYS A 434 -1.58 -23.94 -26.00
CA LYS A 434 -2.90 -24.53 -26.08
C LYS A 434 -2.96 -25.65 -27.11
N LYS A 435 -2.41 -25.43 -28.29
CA LYS A 435 -2.50 -26.43 -29.34
C LYS A 435 -1.57 -27.60 -29.07
N PHE A 436 -0.42 -27.32 -28.49
CA PHE A 436 0.71 -28.23 -28.48
C PHE A 436 1.19 -28.67 -27.11
N ALA A 437 1.58 -27.74 -26.25
CA ALA A 437 2.44 -28.09 -25.13
C ALA A 437 1.63 -28.50 -23.91
N LYS A 438 0.35 -28.13 -23.87
CA LYS A 438 -0.50 -28.53 -22.74
C LYS A 438 -0.71 -30.03 -22.74
N TYR A 439 -0.91 -30.61 -23.93
CA TYR A 439 -1.27 -32.01 -24.01
C TYR A 439 -0.06 -32.91 -23.84
N MET A 440 1.12 -32.43 -24.26
CA MET A 440 2.33 -33.20 -24.00
C MET A 440 2.70 -33.15 -22.54
N PHE A 441 2.41 -32.05 -21.88
CA PHE A 441 2.79 -31.91 -20.48
C PHE A 441 1.95 -32.81 -19.60
N PHE A 442 0.65 -32.91 -19.90
CA PHE A 442 -0.19 -33.86 -19.19
C PHE A 442 0.16 -35.29 -19.56
N LEU A 443 0.62 -35.50 -20.79
CA LEU A 443 1.06 -36.83 -21.20
C LEU A 443 2.35 -37.21 -20.50
N SER A 444 3.29 -36.27 -20.43
CA SER A 444 4.54 -36.55 -19.73
C SER A 444 4.34 -36.49 -18.22
N PHE A 445 3.22 -35.93 -17.77
CA PHE A 445 2.83 -36.11 -16.38
C PHE A 445 2.44 -37.55 -16.09
N CYS A 446 1.48 -38.08 -16.84
CA CYS A 446 0.89 -39.38 -16.51
C CYS A 446 1.86 -40.53 -16.75
N PHE A 447 2.90 -40.28 -17.54
CA PHE A 447 3.97 -41.28 -17.64
C PHE A 447 4.87 -41.23 -16.42
N TYR A 448 5.31 -40.03 -16.02
CA TYR A 448 6.27 -39.96 -14.93
C TYR A 448 5.56 -40.04 -13.59
N PHE A 449 4.23 -39.99 -13.60
CA PHE A 449 3.48 -40.22 -12.37
C PHE A 449 3.20 -41.70 -12.18
N PHE A 450 2.87 -42.41 -13.27
CA PHE A 450 2.77 -43.87 -13.18
C PHE A 450 4.13 -44.50 -12.98
N TYR A 451 5.18 -43.79 -13.36
CA TYR A 451 6.55 -44.22 -13.06
C TYR A 451 6.78 -44.32 -11.56
N ASN A 452 6.40 -43.30 -10.81
CA ASN A 452 6.72 -43.28 -9.39
C ASN A 452 5.77 -44.15 -8.58
N ILE A 453 4.56 -44.36 -9.08
CA ILE A 453 3.65 -45.31 -8.44
C ILE A 453 4.22 -46.71 -8.54
N THR A 454 4.88 -47.03 -9.66
CA THR A 454 5.37 -48.38 -9.88
C THR A 454 6.52 -48.71 -8.94
N LEU A 455 7.43 -47.75 -8.71
CA LEU A 455 8.49 -47.97 -7.73
C LEU A 455 7.93 -48.11 -6.32
N THR A 456 6.82 -47.43 -6.04
CA THR A 456 6.16 -47.64 -4.77
C THR A 456 5.45 -48.98 -4.73
N LEU A 457 4.83 -49.37 -5.84
CA LEU A 457 4.09 -50.62 -5.84
C LEU A 457 4.95 -51.83 -6.17
N VAL A 458 6.23 -51.66 -6.45
CA VAL A 458 7.08 -52.83 -6.61
C VAL A 458 7.78 -53.11 -5.29
N SER A 459 8.49 -52.13 -4.76
CA SER A 459 9.30 -52.35 -3.58
C SER A 459 8.43 -52.51 -2.35
N TYR A 460 7.64 -51.50 -2.05
CA TYR A 460 6.86 -51.49 -0.81
C TYR A 460 5.42 -51.85 -1.10
N TYR A 461 5.20 -53.04 -1.63
CA TYR A 461 3.82 -53.49 -1.72
C TYR A 461 3.59 -54.75 -0.90
N ARG A 462 4.34 -55.83 -1.21
CA ARG A 462 4.30 -57.13 -0.54
C ARG A 462 2.88 -57.66 -0.41
N PRO A 463 2.28 -58.23 -1.52
CA PRO A 463 0.84 -58.55 -1.55
C PRO A 463 0.36 -59.39 -0.37
N ARG A 464 0.89 -60.61 -0.25
CA ARG A 464 0.86 -61.39 0.98
C ARG A 464 2.14 -62.22 1.00
N GLU A 465 2.95 -62.03 2.06
CA GLU A 465 4.06 -62.91 2.42
C GLU A 465 5.11 -63.07 1.33
N ASP A 466 5.88 -62.02 1.06
CA ASP A 466 6.86 -61.97 -0.03
C ASP A 466 7.92 -63.07 0.09
N GLU A 467 8.63 -63.28 -1.02
CA GLU A 467 9.47 -64.46 -1.22
C GLU A 467 10.85 -64.30 -0.59
N ASP A 468 10.86 -64.19 0.75
CA ASP A 468 12.04 -64.26 1.61
C ASP A 468 13.11 -63.22 1.25
N LEU A 469 12.78 -61.93 1.46
CA LEU A 469 13.56 -60.76 1.08
C LEU A 469 13.83 -60.74 -0.42
N PRO A 470 12.81 -60.40 -1.25
CA PRO A 470 12.98 -60.51 -2.70
C PRO A 470 13.88 -59.46 -3.31
N HIS A 471 13.83 -59.35 -4.63
CA HIS A 471 14.56 -58.29 -5.31
C HIS A 471 13.58 -57.50 -6.17
N PRO A 472 13.55 -56.15 -6.03
CA PRO A 472 12.48 -55.34 -6.64
C PRO A 472 12.44 -55.37 -8.15
N LEU A 473 13.53 -55.00 -8.80
CA LEU A 473 13.55 -54.91 -10.26
C LEU A 473 13.94 -56.24 -10.90
N ALA A 474 13.80 -57.33 -10.16
CA ALA A 474 14.11 -58.65 -10.69
C ALA A 474 13.02 -59.10 -11.65
N LEU A 475 13.43 -59.91 -12.63
CA LEU A 475 12.58 -60.40 -13.70
C LEU A 475 12.43 -61.91 -13.70
N THR A 476 12.12 -62.51 -12.55
CA THR A 476 12.12 -63.95 -12.31
C THR A 476 11.25 -64.76 -13.28
N HIS A 477 11.52 -66.08 -13.32
CA HIS A 477 11.13 -67.03 -14.36
C HIS A 477 9.64 -67.05 -14.68
N LYS A 478 8.77 -66.99 -13.67
CA LYS A 478 7.34 -66.99 -13.89
C LYS A 478 6.75 -65.72 -13.29
N MET A 479 6.23 -64.86 -14.16
CA MET A 479 5.55 -63.63 -13.76
C MET A 479 4.42 -63.41 -14.77
N SER A 480 3.21 -63.23 -14.26
CA SER A 480 2.08 -62.87 -15.10
C SER A 480 2.30 -61.47 -15.69
N TRP A 481 1.83 -61.23 -16.91
CA TRP A 481 2.17 -60.02 -17.65
C TRP A 481 1.27 -58.83 -17.26
N LEU A 482 1.13 -58.65 -15.96
CA LEU A 482 0.63 -57.41 -15.38
C LEU A 482 1.51 -57.04 -14.20
N GLN A 483 2.25 -58.02 -13.67
CA GLN A 483 3.01 -57.83 -12.44
C GLN A 483 4.51 -57.71 -12.70
N LEU A 484 4.94 -57.78 -13.97
CA LEU A 484 6.33 -57.49 -14.30
C LEU A 484 6.49 -56.54 -15.45
N LEU A 485 5.43 -56.25 -16.21
CA LEU A 485 5.50 -55.23 -17.24
C LEU A 485 5.67 -53.84 -16.63
N GLY A 486 5.15 -53.65 -15.42
CA GLY A 486 5.46 -52.43 -14.69
C GLY A 486 6.92 -52.35 -14.30
N ARG A 487 7.52 -53.49 -13.95
CA ARG A 487 8.96 -53.52 -13.73
C ARG A 487 9.72 -53.26 -15.01
N MET A 488 9.15 -53.63 -16.16
CA MET A 488 9.73 -53.21 -17.43
C MET A 488 9.45 -51.72 -17.68
N PHE A 489 8.31 -51.23 -17.19
CA PHE A 489 7.91 -49.85 -17.43
C PHE A 489 8.85 -48.88 -16.71
N VAL A 490 9.35 -49.28 -15.55
CA VAL A 490 10.37 -48.49 -14.88
C VAL A 490 11.67 -48.51 -15.68
N LEU A 491 12.11 -49.71 -16.10
CA LEU A 491 13.41 -49.87 -16.73
C LEU A 491 13.46 -49.17 -18.09
N ILE A 492 12.32 -49.04 -18.75
CA ILE A 492 12.30 -48.30 -20.00
C ILE A 492 12.36 -46.81 -19.71
N TRP A 493 11.44 -46.32 -18.89
CA TRP A 493 11.26 -44.88 -18.75
C TRP A 493 12.32 -44.26 -17.85
N ALA A 494 13.07 -45.06 -17.11
CA ALA A 494 14.26 -44.53 -16.48
C ALA A 494 15.37 -44.35 -17.50
N THR A 495 15.54 -45.33 -18.39
CA THR A 495 16.52 -45.21 -19.45
C THR A 495 16.13 -44.14 -20.46
N CYS A 496 14.82 -43.95 -20.66
CA CYS A 496 14.35 -42.89 -21.55
C CYS A 496 14.70 -41.51 -21.01
N ILE A 497 14.69 -41.36 -19.69
CA ILE A 497 15.06 -40.08 -19.08
C ILE A 497 16.57 -39.95 -19.01
N SER A 498 17.26 -41.07 -18.76
CA SER A 498 18.70 -41.02 -18.57
C SER A 498 19.44 -40.64 -19.84
N VAL A 499 18.91 -41.04 -21.00
CA VAL A 499 19.54 -40.64 -22.25
C VAL A 499 19.21 -39.18 -22.55
N LYS A 500 18.03 -38.72 -22.13
CA LYS A 500 17.53 -37.41 -22.53
C LYS A 500 18.35 -36.27 -21.97
N GLU A 501 18.52 -36.23 -20.65
CA GLU A 501 19.33 -35.17 -20.05
C GLU A 501 20.81 -35.52 -20.08
N GLY A 502 21.13 -36.73 -20.52
CA GLY A 502 22.53 -37.04 -20.83
C GLY A 502 23.02 -36.26 -22.04
N ILE A 503 22.11 -35.94 -22.95
CA ILE A 503 22.44 -35.03 -24.04
C ILE A 503 22.57 -33.61 -23.50
N ALA A 504 21.84 -33.31 -22.42
CA ALA A 504 21.89 -31.97 -21.83
C ALA A 504 23.20 -31.73 -21.08
N ILE A 505 23.97 -32.80 -20.84
CA ILE A 505 25.36 -32.63 -20.42
C ILE A 505 26.15 -31.98 -21.53
N PHE A 506 25.94 -32.42 -22.78
CA PHE A 506 26.72 -31.92 -23.90
C PHE A 506 26.29 -30.51 -24.31
N LEU A 507 25.13 -30.06 -23.83
CA LEU A 507 24.59 -28.75 -24.20
C LEU A 507 24.79 -27.70 -23.12
N LEU A 508 24.32 -27.96 -21.90
CA LEU A 508 24.22 -26.95 -20.86
C LEU A 508 25.55 -26.82 -20.13
N ARG A 509 26.54 -26.28 -20.84
CA ARG A 509 27.83 -26.00 -20.21
C ARG A 509 27.83 -24.66 -19.44
N PRO A 510 27.35 -23.52 -19.94
CA PRO A 510 27.40 -22.32 -19.10
C PRO A 510 26.13 -22.00 -18.30
N SER A 511 25.02 -22.70 -18.55
CA SER A 511 23.75 -22.30 -17.95
C SER A 511 23.70 -22.63 -16.46
N ASP A 512 24.25 -23.79 -16.07
CA ASP A 512 24.09 -24.33 -14.72
C ASP A 512 24.75 -23.45 -13.66
N LEU A 513 25.95 -22.92 -13.95
CA LEU A 513 26.62 -22.09 -12.96
C LEU A 513 26.08 -20.67 -12.96
N GLN A 514 25.64 -20.19 -14.12
CA GLN A 514 25.06 -18.84 -14.19
C GLN A 514 23.66 -18.83 -13.59
N SER A 515 22.82 -19.79 -13.98
CA SER A 515 21.54 -20.00 -13.29
C SER A 515 21.82 -20.83 -12.04
N ILE A 516 22.34 -20.15 -11.02
CA ILE A 516 22.86 -20.84 -9.84
C ILE A 516 21.70 -21.21 -8.90
N LEU A 517 20.53 -20.57 -9.09
CA LEU A 517 19.36 -20.92 -8.31
C LEU A 517 18.06 -20.96 -9.11
N SER A 518 18.04 -20.43 -10.34
CA SER A 518 16.77 -20.16 -10.99
C SER A 518 16.19 -21.40 -11.64
N ASP A 519 16.80 -21.87 -12.72
CA ASP A 519 16.20 -22.96 -13.49
C ASP A 519 17.28 -23.97 -13.85
N ALA A 520 16.86 -24.96 -14.65
CA ALA A 520 17.65 -26.06 -15.17
C ALA A 520 18.24 -26.96 -14.09
N TRP A 521 17.81 -26.81 -12.83
CA TRP A 521 18.17 -27.81 -11.83
C TRP A 521 17.37 -29.08 -12.06
N PHE A 522 16.19 -28.95 -12.65
CA PHE A 522 15.30 -30.09 -12.80
C PHE A 522 15.77 -31.03 -13.88
N HIS A 523 16.65 -30.56 -14.77
CA HIS A 523 17.40 -31.48 -15.62
C HIS A 523 18.26 -32.41 -14.79
N PHE A 524 18.87 -31.89 -13.73
CA PHE A 524 19.76 -32.70 -12.92
C PHE A 524 18.99 -33.69 -12.07
N VAL A 525 17.92 -33.23 -11.42
CA VAL A 525 17.24 -34.04 -10.41
C VAL A 525 16.44 -35.14 -11.10
N PHE A 526 16.02 -34.91 -12.34
CA PHE A 526 15.52 -36.00 -13.16
C PHE A 526 16.62 -36.98 -13.49
N PHE A 527 17.82 -36.47 -13.77
CA PHE A 527 18.88 -37.34 -14.22
C PHE A 527 19.45 -38.16 -13.07
N VAL A 528 19.60 -37.54 -11.90
CA VAL A 528 20.10 -38.26 -10.73
C VAL A 528 19.11 -39.32 -10.30
N GLN A 529 17.82 -39.03 -10.42
CA GLN A 529 16.79 -40.00 -10.07
C GLN A 529 16.77 -41.14 -11.07
N ALA A 530 16.97 -40.85 -12.35
CA ALA A 530 16.92 -41.90 -13.36
C ALA A 530 18.13 -42.80 -13.29
N VAL A 531 19.30 -42.22 -13.00
CA VAL A 531 20.53 -43.00 -12.98
C VAL A 531 20.56 -43.92 -11.77
N LEU A 532 20.10 -43.43 -10.62
CA LEU A 532 20.15 -44.23 -9.40
C LEU A 532 19.16 -45.39 -9.43
N VAL A 533 18.13 -45.30 -10.28
CA VAL A 533 17.35 -46.49 -10.58
C VAL A 533 18.19 -47.48 -11.36
N ILE A 534 18.93 -47.00 -12.36
CA ILE A 534 19.68 -47.89 -13.22
C ILE A 534 20.91 -48.41 -12.50
N LEU A 535 21.53 -47.58 -11.66
CA LEU A 535 22.67 -48.05 -10.88
C LEU A 535 22.25 -49.06 -9.83
N SER A 536 20.99 -49.01 -9.40
CA SER A 536 20.47 -50.07 -8.54
C SER A 536 20.36 -51.39 -9.31
N VAL A 537 20.18 -51.32 -10.63
CA VAL A 537 20.21 -52.55 -11.42
C VAL A 537 21.64 -53.01 -11.64
N PHE A 538 22.56 -52.05 -11.84
CA PHE A 538 23.98 -52.41 -11.90
C PHE A 538 24.50 -52.90 -10.56
N LEU A 539 23.86 -52.49 -9.47
CA LEU A 539 24.29 -52.95 -8.16
C LEU A 539 23.83 -54.38 -7.92
N TYR A 540 22.75 -54.79 -8.59
CA TYR A 540 22.28 -56.17 -8.45
C TYR A 540 23.24 -57.15 -9.09
N LEU A 541 23.91 -56.74 -10.16
CA LEU A 541 24.79 -57.66 -10.87
C LEU A 541 26.09 -57.89 -10.12
N PHE A 542 26.39 -57.03 -9.15
CA PHE A 542 27.59 -57.20 -8.34
C PHE A 542 27.26 -57.48 -6.89
N ALA A 543 26.03 -57.17 -6.45
CA ALA A 543 25.50 -57.52 -5.14
C ALA A 543 26.33 -56.94 -4.00
N TYR A 544 26.45 -55.62 -3.95
CA TYR A 544 27.08 -54.98 -2.82
C TYR A 544 26.06 -54.73 -1.70
N LYS A 545 26.51 -54.01 -0.68
CA LYS A 545 25.67 -53.76 0.48
C LYS A 545 24.59 -52.73 0.18
N GLU A 546 24.89 -51.75 -0.68
CA GLU A 546 23.96 -50.68 -1.01
C GLU A 546 23.07 -51.06 -2.20
N TYR A 547 22.42 -52.22 -2.06
CA TYR A 547 21.41 -52.61 -3.02
C TYR A 547 20.11 -51.86 -2.79
N LEU A 548 19.72 -51.73 -1.52
CA LEU A 548 18.48 -51.05 -1.19
C LEU A 548 18.70 -49.56 -1.02
N ALA A 549 19.95 -49.15 -0.75
CA ALA A 549 20.23 -47.76 -0.42
C ALA A 549 20.08 -46.85 -1.64
N CYS A 550 20.61 -47.27 -2.78
CA CYS A 550 20.54 -46.43 -3.97
C CYS A 550 19.16 -46.46 -4.59
N LEU A 551 18.34 -47.46 -4.24
CA LEU A 551 16.99 -47.52 -4.79
C LEU A 551 16.09 -46.50 -4.13
N VAL A 552 16.24 -46.30 -2.82
CA VAL A 552 15.26 -45.53 -2.06
C VAL A 552 15.47 -44.04 -2.27
N LEU A 553 16.73 -43.60 -2.34
CA LEU A 553 17.01 -42.23 -2.74
C LEU A 553 16.60 -41.99 -4.18
N ALA A 554 16.58 -43.04 -5.00
CA ALA A 554 15.98 -42.92 -6.31
C ALA A 554 14.46 -42.89 -6.24
N MET A 555 13.89 -43.48 -5.19
CA MET A 555 12.44 -43.40 -5.06
C MET A 555 12.02 -42.13 -4.34
N ALA A 556 12.86 -41.63 -3.43
CA ALA A 556 12.51 -40.43 -2.69
C ALA A 556 12.59 -39.19 -3.56
N LEU A 557 13.59 -39.13 -4.45
CA LEU A 557 13.64 -38.05 -5.42
C LEU A 557 12.53 -38.18 -6.44
N GLY A 558 12.06 -39.41 -6.66
CA GLY A 558 11.03 -39.62 -7.66
C GLY A 558 9.71 -38.99 -7.30
N TRP A 559 9.36 -39.00 -6.02
CA TRP A 559 8.18 -38.26 -5.61
C TRP A 559 8.50 -36.79 -5.41
N ALA A 560 9.75 -36.47 -5.07
CA ALA A 560 10.12 -35.06 -4.96
C ALA A 560 10.22 -34.41 -6.33
N ASN A 561 10.42 -35.20 -7.38
CA ASN A 561 10.45 -34.69 -8.73
C ASN A 561 9.10 -34.24 -9.26
N MET A 562 8.00 -34.55 -8.56
CA MET A 562 6.69 -34.10 -9.05
C MET A 562 6.53 -32.59 -8.93
N LEU A 563 7.43 -31.92 -8.22
CA LEU A 563 7.41 -30.46 -8.18
C LEU A 563 7.68 -29.86 -9.55
N TYR A 564 8.38 -30.58 -10.41
CA TYR A 564 8.48 -30.13 -11.80
C TYR A 564 7.13 -30.21 -12.50
N TYR A 565 6.27 -31.13 -12.09
CA TYR A 565 4.96 -31.17 -12.71
C TYR A 565 3.96 -30.31 -11.96
N THR A 566 4.42 -29.52 -11.01
CA THR A 566 3.53 -28.54 -10.40
C THR A 566 3.50 -27.25 -11.19
N ARG A 567 4.30 -27.16 -12.25
CA ARG A 567 4.02 -26.17 -13.28
C ARG A 567 2.73 -26.56 -13.98
N GLY A 568 2.05 -25.59 -14.55
CA GLY A 568 0.95 -25.93 -15.42
C GLY A 568 -0.38 -25.31 -15.03
N PHE A 569 -0.68 -25.29 -13.74
CA PHE A 569 -1.81 -24.54 -13.23
C PHE A 569 -1.27 -23.21 -12.74
N GLN A 570 -2.05 -22.13 -12.96
CA GLN A 570 -1.52 -20.78 -12.88
C GLN A 570 -1.13 -20.42 -11.45
N SER A 571 -1.79 -21.04 -10.48
CA SER A 571 -1.45 -20.75 -9.09
C SER A 571 -0.66 -21.89 -8.46
N MET A 572 -0.57 -23.03 -9.15
CA MET A 572 0.07 -24.19 -8.54
C MET A 572 1.58 -24.02 -8.49
N GLY A 573 2.19 -23.71 -9.62
CA GLY A 573 3.61 -23.40 -9.62
C GLY A 573 3.91 -22.11 -8.91
N MET A 574 2.94 -21.19 -8.90
CA MET A 574 3.07 -19.93 -8.17
C MET A 574 3.13 -20.19 -6.67
N TYR A 575 2.59 -21.34 -6.23
CA TYR A 575 2.92 -21.82 -4.91
C TYR A 575 4.23 -22.60 -4.90
N SER A 576 4.54 -23.31 -5.99
CA SER A 576 5.72 -24.15 -5.99
C SER A 576 6.99 -23.34 -6.09
N VAL A 577 6.92 -22.18 -6.74
CA VAL A 577 8.09 -21.32 -6.81
C VAL A 577 8.40 -20.73 -5.43
N MET A 578 7.36 -20.45 -4.65
CA MET A 578 7.56 -19.97 -3.29
C MET A 578 8.17 -21.05 -2.40
N ILE A 579 7.98 -22.31 -2.76
CA ILE A 579 8.73 -23.36 -2.08
C ILE A 579 10.19 -23.29 -2.48
N GLN A 580 10.45 -23.15 -3.78
CA GLN A 580 11.82 -23.13 -4.28
C GLN A 580 12.55 -21.87 -3.85
N LYS A 581 11.81 -20.81 -3.52
CA LYS A 581 12.46 -19.60 -3.05
C LYS A 581 12.92 -19.75 -1.61
N VAL A 582 12.09 -20.35 -0.76
CA VAL A 582 12.42 -20.40 0.65
C VAL A 582 13.46 -21.47 0.94
N ILE A 583 13.36 -22.61 0.26
CA ILE A 583 14.31 -23.71 0.50
C ILE A 583 15.71 -23.32 0.02
N LEU A 584 15.79 -22.64 -1.11
CA LEU A 584 17.11 -22.21 -1.59
C LEU A 584 17.62 -21.00 -0.81
N HIS A 585 16.84 -19.94 -0.73
CA HIS A 585 17.35 -18.72 -0.12
C HIS A 585 17.27 -18.79 1.40
N ASP A 586 16.07 -18.96 1.96
CA ASP A 586 15.81 -18.52 3.31
C ASP A 586 15.66 -19.63 4.34
N VAL A 587 15.77 -20.90 3.97
CA VAL A 587 15.85 -21.94 4.99
C VAL A 587 17.21 -21.93 5.65
N LEU A 588 18.27 -21.80 4.84
CA LEU A 588 19.62 -21.76 5.38
C LEU A 588 19.85 -20.49 6.19
N LYS A 589 19.07 -19.44 5.91
CA LYS A 589 18.97 -18.31 6.81
C LYS A 589 18.46 -18.73 8.18
N PHE A 590 17.29 -19.37 8.21
CA PHE A 590 16.68 -19.73 9.48
C PHE A 590 17.43 -20.86 10.16
N LEU A 591 17.96 -21.81 9.37
CA LEU A 591 18.57 -22.99 9.95
C LEU A 591 19.88 -22.62 10.64
N PHE A 592 20.59 -21.62 10.12
CA PHE A 592 21.86 -21.25 10.74
C PHE A 592 21.63 -20.53 12.06
N VAL A 593 20.48 -19.88 12.21
CA VAL A 593 20.18 -19.28 13.51
C VAL A 593 19.54 -20.33 14.42
N TYR A 594 18.82 -21.27 13.84
CA TYR A 594 18.13 -22.25 14.67
C TYR A 594 19.09 -23.29 15.21
N ILE A 595 20.11 -23.65 14.43
CA ILE A 595 21.21 -24.47 14.95
C ILE A 595 21.93 -23.72 16.07
N LEU A 596 21.96 -22.41 15.97
CA LEU A 596 22.77 -21.58 16.85
C LEU A 596 22.20 -21.55 18.26
N PHE A 597 20.90 -21.35 18.38
CA PHE A 597 20.29 -21.38 19.70
C PHE A 597 20.09 -22.81 20.18
N LEU A 598 19.99 -23.75 19.25
CA LEU A 598 20.06 -25.17 19.60
C LEU A 598 21.39 -25.50 20.26
N LEU A 599 22.49 -25.18 19.58
CA LEU A 599 23.80 -25.50 20.11
C LEU A 599 24.16 -24.57 21.25
N GLY A 600 23.49 -23.42 21.33
CA GLY A 600 23.72 -22.52 22.44
C GLY A 600 23.10 -23.02 23.73
N PHE A 601 21.81 -23.34 23.70
CA PHE A 601 21.18 -23.84 24.91
C PHE A 601 21.50 -25.30 25.15
N GLY A 602 21.97 -25.99 24.11
CA GLY A 602 22.29 -27.40 24.27
C GLY A 602 23.49 -27.62 25.17
N VAL A 603 24.49 -26.76 25.07
CA VAL A 603 25.57 -26.77 26.04
C VAL A 603 25.06 -26.35 27.40
N ALA A 604 24.14 -25.39 27.42
CA ALA A 604 23.53 -24.98 28.68
C ALA A 604 22.65 -26.08 29.25
N LEU A 605 22.09 -26.92 28.39
CA LEU A 605 21.30 -28.02 28.91
C LEU A 605 22.20 -29.17 29.35
N ALA A 606 23.34 -29.35 28.68
CA ALA A 606 24.18 -30.50 28.97
C ALA A 606 25.04 -30.29 30.20
N SER A 607 24.79 -29.25 30.98
CA SER A 607 25.16 -29.28 32.39
C SER A 607 24.21 -30.17 33.15
N LEU A 608 22.94 -30.13 32.77
CA LEU A 608 21.94 -30.83 33.55
C LEU A 608 21.84 -32.29 33.13
N ILE A 609 22.61 -32.67 32.13
CA ILE A 609 22.92 -34.08 31.91
C ILE A 609 24.42 -34.27 32.19
N GLU A 610 24.75 -35.38 32.87
CA GLU A 610 26.10 -35.90 33.10
C GLU A 610 26.92 -35.05 34.09
N LYS A 611 26.46 -33.86 34.45
CA LYS A 611 27.20 -33.06 35.41
C LYS A 611 26.33 -32.79 36.62
N CYS A 612 25.03 -32.71 36.40
CA CYS A 612 24.08 -32.40 37.47
C CYS A 612 23.55 -33.66 38.12
N SER A 613 22.46 -33.50 38.86
CA SER A 613 21.86 -34.50 39.75
C SER A 613 21.54 -35.82 39.06
N LYS A 614 20.59 -35.77 38.12
CA LYS A 614 20.11 -36.83 37.22
C LYS A 614 19.33 -37.94 37.91
N ASP A 615 19.57 -38.11 39.21
CA ASP A 615 18.80 -38.79 40.24
C ASP A 615 18.66 -40.31 40.05
N LYS A 616 18.75 -40.81 38.81
CA LYS A 616 18.67 -42.25 38.52
C LYS A 616 19.49 -42.63 37.30
N LYS A 617 20.18 -41.67 36.68
CA LYS A 617 20.56 -41.81 35.27
C LYS A 617 21.93 -42.47 35.17
N ASP A 618 22.61 -42.33 34.02
CA ASP A 618 23.77 -43.09 33.59
C ASP A 618 23.45 -44.58 33.54
N CYS A 619 22.24 -44.88 33.08
CA CYS A 619 21.81 -46.25 32.90
C CYS A 619 20.97 -46.45 31.64
N SER A 620 21.02 -45.53 30.68
CA SER A 620 20.03 -45.68 29.60
C SER A 620 20.61 -46.04 28.23
N SER A 621 21.27 -45.10 27.54
CA SER A 621 21.85 -45.53 26.27
C SER A 621 23.30 -45.10 26.03
N TYR A 622 23.53 -43.80 25.86
CA TYR A 622 24.81 -43.25 25.40
C TYR A 622 24.69 -41.73 25.36
N GLY A 623 25.80 -41.10 24.96
CA GLY A 623 25.79 -39.76 24.37
C GLY A 623 25.30 -38.62 25.23
N SER A 624 26.11 -38.21 26.21
CA SER A 624 25.71 -37.22 27.22
C SER A 624 25.32 -35.88 26.60
N PHE A 625 26.15 -35.34 25.71
CA PHE A 625 25.80 -34.08 25.05
C PHE A 625 24.74 -34.31 23.98
N SER A 626 24.83 -35.43 23.27
CA SER A 626 23.97 -35.65 22.11
C SER A 626 22.52 -35.88 22.53
N ASP A 627 22.31 -36.60 23.63
CA ASP A 627 20.95 -36.84 24.09
C ASP A 627 20.35 -35.56 24.65
N ALA A 628 21.17 -34.71 25.26
CA ALA A 628 20.68 -33.44 25.78
C ALA A 628 20.30 -32.50 24.63
N VAL A 629 20.99 -32.62 23.50
CA VAL A 629 20.61 -31.84 22.33
C VAL A 629 19.30 -32.35 21.77
N LEU A 630 19.21 -33.66 21.54
CA LEU A 630 18.06 -34.23 20.84
C LEU A 630 16.77 -34.09 21.63
N GLU A 631 16.85 -34.23 22.96
CA GLU A 631 15.64 -34.05 23.75
C GLU A 631 15.28 -32.58 23.88
N LEU A 632 16.19 -31.70 23.49
CA LEU A 632 15.82 -30.30 23.28
C LEU A 632 15.47 -30.05 21.82
N PHE A 633 15.77 -31.01 20.96
CA PHE A 633 15.57 -30.81 19.53
C PHE A 633 14.29 -31.48 19.07
N LYS A 634 13.71 -32.31 19.93
CA LYS A 634 12.43 -32.94 19.60
C LYS A 634 11.26 -32.01 19.89
N LEU A 635 11.51 -30.91 20.60
CA LEU A 635 10.42 -30.03 20.99
C LEU A 635 9.88 -29.25 19.80
N THR A 636 10.72 -29.02 18.80
CA THR A 636 10.29 -28.25 17.65
C THR A 636 9.31 -29.05 16.81
N ILE A 637 9.46 -30.37 16.80
CA ILE A 637 8.37 -31.22 16.36
C ILE A 637 7.15 -31.03 17.23
N GLY A 638 7.35 -30.91 18.54
CA GLY A 638 6.28 -31.08 19.49
C GLY A 638 6.24 -32.47 20.07
N LEU A 639 7.16 -33.33 19.64
CA LEU A 639 7.29 -34.67 20.17
C LEU A 639 8.16 -34.58 21.43
N GLY A 640 7.55 -34.09 22.51
CA GLY A 640 8.27 -33.70 23.70
C GLY A 640 8.24 -34.79 24.75
N ASP A 641 9.38 -35.02 25.38
CA ASP A 641 9.54 -36.06 26.39
C ASP A 641 9.72 -35.42 27.75
N LEU A 642 8.96 -35.90 28.73
CA LEU A 642 9.14 -35.42 30.09
C LEU A 642 10.07 -36.34 30.87
N ASN A 643 10.15 -37.61 30.46
CA ASN A 643 10.87 -38.61 31.24
C ASN A 643 12.38 -38.43 31.18
N ILE A 644 12.87 -37.64 30.23
CA ILE A 644 14.30 -37.31 30.21
C ILE A 644 14.62 -36.35 31.34
N GLN A 645 13.62 -35.59 31.79
CA GLN A 645 13.78 -34.67 32.90
C GLN A 645 13.16 -35.28 34.15
N GLN A 646 14.02 -35.96 34.92
CA GLN A 646 13.75 -36.33 36.31
C GLN A 646 15.04 -36.14 37.10
N ASN A 647 15.25 -34.95 37.67
CA ASN A 647 16.49 -34.66 38.39
C ASN A 647 16.15 -34.21 39.80
N SER A 648 17.12 -33.67 40.54
CA SER A 648 16.91 -33.30 41.94
C SER A 648 17.04 -31.80 42.11
N THR A 649 15.87 -31.11 42.15
CA THR A 649 15.60 -29.72 42.55
C THR A 649 16.10 -28.71 41.50
N TYR A 650 16.96 -29.18 40.60
CA TYR A 650 17.23 -28.52 39.33
C TYR A 650 16.12 -28.59 38.27
N PRO A 651 15.14 -29.56 38.28
CA PRO A 651 13.98 -29.40 37.39
C PRO A 651 13.15 -28.13 37.50
N ILE A 652 13.30 -27.37 38.59
CA ILE A 652 12.89 -25.97 38.58
C ILE A 652 13.69 -25.28 37.51
N LEU A 653 15.02 -25.39 37.60
CA LEU A 653 15.90 -24.63 36.71
C LEU A 653 15.98 -25.25 35.33
N PHE A 654 15.60 -26.52 35.21
CA PHE A 654 15.58 -27.19 33.90
C PHE A 654 14.51 -26.58 33.01
N LEU A 655 13.29 -26.48 33.53
CA LEU A 655 12.16 -26.18 32.67
C LEU A 655 12.12 -24.69 32.32
N PHE A 656 12.48 -23.83 33.28
CA PHE A 656 12.54 -22.40 32.97
C PHE A 656 13.72 -22.08 32.08
N LEU A 657 14.71 -22.96 32.01
CA LEU A 657 15.65 -22.89 30.91
C LEU A 657 14.98 -23.33 29.62
N LEU A 658 14.23 -24.42 29.68
CA LEU A 658 13.72 -25.02 28.45
C LEU A 658 12.53 -24.25 27.91
N ILE A 659 11.82 -23.53 28.78
CA ILE A 659 10.82 -22.57 28.32
C ILE A 659 11.48 -21.43 27.55
N THR A 660 12.61 -20.94 28.05
CA THR A 660 13.31 -19.88 27.34
C THR A 660 13.98 -20.41 26.07
N TYR A 661 13.99 -21.72 25.87
CA TYR A 661 14.31 -22.22 24.54
C TYR A 661 13.13 -22.07 23.59
N VAL A 662 11.92 -22.40 24.06
CA VAL A 662 10.77 -22.43 23.17
C VAL A 662 10.36 -21.01 22.78
N ILE A 663 10.40 -20.09 23.74
CA ILE A 663 10.09 -18.69 23.46
C ILE A 663 11.15 -18.09 22.53
N LEU A 664 12.42 -18.41 22.75
CA LEU A 664 13.46 -17.94 21.84
C LEU A 664 13.34 -18.60 20.48
N THR A 665 12.95 -19.87 20.44
CA THR A 665 12.68 -20.49 19.14
C THR A 665 11.24 -20.31 18.73
N PHE A 666 10.48 -19.48 19.44
CA PHE A 666 9.29 -18.93 18.81
C PHE A 666 9.62 -17.62 18.10
N VAL A 667 10.47 -16.80 18.70
CA VAL A 667 10.79 -15.51 18.12
C VAL A 667 11.60 -15.67 16.85
N LEU A 668 12.40 -16.74 16.79
CA LEU A 668 13.04 -17.10 15.53
C LEU A 668 12.02 -17.57 14.51
N LEU A 669 10.91 -18.11 14.99
CA LEU A 669 9.88 -18.56 14.08
C LEU A 669 8.99 -17.40 13.69
N LEU A 670 8.74 -16.49 14.61
CA LEU A 670 7.83 -15.38 14.35
C LEU A 670 8.49 -14.36 13.44
N ASN A 671 9.80 -14.15 13.61
CA ASN A 671 10.52 -13.28 12.69
C ASN A 671 10.70 -13.93 11.34
N MET A 672 10.61 -15.26 11.29
CA MET A 672 10.75 -15.97 10.02
C MET A 672 9.58 -15.69 9.12
N LEU A 673 8.39 -15.53 9.70
CA LEU A 673 7.24 -15.09 8.92
C LEU A 673 7.43 -13.65 8.46
N ILE A 674 7.99 -12.80 9.32
CA ILE A 674 8.26 -11.41 8.96
C ILE A 674 9.44 -11.33 7.99
N ALA A 675 10.31 -12.35 7.99
CA ALA A 675 11.43 -12.35 7.06
C ALA A 675 10.95 -12.49 5.62
N LEU A 676 9.90 -13.29 5.41
CA LEU A 676 9.29 -13.34 4.09
C LEU A 676 8.46 -12.11 3.82
N MET A 677 8.03 -11.43 4.88
CA MET A 677 7.31 -10.19 4.72
C MET A 677 8.24 -9.07 4.28
N GLY A 678 7.65 -7.94 3.91
CA GLY A 678 8.34 -6.88 3.22
C GLY A 678 7.95 -6.97 1.76
N GLU A 679 6.94 -6.17 1.38
CA GLU A 679 6.32 -6.19 0.05
C GLU A 679 5.81 -7.57 -0.37
N THR A 680 5.23 -8.32 0.57
CA THR A 680 4.56 -9.57 0.20
C THR A 680 3.27 -9.27 -0.53
N VAL A 681 2.69 -8.09 -0.27
CA VAL A 681 1.54 -7.61 -1.01
C VAL A 681 1.87 -7.50 -2.51
N GLU A 682 3.12 -7.14 -2.83
CA GLU A 682 3.55 -7.10 -4.21
C GLU A 682 4.62 -8.12 -4.56
N ASN A 683 5.81 -8.04 -3.94
CA ASN A 683 7.00 -8.62 -4.57
C ASN A 683 7.06 -10.12 -4.40
N VAL A 684 6.70 -10.64 -3.23
CA VAL A 684 6.81 -12.08 -3.02
C VAL A 684 5.76 -12.81 -3.82
N SER A 685 4.61 -12.18 -4.05
CA SER A 685 3.59 -12.79 -4.89
C SER A 685 3.92 -12.64 -6.37
N LYS A 686 4.28 -11.43 -6.80
CA LYS A 686 4.37 -11.15 -8.23
C LYS A 686 5.63 -11.74 -8.84
N GLU A 687 6.75 -11.67 -8.13
CA GLU A 687 7.98 -12.25 -8.67
C GLU A 687 7.88 -13.76 -8.75
N SER A 688 7.21 -14.37 -7.78
CA SER A 688 6.99 -15.82 -7.84
C SER A 688 6.05 -16.19 -8.98
N GLU A 689 5.21 -15.24 -9.40
CA GLU A 689 4.43 -15.50 -10.61
C GLU A 689 5.28 -15.34 -11.85
N ARG A 690 6.12 -14.30 -11.92
CA ARG A 690 6.85 -14.06 -13.15
C ARG A 690 8.02 -15.03 -13.30
N ILE A 691 8.51 -15.59 -12.20
CA ILE A 691 9.52 -16.65 -12.32
C ILE A 691 8.86 -17.90 -12.86
N TRP A 692 7.61 -18.12 -12.48
CA TRP A 692 6.89 -19.30 -12.92
C TRP A 692 6.58 -19.27 -14.41
N ARG A 693 6.18 -18.09 -14.92
CA ARG A 693 5.85 -17.98 -16.34
C ARG A 693 7.08 -18.18 -17.21
N LEU A 694 8.24 -17.73 -16.72
CA LEU A 694 9.48 -18.02 -17.43
C LEU A 694 9.85 -19.48 -17.28
N GLN A 695 9.56 -20.07 -16.12
CA GLN A 695 9.91 -21.47 -15.92
C GLN A 695 8.85 -22.40 -16.51
N ARG A 696 7.78 -21.84 -17.06
CA ARG A 696 6.93 -22.68 -17.89
C ARG A 696 7.19 -22.44 -19.37
N ALA A 697 7.58 -21.21 -19.73
CA ALA A 697 7.86 -20.93 -21.13
C ALA A 697 9.16 -21.59 -21.58
N ARG A 698 10.03 -21.97 -20.64
CA ARG A 698 11.21 -22.71 -21.04
C ARG A 698 10.87 -24.16 -21.32
N THR A 699 9.84 -24.68 -20.66
CA THR A 699 9.41 -26.05 -20.92
C THR A 699 8.84 -26.18 -22.31
N ILE A 700 8.07 -25.18 -22.74
CA ILE A 700 7.34 -25.26 -24.00
C ILE A 700 8.27 -25.27 -25.19
N LEU A 701 9.32 -24.44 -25.15
CA LEU A 701 10.30 -24.48 -26.23
C LEU A 701 11.17 -25.72 -26.14
N GLU A 702 11.26 -26.31 -24.95
CA GLU A 702 11.95 -27.59 -24.83
C GLU A 702 11.13 -28.70 -25.47
N PHE A 703 9.81 -28.59 -25.42
CA PHE A 703 8.97 -29.62 -26.03
C PHE A 703 9.03 -29.57 -27.55
N GLU A 704 9.32 -28.40 -28.12
CA GLU A 704 9.45 -28.35 -29.58
C GLU A 704 10.75 -28.97 -30.05
N LYS A 705 11.77 -28.96 -29.19
CA LYS A 705 12.96 -29.76 -29.51
C LYS A 705 12.65 -31.24 -29.39
N MET A 706 11.72 -31.60 -28.51
CA MET A 706 11.27 -32.96 -28.36
C MET A 706 10.34 -33.39 -29.49
N LEU A 707 9.65 -32.45 -30.12
CA LEU A 707 8.73 -32.73 -31.20
C LEU A 707 9.52 -33.02 -32.46
N PRO A 708 9.22 -34.12 -33.16
CA PRO A 708 9.99 -34.47 -34.36
C PRO A 708 9.66 -33.54 -35.52
N GLU A 709 10.59 -33.40 -36.46
CA GLU A 709 10.52 -32.36 -37.47
C GLU A 709 9.35 -32.57 -38.42
N TRP A 710 8.98 -33.83 -38.64
CA TRP A 710 7.84 -34.14 -39.48
C TRP A 710 6.55 -33.85 -38.72
N LEU A 711 5.56 -33.36 -39.48
CA LEU A 711 4.27 -32.91 -38.99
C LEU A 711 4.39 -31.86 -37.89
N ARG A 712 4.96 -30.72 -38.26
CA ARG A 712 4.77 -29.48 -37.51
C ARG A 712 3.68 -28.65 -38.19
N SER A 713 2.73 -29.34 -38.82
CA SER A 713 1.54 -28.76 -39.42
C SER A 713 0.67 -28.24 -38.28
N ARG A 714 0.84 -26.95 -37.99
CA ARG A 714 0.48 -26.33 -36.72
C ARG A 714 0.07 -24.90 -36.99
N PHE A 715 0.43 -24.02 -36.06
CA PHE A 715 0.31 -22.57 -36.14
C PHE A 715 1.23 -21.99 -37.22
N ARG A 716 1.59 -20.70 -37.11
CA ARG A 716 2.22 -19.89 -38.15
C ARG A 716 1.23 -19.67 -39.30
N MET A 717 0.25 -18.80 -39.08
CA MET A 717 -0.90 -18.57 -39.97
C MET A 717 -0.54 -18.13 -41.39
N GLY A 718 -1.56 -18.08 -42.24
CA GLY A 718 -1.48 -17.91 -43.68
C GLY A 718 -0.64 -16.77 -44.17
N GLU A 719 -0.02 -16.96 -45.33
CA GLU A 719 0.98 -16.02 -45.80
C GLU A 719 0.38 -14.98 -46.73
N LEU A 720 -0.26 -13.96 -46.16
CA LEU A 720 -0.87 -12.93 -47.00
C LEU A 720 0.17 -11.96 -47.53
N CYS A 721 -0.23 -11.10 -48.45
CA CYS A 721 0.67 -10.17 -49.13
C CYS A 721 1.21 -9.12 -48.19
N LYS A 722 2.28 -8.44 -48.60
CA LYS A 722 2.70 -7.27 -47.83
C LYS A 722 2.45 -6.01 -48.64
N VAL A 723 3.22 -5.79 -49.70
CA VAL A 723 2.93 -4.80 -50.73
C VAL A 723 3.19 -5.47 -52.08
N ALA A 724 4.11 -6.41 -52.10
CA ALA A 724 4.95 -6.65 -53.26
C ALA A 724 4.24 -7.58 -54.25
N ASP A 725 4.98 -8.01 -55.28
CA ASP A 725 4.41 -8.75 -56.39
C ASP A 725 4.15 -10.20 -56.04
N GLU A 726 4.94 -10.76 -55.11
CA GLU A 726 4.70 -12.12 -54.65
C GLU A 726 3.43 -12.14 -53.80
N ASP A 727 2.61 -13.18 -53.98
CA ASP A 727 1.39 -13.29 -53.20
C ASP A 727 1.75 -13.66 -51.77
N PHE A 728 2.33 -14.83 -51.58
CA PHE A 728 2.85 -15.22 -50.27
C PHE A 728 4.17 -14.48 -50.05
N ARG A 729 4.13 -13.59 -49.07
CA ARG A 729 5.31 -12.78 -48.79
C ARG A 729 6.01 -13.25 -47.51
N LEU A 730 5.24 -13.65 -46.51
CA LEU A 730 5.76 -13.77 -45.15
C LEU A 730 4.75 -14.52 -44.30
N CYS A 731 5.22 -15.11 -43.21
CA CYS A 731 4.32 -15.80 -42.30
C CYS A 731 3.70 -14.81 -41.32
N LEU A 732 2.54 -15.17 -40.76
CA LEU A 732 1.72 -14.18 -40.08
C LEU A 732 1.19 -14.66 -38.74
N ARG A 733 0.40 -13.80 -38.10
CA ARG A 733 -0.17 -14.02 -36.78
C ARG A 733 -1.28 -12.99 -36.57
N ILE A 734 -2.48 -13.46 -36.23
CA ILE A 734 -3.69 -12.64 -36.27
C ILE A 734 -4.11 -12.27 -34.85
N ASN A 735 -4.45 -11.00 -34.63
CA ASN A 735 -4.98 -10.58 -33.34
C ASN A 735 -6.29 -9.81 -33.45
N GLU A 736 -6.78 -9.26 -32.33
CA GLU A 736 -8.14 -8.73 -32.26
C GLU A 736 -8.28 -7.41 -31.51
N VAL A 737 -7.50 -6.38 -31.89
CA VAL A 737 -7.40 -5.11 -31.17
C VAL A 737 -8.74 -4.34 -31.16
N LYS A 738 -8.83 -3.28 -30.36
CA LYS A 738 -10.08 -2.77 -29.77
C LYS A 738 -10.22 -1.24 -29.84
N TRP A 739 -10.97 -0.67 -28.88
CA TRP A 739 -11.70 0.61 -28.89
C TRP A 739 -10.87 1.89 -28.91
N THR A 740 -11.45 2.93 -28.31
CA THR A 740 -11.31 4.38 -28.49
C THR A 740 -9.91 4.91 -28.71
N GLU A 741 -9.83 6.15 -29.24
CA GLU A 741 -8.87 6.64 -30.24
C GLU A 741 -9.13 5.95 -31.58
N TRP A 742 -10.28 6.31 -32.17
CA TRP A 742 -10.54 5.93 -33.56
C TRP A 742 -9.65 6.72 -34.51
N LYS A 743 -9.57 6.24 -35.74
CA LYS A 743 -8.99 6.98 -36.84
C LYS A 743 -9.60 6.45 -38.13
N THR A 744 -9.71 7.32 -39.13
CA THR A 744 -10.18 6.87 -40.43
C THR A 744 -9.07 6.10 -41.12
N HIS A 745 -9.23 4.78 -41.19
CA HIS A 745 -8.15 3.87 -41.51
C HIS A 745 -7.85 3.85 -43.00
N VAL A 746 -6.57 3.89 -43.34
CA VAL A 746 -6.14 3.51 -44.67
C VAL A 746 -5.08 2.42 -44.54
N SER A 747 -5.51 1.17 -44.44
CA SER A 747 -4.55 0.10 -44.23
C SER A 747 -4.52 -0.99 -45.29
N PHE A 748 -5.60 -1.73 -45.50
CA PHE A 748 -5.51 -3.04 -46.14
C PHE A 748 -6.84 -3.41 -46.79
N LEU A 749 -6.99 -4.71 -47.09
CA LEU A 749 -8.22 -5.30 -47.60
C LEU A 749 -9.39 -5.01 -46.68
N ASN A 750 -10.35 -4.23 -47.16
CA ASN A 750 -11.36 -3.65 -46.30
C ASN A 750 -12.58 -4.55 -46.23
N GLU A 751 -12.55 -5.51 -45.30
CA GLU A 751 -13.48 -6.62 -45.25
C GLU A 751 -13.61 -7.16 -43.83
N ASP A 752 -14.10 -8.36 -43.70
CA ASP A 752 -13.95 -9.21 -42.53
C ASP A 752 -13.15 -10.40 -43.06
N PRO A 753 -12.45 -11.26 -42.21
CA PRO A 753 -11.27 -11.99 -42.68
C PRO A 753 -11.42 -12.94 -43.87
N GLY A 754 -12.62 -13.46 -44.11
CA GLY A 754 -12.86 -14.19 -45.33
C GLY A 754 -13.11 -15.65 -45.11
N PRO A 755 -13.78 -16.31 -46.07
CA PRO A 755 -14.09 -17.74 -46.03
C PRO A 755 -12.86 -18.64 -46.03
N LYS B 115 12.52 61.08 38.61
CA LYS B 115 13.29 61.87 37.66
C LYS B 115 12.32 62.74 36.86
N LYS B 116 11.03 62.43 37.01
CA LYS B 116 9.92 63.06 36.28
C LYS B 116 10.12 62.92 34.76
N LYS B 117 10.04 61.66 34.34
CA LYS B 117 10.35 61.23 32.98
C LYS B 117 9.12 61.31 32.07
N ARG B 118 8.47 62.49 32.11
CA ARG B 118 7.33 62.71 31.24
C ARG B 118 7.74 62.98 29.79
N LEU B 119 9.03 63.18 29.54
CA LEU B 119 9.51 63.38 28.18
C LEU B 119 9.86 62.05 27.53
N LYS B 120 10.45 61.13 28.29
CA LYS B 120 10.97 59.88 27.72
C LYS B 120 9.84 58.94 27.33
N LYS B 121 8.92 58.70 28.25
CA LYS B 121 7.85 57.73 28.00
C LYS B 121 6.84 58.27 27.00
N ARG B 122 6.75 59.60 26.90
CA ARG B 122 5.87 60.22 25.91
C ARG B 122 6.39 59.97 24.49
N ILE B 123 7.71 59.94 24.32
CA ILE B 123 8.27 59.69 23.00
C ILE B 123 8.11 58.23 22.62
N PHE B 124 8.43 57.32 23.55
CA PHE B 124 8.43 55.88 23.26
C PHE B 124 7.03 55.37 22.92
N ALA B 125 6.00 56.01 23.49
CA ALA B 125 4.64 55.71 23.06
C ALA B 125 4.41 56.25 21.65
N ALA B 126 4.83 57.49 21.40
CA ALA B 126 4.61 58.10 20.09
C ALA B 126 5.47 57.46 19.03
N VAL B 127 6.61 56.89 19.43
CA VAL B 127 7.39 56.07 18.52
C VAL B 127 6.67 54.75 18.22
N SER B 128 6.07 54.15 19.25
CA SER B 128 5.33 52.90 19.05
C SER B 128 4.06 53.14 18.24
N GLU B 129 3.49 54.33 18.32
CA GLU B 129 2.40 54.69 17.42
C GLU B 129 2.91 54.85 16.00
N GLY B 130 4.16 55.26 15.85
CA GLY B 130 4.71 55.64 14.56
C GLY B 130 4.27 57.00 14.09
N CYS B 131 3.56 57.77 14.91
CA CYS B 131 3.03 59.06 14.50
C CYS B 131 4.15 60.07 14.30
N VAL B 132 4.08 60.79 13.19
CA VAL B 132 5.12 61.74 12.81
C VAL B 132 4.88 63.11 13.43
N GLU B 133 3.67 63.63 13.26
CA GLU B 133 3.39 65.01 13.65
C GLU B 133 3.42 65.20 15.15
N GLU B 134 3.04 64.17 15.91
CA GLU B 134 3.16 64.24 17.35
C GLU B 134 4.62 64.15 17.78
N LEU B 135 5.44 63.43 17.00
CA LEU B 135 6.84 63.30 17.35
C LEU B 135 7.62 64.57 17.05
N ARG B 136 7.23 65.30 16.00
CA ARG B 136 7.94 66.53 15.65
C ARG B 136 7.74 67.59 16.73
N GLU B 137 6.58 67.56 17.39
CA GLU B 137 6.38 68.39 18.56
C GLU B 137 7.28 67.95 19.71
N LEU B 138 7.54 66.64 19.83
CA LEU B 138 8.38 66.13 20.90
C LEU B 138 9.84 66.46 20.67
N LEU B 139 10.22 66.73 19.43
CA LEU B 139 11.61 67.07 19.13
C LEU B 139 11.98 68.48 19.55
N GLN B 140 11.15 69.46 19.20
CA GLN B 140 11.48 70.86 19.49
C GLN B 140 11.39 71.15 20.98
N ASP B 141 10.54 70.42 21.70
CA ASP B 141 10.54 70.51 23.15
C ASP B 141 11.81 69.91 23.72
N LEU B 142 12.35 68.89 23.05
CA LEU B 142 13.59 68.29 23.51
C LEU B 142 14.79 69.15 23.10
N GLN B 143 14.68 69.83 21.95
CA GLN B 143 15.70 70.78 21.55
C GLN B 143 15.79 71.94 22.54
N ASP B 144 14.64 72.40 23.02
CA ASP B 144 14.63 73.39 24.09
C ASP B 144 15.10 72.78 25.41
N LEU B 145 14.88 71.48 25.59
CA LEU B 145 15.35 70.82 26.80
C LEU B 145 16.85 70.59 26.74
N CYS B 146 17.41 70.47 25.53
CA CYS B 146 18.85 70.50 25.38
C CYS B 146 19.42 71.89 25.63
N ARG B 147 18.62 72.93 25.38
CA ARG B 147 19.06 74.29 25.60
C ARG B 147 19.17 74.65 27.07
N ARG B 148 18.39 73.99 27.93
CA ARG B 148 18.31 74.40 29.34
C ARG B 148 19.57 74.05 30.12
N ARG B 149 20.34 73.05 29.67
CA ARG B 149 21.60 72.74 30.31
C ARG B 149 22.60 72.28 29.27
N ARG B 150 23.81 72.84 29.35
CA ARG B 150 24.83 72.57 28.36
C ARG B 150 26.19 72.31 29.00
N GLY B 151 26.25 71.38 29.95
CA GLY B 151 27.52 70.92 30.47
C GLY B 151 27.99 69.65 29.78
N LEU B 152 27.03 68.82 29.38
CA LEU B 152 27.26 67.55 28.71
C LEU B 152 26.49 67.42 27.40
N ASP B 153 26.63 68.42 26.53
CA ASP B 153 25.58 69.03 25.71
C ASP B 153 24.60 68.06 25.05
N VAL B 154 25.05 67.35 24.03
CA VAL B 154 24.21 66.33 23.39
C VAL B 154 24.29 64.91 23.97
N PRO B 155 25.50 64.27 24.21
CA PRO B 155 25.51 62.81 24.34
C PRO B 155 24.89 62.29 25.63
N ASP B 156 25.35 62.79 26.76
CA ASP B 156 24.96 62.17 28.02
C ASP B 156 23.60 62.61 28.50
N PHE B 157 22.95 63.56 27.83
CA PHE B 157 21.57 63.91 28.14
C PHE B 157 20.58 63.17 27.26
N LEU B 158 20.86 63.09 25.96
CA LEU B 158 19.94 62.41 25.06
C LEU B 158 19.98 60.90 25.23
N MET B 159 21.12 60.33 25.63
CA MET B 159 21.18 58.88 25.85
C MET B 159 20.58 58.51 27.20
N HIS B 160 20.32 59.51 28.04
CA HIS B 160 19.47 59.26 29.20
C HIS B 160 18.01 59.40 28.82
N LYS B 161 17.71 60.06 27.71
CA LYS B 161 16.33 60.23 27.26
C LYS B 161 15.94 59.24 26.18
N LEU B 162 16.86 58.82 25.31
CA LEU B 162 16.49 57.95 24.21
C LEU B 162 16.67 56.47 24.54
N THR B 163 17.28 56.14 25.66
CA THR B 163 17.58 54.76 26.01
C THR B 163 16.94 54.44 27.35
N ALA B 164 16.25 53.31 27.41
CA ALA B 164 15.68 52.84 28.66
C ALA B 164 16.78 52.49 29.65
N SER B 165 16.44 52.57 30.94
CA SER B 165 17.45 52.43 31.97
C SER B 165 17.85 50.98 32.16
N ASP B 166 16.89 50.11 32.46
CA ASP B 166 17.18 48.73 32.84
C ASP B 166 17.53 47.86 31.64
N THR B 167 16.68 47.84 30.61
CA THR B 167 16.93 46.95 29.48
C THR B 167 18.03 47.50 28.57
N GLY B 168 18.19 48.81 28.54
CA GLY B 168 19.04 49.41 27.54
C GLY B 168 18.41 49.53 26.18
N LYS B 169 17.10 49.33 26.09
CA LYS B 169 16.39 49.41 24.82
C LYS B 169 16.31 50.87 24.38
N THR B 170 16.81 51.15 23.18
CA THR B 170 16.88 52.52 22.72
C THR B 170 15.60 52.93 22.00
N CYS B 171 15.58 54.18 21.58
CA CYS B 171 14.43 54.71 20.86
C CYS B 171 14.35 54.13 19.46
N LEU B 172 15.49 53.86 18.85
CA LEU B 172 15.48 53.37 17.48
C LEU B 172 15.06 51.90 17.43
N MET B 173 15.48 51.12 18.44
CA MET B 173 15.03 49.73 18.49
C MET B 173 13.56 49.64 18.82
N LYS B 174 13.04 50.59 19.60
CA LYS B 174 11.60 50.68 19.81
C LYS B 174 10.88 51.03 18.52
N ALA B 175 11.54 51.78 17.64
CA ALA B 175 10.95 52.09 16.34
C ALA B 175 10.96 50.87 15.42
N LEU B 176 11.71 49.84 15.76
CA LEU B 176 11.81 48.68 14.90
C LEU B 176 11.17 47.44 15.51
N LEU B 177 10.83 47.44 16.79
CA LEU B 177 10.05 46.36 17.34
C LEU B 177 8.62 46.49 16.84
N ASN B 178 7.96 47.58 17.21
CA ASN B 178 6.70 47.92 16.59
C ASN B 178 6.98 48.43 15.18
N ILE B 179 6.07 48.14 14.26
CA ILE B 179 6.24 48.61 12.89
C ILE B 179 4.88 48.84 12.24
N ASN B 180 4.72 50.01 11.65
CA ASN B 180 3.56 50.45 10.90
C ASN B 180 4.09 51.11 9.63
N PRO B 181 3.22 51.41 8.63
CA PRO B 181 3.76 52.05 7.41
C PRO B 181 4.34 53.46 7.54
N ASN B 182 4.44 54.01 8.75
CA ASN B 182 5.15 55.26 8.98
C ASN B 182 6.57 55.03 9.48
N THR B 183 7.02 53.77 9.49
CA THR B 183 8.37 53.50 9.99
C THR B 183 9.44 53.83 8.96
N LYS B 184 9.08 53.86 7.67
CA LYS B 184 10.02 54.27 6.65
C LYS B 184 10.39 55.75 6.80
N GLU B 185 9.52 56.55 7.40
CA GLU B 185 9.82 57.93 7.70
C GLU B 185 10.37 58.12 9.12
N ILE B 186 9.88 57.33 10.08
CA ILE B 186 10.21 57.62 11.47
C ILE B 186 11.61 57.14 11.82
N VAL B 187 12.18 56.25 11.01
CA VAL B 187 13.60 55.93 11.15
C VAL B 187 14.45 57.09 10.69
N ARG B 188 14.04 57.72 9.58
CA ARG B 188 14.77 58.86 9.02
C ARG B 188 14.77 60.04 9.99
N ILE B 189 13.65 60.26 10.66
CA ILE B 189 13.56 61.38 11.60
C ILE B 189 14.41 61.09 12.83
N LEU B 190 14.37 59.86 13.32
CA LEU B 190 15.21 59.50 14.46
C LEU B 190 16.68 59.39 14.06
N LEU B 191 16.97 59.20 12.77
CA LEU B 191 18.35 59.33 12.34
C LEU B 191 18.75 60.78 12.19
N ALA B 192 17.90 61.59 11.56
CA ALA B 192 18.23 63.00 11.36
C ALA B 192 18.28 63.75 12.70
N PHE B 193 17.51 63.29 13.69
CA PHE B 193 17.64 63.85 15.03
C PHE B 193 19.00 63.54 15.64
N ALA B 194 19.52 62.34 15.42
CA ALA B 194 20.87 62.03 15.85
C ALA B 194 21.91 62.68 14.96
N GLU B 195 21.59 62.93 13.69
CA GLU B 195 22.48 63.66 12.79
C GLU B 195 22.55 65.14 13.10
N GLU B 196 21.43 65.77 13.45
CA GLU B 196 21.44 67.16 13.84
C GLU B 196 22.07 67.37 15.21
N ASN B 197 22.18 66.31 16.01
CA ASN B 197 22.78 66.42 17.33
C ASN B 197 24.10 65.67 17.43
N ASP B 198 24.57 65.07 16.32
CA ASP B 198 25.92 64.55 16.16
C ASP B 198 26.24 63.44 17.17
N ILE B 199 25.23 62.60 17.44
CA ILE B 199 25.36 61.48 18.36
C ILE B 199 25.07 60.15 17.69
N LEU B 200 25.13 60.11 16.35
CA LEU B 200 24.55 59.01 15.61
C LEU B 200 25.32 57.71 15.80
N ASP B 201 26.64 57.80 15.98
CA ASP B 201 27.48 56.62 16.05
C ASP B 201 27.22 55.79 17.29
N ARG B 202 27.04 56.45 18.43
CA ARG B 202 26.60 55.75 19.64
C ARG B 202 25.10 55.54 19.66
N PHE B 203 24.37 56.09 18.69
CA PHE B 203 22.93 55.88 18.63
C PHE B 203 22.59 54.76 17.65
N ILE B 204 23.29 54.70 16.51
CA ILE B 204 23.03 53.64 15.55
C ILE B 204 23.61 52.32 16.03
N ASN B 205 24.55 52.36 16.98
CA ASN B 205 25.28 51.16 17.39
C ASN B 205 25.12 50.88 18.88
N ALA B 206 23.95 51.20 19.44
CA ALA B 206 23.75 50.94 20.86
C ALA B 206 23.13 49.56 21.05
N GLU B 207 23.41 48.97 22.20
CA GLU B 207 23.07 47.58 22.48
C GLU B 207 22.25 47.51 23.75
N TYR B 208 21.63 46.35 23.97
CA TYR B 208 21.00 46.08 25.25
C TYR B 208 22.05 45.93 26.33
N THR B 209 21.86 46.66 27.43
CA THR B 209 22.60 46.36 28.64
C THR B 209 21.99 45.20 29.40
N GLU B 210 20.80 44.77 28.98
CA GLU B 210 20.11 43.67 29.62
C GLU B 210 20.87 42.38 29.35
N GLU B 211 20.86 41.50 30.35
CA GLU B 211 21.67 40.28 30.30
C GLU B 211 21.12 39.30 29.29
N ALA B 212 19.83 39.36 28.97
CA ALA B 212 19.22 38.41 28.05
C ALA B 212 19.46 38.74 26.59
N TYR B 213 19.94 39.93 26.27
CA TYR B 213 20.00 40.37 24.89
C TYR B 213 21.30 41.08 24.59
N GLU B 214 22.42 40.55 25.08
CA GLU B 214 23.66 41.32 25.15
C GLU B 214 24.24 41.51 23.75
N GLY B 215 23.86 42.62 23.12
CA GLY B 215 24.33 42.94 21.80
C GLY B 215 23.28 42.86 20.71
N GLN B 216 22.01 42.82 21.08
CA GLN B 216 20.92 42.90 20.12
C GLN B 216 20.84 44.35 19.65
N THR B 217 21.47 44.65 18.52
CA THR B 217 21.59 46.02 18.04
C THR B 217 20.38 46.39 17.20
N ALA B 218 20.33 47.65 16.79
CA ALA B 218 19.25 48.12 15.94
C ALA B 218 19.34 47.57 14.52
N LEU B 219 20.53 47.19 14.07
CA LEU B 219 20.67 46.56 12.77
C LEU B 219 20.15 45.14 12.76
N ASN B 220 20.44 44.37 13.81
CA ASN B 220 19.89 43.02 13.95
C ASN B 220 18.37 43.03 13.98
N ILE B 221 17.78 43.94 14.76
CA ILE B 221 16.34 43.99 14.89
C ILE B 221 15.68 44.57 13.65
N ALA B 222 16.44 45.20 12.76
CA ALA B 222 15.88 45.64 11.49
C ALA B 222 15.95 44.53 10.45
N ILE B 223 17.02 43.75 10.49
CA ILE B 223 17.11 42.54 9.68
C ILE B 223 16.09 41.52 10.17
N GLU B 224 15.85 41.49 11.48
CA GLU B 224 14.87 40.59 12.08
C GLU B 224 13.46 40.83 11.54
N ARG B 225 13.08 42.09 11.41
CA ARG B 225 11.78 42.41 10.84
C ARG B 225 11.80 42.44 9.32
N ARG B 226 12.88 41.97 8.70
CA ARG B 226 13.00 41.69 7.27
C ARG B 226 12.78 42.93 6.42
N GLN B 227 13.16 44.09 6.94
CA GLN B 227 12.97 45.35 6.23
C GLN B 227 14.21 45.66 5.44
N GLY B 228 14.19 45.34 4.14
CA GLY B 228 15.34 45.55 3.30
C GLY B 228 15.63 47.00 2.98
N ASP B 229 14.59 47.81 2.79
CA ASP B 229 14.80 49.22 2.47
C ASP B 229 15.32 50.00 3.67
N ILE B 230 14.81 49.67 4.86
CA ILE B 230 15.23 50.36 6.07
C ILE B 230 16.65 49.94 6.45
N THR B 231 17.04 48.71 6.10
CA THR B 231 18.36 48.20 6.44
C THR B 231 19.47 48.95 5.73
N ALA B 232 19.27 49.23 4.44
CA ALA B 232 20.29 49.93 3.66
C ALA B 232 20.47 51.37 4.14
N VAL B 233 19.42 51.96 4.71
CA VAL B 233 19.53 53.28 5.29
C VAL B 233 20.43 53.25 6.52
N LEU B 234 20.28 52.21 7.34
CA LEU B 234 21.03 52.14 8.59
C LEU B 234 22.52 51.88 8.33
N ILE B 235 22.80 51.06 7.32
CA ILE B 235 24.18 50.84 6.92
C ILE B 235 24.76 52.11 6.31
N ALA B 236 23.94 52.85 5.55
CA ALA B 236 24.37 54.14 5.03
C ALA B 236 24.49 55.17 6.15
N ALA B 237 23.75 54.97 7.23
CA ALA B 237 23.91 55.80 8.41
C ALA B 237 25.06 55.33 9.29
N GLY B 238 25.70 54.23 8.95
CA GLY B 238 26.88 53.79 9.67
C GLY B 238 26.64 52.77 10.75
N ALA B 239 25.67 51.88 10.59
CA ALA B 239 25.41 50.85 11.59
C ALA B 239 26.54 49.83 11.59
N ASP B 240 26.81 49.28 12.76
CA ASP B 240 27.85 48.26 12.87
C ASP B 240 27.35 46.95 12.30
N VAL B 241 27.94 46.53 11.19
CA VAL B 241 27.53 45.31 10.51
C VAL B 241 28.18 44.08 11.11
N ASN B 242 29.22 44.25 11.91
CA ASN B 242 29.93 43.13 12.50
C ASN B 242 29.57 42.96 13.98
N ALA B 243 28.30 43.16 14.31
CA ALA B 243 27.88 43.11 15.71
C ALA B 243 27.84 41.68 16.22
N HIS B 244 27.63 41.56 17.53
CA HIS B 244 27.49 40.25 18.16
C HIS B 244 26.47 40.35 19.28
N ALA B 245 25.49 39.44 19.26
CA ALA B 245 24.43 39.40 20.25
C ALA B 245 24.64 38.20 21.15
N LYS B 246 25.24 38.43 22.31
CA LYS B 246 25.68 37.35 23.18
C LYS B 246 24.68 37.05 24.28
N GLY B 247 23.39 37.22 24.03
CA GLY B 247 22.41 37.09 25.09
C GLY B 247 22.12 35.66 25.45
N VAL B 248 21.08 35.47 26.27
CA VAL B 248 20.71 34.15 26.75
C VAL B 248 19.76 33.47 25.77
N PHE B 249 19.64 33.99 24.55
CA PHE B 249 18.89 33.23 23.56
C PHE B 249 19.71 32.10 22.93
N PHE B 250 20.89 31.76 23.47
CA PHE B 250 21.63 30.63 22.94
C PHE B 250 20.99 29.32 23.37
N ASN B 251 20.70 29.17 24.66
CA ASN B 251 19.79 28.16 25.21
C ASN B 251 20.12 26.71 24.89
N PRO B 252 20.98 26.07 25.69
CA PRO B 252 21.09 24.59 25.63
C PRO B 252 19.74 23.87 25.69
N LYS B 253 18.80 24.38 26.47
CA LYS B 253 17.39 24.00 26.33
C LYS B 253 16.84 24.74 25.10
N TYR B 254 17.05 24.12 23.93
CA TYR B 254 16.97 24.83 22.67
C TYR B 254 15.56 25.18 22.20
N GLN B 255 14.62 24.25 22.34
CA GLN B 255 13.33 24.33 21.69
C GLN B 255 12.50 25.52 22.15
N HIS B 256 12.73 26.02 23.34
CA HIS B 256 12.10 27.24 23.80
C HIS B 256 13.15 28.35 23.87
N GLU B 257 12.69 29.58 23.65
CA GLU B 257 13.40 30.86 23.69
C GLU B 257 14.78 30.88 23.03
N GLY B 258 15.00 30.04 22.03
CA GLY B 258 16.34 29.88 21.53
C GLY B 258 16.65 30.70 20.30
N PHE B 259 16.64 30.02 19.15
CA PHE B 259 17.04 30.54 17.84
C PHE B 259 18.49 31.04 17.88
N TYR B 260 19.39 30.07 18.03
CA TYR B 260 20.81 30.31 17.78
C TYR B 260 20.99 30.55 16.29
N PHE B 261 21.73 31.59 15.95
CA PHE B 261 21.96 31.91 14.54
C PHE B 261 23.38 32.43 14.34
N GLY B 262 24.20 32.31 15.38
CA GLY B 262 25.58 32.73 15.24
C GLY B 262 25.82 34.21 15.49
N GLU B 263 24.78 34.92 15.93
CA GLU B 263 24.77 36.24 16.56
C GLU B 263 25.29 37.39 15.69
N THR B 264 25.73 37.14 14.48
CA THR B 264 26.18 38.27 13.68
C THR B 264 25.05 38.77 12.81
N PRO B 265 25.06 40.05 12.44
CA PRO B 265 24.02 40.55 11.52
C PRO B 265 24.10 39.96 10.13
N LEU B 266 25.28 39.50 9.71
CA LEU B 266 25.38 38.86 8.41
C LEU B 266 24.71 37.49 8.42
N ALA B 267 24.91 36.73 9.49
CA ALA B 267 24.32 35.40 9.55
C ALA B 267 22.82 35.46 9.77
N LEU B 268 22.32 36.53 10.41
CA LEU B 268 20.90 36.61 10.70
C LEU B 268 20.07 36.78 9.43
N ALA B 269 20.54 37.61 8.50
CA ALA B 269 19.91 37.64 7.19
C ALA B 269 20.17 36.34 6.44
N ALA B 270 21.30 35.70 6.71
CA ALA B 270 21.58 34.41 6.09
C ALA B 270 20.74 33.31 6.71
N CYS B 271 20.34 33.47 7.96
CA CYS B 271 19.58 32.41 8.60
C CYS B 271 18.10 32.52 8.28
N THR B 272 17.59 33.73 8.09
CA THR B 272 16.15 33.93 8.00
C THR B 272 15.66 34.22 6.59
N ASN B 273 16.29 33.60 5.58
CA ASN B 273 15.91 33.70 4.17
C ASN B 273 15.88 35.14 3.68
N GLN B 274 16.94 35.87 3.89
CA GLN B 274 16.98 37.24 3.42
C GLN B 274 18.11 37.35 2.43
N PRO B 275 17.93 36.91 1.19
CA PRO B 275 19.07 36.86 0.26
C PRO B 275 19.51 38.23 -0.20
N GLU B 276 18.60 39.20 -0.27
CA GLU B 276 18.94 40.53 -0.75
C GLU B 276 19.75 41.28 0.30
N ILE B 277 19.47 41.03 1.58
CA ILE B 277 20.23 41.68 2.63
C ILE B 277 21.62 41.07 2.74
N VAL B 278 21.74 39.75 2.54
CA VAL B 278 23.05 39.13 2.42
C VAL B 278 23.76 39.66 1.19
N GLN B 279 23.02 39.85 0.10
CA GLN B 279 23.56 40.52 -1.07
C GLN B 279 23.92 41.97 -0.76
N LEU B 280 23.21 42.58 0.19
CA LEU B 280 23.58 43.92 0.61
C LEU B 280 24.79 43.90 1.55
N LEU B 281 24.75 43.05 2.58
CA LEU B 281 25.78 43.07 3.61
C LEU B 281 27.13 42.57 3.13
N MET B 282 27.19 41.58 2.25
CA MET B 282 28.47 41.09 1.78
C MET B 282 29.11 42.01 0.76
N GLU B 283 28.37 42.97 0.21
CA GLU B 283 28.97 43.98 -0.63
C GLU B 283 29.57 45.12 0.17
N ASN B 284 29.18 45.26 1.44
CA ASN B 284 29.87 46.15 2.36
C ASN B 284 31.26 45.61 2.61
N GLU B 285 32.27 46.44 2.37
CA GLU B 285 33.65 46.00 2.53
C GLU B 285 34.05 45.90 4.00
N GLN B 286 33.31 46.52 4.90
CA GLN B 286 33.62 46.44 6.31
C GLN B 286 33.05 45.19 6.97
N THR B 287 32.27 44.40 6.22
CA THR B 287 31.66 43.21 6.79
C THR B 287 32.70 42.11 6.96
N ASP B 288 32.89 41.67 8.20
CA ASP B 288 33.86 40.61 8.49
C ASP B 288 33.15 39.28 8.25
N ILE B 289 33.37 38.71 7.07
CA ILE B 289 32.70 37.47 6.70
C ILE B 289 33.35 36.29 7.40
N THR B 290 34.65 36.43 7.69
CA THR B 290 35.44 35.39 8.35
C THR B 290 35.28 35.44 9.87
N SER B 291 34.38 36.28 10.38
CA SER B 291 34.26 36.52 11.81
C SER B 291 33.70 35.30 12.54
N GLN B 292 33.97 35.24 13.84
CA GLN B 292 33.60 34.09 14.66
C GLN B 292 32.52 34.45 15.68
N ASP B 293 32.22 33.49 16.55
CA ASP B 293 31.15 33.56 17.53
C ASP B 293 31.75 33.32 18.92
N SER B 294 30.91 33.51 19.95
CA SER B 294 31.25 33.07 21.29
C SER B 294 31.47 31.56 21.34
N ARG B 295 30.73 30.81 20.53
CA ARG B 295 31.02 29.40 20.36
C ARG B 295 32.14 29.14 19.37
N GLY B 296 32.77 30.18 18.83
CA GLY B 296 33.78 30.03 17.82
C GLY B 296 33.24 29.83 16.42
N ASN B 297 31.93 29.89 16.24
CA ASN B 297 31.32 29.58 14.96
C ASN B 297 31.51 30.71 13.95
N ASN B 298 31.91 30.35 12.74
CA ASN B 298 31.81 31.29 11.65
C ASN B 298 30.41 31.21 11.05
N ILE B 299 30.20 31.85 9.90
CA ILE B 299 28.85 31.90 9.37
C ILE B 299 28.41 30.57 8.78
N LEU B 300 29.33 29.78 8.21
CA LEU B 300 28.92 28.50 7.68
C LEU B 300 28.64 27.48 8.78
N HIS B 301 29.21 27.66 9.96
CA HIS B 301 28.74 26.91 11.11
C HIS B 301 27.31 27.31 11.46
N ALA B 302 26.97 28.58 11.31
CA ALA B 302 25.65 29.04 11.71
C ALA B 302 24.57 28.52 10.78
N LEU B 303 24.85 28.45 9.48
CA LEU B 303 23.87 27.87 8.57
C LEU B 303 23.71 26.37 8.81
N VAL B 304 24.80 25.70 9.17
CA VAL B 304 24.75 24.28 9.49
C VAL B 304 23.90 24.04 10.73
N THR B 305 24.07 24.85 11.75
CA THR B 305 23.29 24.62 12.97
C THR B 305 21.86 25.03 12.85
N VAL B 306 21.35 25.49 11.72
CA VAL B 306 19.95 25.84 11.60
C VAL B 306 19.27 24.91 10.61
N ALA B 307 19.95 24.61 9.50
CA ALA B 307 19.36 23.99 8.32
C ALA B 307 18.76 22.63 8.58
N GLU B 308 17.43 22.55 8.58
CA GLU B 308 16.77 21.35 9.02
C GLU B 308 16.83 20.25 7.97
N ASP B 309 16.61 19.02 8.45
CA ASP B 309 16.51 17.86 7.58
C ASP B 309 15.05 17.67 7.14
N PHE B 310 14.47 18.77 6.67
CA PHE B 310 13.23 18.76 5.93
C PHE B 310 13.61 18.94 4.47
N LYS B 311 12.94 18.22 3.59
CA LYS B 311 13.28 18.29 2.19
C LYS B 311 12.64 19.53 1.59
N THR B 312 13.44 20.29 0.85
CA THR B 312 13.10 21.46 0.02
C THR B 312 12.05 22.39 0.63
N GLN B 313 12.30 23.00 1.80
CA GLN B 313 11.37 24.01 2.34
C GLN B 313 11.54 25.33 1.59
N ASN B 314 11.22 25.26 0.29
CA ASN B 314 11.83 26.05 -0.78
C ASN B 314 13.31 26.33 -0.50
N ASP B 315 14.03 25.22 -0.24
CA ASP B 315 15.16 25.17 0.71
C ASP B 315 16.21 26.24 0.44
N PHE B 316 16.32 27.15 1.37
CA PHE B 316 17.05 28.37 1.08
C PHE B 316 18.46 28.25 1.59
N VAL B 317 18.67 27.44 2.63
CA VAL B 317 19.96 27.45 3.33
C VAL B 317 21.04 26.85 2.45
N LYS B 318 20.75 25.72 1.81
CA LYS B 318 21.66 25.14 0.83
C LYS B 318 21.86 26.07 -0.34
N ARG B 319 20.81 26.78 -0.74
CA ARG B 319 20.93 27.81 -1.76
C ARG B 319 21.76 28.98 -1.27
N MET B 320 21.80 29.22 0.04
CA MET B 320 22.49 30.38 0.57
C MET B 320 23.84 30.04 1.16
N TYR B 321 24.03 28.81 1.62
CA TYR B 321 25.38 28.28 1.82
C TYR B 321 26.14 28.29 0.52
N ASP B 322 25.46 28.01 -0.59
CA ASP B 322 26.06 28.13 -1.92
C ASP B 322 26.40 29.58 -2.21
N MET B 323 25.57 30.49 -1.72
CA MET B 323 25.71 31.87 -2.16
C MET B 323 26.86 32.57 -1.45
N ILE B 324 27.15 32.20 -0.20
CA ILE B 324 28.18 32.89 0.57
C ILE B 324 29.57 32.56 0.05
N LEU B 325 29.85 31.28 -0.20
CA LEU B 325 31.16 30.90 -0.74
C LEU B 325 31.37 31.43 -2.14
N LEU B 326 30.31 31.49 -2.94
CA LEU B 326 30.47 32.03 -4.28
C LEU B 326 30.44 33.54 -4.31
N ARG B 327 29.90 34.19 -3.28
CA ARG B 327 30.02 35.64 -3.20
C ARG B 327 31.45 36.04 -2.88
N SER B 328 32.07 35.35 -1.93
CA SER B 328 33.40 35.71 -1.49
C SER B 328 34.01 34.53 -0.77
N GLY B 329 35.31 34.61 -0.54
CA GLY B 329 35.96 33.63 0.28
C GLY B 329 36.94 32.79 -0.50
N ASN B 330 38.08 32.53 0.13
CA ASN B 330 39.01 31.54 -0.33
C ASN B 330 38.60 30.21 0.30
N TRP B 331 39.48 29.20 0.23
CA TRP B 331 39.21 27.95 0.92
C TRP B 331 39.33 28.10 2.43
N GLU B 332 39.91 29.20 2.90
CA GLU B 332 40.16 29.44 4.32
C GLU B 332 38.92 29.91 5.08
N LEU B 333 37.80 29.25 4.84
CA LEU B 333 36.62 29.47 5.66
C LEU B 333 36.04 28.19 6.21
N GLU B 334 36.16 27.08 5.51
CA GLU B 334 35.74 25.79 6.02
C GLU B 334 36.85 25.07 6.75
N THR B 335 38.07 25.62 6.75
CA THR B 335 39.11 25.11 7.62
C THR B 335 39.03 25.71 9.01
N MET B 336 38.19 26.71 9.20
CA MET B 336 38.05 27.35 10.50
C MET B 336 37.24 26.47 11.44
N ARG B 337 37.74 26.31 12.65
CA ARG B 337 37.12 25.47 13.65
C ARG B 337 36.44 26.33 14.71
N ASN B 338 35.44 25.74 15.37
CA ASN B 338 34.71 26.41 16.43
C ASN B 338 35.42 26.18 17.77
N ASN B 339 34.72 26.43 18.87
CA ASN B 339 35.29 26.11 20.17
C ASN B 339 35.02 24.67 20.57
N ASP B 340 34.67 23.83 19.60
CA ASP B 340 34.69 22.39 19.78
C ASP B 340 35.79 21.84 18.88
N GLY B 341 36.20 22.64 17.90
CA GLY B 341 37.29 22.27 17.03
C GLY B 341 36.82 21.58 15.76
N LEU B 342 35.63 21.93 15.30
CA LEU B 342 34.99 21.22 14.20
C LEU B 342 34.92 22.09 12.97
N THR B 343 35.29 21.52 11.83
CA THR B 343 35.05 22.15 10.55
C THR B 343 33.55 22.10 10.25
N PRO B 344 33.04 23.00 9.39
CA PRO B 344 31.60 22.96 9.08
C PRO B 344 31.14 21.72 8.36
N LEU B 345 32.04 21.03 7.66
CA LEU B 345 31.70 19.69 7.20
C LEU B 345 31.51 18.74 8.36
N GLN B 346 32.42 18.80 9.34
CA GLN B 346 32.27 17.96 10.53
C GLN B 346 31.09 18.39 11.37
N LEU B 347 30.80 19.68 11.44
CA LEU B 347 29.66 20.12 12.22
C LEU B 347 28.35 19.71 11.56
N ALA B 348 28.33 19.65 10.23
CA ALA B 348 27.14 19.16 9.54
C ALA B 348 26.96 17.68 9.75
N ALA B 349 28.04 16.97 10.01
CA ALA B 349 27.92 15.55 10.27
C ALA B 349 27.55 15.27 11.71
N LYS B 350 28.14 16.01 12.64
CA LYS B 350 27.85 15.77 14.06
C LYS B 350 26.43 16.21 14.40
N MET B 351 25.99 17.33 13.85
CA MET B 351 24.59 17.70 14.00
C MET B 351 23.68 16.85 13.14
N GLY B 352 24.22 16.17 12.13
CA GLY B 352 23.44 15.25 11.35
C GLY B 352 22.55 15.88 10.32
N LYS B 353 22.82 17.12 9.93
CA LYS B 353 22.00 17.79 8.94
C LYS B 353 22.38 17.22 7.58
N ALA B 354 21.52 16.33 7.06
CA ALA B 354 21.89 15.53 5.90
C ALA B 354 21.88 16.35 4.62
N GLU B 355 20.88 17.22 4.47
CA GLU B 355 20.65 17.85 3.18
C GLU B 355 21.72 18.89 2.87
N ILE B 356 22.20 19.58 3.90
CA ILE B 356 23.31 20.51 3.69
C ILE B 356 24.60 19.72 3.46
N LEU B 357 24.65 18.48 3.92
CA LEU B 357 25.87 17.71 3.73
C LEU B 357 25.87 17.00 2.39
N LYS B 358 24.71 16.90 1.73
CA LYS B 358 24.70 16.44 0.35
C LYS B 358 25.25 17.51 -0.58
N TYR B 359 25.18 18.77 -0.18
CA TYR B 359 25.78 19.82 -0.98
C TYR B 359 27.28 19.93 -0.78
N ILE B 360 27.73 19.90 0.47
CA ILE B 360 29.15 20.13 0.77
C ILE B 360 30.01 19.04 0.17
N LEU B 361 29.56 17.80 0.24
CA LEU B 361 30.33 16.72 -0.37
C LEU B 361 30.21 16.68 -1.88
N SER B 362 29.13 17.19 -2.46
CA SER B 362 29.18 17.29 -3.90
C SER B 362 29.85 18.60 -4.30
N ARG B 363 29.13 19.71 -4.18
CA ARG B 363 29.55 21.07 -4.54
C ARG B 363 30.29 21.13 -5.87
N GLU B 364 29.62 20.87 -6.99
CA GLU B 364 30.27 21.07 -8.28
C GLU B 364 30.11 22.52 -8.69
N ILE B 365 31.19 23.12 -9.17
CA ILE B 365 31.20 24.53 -9.55
C ILE B 365 31.63 24.59 -11.01
N LYS B 366 30.71 25.00 -11.88
CA LYS B 366 31.02 25.07 -13.30
C LYS B 366 31.45 26.48 -13.68
N GLU B 367 32.53 26.96 -13.08
CA GLU B 367 33.06 28.27 -13.42
C GLU B 367 34.57 28.15 -13.55
N LYS B 368 35.20 29.23 -13.98
CA LYS B 368 36.64 29.28 -13.86
C LYS B 368 37.17 30.65 -13.37
N PRO B 369 36.58 31.30 -12.34
CA PRO B 369 37.47 31.98 -11.39
C PRO B 369 37.72 31.16 -10.14
N LEU B 370 36.76 30.31 -9.79
CA LEU B 370 36.69 29.79 -8.42
C LEU B 370 36.20 28.36 -8.37
N ARG B 371 36.53 27.55 -9.38
CA ARG B 371 36.21 26.13 -9.26
C ARG B 371 37.18 25.39 -8.36
N SER B 372 38.17 26.09 -7.80
CA SER B 372 39.02 25.52 -6.77
C SER B 372 38.24 25.25 -5.48
N LEU B 373 37.12 25.95 -5.28
CA LEU B 373 36.33 25.74 -4.08
C LEU B 373 35.47 24.48 -4.19
N SER B 374 35.42 23.88 -5.37
CA SER B 374 34.53 22.75 -5.58
C SER B 374 35.07 21.50 -4.91
N ARG B 375 34.17 20.64 -4.47
CA ARG B 375 34.51 19.37 -3.85
C ARG B 375 34.35 18.20 -4.81
N LYS B 376 33.45 18.30 -5.79
CA LYS B 376 33.32 17.34 -6.87
C LYS B 376 33.98 17.90 -8.12
N PHE B 377 34.72 17.04 -8.81
CA PHE B 377 35.33 17.45 -10.07
C PHE B 377 34.87 16.48 -11.14
N THR B 378 35.59 16.49 -12.25
CA THR B 378 35.36 15.57 -13.34
C THR B 378 36.70 15.01 -13.80
N ASP B 379 36.78 13.71 -14.05
CA ASP B 379 38.01 13.24 -14.68
C ASP B 379 37.93 13.60 -16.15
N TRP B 380 36.85 13.14 -16.77
CA TRP B 380 36.63 13.33 -18.18
C TRP B 380 35.14 13.23 -18.43
N ALA B 381 34.73 13.73 -19.58
CA ALA B 381 33.33 13.63 -19.95
C ALA B 381 33.25 13.27 -21.42
N TYR B 382 32.52 12.21 -21.72
CA TYR B 382 32.39 11.79 -23.10
C TYR B 382 30.98 11.28 -23.29
N GLY B 383 30.08 12.15 -23.73
CA GLY B 383 28.69 11.80 -23.89
C GLY B 383 28.06 11.44 -22.56
N PRO B 384 27.16 10.45 -22.57
CA PRO B 384 26.50 10.03 -21.33
C PRO B 384 27.32 9.11 -20.45
N VAL B 385 28.64 9.03 -20.64
CA VAL B 385 29.49 8.36 -19.67
C VAL B 385 30.49 9.38 -19.17
N SER B 386 30.56 9.55 -17.85
CA SER B 386 31.47 10.55 -17.30
C SER B 386 32.01 10.12 -15.96
N SER B 387 33.22 10.55 -15.64
CA SER B 387 33.92 10.09 -14.45
C SER B 387 34.06 11.26 -13.47
N SER B 388 33.59 11.05 -12.25
CA SER B 388 33.54 12.09 -11.24
C SER B 388 34.62 11.89 -10.19
N LEU B 389 35.17 13.00 -9.70
CA LEU B 389 36.28 13.01 -8.77
C LEU B 389 35.95 13.83 -7.53
N TYR B 390 36.22 13.28 -6.36
CA TYR B 390 35.85 13.90 -5.09
C TYR B 390 37.08 14.36 -4.32
N ASP B 391 37.00 15.60 -3.80
CA ASP B 391 38.19 16.25 -3.24
C ASP B 391 38.60 15.64 -1.90
N LEU B 392 37.62 15.21 -1.08
CA LEU B 392 37.79 14.12 -0.12
C LEU B 392 38.86 14.40 0.95
N THR B 393 39.04 15.65 1.36
CA THR B 393 40.16 15.96 2.24
C THR B 393 39.92 15.44 3.65
N ASN B 394 38.96 16.01 4.37
CA ASN B 394 38.65 15.55 5.70
C ASN B 394 37.65 14.41 5.73
N VAL B 395 37.28 13.86 4.58
CA VAL B 395 36.19 12.91 4.52
C VAL B 395 36.63 11.53 5.01
N ASP B 396 37.73 11.05 4.45
CA ASP B 396 38.21 9.69 4.71
C ASP B 396 38.82 9.59 6.10
N THR B 397 38.79 8.39 6.67
CA THR B 397 39.40 8.12 7.96
C THR B 397 40.91 8.06 7.82
N THR B 398 41.52 9.24 7.68
CA THR B 398 42.96 9.36 7.66
C THR B 398 43.47 10.47 8.56
N THR B 399 42.61 11.33 9.05
CA THR B 399 42.97 12.37 10.00
C THR B 399 42.23 12.13 11.31
N ASP B 400 42.50 12.97 12.29
CA ASP B 400 41.81 12.87 13.57
C ASP B 400 40.39 13.40 13.42
N ASN B 401 39.43 12.60 13.89
CA ASN B 401 38.00 12.93 13.93
C ASN B 401 37.49 13.25 12.53
N SER B 402 37.55 12.27 11.64
CA SER B 402 37.12 12.43 10.27
C SER B 402 35.60 12.41 10.17
N VAL B 403 35.10 12.46 8.93
CA VAL B 403 33.66 12.56 8.72
C VAL B 403 32.98 11.23 9.01
N LEU B 404 33.53 10.15 8.48
CA LEU B 404 33.02 8.82 8.82
C LEU B 404 33.25 8.49 10.29
N GLU B 405 34.31 9.06 10.87
CA GLU B 405 34.52 8.92 12.31
C GLU B 405 33.39 9.56 13.09
N ILE B 406 32.82 10.64 12.55
CA ILE B 406 31.86 11.40 13.33
C ILE B 406 30.44 11.17 12.81
N ILE B 407 30.30 10.43 11.71
CA ILE B 407 28.97 9.98 11.33
C ILE B 407 28.66 8.65 11.98
N VAL B 408 29.53 7.67 11.78
CA VAL B 408 29.14 6.30 12.06
C VAL B 408 29.21 6.02 13.55
N TYR B 409 30.23 6.54 14.23
CA TYR B 409 30.32 6.41 15.67
C TYR B 409 29.34 7.30 16.42
N ASN B 410 28.70 8.26 15.74
CA ASN B 410 27.71 9.13 16.36
C ASN B 410 26.49 8.31 16.74
N THR B 411 25.82 8.71 17.83
CA THR B 411 24.66 7.99 18.31
C THR B 411 23.46 8.92 18.41
N ASN B 412 23.74 10.22 18.50
CA ASN B 412 22.74 11.22 18.83
C ASN B 412 21.74 11.41 17.71
N ILE B 413 22.24 11.53 16.48
CA ILE B 413 21.39 11.87 15.36
C ILE B 413 20.56 10.67 14.93
N ASP B 414 19.48 10.95 14.22
CA ASP B 414 18.57 9.88 13.83
C ASP B 414 18.98 9.28 12.50
N ASN B 415 19.26 10.13 11.52
CA ASN B 415 19.38 9.70 10.14
C ASN B 415 20.85 9.49 9.73
N ARG B 416 21.47 8.49 10.35
CA ARG B 416 22.80 8.11 9.90
C ARG B 416 22.74 7.36 8.58
N HIS B 417 21.66 6.60 8.35
CA HIS B 417 21.55 5.87 7.10
C HIS B 417 21.21 6.80 5.94
N GLU B 418 20.52 7.90 6.23
CA GLU B 418 20.22 8.86 5.17
C GLU B 418 21.46 9.64 4.78
N MET B 419 22.50 9.59 5.61
CA MET B 419 23.73 10.30 5.30
C MET B 419 24.75 9.39 4.61
N LEU B 420 24.74 8.10 4.93
CA LEU B 420 25.74 7.23 4.33
C LEU B 420 25.33 6.75 2.95
N THR B 421 24.13 7.10 2.49
CA THR B 421 23.74 6.78 1.13
C THR B 421 24.47 7.68 0.14
N LEU B 422 25.01 8.80 0.61
CA LEU B 422 25.66 9.80 -0.22
C LEU B 422 26.91 9.26 -0.87
N GLU B 423 27.16 9.72 -2.10
CA GLU B 423 28.18 9.12 -2.95
C GLU B 423 29.64 9.19 -2.45
N PRO B 424 30.14 10.27 -1.83
CA PRO B 424 31.53 10.19 -1.33
C PRO B 424 31.66 9.27 -0.14
N LEU B 425 30.58 9.10 0.62
CA LEU B 425 30.65 8.22 1.78
C LEU B 425 30.35 6.79 1.40
N HIS B 426 29.54 6.60 0.36
CA HIS B 426 29.03 5.26 0.06
C HIS B 426 30.10 4.40 -0.57
N THR B 427 30.63 4.83 -1.72
CA THR B 427 31.61 4.00 -2.44
C THR B 427 32.91 3.89 -1.67
N LEU B 428 33.19 4.87 -0.81
CA LEU B 428 34.32 4.76 0.09
C LEU B 428 34.07 3.68 1.14
N LEU B 429 32.83 3.54 1.58
CA LEU B 429 32.52 2.47 2.53
C LEU B 429 32.49 1.11 1.85
N HIS B 430 32.07 1.07 0.57
CA HIS B 430 32.09 -0.14 -0.24
C HIS B 430 33.52 -0.59 -0.51
N THR B 431 34.41 0.37 -0.76
CA THR B 431 35.79 0.00 -1.11
C THR B 431 36.56 -0.45 0.13
N LYS B 432 36.27 0.17 1.27
CA LYS B 432 36.79 -0.37 2.54
C LYS B 432 36.19 -1.73 2.83
N TRP B 433 34.99 -1.99 2.32
CA TRP B 433 34.38 -3.29 2.55
C TRP B 433 35.02 -4.36 1.67
N LYS B 434 35.14 -4.08 0.38
CA LYS B 434 35.56 -5.11 -0.56
C LYS B 434 37.05 -5.40 -0.46
N LYS B 435 37.87 -4.36 -0.43
CA LYS B 435 39.32 -4.57 -0.42
C LYS B 435 39.80 -5.06 0.93
N PHE B 436 39.17 -4.59 1.99
CA PHE B 436 39.71 -4.66 3.33
C PHE B 436 38.87 -5.44 4.34
N ALA B 437 37.62 -5.04 4.56
CA ALA B 437 36.94 -5.43 5.78
C ALA B 437 36.20 -6.75 5.60
N LYS B 438 35.94 -7.15 4.36
CA LYS B 438 35.28 -8.44 4.12
C LYS B 438 36.17 -9.59 4.54
N TYR B 439 37.46 -9.47 4.24
CA TYR B 439 38.36 -10.60 4.45
C TYR B 439 38.76 -10.70 5.92
N MET B 440 38.82 -9.57 6.63
CA MET B 440 39.08 -9.63 8.06
C MET B 440 37.88 -10.18 8.80
N PHE B 441 36.67 -9.89 8.30
CA PHE B 441 35.47 -10.32 8.99
C PHE B 441 35.31 -11.83 8.89
N PHE B 442 35.60 -12.38 7.71
CA PHE B 442 35.59 -13.83 7.57
C PHE B 442 36.74 -14.46 8.34
N LEU B 443 37.87 -13.75 8.46
CA LEU B 443 38.98 -14.24 9.25
C LEU B 443 38.65 -14.22 10.72
N SER B 444 38.03 -13.14 11.19
CA SER B 444 37.64 -13.08 12.59
C SER B 444 36.39 -13.90 12.84
N PHE B 445 35.70 -14.32 11.77
CA PHE B 445 34.69 -15.34 11.92
C PHE B 445 35.31 -16.68 12.25
N CYS B 446 36.23 -17.15 11.40
CA CYS B 446 36.73 -18.51 11.50
C CYS B 446 37.61 -18.71 12.74
N PHE B 447 38.10 -17.62 13.31
CA PHE B 447 38.78 -17.73 14.60
C PHE B 447 37.78 -17.88 15.73
N TYR B 448 36.74 -17.03 15.76
CA TYR B 448 35.83 -17.05 16.88
C TYR B 448 34.80 -18.16 16.69
N PHE B 449 34.77 -18.78 15.52
CA PHE B 449 33.92 -19.95 15.34
C PHE B 449 34.64 -21.22 15.73
N PHE B 450 35.94 -21.32 15.41
CA PHE B 450 36.74 -22.44 15.91
C PHE B 450 36.96 -22.30 17.41
N TYR B 451 36.84 -21.08 17.93
CA TYR B 451 36.86 -20.86 19.37
C TYR B 451 35.73 -21.58 20.07
N ASN B 452 34.51 -21.46 19.55
CA ASN B 452 33.36 -22.01 20.26
C ASN B 452 33.23 -23.50 20.02
N ILE B 453 33.75 -24.00 18.89
CA ILE B 453 33.80 -25.44 18.69
C ILE B 453 34.72 -26.09 19.71
N THR B 454 35.79 -25.40 20.07
CA THR B 454 36.78 -25.98 20.96
C THR B 454 36.23 -26.13 22.36
N LEU B 455 35.48 -25.13 22.84
CA LEU B 455 34.83 -25.26 24.14
C LEU B 455 33.78 -26.36 24.13
N THR B 456 33.14 -26.58 22.99
CA THR B 456 32.23 -27.71 22.89
C THR B 456 33.01 -29.02 22.81
N LEU B 457 34.13 -29.03 22.09
CA LEU B 457 34.88 -30.27 21.95
C LEU B 457 35.85 -30.52 23.08
N VAL B 458 35.98 -29.61 24.04
CA VAL B 458 36.81 -29.93 25.19
C VAL B 458 35.93 -30.45 26.30
N SER B 459 34.92 -29.68 26.69
CA SER B 459 34.10 -30.05 27.83
C SER B 459 33.21 -31.23 27.51
N TYR B 460 32.35 -31.07 26.51
CA TYR B 460 31.35 -32.08 26.21
C TYR B 460 31.80 -32.90 25.01
N TYR B 461 32.94 -33.57 25.14
CA TYR B 461 33.27 -34.53 24.09
C TYR B 461 33.35 -35.94 24.64
N ARG B 462 34.27 -36.16 25.62
CA ARG B 462 34.49 -37.43 26.31
C ARG B 462 34.70 -38.58 25.33
N PRO B 463 35.92 -38.70 24.70
CA PRO B 463 36.13 -39.63 23.58
C PRO B 463 35.70 -41.05 23.84
N ARG B 464 36.32 -41.71 24.82
CA ARG B 464 35.81 -42.90 25.48
C ARG B 464 36.28 -42.86 26.93
N GLU B 465 35.32 -42.86 27.87
CA GLU B 465 35.56 -43.11 29.29
C GLU B 465 36.54 -42.14 29.93
N ASP B 466 36.12 -40.88 30.11
CA ASP B 466 36.96 -39.80 30.61
C ASP B 466 37.53 -40.09 32.00
N GLU B 467 38.56 -39.31 32.37
CA GLU B 467 39.43 -39.62 33.51
C GLU B 467 38.82 -39.14 34.83
N ASP B 468 37.69 -39.75 35.19
CA ASP B 468 37.04 -39.65 36.50
C ASP B 468 36.72 -38.22 36.91
N LEU B 469 35.78 -37.60 36.18
CA LEU B 469 35.38 -36.19 36.27
C LEU B 469 36.58 -35.28 36.05
N PRO B 470 37.03 -35.12 34.78
CA PRO B 470 38.27 -34.36 34.54
C PRO B 470 38.14 -32.86 34.71
N HIS B 471 39.13 -32.13 34.23
CA HIS B 471 39.04 -30.68 34.23
C HIS B 471 39.27 -30.16 32.82
N PRO B 472 38.35 -29.32 32.30
CA PRO B 472 38.36 -28.98 30.87
C PRO B 472 39.59 -28.23 30.39
N LEU B 473 39.90 -27.09 30.99
CA LEU B 473 41.01 -26.27 30.55
C LEU B 473 42.32 -26.68 31.21
N ALA B 474 42.37 -27.89 31.76
CA ALA B 474 43.58 -28.38 32.39
C ALA B 474 44.62 -28.75 31.34
N LEU B 475 45.89 -28.59 31.73
CA LEU B 475 47.03 -28.81 30.85
C LEU B 475 47.93 -29.94 31.32
N THR B 476 47.37 -31.11 31.64
CA THR B 476 48.04 -32.24 32.29
C THR B 476 49.30 -32.73 31.57
N HIS B 477 50.12 -33.50 32.31
CA HIS B 477 51.51 -33.82 32.04
C HIS B 477 51.77 -34.41 30.67
N LYS B 478 50.93 -35.32 30.19
CA LYS B 478 51.11 -35.92 28.88
C LYS B 478 49.86 -35.63 28.04
N MET B 479 50.05 -34.85 26.99
CA MET B 479 48.99 -34.52 26.02
C MET B 479 49.65 -34.42 24.66
N SER B 480 49.15 -35.17 23.69
CA SER B 480 49.60 -35.03 22.31
C SER B 480 49.23 -33.66 21.77
N TRP B 481 50.07 -33.09 20.91
CA TRP B 481 49.95 -31.69 20.50
C TRP B 481 48.93 -31.52 19.36
N LEU B 482 47.77 -32.13 19.55
CA LEU B 482 46.57 -31.82 18.81
C LEU B 482 45.40 -31.72 19.77
N GLN B 483 45.55 -32.32 20.96
CA GLN B 483 44.47 -32.44 21.92
C GLN B 483 44.61 -31.47 23.08
N LEU B 484 45.66 -30.65 23.10
CA LEU B 484 45.77 -29.59 24.10
C LEU B 484 46.12 -28.24 23.51
N LEU B 485 46.56 -28.19 22.25
CA LEU B 485 46.78 -26.90 21.59
C LEU B 485 45.46 -26.17 21.38
N GLY B 486 44.36 -26.91 21.21
CA GLY B 486 43.06 -26.30 21.21
C GLY B 486 42.70 -25.71 22.56
N ARG B 487 43.11 -26.38 23.64
CA ARG B 487 42.95 -25.81 24.96
C ARG B 487 43.84 -24.58 25.15
N MET B 488 44.97 -24.53 24.45
CA MET B 488 45.74 -23.29 24.41
C MET B 488 45.06 -22.27 23.51
N PHE B 489 44.36 -22.75 22.47
CA PHE B 489 43.73 -21.86 21.50
C PHE B 489 42.58 -21.08 22.13
N VAL B 490 41.89 -21.70 23.08
CA VAL B 490 40.88 -20.98 23.85
C VAL B 490 41.54 -19.95 24.75
N LEU B 491 42.59 -20.35 25.46
CA LEU B 491 43.20 -19.49 26.48
C LEU B 491 43.88 -18.29 25.84
N ILE B 492 44.34 -18.42 24.60
CA ILE B 492 44.89 -17.27 23.91
C ILE B 492 43.77 -16.34 23.45
N TRP B 493 42.82 -16.89 22.71
CA TRP B 493 41.84 -16.05 22.01
C TRP B 493 40.76 -15.54 22.96
N ALA B 494 40.65 -16.12 24.15
CA ALA B 494 39.82 -15.46 25.17
C ALA B 494 40.54 -14.26 25.75
N THR B 495 41.83 -14.41 26.03
CA THR B 495 42.62 -13.28 26.51
C THR B 495 42.80 -12.23 25.44
N CYS B 496 42.84 -12.63 24.17
CA CYS B 496 42.92 -11.67 23.07
C CYS B 496 41.66 -10.82 22.99
N ILE B 497 40.51 -11.40 23.31
CA ILE B 497 39.27 -10.64 23.30
C ILE B 497 39.13 -9.83 24.59
N SER B 498 39.61 -10.39 25.70
CA SER B 498 39.43 -9.74 27.00
C SER B 498 40.23 -8.46 27.10
N VAL B 499 41.39 -8.39 26.45
CA VAL B 499 42.16 -7.16 26.46
C VAL B 499 41.53 -6.14 25.51
N LYS B 500 40.91 -6.63 24.44
CA LYS B 500 40.45 -5.77 23.35
C LYS B 500 39.32 -4.85 23.78
N GLU B 501 38.24 -5.42 24.31
CA GLU B 501 37.13 -4.58 24.76
C GLU B 501 37.36 -4.07 26.18
N GLY B 502 38.45 -4.53 26.81
CA GLY B 502 38.88 -3.89 28.05
C GLY B 502 39.39 -2.49 27.81
N ILE B 503 39.93 -2.24 26.62
CA ILE B 503 40.26 -0.87 26.22
C ILE B 503 38.99 -0.10 25.92
N ALA B 504 37.93 -0.80 25.49
CA ALA B 504 36.67 -0.15 25.18
C ALA B 504 35.93 0.28 26.45
N ILE B 505 36.36 -0.21 27.60
CA ILE B 505 35.94 0.38 28.87
C ILE B 505 36.45 1.81 28.97
N PHE B 506 37.71 2.03 28.59
CA PHE B 506 38.32 3.35 28.73
C PHE B 506 37.80 4.33 27.68
N LEU B 507 37.15 3.83 26.63
CA LEU B 507 36.66 4.66 25.54
C LEU B 507 35.16 4.93 25.61
N LEU B 508 34.35 3.89 25.67
CA LEU B 508 32.90 4.02 25.49
C LEU B 508 32.25 4.39 26.83
N ARG B 509 32.50 5.62 27.25
CA ARG B 509 31.83 6.13 28.43
C ARG B 509 30.41 6.67 28.14
N PRO B 510 30.13 7.48 27.11
CA PRO B 510 28.74 7.92 26.92
C PRO B 510 27.91 7.10 25.94
N SER B 511 28.52 6.19 25.18
CA SER B 511 27.79 5.51 24.10
C SER B 511 26.79 4.49 24.64
N ASP B 512 27.17 3.77 25.69
CA ASP B 512 26.41 2.61 26.17
C ASP B 512 25.04 3.00 26.71
N LEU B 513 24.95 4.11 27.45
CA LEU B 513 23.66 4.51 28.01
C LEU B 513 22.83 5.24 26.96
N GLN B 514 23.47 5.96 26.04
CA GLN B 514 22.72 6.64 24.99
C GLN B 514 22.23 5.65 23.94
N SER B 515 23.11 4.76 23.48
CA SER B 515 22.67 3.62 22.67
C SER B 515 22.17 2.53 23.61
N ILE B 516 20.94 2.75 24.11
CA ILE B 516 20.41 1.91 25.17
C ILE B 516 19.87 0.60 24.60
N LEU B 517 19.64 0.56 23.28
CA LEU B 517 19.22 -0.67 22.63
C LEU B 517 19.88 -0.93 21.28
N SER B 518 20.55 0.06 20.69
CA SER B 518 20.90 -0.05 19.28
C SER B 518 22.16 -0.87 19.08
N ASP B 519 23.31 -0.34 19.47
CA ASP B 519 24.58 -1.00 19.15
C ASP B 519 25.47 -0.98 20.38
N ALA B 520 26.71 -1.47 20.17
CA ALA B 520 27.78 -1.58 21.14
C ALA B 520 27.44 -2.47 22.34
N TRP B 521 26.35 -3.23 22.29
CA TRP B 521 26.14 -4.26 23.28
C TRP B 521 27.08 -5.43 23.03
N PHE B 522 27.48 -5.62 21.79
CA PHE B 522 28.26 -6.79 21.42
C PHE B 522 29.70 -6.64 21.87
N HIS B 523 30.14 -5.42 22.19
CA HIS B 523 31.37 -5.25 22.94
C HIS B 523 31.27 -5.90 24.31
N PHE B 524 30.09 -5.77 24.95
CA PHE B 524 29.94 -6.30 26.29
C PHE B 524 29.84 -7.83 26.26
N VAL B 525 29.03 -8.37 25.36
CA VAL B 525 28.72 -9.79 25.39
C VAL B 525 29.92 -10.61 24.91
N PHE B 526 30.77 -10.02 24.10
CA PHE B 526 32.08 -10.62 23.85
C PHE B 526 32.94 -10.57 25.10
N PHE B 527 32.86 -9.48 25.85
CA PHE B 527 33.74 -9.32 26.99
C PHE B 527 33.31 -10.21 28.14
N VAL B 528 32.00 -10.30 28.38
CA VAL B 528 31.48 -11.15 29.45
C VAL B 528 31.77 -12.62 29.14
N GLN B 529 31.69 -12.98 27.87
CA GLN B 529 31.99 -14.36 27.47
C GLN B 529 33.47 -14.66 27.61
N ALA B 530 34.32 -13.68 27.28
CA ALA B 530 35.75 -13.93 27.34
C ALA B 530 36.24 -13.97 28.79
N VAL B 531 35.67 -13.15 29.66
CA VAL B 531 36.12 -13.09 31.04
C VAL B 531 35.69 -14.34 31.79
N LEU B 532 34.47 -14.82 31.55
CA LEU B 532 33.98 -15.98 32.27
C LEU B 532 34.68 -17.26 31.85
N VAL B 533 35.31 -17.27 30.68
CA VAL B 533 36.26 -18.34 30.38
C VAL B 533 37.48 -18.22 31.28
N ILE B 534 37.99 -17.00 31.42
CA ILE B 534 39.24 -16.80 32.18
C ILE B 534 38.96 -16.92 33.66
N LEU B 535 37.79 -16.46 34.13
CA LEU B 535 37.45 -16.63 35.54
C LEU B 535 37.21 -18.08 35.89
N SER B 536 36.83 -18.89 34.90
CA SER B 536 36.78 -20.34 35.12
C SER B 536 38.17 -20.92 35.33
N VAL B 537 39.19 -20.27 34.76
CA VAL B 537 40.56 -20.71 35.02
C VAL B 537 41.01 -20.21 36.38
N PHE B 538 40.60 -18.99 36.75
CA PHE B 538 40.87 -18.48 38.10
C PHE B 538 40.10 -19.27 39.14
N LEU B 539 38.96 -19.86 38.74
CA LEU B 539 38.20 -20.64 39.70
C LEU B 539 38.86 -21.99 39.95
N TYR B 540 39.63 -22.47 38.97
CA TYR B 540 40.33 -23.74 39.15
C TYR B 540 41.44 -23.61 40.18
N LEU B 541 42.06 -22.44 40.28
CA LEU B 541 43.18 -22.28 41.20
C LEU B 541 42.72 -22.19 42.65
N PHE B 542 41.43 -21.93 42.85
CA PHE B 542 40.87 -21.86 44.19
C PHE B 542 39.87 -22.98 44.47
N ALA B 543 39.34 -23.59 43.40
CA ALA B 543 38.49 -24.78 43.47
C ALA B 543 37.23 -24.55 44.30
N TYR B 544 36.41 -23.60 43.89
CA TYR B 544 35.11 -23.42 44.53
C TYR B 544 34.08 -24.33 43.88
N LYS B 545 32.83 -24.12 44.28
CA LYS B 545 31.74 -24.98 43.81
C LYS B 545 31.37 -24.63 42.36
N GLU B 546 31.47 -23.36 41.99
CA GLU B 546 31.09 -22.91 40.65
C GLU B 546 32.27 -23.00 39.68
N TYR B 547 32.84 -24.20 39.61
CA TYR B 547 33.86 -24.49 38.60
C TYR B 547 33.22 -24.72 37.26
N LEU B 548 32.12 -25.48 37.24
CA LEU B 548 31.43 -25.81 36.00
C LEU B 548 30.41 -24.73 35.65
N ALA B 549 29.96 -23.96 36.65
CA ALA B 549 28.87 -23.02 36.42
C ALA B 549 29.31 -21.85 35.57
N CYS B 550 30.48 -21.28 35.86
CA CYS B 550 30.92 -20.12 35.11
C CYS B 550 31.44 -20.51 33.73
N LEU B 551 31.75 -21.79 33.54
CA LEU B 551 32.22 -22.22 32.23
C LEU B 551 31.08 -22.30 31.23
N VAL B 552 29.92 -22.77 31.68
CA VAL B 552 28.84 -23.10 30.74
C VAL B 552 28.12 -21.85 30.27
N LEU B 553 27.93 -20.88 31.17
CA LEU B 553 27.42 -19.57 30.74
C LEU B 553 28.43 -18.88 29.85
N ALA B 554 29.72 -19.19 30.02
CA ALA B 554 30.71 -18.73 29.05
C ALA B 554 30.63 -19.51 27.76
N MET B 555 30.13 -20.74 27.79
CA MET B 555 29.96 -21.48 26.55
C MET B 555 28.63 -21.17 25.90
N ALA B 556 27.61 -20.87 26.70
CA ALA B 556 26.29 -20.59 26.13
C ALA B 556 26.27 -19.23 25.46
N LEU B 557 26.95 -18.24 26.03
CA LEU B 557 27.07 -16.96 25.36
C LEU B 557 27.97 -17.08 24.14
N GLY B 558 28.88 -18.05 24.16
CA GLY B 558 29.81 -18.20 23.05
C GLY B 558 29.13 -18.59 21.76
N TRP B 559 28.12 -19.44 21.84
CA TRP B 559 27.33 -19.73 20.65
C TRP B 559 26.30 -18.65 20.39
N ALA B 560 25.84 -17.98 21.46
CA ALA B 560 24.92 -16.87 21.25
C ALA B 560 25.63 -15.66 20.67
N ASN B 561 26.94 -15.57 20.84
CA ASN B 561 27.73 -14.49 20.25
C ASN B 561 27.88 -14.59 18.75
N MET B 562 27.49 -15.70 18.13
CA MET B 562 27.60 -15.80 16.67
C MET B 562 26.63 -14.89 15.96
N LEU B 563 25.65 -14.34 16.69
CA LEU B 563 24.75 -13.35 16.10
C LEU B 563 25.49 -12.08 15.68
N TYR B 564 26.63 -11.79 16.32
CA TYR B 564 27.46 -10.72 15.82
C TYR B 564 28.08 -11.08 14.47
N TYR B 565 28.29 -12.36 14.21
CA TYR B 565 28.81 -12.72 12.91
C TYR B 565 27.70 -13.01 11.93
N THR B 566 26.46 -12.72 12.29
CA THR B 566 25.38 -12.80 11.32
C THR B 566 25.26 -11.50 10.53
N ARG B 567 26.05 -10.49 10.87
CA ARG B 567 26.29 -9.41 9.94
C ARG B 567 27.08 -9.97 8.76
N GLY B 568 26.94 -9.34 7.61
CA GLY B 568 27.85 -9.67 6.53
C GLY B 568 27.16 -10.10 5.25
N PHE B 569 26.11 -10.90 5.37
CA PHE B 569 25.25 -11.20 4.24
C PHE B 569 24.07 -10.26 4.32
N GLN B 570 23.60 -9.78 3.15
CA GLN B 570 22.73 -8.62 3.10
C GLN B 570 21.37 -8.91 3.72
N SER B 571 20.95 -10.17 3.69
CA SER B 571 19.67 -10.51 4.28
C SER B 571 19.85 -11.24 5.61
N MET B 572 21.08 -11.63 5.93
CA MET B 572 21.28 -12.44 7.13
C MET B 572 21.14 -11.60 8.39
N GLY B 573 21.87 -10.49 8.46
CA GLY B 573 21.69 -9.58 9.57
C GLY B 573 20.34 -8.89 9.52
N MET B 574 19.79 -8.73 8.32
CA MET B 574 18.46 -8.17 8.15
C MET B 574 17.41 -9.10 8.75
N TYR B 575 17.73 -10.38 8.88
CA TYR B 575 16.97 -11.24 9.75
C TYR B 575 17.43 -11.13 11.20
N SER B 576 18.72 -10.91 11.42
CA SER B 576 19.22 -10.93 12.79
C SER B 576 18.84 -9.66 13.53
N VAL B 577 18.66 -8.55 12.82
CA VAL B 577 18.21 -7.33 13.46
C VAL B 577 16.76 -7.48 13.91
N MET B 578 15.96 -8.20 13.13
CA MET B 578 14.58 -8.47 13.52
C MET B 578 14.51 -9.38 14.74
N ILE B 579 15.55 -10.18 14.98
CA ILE B 579 15.62 -10.88 16.24
C ILE B 579 15.90 -9.89 17.37
N GLN B 580 16.87 -9.00 17.14
CA GLN B 580 17.26 -8.05 18.17
C GLN B 580 16.17 -7.02 18.43
N LYS B 581 15.27 -6.83 17.47
CA LYS B 581 14.18 -5.90 17.69
C LYS B 581 13.11 -6.51 18.58
N VAL B 582 12.79 -7.78 18.36
CA VAL B 582 11.68 -8.38 19.08
C VAL B 582 12.08 -8.76 20.50
N ILE B 583 13.31 -9.27 20.66
CA ILE B 583 13.79 -9.67 21.99
C ILE B 583 13.94 -8.46 22.91
N LEU B 584 14.44 -7.35 22.37
CA LEU B 584 14.58 -6.16 23.21
C LEU B 584 13.24 -5.46 23.40
N HIS B 585 12.54 -5.15 22.32
CA HIS B 585 11.31 -4.37 22.46
C HIS B 585 10.14 -5.24 22.88
N ASP B 586 9.80 -6.23 22.07
CA ASP B 586 8.44 -6.76 22.07
C ASP B 586 8.27 -8.14 22.69
N VAL B 587 9.33 -8.77 23.18
CA VAL B 587 9.14 -9.99 23.96
C VAL B 587 8.59 -9.63 25.34
N LEU B 588 9.17 -8.62 25.97
CA LEU B 588 8.72 -8.18 27.29
C LEU B 588 7.31 -7.59 27.22
N LYS B 589 6.92 -7.12 26.04
CA LYS B 589 5.51 -6.84 25.77
C LYS B 589 4.67 -8.09 25.91
N PHE B 590 5.02 -9.13 25.16
CA PHE B 590 4.20 -10.34 25.15
C PHE B 590 4.34 -11.11 26.45
N LEU B 591 5.54 -11.10 27.05
CA LEU B 591 5.77 -11.92 28.23
C LEU B 591 5.01 -11.36 29.43
N PHE B 592 4.83 -10.05 29.50
CA PHE B 592 4.12 -9.47 30.62
C PHE B 592 2.63 -9.76 30.53
N VAL B 593 2.11 -9.97 29.33
CA VAL B 593 0.71 -10.37 29.21
C VAL B 593 0.61 -11.88 29.34
N TYR B 594 1.64 -12.60 28.92
CA TYR B 594 1.54 -14.05 28.96
C TYR B 594 1.73 -14.58 30.37
N ILE B 595 2.58 -13.92 31.17
CA ILE B 595 2.64 -14.21 32.61
C ILE B 595 1.31 -13.91 33.27
N LEU B 596 0.60 -12.92 32.73
CA LEU B 596 -0.59 -12.40 33.38
C LEU B 596 -1.74 -13.38 33.29
N PHE B 597 -1.97 -13.95 32.11
CA PHE B 597 -3.01 -14.96 32.00
C PHE B 597 -2.54 -16.30 32.53
N LEU B 598 -1.22 -16.54 32.54
CA LEU B 598 -0.67 -17.67 33.28
C LEU B 598 -1.00 -17.58 34.76
N LEU B 599 -0.64 -16.46 35.37
CA LEU B 599 -0.86 -16.30 36.80
C LEU B 599 -2.34 -16.05 37.09
N GLY B 600 -3.09 -15.62 36.07
CA GLY B 600 -4.52 -15.46 36.25
C GLY B 600 -5.25 -16.78 36.30
N PHE B 601 -5.05 -17.64 35.29
CA PHE B 601 -5.72 -18.92 35.29
C PHE B 601 -5.05 -19.90 36.23
N GLY B 602 -3.80 -19.62 36.61
CA GLY B 602 -3.08 -20.52 37.50
C GLY B 602 -3.67 -20.55 38.89
N VAL B 603 -4.11 -19.38 39.38
CA VAL B 603 -4.86 -19.35 40.62
C VAL B 603 -6.22 -20.03 40.42
N ALA B 604 -6.81 -19.82 39.24
CA ALA B 604 -8.06 -20.49 38.92
C ALA B 604 -7.87 -21.98 38.77
N LEU B 605 -6.68 -22.41 38.36
CA LEU B 605 -6.44 -23.85 38.27
C LEU B 605 -6.12 -24.41 39.63
N ALA B 606 -5.46 -23.63 40.49
CA ALA B 606 -5.01 -24.17 41.77
C ALA B 606 -6.11 -24.23 42.81
N SER B 607 -7.37 -24.02 42.40
CA SER B 607 -8.47 -24.58 43.16
C SER B 607 -8.55 -26.08 42.92
N LEU B 608 -8.28 -26.48 41.68
CA LEU B 608 -8.50 -27.88 41.33
C LEU B 608 -7.29 -28.72 41.69
N ILE B 609 -6.25 -28.08 42.22
CA ILE B 609 -5.24 -28.79 42.99
C ILE B 609 -5.34 -28.34 44.44
N GLU B 610 -5.23 -29.29 45.37
CA GLU B 610 -5.10 -29.11 46.82
C GLU B 610 -6.40 -28.61 47.48
N LYS B 611 -7.40 -28.20 46.72
CA LYS B 611 -8.65 -27.76 47.33
C LYS B 611 -9.78 -28.63 46.84
N CYS B 612 -9.66 -29.11 45.61
CA CYS B 612 -10.70 -29.92 44.98
C CYS B 612 -10.47 -31.40 45.22
N SER B 613 -11.17 -32.21 44.43
CA SER B 613 -11.28 -33.66 44.57
C SER B 613 -9.95 -34.38 44.63
N LYS B 614 -9.23 -34.35 43.49
CA LYS B 614 -7.88 -34.85 43.23
C LYS B 614 -7.78 -36.38 43.21
N ASP B 615 -8.71 -37.04 43.87
CA ASP B 615 -9.13 -38.44 43.77
C ASP B 615 -8.08 -39.46 44.21
N LYS B 616 -6.78 -39.13 44.11
CA LYS B 616 -5.70 -40.02 44.53
C LYS B 616 -4.48 -39.26 45.03
N LYS B 617 -4.55 -37.93 45.06
CA LYS B 617 -3.34 -37.10 45.02
C LYS B 617 -2.87 -36.84 46.45
N ASP B 618 -2.02 -35.80 46.62
CA ASP B 618 -1.22 -35.53 47.82
C ASP B 618 -0.29 -36.70 48.11
N CYS B 619 0.25 -37.27 47.04
CA CYS B 619 1.22 -38.35 47.17
C CYS B 619 2.33 -38.27 46.13
N SER B 620 2.57 -37.10 45.52
CA SER B 620 3.52 -37.15 44.41
C SER B 620 4.83 -36.40 44.64
N SER B 621 4.83 -35.06 44.64
CA SER B 621 6.11 -34.41 44.92
C SER B 621 6.05 -33.27 45.94
N TYR B 622 5.41 -32.17 45.58
CA TYR B 622 5.46 -30.91 46.32
C TYR B 622 4.59 -29.88 45.61
N GLY B 623 4.53 -28.68 46.20
CA GLY B 623 4.21 -27.45 45.48
C GLY B 623 2.84 -27.34 44.86
N SER B 624 1.80 -27.16 45.69
CA SER B 624 0.41 -27.18 45.26
C SER B 624 0.11 -26.13 44.19
N PHE B 625 0.49 -24.87 44.44
CA PHE B 625 0.29 -23.84 43.43
C PHE B 625 1.27 -23.96 42.28
N SER B 626 2.52 -24.34 42.59
CA SER B 626 3.57 -24.33 41.58
C SER B 626 3.36 -25.42 40.54
N ASP B 627 2.90 -26.59 40.98
CA ASP B 627 2.67 -27.68 40.03
C ASP B 627 1.47 -27.38 39.17
N ALA B 628 0.47 -26.68 39.72
CA ALA B 628 -0.70 -26.30 38.95
C ALA B 628 -0.34 -25.26 37.91
N VAL B 629 0.64 -24.41 38.22
CA VAL B 629 1.11 -23.46 37.22
C VAL B 629 1.86 -24.17 36.11
N LEU B 630 2.83 -25.02 36.49
CA LEU B 630 3.73 -25.63 35.52
C LEU B 630 3.01 -26.58 34.59
N GLU B 631 2.02 -27.32 35.10
CA GLU B 631 1.27 -28.20 34.21
C GLU B 631 0.29 -27.42 33.35
N LEU B 632 0.08 -26.15 33.67
CA LEU B 632 -0.59 -25.25 32.74
C LEU B 632 0.44 -24.50 31.90
N PHE B 633 1.70 -24.58 32.28
CA PHE B 633 2.73 -23.80 31.61
C PHE B 633 3.49 -24.67 30.62
N LYS B 634 3.30 -25.98 30.70
CA LYS B 634 3.93 -26.89 29.75
C LYS B 634 3.14 -26.97 28.45
N LEU B 635 1.91 -26.45 28.44
CA LEU B 635 1.08 -26.57 27.26
C LEU B 635 1.57 -25.70 26.13
N THR B 636 2.23 -24.59 26.46
CA THR B 636 2.70 -23.67 25.45
C THR B 636 3.85 -24.28 24.66
N ILE B 637 4.64 -25.13 25.31
CA ILE B 637 5.51 -26.04 24.57
C ILE B 637 4.68 -26.97 23.70
N GLY B 638 3.57 -27.46 24.22
CA GLY B 638 2.89 -28.60 23.65
C GLY B 638 3.25 -29.88 24.34
N LEU B 639 4.11 -29.80 25.35
CA LEU B 639 4.49 -30.95 26.16
C LEU B 639 3.42 -31.11 27.25
N GLY B 640 2.27 -31.62 26.84
CA GLY B 640 1.07 -31.61 27.67
C GLY B 640 0.88 -32.92 28.39
N ASP B 641 0.52 -32.83 29.67
CA ASP B 641 0.33 -34.00 30.51
C ASP B 641 -1.15 -34.17 30.82
N LEU B 642 -1.65 -35.39 30.65
CA LEU B 642 -3.03 -35.67 31.02
C LEU B 642 -3.10 -36.25 32.42
N ASN B 643 -2.01 -36.88 32.88
CA ASN B 643 -2.05 -37.62 34.14
C ASN B 643 -2.10 -36.71 35.36
N ILE B 644 -1.79 -35.43 35.18
CA ILE B 644 -1.98 -34.48 36.28
C ILE B 644 -3.46 -34.23 36.51
N GLN B 645 -4.28 -34.43 35.49
CA GLN B 645 -5.72 -34.28 35.58
C GLN B 645 -6.36 -35.66 35.67
N GLN B 646 -6.56 -36.10 36.91
CA GLN B 646 -7.47 -37.20 37.24
C GLN B 646 -8.21 -36.84 38.52
N ASN B 647 -9.37 -36.19 38.39
CA ASN B 647 -10.12 -35.75 39.57
C ASN B 647 -11.52 -36.33 39.52
N SER B 648 -12.44 -35.86 40.37
CA SER B 648 -13.78 -36.42 40.46
C SER B 648 -14.81 -35.40 40.02
N THR B 649 -15.26 -35.52 38.75
CA THR B 649 -16.41 -34.89 38.08
C THR B 649 -16.17 -33.40 37.80
N TYR B 650 -15.16 -32.83 38.45
CA TYR B 650 -14.53 -31.57 38.05
C TYR B 650 -13.64 -31.64 36.80
N PRO B 651 -13.07 -32.81 36.34
CA PRO B 651 -12.46 -32.81 35.01
C PRO B 651 -13.31 -32.39 33.82
N ILE B 652 -14.63 -32.36 33.96
CA ILE B 652 -15.46 -31.59 33.05
C ILE B 652 -15.01 -30.14 33.15
N LEU B 653 -15.01 -29.60 34.37
CA LEU B 653 -14.76 -28.18 34.57
C LEU B 653 -13.27 -27.87 34.47
N PHE B 654 -12.41 -28.88 34.61
CA PHE B 654 -10.98 -28.68 34.46
C PHE B 654 -10.63 -28.33 33.04
N LEU B 655 -11.10 -29.13 32.09
CA LEU B 655 -10.59 -29.03 30.73
C LEU B 655 -11.21 -27.85 30.00
N PHE B 656 -12.48 -27.56 30.26
CA PHE B 656 -13.08 -26.38 29.65
C PHE B 656 -12.55 -25.10 30.28
N LEU B 657 -11.97 -25.19 31.48
CA LEU B 657 -11.13 -24.10 31.93
C LEU B 657 -9.84 -24.08 31.14
N LEU B 658 -9.23 -25.24 30.94
CA LEU B 658 -7.89 -25.28 30.37
C LEU B 658 -7.92 -25.05 28.86
N ILE B 659 -9.05 -25.36 28.22
CA ILE B 659 -9.25 -24.94 26.83
C ILE B 659 -9.31 -23.43 26.73
N THR B 660 -10.00 -22.79 27.66
CA THR B 660 -10.05 -21.33 27.63
C THR B 660 -8.73 -20.70 28.03
N TYR B 661 -7.77 -21.51 28.50
CA TYR B 661 -6.41 -21.02 28.58
C TYR B 661 -5.75 -21.02 27.22
N VAL B 662 -5.93 -22.09 26.45
CA VAL B 662 -5.19 -22.22 25.18
C VAL B 662 -5.74 -21.24 24.15
N ILE B 663 -7.06 -21.07 24.12
CA ILE B 663 -7.66 -20.10 23.21
C ILE B 663 -7.27 -18.68 23.60
N LEU B 664 -7.26 -18.38 24.90
CA LEU B 664 -6.80 -17.07 25.33
C LEU B 664 -5.31 -16.88 25.09
N THR B 665 -4.52 -17.95 25.25
CA THR B 665 -3.12 -17.84 24.88
C THR B 665 -2.89 -18.22 23.42
N PHE B 666 -3.97 -18.39 22.65
CA PHE B 666 -3.79 -18.26 21.21
C PHE B 666 -4.00 -16.83 20.77
N VAL B 667 -4.97 -16.14 21.36
CA VAL B 667 -5.27 -14.79 20.94
C VAL B 667 -4.15 -13.84 21.32
N LEU B 668 -3.46 -14.15 22.43
CA LEU B 668 -2.23 -13.43 22.76
C LEU B 668 -1.14 -13.74 21.76
N LEU B 669 -1.21 -14.92 21.15
CA LEU B 669 -0.21 -15.28 20.17
C LEU B 669 -0.59 -14.72 18.81
N LEU B 670 -1.88 -14.68 18.51
CA LEU B 670 -2.33 -14.23 17.20
C LEU B 670 -2.20 -12.72 17.10
N ASN B 671 -2.45 -12.01 18.19
CA ASN B 671 -2.24 -10.57 18.20
C ASN B 671 -0.76 -10.24 18.22
N MET B 672 0.07 -11.18 18.65
CA MET B 672 1.51 -10.95 18.68
C MET B 672 2.06 -10.87 17.27
N LEU B 673 1.49 -11.65 16.36
CA LEU B 673 1.85 -11.52 14.95
C LEU B 673 1.37 -10.18 14.40
N ILE B 674 0.17 -9.75 14.81
CA ILE B 674 -0.36 -8.46 14.38
C ILE B 674 0.37 -7.33 15.09
N ALA B 675 0.97 -7.59 16.24
CA ALA B 675 1.74 -6.56 16.94
C ALA B 675 2.98 -6.17 16.14
N LEU B 676 3.62 -7.13 15.48
CA LEU B 676 4.71 -6.79 14.58
C LEU B 676 4.17 -6.20 13.29
N MET B 677 2.93 -6.49 12.97
CA MET B 677 2.32 -5.90 11.79
C MET B 677 2.00 -4.42 12.03
N GLY B 678 1.62 -3.75 10.96
CA GLY B 678 1.55 -2.30 10.93
C GLY B 678 2.78 -1.81 10.19
N GLU B 679 2.60 -1.56 8.88
CA GLU B 679 3.67 -1.20 7.95
C GLU B 679 4.83 -2.20 7.94
N THR B 680 4.53 -3.49 8.01
CA THR B 680 5.56 -4.50 7.82
C THR B 680 5.97 -4.57 6.36
N VAL B 681 5.05 -4.17 5.47
CA VAL B 681 5.37 -4.02 4.05
C VAL B 681 6.49 -3.01 3.86
N GLU B 682 6.54 -1.98 4.70
CA GLU B 682 7.63 -1.02 4.64
C GLU B 682 8.52 -1.02 5.87
N ASN B 683 7.98 -0.68 7.05
CA ASN B 683 8.84 -0.17 8.12
C ASN B 683 9.60 -1.28 8.83
N VAL B 684 8.96 -2.42 9.07
CA VAL B 684 9.65 -3.48 9.82
C VAL B 684 10.73 -4.11 8.95
N SER B 685 10.54 -4.12 7.64
CA SER B 685 11.57 -4.62 6.75
C SER B 685 12.68 -3.58 6.52
N LYS B 686 12.29 -2.34 6.23
CA LYS B 686 13.27 -1.37 5.76
C LYS B 686 14.13 -0.84 6.91
N GLU B 687 13.51 -0.60 8.06
CA GLU B 687 14.30 -0.10 9.19
C GLU B 687 15.26 -1.17 9.69
N SER B 688 14.86 -2.44 9.65
CA SER B 688 15.76 -3.52 10.01
C SER B 688 16.88 -3.65 9.00
N GLU B 689 16.67 -3.20 7.78
CA GLU B 689 17.78 -3.14 6.83
C GLU B 689 18.69 -1.97 7.14
N ARG B 690 18.12 -0.80 7.43
CA ARG B 690 18.97 0.38 7.60
C ARG B 690 19.67 0.36 8.96
N ILE B 691 19.13 -0.35 9.95
CA ILE B 691 19.85 -0.53 11.20
C ILE B 691 21.03 -1.44 10.96
N TRP B 692 20.85 -2.42 10.08
CA TRP B 692 21.91 -3.38 9.80
C TRP B 692 23.08 -2.73 9.06
N ARG B 693 22.80 -1.85 8.10
CA ARG B 693 23.87 -1.22 7.34
C ARG B 693 24.68 -0.30 8.23
N LEU B 694 24.03 0.34 9.20
CA LEU B 694 24.77 1.13 10.17
C LEU B 694 25.53 0.21 11.12
N GLN B 695 24.95 -0.94 11.45
CA GLN B 695 25.63 -1.84 12.38
C GLN B 695 26.64 -2.71 11.66
N ARG B 696 26.75 -2.58 10.34
CA ARG B 696 27.93 -3.16 9.69
C ARG B 696 28.96 -2.09 9.38
N ALA B 697 28.52 -0.86 9.11
CA ALA B 697 29.48 0.20 8.83
C ALA B 697 30.24 0.62 10.08
N ARG B 698 29.71 0.30 11.26
CA ARG B 698 30.48 0.58 12.47
C ARG B 698 31.56 -0.46 12.68
N THR B 699 31.34 -1.67 12.17
CA THR B 699 32.36 -2.71 12.27
C THR B 699 33.56 -2.36 11.41
N ILE B 700 33.31 -1.82 10.22
CA ILE B 700 34.36 -1.60 9.24
C ILE B 700 35.33 -0.54 9.70
N LEU B 701 34.80 0.54 10.28
CA LEU B 701 35.69 1.57 10.82
C LEU B 701 36.36 1.09 12.10
N GLU B 702 35.77 0.11 12.77
CA GLU B 702 36.43 -0.49 13.92
C GLU B 702 37.61 -1.36 13.46
N PHE B 703 37.49 -1.96 12.28
CA PHE B 703 38.59 -2.78 11.79
C PHE B 703 39.78 -1.94 11.36
N GLU B 704 39.55 -0.68 10.98
CA GLU B 704 40.69 0.16 10.63
C GLU B 704 41.44 0.63 11.87
N LYS B 705 40.75 0.69 13.01
CA LYS B 705 41.48 0.89 14.26
C LYS B 705 42.27 -0.35 14.61
N MET B 706 41.78 -1.51 14.21
CA MET B 706 42.47 -2.77 14.41
C MET B 706 43.63 -2.95 13.44
N LEU B 707 43.56 -2.32 12.28
CA LEU B 707 44.60 -2.41 11.27
C LEU B 707 45.79 -1.57 11.70
N PRO B 708 47.00 -2.12 11.66
CA PRO B 708 48.18 -1.36 12.11
C PRO B 708 48.55 -0.28 11.10
N GLU B 709 49.22 0.76 11.58
CA GLU B 709 49.41 1.97 10.79
C GLU B 709 50.31 1.73 9.59
N TRP B 710 51.23 0.78 9.70
CA TRP B 710 52.08 0.43 8.59
C TRP B 710 51.29 -0.40 7.57
N LEU B 711 51.62 -0.16 6.30
CA LEU B 711 50.94 -0.75 5.14
C LEU B 711 49.44 -0.52 5.16
N ARG B 712 49.06 0.74 5.08
CA ARG B 712 47.73 1.13 4.65
C ARG B 712 47.77 1.53 3.17
N SER B 713 48.68 0.89 2.44
CA SER B 713 48.80 1.01 0.99
C SER B 713 47.58 0.37 0.37
N ARG B 714 46.57 1.19 0.10
CA ARG B 714 45.19 0.79 -0.08
C ARG B 714 44.56 1.73 -1.10
N PHE B 715 43.29 2.04 -0.85
CA PHE B 715 42.48 3.04 -1.55
C PHE B 715 43.00 4.45 -1.32
N ARG B 716 42.15 5.47 -1.48
CA ARG B 716 42.51 6.88 -1.57
C ARG B 716 43.31 7.14 -2.85
N MET B 717 42.61 7.14 -4.00
CA MET B 717 43.17 7.20 -5.34
C MET B 717 44.06 8.40 -5.63
N GLY B 718 44.70 8.37 -6.80
CA GLY B 718 45.76 9.26 -7.22
C GLY B 718 45.48 10.74 -7.09
N GLU B 719 46.51 11.51 -6.82
CA GLU B 719 46.35 12.91 -6.47
C GLU B 719 46.46 13.81 -7.68
N LEU B 720 45.40 13.91 -8.48
CA LEU B 720 45.47 14.76 -9.66
C LEU B 720 45.31 16.23 -9.30
N CYS B 721 45.54 17.10 -10.27
CA CYS B 721 45.54 18.55 -10.08
C CYS B 721 44.15 19.07 -9.73
N LYS B 722 44.08 20.29 -9.20
CA LYS B 722 42.77 20.91 -9.07
C LYS B 722 42.66 22.08 -10.03
N VAL B 723 43.40 23.17 -9.77
CA VAL B 723 43.64 24.25 -10.72
C VAL B 723 45.11 24.61 -10.64
N ALA B 724 45.69 24.41 -9.46
CA ALA B 724 46.77 25.25 -8.99
C ALA B 724 48.12 24.78 -9.53
N ASP B 725 49.20 25.38 -9.02
CA ASP B 725 50.53 25.14 -9.56
C ASP B 725 51.11 23.82 -9.09
N GLU B 726 50.70 23.35 -7.92
CA GLU B 726 51.14 22.04 -7.44
C GLU B 726 50.47 20.96 -8.29
N ASP B 727 51.23 19.92 -8.64
CA ASP B 727 50.66 18.83 -9.42
C ASP B 727 49.73 18.01 -8.54
N PHE B 728 50.28 17.39 -7.50
CA PHE B 728 49.46 16.69 -6.51
C PHE B 728 48.85 17.75 -5.59
N ARG B 729 47.53 17.86 -5.68
CA ARG B 729 46.83 18.86 -4.90
C ARG B 729 46.09 18.22 -3.73
N LEU B 730 45.51 17.05 -3.94
CA LEU B 730 44.51 16.52 -3.03
C LEU B 730 44.26 15.06 -3.36
N CYS B 731 43.73 14.32 -2.39
CA CYS B 731 43.41 12.93 -2.62
C CYS B 731 42.04 12.79 -3.25
N LEU B 732 41.80 11.69 -3.94
CA LEU B 732 40.65 11.62 -4.86
C LEU B 732 39.87 10.32 -4.71
N ARG B 733 38.83 10.20 -5.55
CA ARG B 733 37.90 9.08 -5.58
C ARG B 733 37.11 9.14 -6.88
N ILE B 734 37.12 8.04 -7.63
CA ILE B 734 36.66 8.04 -9.01
C ILE B 734 35.30 7.35 -9.09
N ASN B 735 34.36 7.95 -9.83
CA ASN B 735 33.06 7.32 -10.08
C ASN B 735 32.70 7.25 -11.56
N GLU B 736 31.48 6.81 -11.87
CA GLU B 736 31.09 6.47 -13.24
C GLU B 736 29.71 6.95 -13.65
N VAL B 737 29.41 8.24 -13.51
CA VAL B 737 28.07 8.81 -13.71
C VAL B 737 27.59 8.67 -15.17
N LYS B 738 26.31 8.96 -15.44
CA LYS B 738 25.54 8.39 -16.55
C LYS B 738 24.68 9.42 -17.30
N TRP B 739 23.57 8.95 -17.89
CA TRP B 739 22.82 9.48 -19.03
C TRP B 739 22.08 10.79 -18.83
N THR B 740 20.96 10.92 -19.58
CA THR B 740 20.25 12.10 -20.08
C THR B 740 20.11 13.28 -19.13
N GLU B 741 19.80 14.46 -19.72
CA GLU B 741 20.32 15.79 -19.39
C GLU B 741 21.80 15.87 -19.74
N TRP B 742 22.07 15.86 -21.05
CA TRP B 742 23.40 16.18 -21.54
C TRP B 742 23.69 17.66 -21.37
N LYS B 743 24.97 18.00 -21.47
CA LYS B 743 25.42 19.37 -21.60
C LYS B 743 26.76 19.37 -22.30
N THR B 744 27.05 20.43 -23.04
CA THR B 744 28.36 20.55 -23.66
C THR B 744 29.37 20.92 -22.59
N HIS B 745 30.22 19.97 -22.23
CA HIS B 745 31.02 20.02 -21.02
C HIS B 745 32.22 20.93 -21.21
N VAL B 746 32.48 21.77 -20.21
CA VAL B 746 33.79 22.41 -20.08
C VAL B 746 34.33 22.11 -18.69
N SER B 747 34.99 20.96 -18.54
CA SER B 747 35.47 20.59 -17.22
C SER B 747 36.97 20.39 -17.07
N PHE B 748 37.57 19.45 -17.78
CA PHE B 748 38.87 18.91 -17.37
C PHE B 748 39.60 18.31 -18.57
N LEU B 749 40.61 17.49 -18.27
CA LEU B 749 41.38 16.73 -19.26
C LEU B 749 40.45 15.88 -20.11
N ASN B 750 40.38 16.20 -21.40
CA ASN B 750 39.34 15.65 -22.24
C ASN B 750 39.80 14.38 -22.92
N GLU B 751 39.64 13.26 -22.24
CA GLU B 751 40.26 11.98 -22.59
C GLU B 751 39.43 10.82 -22.06
N ASP B 752 40.04 9.66 -21.98
CA ASP B 752 39.61 8.54 -21.15
C ASP B 752 40.75 8.39 -20.15
N PRO B 753 40.57 7.69 -18.95
CA PRO B 753 41.40 8.01 -17.76
C PRO B 753 42.92 7.89 -17.88
N GLY B 754 43.41 7.05 -18.78
CA GLY B 754 44.83 7.06 -19.06
C GLY B 754 45.52 5.79 -18.63
N PRO B 755 46.68 5.50 -19.24
CA PRO B 755 47.50 4.32 -18.93
C PRO B 755 48.04 4.32 -17.50
N LYS C 115 -67.36 28.93 -1.94
CA LYS C 115 -67.07 30.36 -1.87
C LYS C 115 -66.95 30.89 -3.30
N LYS C 116 -66.88 29.96 -4.26
CA LYS C 116 -66.68 30.22 -5.68
C LYS C 116 -65.38 31.00 -5.90
N LYS C 117 -64.29 30.30 -5.59
CA LYS C 117 -62.94 30.86 -5.57
C LYS C 117 -62.25 30.77 -6.94
N ARG C 118 -62.98 31.25 -7.96
CA ARG C 118 -62.44 31.28 -9.30
C ARG C 118 -61.43 32.41 -9.49
N LEU C 119 -61.34 33.32 -8.52
CA LEU C 119 -60.36 34.41 -8.59
C LEU C 119 -59.04 33.98 -7.95
N LYS C 120 -59.10 33.26 -6.85
CA LYS C 120 -57.90 32.94 -6.07
C LYS C 120 -57.03 31.92 -6.79
N LYS C 121 -57.64 30.81 -7.22
CA LYS C 121 -56.87 29.74 -7.83
C LYS C 121 -56.38 30.13 -9.22
N ARG C 122 -57.09 31.06 -9.86
CA ARG C 122 -56.67 31.56 -11.17
C ARG C 122 -55.38 32.37 -11.04
N ILE C 123 -55.23 33.11 -9.94
CA ILE C 123 -54.02 33.89 -9.74
C ILE C 123 -52.83 32.99 -9.41
N PHE C 124 -53.03 32.03 -8.49
CA PHE C 124 -51.94 31.19 -8.01
C PHE C 124 -51.37 30.30 -9.12
N ALA C 125 -52.21 29.94 -10.09
CA ALA C 125 -51.70 29.28 -11.28
C ALA C 125 -50.88 30.26 -12.12
N ALA C 126 -51.42 31.46 -12.33
CA ALA C 126 -50.74 32.45 -13.16
C ALA C 126 -49.50 32.99 -12.47
N VAL C 127 -49.48 32.94 -11.14
CA VAL C 127 -48.25 33.23 -10.40
C VAL C 127 -47.24 32.11 -10.61
N SER C 128 -47.70 30.86 -10.57
CA SER C 128 -46.80 29.73 -10.77
C SER C 128 -46.29 29.67 -12.20
N GLU C 129 -47.07 30.19 -13.15
CA GLU C 129 -46.56 30.35 -14.50
C GLU C 129 -45.52 31.45 -14.56
N GLY C 130 -45.64 32.44 -13.68
CA GLY C 130 -44.83 33.64 -13.75
C GLY C 130 -45.27 34.62 -14.81
N CYS C 131 -46.39 34.37 -15.48
CA CYS C 131 -46.83 35.21 -16.58
C CYS C 131 -47.27 36.58 -16.07
N VAL C 132 -46.80 37.62 -16.75
CA VAL C 132 -47.05 38.99 -16.34
C VAL C 132 -48.37 39.51 -16.91
N GLU C 133 -48.56 39.36 -18.22
CA GLU C 133 -49.68 39.99 -18.90
C GLU C 133 -51.00 39.35 -18.49
N GLU C 134 -50.99 38.06 -18.19
CA GLU C 134 -52.20 37.43 -17.68
C GLU C 134 -52.48 37.87 -16.25
N LEU C 135 -51.43 38.18 -15.49
CA LEU C 135 -51.63 38.60 -14.11
C LEU C 135 -52.14 40.03 -14.03
N ARG C 136 -51.73 40.90 -14.97
CA ARG C 136 -52.18 42.28 -14.96
C ARG C 136 -53.67 42.37 -15.23
N GLU C 137 -54.19 41.42 -16.02
CA GLU C 137 -55.64 41.29 -16.17
C GLU C 137 -56.29 40.84 -14.87
N LEU C 138 -55.60 40.00 -14.10
CA LEU C 138 -56.17 39.52 -12.84
C LEU C 138 -56.17 40.60 -11.77
N LEU C 139 -55.34 41.62 -11.92
CA LEU C 139 -55.29 42.69 -10.94
C LEU C 139 -56.46 43.63 -11.07
N GLN C 140 -56.78 44.10 -12.28
CA GLN C 140 -57.83 45.09 -12.47
C GLN C 140 -59.20 44.47 -12.21
N ASP C 141 -59.34 43.17 -12.45
CA ASP C 141 -60.57 42.49 -12.05
C ASP C 141 -60.66 42.41 -10.54
N LEU C 142 -59.52 42.30 -9.86
CA LEU C 142 -59.53 42.28 -8.40
C LEU C 142 -59.70 43.68 -7.83
N GLN C 143 -59.19 44.69 -8.54
CA GLN C 143 -59.44 46.08 -8.15
C GLN C 143 -60.91 46.41 -8.25
N ASP C 144 -61.58 45.91 -9.29
CA ASP C 144 -63.03 46.05 -9.37
C ASP C 144 -63.72 45.18 -8.32
N LEU C 145 -63.09 44.07 -7.94
CA LEU C 145 -63.68 43.22 -6.91
C LEU C 145 -63.48 43.84 -5.54
N CYS C 146 -62.44 44.65 -5.36
CA CYS C 146 -62.33 45.47 -4.17
C CYS C 146 -63.36 46.59 -4.16
N ARG C 147 -63.77 47.04 -5.34
CA ARG C 147 -64.76 48.11 -5.44
C ARG C 147 -66.16 47.65 -5.03
N ARG C 148 -66.47 46.36 -5.20
CA ARG C 148 -67.83 45.88 -5.00
C ARG C 148 -68.24 45.86 -3.54
N ARG C 149 -67.29 45.78 -2.61
CA ARG C 149 -67.62 45.86 -1.20
C ARG C 149 -66.50 46.57 -0.47
N ARG C 150 -66.89 47.52 0.39
CA ARG C 150 -65.94 48.36 1.09
C ARG C 150 -66.28 48.52 2.56
N GLY C 151 -66.51 47.41 3.27
CA GLY C 151 -66.64 47.47 4.70
C GLY C 151 -65.34 47.17 5.42
N LEU C 152 -64.52 46.32 4.79
CA LEU C 152 -63.22 45.88 5.30
C LEU C 152 -62.10 46.09 4.28
N ASP C 153 -61.99 47.31 3.75
CA ASP C 153 -61.69 47.63 2.35
C ASP C 153 -60.60 46.81 1.69
N VAL C 154 -59.35 47.06 2.05
CA VAL C 154 -58.23 46.27 1.55
C VAL C 154 -57.86 45.02 2.36
N PRO C 155 -57.66 45.05 3.74
CA PRO C 155 -56.89 43.97 4.36
C PRO C 155 -57.61 42.63 4.41
N ASP C 156 -58.82 42.62 4.95
CA ASP C 156 -59.47 41.35 5.24
C ASP C 156 -60.13 40.73 4.03
N PHE C 157 -60.15 41.42 2.89
CA PHE C 157 -60.62 40.81 1.65
C PHE C 157 -59.47 40.26 0.82
N LEU C 158 -58.37 41.01 0.71
CA LEU C 158 -57.24 40.54 -0.08
C LEU C 158 -56.49 39.42 0.59
N MET C 159 -56.46 39.38 1.93
CA MET C 159 -55.78 38.29 2.62
C MET C 159 -56.64 37.04 2.65
N HIS C 160 -57.92 37.17 2.29
CA HIS C 160 -58.70 35.98 2.00
C HIS C 160 -58.49 35.54 0.56
N LYS C 161 -57.99 36.43 -0.30
CA LYS C 161 -57.74 36.09 -1.69
C LYS C 161 -56.28 35.76 -1.97
N LEU C 162 -55.33 36.38 -1.26
CA LEU C 162 -53.93 36.14 -1.57
C LEU C 162 -53.30 35.04 -0.73
N THR C 163 -54.01 34.53 0.28
CA THR C 163 -53.47 33.55 1.20
C THR C 163 -54.35 32.31 1.16
N ALA C 164 -53.73 31.13 1.04
CA ALA C 164 -54.46 29.89 1.10
C ALA C 164 -55.04 29.68 2.49
N SER C 165 -56.12 28.91 2.55
CA SER C 165 -56.86 28.78 3.80
C SER C 165 -56.15 27.86 4.78
N ASP C 166 -55.88 26.62 4.38
CA ASP C 166 -55.35 25.61 5.29
C ASP C 166 -53.87 25.81 5.59
N THR C 167 -53.04 25.90 4.55
CA THR C 167 -51.60 25.99 4.78
C THR C 167 -51.19 27.37 5.24
N GLY C 168 -51.95 28.39 4.85
CA GLY C 168 -51.50 29.75 5.05
C GLY C 168 -50.48 30.21 4.05
N LYS C 169 -50.29 29.48 2.96
CA LYS C 169 -49.32 29.84 1.93
C LYS C 169 -49.83 31.04 1.16
N THR C 170 -49.03 32.09 1.12
CA THR C 170 -49.48 33.33 0.50
C THR C 170 -49.15 33.34 -0.99
N CYS C 171 -49.56 34.43 -1.64
CA CYS C 171 -49.30 34.58 -3.05
C CYS C 171 -47.83 34.86 -3.32
N LEU C 172 -47.18 35.56 -2.40
CA LEU C 172 -45.79 35.92 -2.62
C LEU C 172 -44.88 34.71 -2.42
N MET C 173 -45.22 33.86 -1.44
CA MET C 173 -44.44 32.64 -1.26
C MET C 173 -44.66 31.67 -2.41
N LYS C 174 -45.85 31.67 -3.00
CA LYS C 174 -46.08 30.91 -4.22
C LYS C 174 -45.24 31.46 -5.37
N ALA C 175 -44.98 32.77 -5.35
CA ALA C 175 -44.12 33.36 -6.38
C ALA C 175 -42.67 32.98 -6.17
N LEU C 176 -42.31 32.47 -5.00
CA LEU C 176 -40.94 32.14 -4.71
C LEU C 176 -40.68 30.65 -4.59
N LEU C 177 -41.73 29.83 -4.49
CA LEU C 177 -41.52 28.39 -4.58
C LEU C 177 -41.19 28.04 -6.02
N ASN C 178 -42.14 28.28 -6.92
CA ASN C 178 -41.84 28.20 -8.33
C ASN C 178 -41.02 29.42 -8.71
N ILE C 179 -40.11 29.25 -9.66
CA ILE C 179 -39.29 30.36 -10.11
C ILE C 179 -38.91 30.18 -11.57
N ASN C 180 -39.14 31.22 -12.36
CA ASN C 180 -38.80 31.33 -13.76
C ASN C 180 -38.17 32.71 -13.95
N PRO C 181 -37.55 33.01 -15.12
CA PRO C 181 -36.96 34.35 -15.27
C PRO C 181 -37.90 35.55 -15.29
N ASN C 182 -39.19 35.36 -15.05
CA ASN C 182 -40.12 36.46 -14.87
C ASN C 182 -40.37 36.77 -13.40
N THR C 183 -39.64 36.10 -12.50
CA THR C 183 -39.86 36.32 -11.08
C THR C 183 -39.24 37.62 -10.59
N LYS C 184 -38.22 38.13 -11.30
CA LYS C 184 -37.65 39.41 -10.95
C LYS C 184 -38.63 40.55 -11.17
N GLU C 185 -39.60 40.36 -12.07
CA GLU C 185 -40.67 41.32 -12.27
C GLU C 185 -41.90 40.99 -11.45
N ILE C 186 -42.23 39.71 -11.27
CA ILE C 186 -43.52 39.35 -10.68
C ILE C 186 -43.50 39.53 -9.18
N VAL C 187 -42.31 39.62 -8.56
CA VAL C 187 -42.24 40.03 -7.16
C VAL C 187 -42.55 41.51 -7.03
N ARG C 188 -42.04 42.30 -7.97
CA ARG C 188 -42.27 43.75 -7.97
C ARG C 188 -43.75 44.08 -8.14
N ILE C 189 -44.42 43.33 -9.01
CA ILE C 189 -45.84 43.57 -9.25
C ILE C 189 -46.65 43.16 -8.03
N LEU C 190 -46.32 42.03 -7.41
CA LEU C 190 -47.02 41.62 -6.20
C LEU C 190 -46.63 42.48 -5.00
N LEU C 191 -45.48 43.15 -5.07
CA LEU C 191 -45.20 44.15 -4.05
C LEU C 191 -45.94 45.44 -4.32
N ALA C 192 -45.92 45.90 -5.58
CA ALA C 192 -46.60 47.15 -5.92
C ALA C 192 -48.12 47.01 -5.76
N PHE C 193 -48.65 45.80 -5.95
CA PHE C 193 -50.06 45.58 -5.66
C PHE C 193 -50.36 45.71 -4.18
N ALA C 194 -49.46 45.24 -3.32
CA ALA C 194 -49.63 45.49 -1.89
C ALA C 194 -49.30 46.92 -1.51
N GLU C 195 -48.42 47.58 -2.27
CA GLU C 195 -48.14 49.00 -2.06
C GLU C 195 -49.27 49.90 -2.49
N GLU C 196 -49.91 49.60 -3.62
CA GLU C 196 -51.08 50.39 -4.05
C GLU C 196 -52.29 50.14 -3.16
N ASN C 197 -52.30 49.04 -2.42
CA ASN C 197 -53.41 48.72 -1.55
C ASN C 197 -53.05 48.81 -0.07
N ASP C 198 -51.80 49.20 0.24
CA ASP C 198 -51.37 49.60 1.58
C ASP C 198 -51.51 48.46 2.60
N ILE C 199 -51.23 47.23 2.14
CA ILE C 199 -51.30 46.05 2.97
C ILE C 199 -49.97 45.33 3.05
N LEU C 200 -48.87 46.02 2.72
CA LEU C 200 -47.61 45.33 2.43
C LEU C 200 -46.99 44.71 3.68
N ASP C 201 -47.20 45.34 4.84
CA ASP C 201 -46.54 44.90 6.05
C ASP C 201 -47.05 43.55 6.53
N ARG C 202 -48.36 43.34 6.45
CA ARG C 202 -48.91 42.02 6.71
C ARG C 202 -48.81 41.10 5.50
N PHE C 203 -48.36 41.62 4.36
CA PHE C 203 -48.18 40.80 3.18
C PHE C 203 -46.73 40.35 3.03
N ILE C 204 -45.78 41.23 3.33
CA ILE C 204 -44.38 40.85 3.23
C ILE C 204 -43.97 39.99 4.41
N ASN C 205 -44.76 39.99 5.50
CA ASN C 205 -44.37 39.30 6.73
C ASN C 205 -45.40 38.27 7.14
N ALA C 206 -46.05 37.62 6.18
CA ALA C 206 -47.02 36.61 6.53
C ALA C 206 -46.37 35.24 6.60
N GLU C 207 -46.95 34.37 7.42
CA GLU C 207 -46.33 33.10 7.75
C GLU C 207 -47.32 31.97 7.46
N TYR C 208 -46.81 30.75 7.44
CA TYR C 208 -47.67 29.59 7.39
C TYR C 208 -48.44 29.45 8.68
N THR C 209 -49.76 29.29 8.56
CA THR C 209 -50.57 28.84 9.69
C THR C 209 -50.47 27.32 9.84
N GLU C 210 -49.89 26.65 8.85
CA GLU C 210 -49.74 25.22 8.88
C GLU C 210 -48.76 24.82 9.98
N GLU C 211 -49.04 23.68 10.62
CA GLU C 211 -48.27 23.27 11.79
C GLU C 211 -46.87 22.83 11.41
N ALA C 212 -46.67 22.40 10.16
CA ALA C 212 -45.37 21.91 9.75
C ALA C 212 -44.38 23.01 9.39
N TYR C 213 -44.83 24.24 9.23
CA TYR C 213 -43.98 25.29 8.70
C TYR C 213 -44.16 26.59 9.46
N GLU C 214 -44.24 26.52 10.78
CA GLU C 214 -44.74 27.64 11.58
C GLU C 214 -43.73 28.79 11.57
N GLY C 215 -43.89 29.70 10.62
CA GLY C 215 -43.01 30.84 10.50
C GLY C 215 -42.10 30.81 9.30
N GLN C 216 -42.38 29.96 8.32
CA GLN C 216 -41.65 29.97 7.06
C GLN C 216 -42.15 31.19 6.28
N THR C 217 -41.41 32.29 6.36
CA THR C 217 -41.85 33.55 5.77
C THR C 217 -41.39 33.64 4.32
N ALA C 218 -41.81 34.70 3.65
CA ALA C 218 -41.40 34.93 2.28
C ALA C 218 -39.95 35.33 2.16
N LEU C 219 -39.36 35.89 3.20
CA LEU C 219 -37.93 36.19 3.18
C LEU C 219 -37.07 34.94 3.29
N ASN C 220 -37.47 34.00 4.17
CA ASN C 220 -36.78 32.72 4.27
C ASN C 220 -36.81 31.96 2.97
N ILE C 221 -37.97 31.90 2.33
CA ILE C 221 -38.11 31.15 1.09
C ILE C 221 -37.46 31.86 -0.09
N ALA C 222 -37.12 33.14 0.05
CA ALA C 222 -36.36 33.82 -0.99
C ALA C 222 -34.88 33.62 -0.79
N ILE C 223 -34.43 33.57 0.46
CA ILE C 223 -33.07 33.19 0.77
C ILE C 223 -32.85 31.72 0.44
N GLU C 224 -33.90 30.90 0.64
CA GLU C 224 -33.84 29.48 0.33
C GLU C 224 -33.56 29.23 -1.14
N ARG C 225 -34.20 30.00 -2.02
CA ARG C 225 -33.93 29.86 -3.44
C ARG C 225 -32.73 30.67 -3.90
N ARG C 226 -31.95 31.20 -2.95
CA ARG C 226 -30.64 31.80 -3.18
C ARG C 226 -30.69 32.99 -4.11
N GLN C 227 -31.80 33.73 -4.09
CA GLN C 227 -31.98 34.88 -4.98
C GLN C 227 -31.53 36.12 -4.24
N GLY C 228 -30.29 36.54 -4.53
CA GLY C 228 -29.75 37.71 -3.86
C GLY C 228 -30.35 39.03 -4.28
N ASP C 229 -30.68 39.16 -5.57
CA ASP C 229 -31.26 40.42 -6.05
C ASP C 229 -32.69 40.60 -5.55
N ILE C 230 -33.46 39.51 -5.50
CA ILE C 230 -34.83 39.57 -5.05
C ILE C 230 -34.89 39.80 -3.55
N THR C 231 -33.88 39.31 -2.82
CA THR C 231 -33.85 39.44 -1.36
C THR C 231 -33.71 40.88 -0.92
N ALA C 232 -32.84 41.65 -1.59
CA ALA C 232 -32.62 43.04 -1.22
C ALA C 232 -33.86 43.89 -1.48
N VAL C 233 -34.67 43.47 -2.46
CA VAL C 233 -35.93 44.16 -2.72
C VAL C 233 -36.89 43.95 -1.57
N LEU C 234 -36.94 42.74 -1.02
CA LEU C 234 -37.91 42.41 0.03
C LEU C 234 -37.52 43.10 1.33
N ILE C 235 -36.23 43.19 1.60
CA ILE C 235 -35.77 43.94 2.76
C ILE C 235 -36.05 45.42 2.58
N ALA C 236 -35.87 45.93 1.35
CA ALA C 236 -36.22 47.31 1.07
C ALA C 236 -37.73 47.51 1.08
N ALA C 237 -38.49 46.44 0.84
CA ALA C 237 -39.94 46.49 1.00
C ALA C 237 -40.36 46.28 2.45
N GLY C 238 -39.42 46.02 3.35
CA GLY C 238 -39.72 45.92 4.76
C GLY C 238 -40.00 44.53 5.28
N ALA C 239 -39.33 43.51 4.74
CA ALA C 239 -39.53 42.15 5.24
C ALA C 239 -38.92 42.00 6.61
N ASP C 240 -39.53 41.15 7.43
CA ASP C 240 -39.01 40.91 8.76
C ASP C 240 -37.77 40.02 8.68
N VAL C 241 -36.62 40.60 9.02
CA VAL C 241 -35.35 39.90 8.95
C VAL C 241 -35.10 39.06 10.18
N ASN C 242 -35.84 39.28 11.26
CA ASN C 242 -35.65 38.55 12.49
C ASN C 242 -36.73 37.49 12.70
N ALA C 243 -37.12 36.82 11.62
CA ALA C 243 -38.22 35.86 11.68
C ALA C 243 -37.79 34.58 12.38
N HIS C 244 -38.75 33.71 12.64
CA HIS C 244 -38.48 32.40 13.22
C HIS C 244 -39.44 31.39 12.63
N ALA C 245 -38.88 30.28 12.14
CA ALA C 245 -39.66 29.22 11.53
C ALA C 245 -39.67 28.02 12.47
N LYS C 246 -40.74 27.88 13.25
CA LYS C 246 -40.80 26.89 14.31
C LYS C 246 -41.50 25.61 13.89
N GLY C 247 -41.40 25.22 12.63
CA GLY C 247 -42.19 24.10 12.15
C GLY C 247 -41.61 22.77 12.58
N VAL C 248 -42.17 21.70 12.00
CA VAL C 248 -41.77 20.35 12.34
C VAL C 248 -40.58 19.90 11.49
N PHE C 249 -39.92 20.83 10.81
CA PHE C 249 -38.66 20.45 10.19
C PHE C 249 -37.49 20.39 11.15
N PHE C 250 -37.71 20.47 12.47
CA PHE C 250 -36.61 20.31 13.41
C PHE C 250 -36.17 18.87 13.51
N ASN C 251 -37.12 17.94 13.71
CA ASN C 251 -36.97 16.51 13.48
C ASN C 251 -35.85 15.82 14.25
N PRO C 252 -36.09 15.40 15.49
CA PRO C 252 -35.17 14.45 16.15
C PRO C 252 -34.80 13.25 15.29
N LYS C 253 -35.73 12.73 14.50
CA LYS C 253 -35.39 11.84 13.38
C LYS C 253 -34.85 12.70 12.25
N TYR C 254 -33.55 12.99 12.33
CA TYR C 254 -32.95 14.10 11.59
C TYR C 254 -32.80 13.88 10.09
N GLN C 255 -32.34 12.68 9.70
CA GLN C 255 -31.87 12.44 8.34
C GLN C 255 -32.95 12.61 7.30
N HIS C 256 -34.22 12.46 7.65
CA HIS C 256 -35.31 12.77 6.75
C HIS C 256 -36.02 14.02 7.25
N GLU C 257 -36.58 14.77 6.29
CA GLU C 257 -37.37 15.99 6.41
C GLU C 257 -36.85 17.03 7.39
N GLY C 258 -35.54 17.07 7.63
CA GLY C 258 -35.03 17.87 8.70
C GLY C 258 -34.54 19.24 8.26
N PHE C 259 -33.21 19.36 8.20
CA PHE C 259 -32.48 20.59 7.95
C PHE C 259 -32.79 21.65 9.01
N TYR C 260 -32.33 21.34 10.22
CA TYR C 260 -32.27 22.35 11.28
C TYR C 260 -31.23 23.37 10.90
N PHE C 261 -31.56 24.65 11.02
CA PHE C 261 -30.62 25.70 10.68
C PHE C 261 -30.76 26.87 11.64
N GLY C 262 -31.53 26.68 12.71
CA GLY C 262 -31.67 27.72 13.69
C GLY C 262 -32.74 28.75 13.38
N GLU C 263 -33.51 28.49 12.32
CA GLU C 263 -34.81 29.09 11.99
C GLU C 263 -34.80 30.59 11.72
N THR C 264 -33.67 31.26 11.83
CA THR C 264 -33.71 32.68 11.53
C THR C 264 -33.31 32.91 10.10
N PRO C 265 -33.78 34.01 9.48
CA PRO C 265 -33.33 34.32 8.11
C PRO C 265 -31.88 34.65 8.01
N LEU C 266 -31.26 35.14 9.08
CA LEU C 266 -29.83 35.42 9.04
C LEU C 266 -29.03 34.12 9.00
N ALA C 267 -29.43 33.13 9.80
CA ALA C 267 -28.69 31.89 9.83
C ALA C 267 -28.91 31.06 8.58
N LEU C 268 -30.06 31.23 7.91
CA LEU C 268 -30.34 30.43 6.73
C LEU C 268 -29.43 30.79 5.57
N ALA C 269 -29.18 32.07 5.36
CA ALA C 269 -28.14 32.46 4.42
C ALA C 269 -26.77 32.07 4.93
N ALA C 270 -26.59 32.05 6.25
CA ALA C 270 -25.33 31.61 6.82
C ALA C 270 -25.17 30.11 6.72
N CYS C 271 -26.27 29.37 6.68
CA CYS C 271 -26.16 27.92 6.63
C CYS C 271 -25.97 27.43 5.21
N THR C 272 -26.54 28.11 4.22
CA THR C 272 -26.60 27.58 2.88
C THR C 272 -25.63 28.27 1.92
N ASN C 273 -24.46 28.68 2.41
CA ASN C 273 -23.38 29.29 1.62
C ASN C 273 -23.84 30.52 0.87
N GLN C 274 -24.44 31.45 1.56
CA GLN C 274 -24.88 32.66 0.90
C GLN C 274 -24.15 33.82 1.55
N PRO C 275 -22.88 34.06 1.20
CA PRO C 275 -22.11 35.07 1.92
C PRO C 275 -22.55 36.49 1.63
N GLU C 276 -23.08 36.74 0.43
CA GLU C 276 -23.48 38.08 0.05
C GLU C 276 -24.77 38.47 0.76
N ILE C 277 -25.65 37.50 1.01
CA ILE C 277 -26.89 37.79 1.72
C ILE C 277 -26.61 38.00 3.20
N VAL C 278 -25.67 37.25 3.76
CA VAL C 278 -25.20 37.52 5.11
C VAL C 278 -24.52 38.88 5.16
N GLN C 279 -23.76 39.21 4.11
CA GLN C 279 -23.21 40.55 3.96
C GLN C 279 -24.31 41.58 3.79
N LEU C 280 -25.44 41.17 3.21
CA LEU C 280 -26.59 42.06 3.13
C LEU C 280 -27.33 42.16 4.46
N LEU C 281 -27.65 41.03 5.08
CA LEU C 281 -28.48 41.02 6.27
C LEU C 281 -27.80 41.60 7.50
N MET C 282 -26.50 41.39 7.68
CA MET C 282 -25.83 41.92 8.84
C MET C 282 -25.56 43.41 8.73
N GLU C 283 -25.68 43.99 7.54
CA GLU C 283 -25.60 45.44 7.40
C GLU C 283 -26.94 46.10 7.70
N ASN C 284 -28.03 45.35 7.70
CA ASN C 284 -29.29 45.86 8.21
C ASN C 284 -29.17 46.04 9.71
N GLU C 285 -29.47 47.25 10.18
CA GLU C 285 -29.34 47.54 11.60
C GLU C 285 -30.45 46.90 12.43
N GLN C 286 -31.55 46.51 11.80
CA GLN C 286 -32.64 45.89 12.53
C GLN C 286 -32.42 44.39 12.73
N THR C 287 -31.36 43.83 12.15
CA THR C 287 -31.10 42.40 12.26
C THR C 287 -30.58 42.08 13.65
N ASP C 288 -31.31 41.22 14.37
CA ASP C 288 -30.90 40.81 15.71
C ASP C 288 -29.92 39.66 15.56
N ILE C 289 -28.64 39.98 15.61
CA ILE C 289 -27.61 38.97 15.42
C ILE C 289 -27.46 38.11 16.67
N THR C 290 -27.78 38.70 17.82
CA THR C 290 -27.69 38.05 19.12
C THR C 290 -28.94 37.21 19.41
N SER C 291 -29.85 37.08 18.46
CA SER C 291 -31.14 36.45 18.69
C SER C 291 -31.00 34.94 18.90
N GLN C 292 -32.01 34.36 19.54
CA GLN C 292 -31.98 32.97 19.92
C GLN C 292 -33.02 32.15 19.15
N ASP C 293 -33.15 30.89 19.54
CA ASP C 293 -33.98 29.89 18.88
C ASP C 293 -34.95 29.30 19.91
N SER C 294 -35.89 28.49 19.42
CA SER C 294 -36.71 27.66 20.28
C SER C 294 -35.85 26.69 21.09
N ARG C 295 -34.75 26.22 20.50
CA ARG C 295 -33.76 25.47 21.27
C ARG C 295 -32.82 26.36 22.05
N GLY C 296 -33.01 27.68 22.01
CA GLY C 296 -32.10 28.60 22.65
C GLY C 296 -30.86 28.90 21.84
N ASN C 297 -30.75 28.38 20.63
CA ASN C 297 -29.55 28.53 19.83
C ASN C 297 -29.41 29.92 19.26
N ASN C 298 -28.22 30.49 19.38
CA ASN C 298 -27.89 31.67 18.59
C ASN C 298 -27.37 31.22 17.24
N ILE C 299 -26.84 32.15 16.45
CA ILE C 299 -26.44 31.80 15.10
C ILE C 299 -25.17 30.95 15.08
N LEU C 300 -24.25 31.15 16.01
CA LEU C 300 -23.06 30.33 16.02
C LEU C 300 -23.33 28.92 16.50
N HIS C 301 -24.39 28.71 17.28
CA HIS C 301 -24.88 27.36 17.51
C HIS C 301 -25.39 26.74 16.22
N ALA C 302 -26.04 27.54 15.38
CA ALA C 302 -26.63 27.01 14.17
C ALA C 302 -25.58 26.57 13.16
N LEU C 303 -24.48 27.33 13.05
CA LEU C 303 -23.41 26.91 12.16
C LEU C 303 -22.71 25.67 12.68
N VAL C 304 -22.59 25.55 14.00
CA VAL C 304 -22.02 24.38 14.61
C VAL C 304 -22.86 23.14 14.35
N THR C 305 -24.17 23.26 14.48
CA THR C 305 -25.02 22.10 14.27
C THR C 305 -25.18 21.72 12.82
N VAL C 306 -24.53 22.37 11.86
CA VAL C 306 -24.65 21.98 10.47
C VAL C 306 -23.31 21.51 9.94
N ALA C 307 -22.23 22.21 10.34
CA ALA C 307 -20.92 22.10 9.72
C ALA C 307 -20.32 20.70 9.81
N GLU C 308 -20.28 20.00 8.70
CA GLU C 308 -19.91 18.59 8.73
C GLU C 308 -18.42 18.40 8.90
N ASP C 309 -18.07 17.19 9.35
CA ASP C 309 -16.67 16.77 9.46
C ASP C 309 -16.22 16.14 8.14
N PHE C 310 -16.50 16.87 7.07
CA PHE C 310 -15.90 16.63 5.77
C PHE C 310 -14.83 17.68 5.59
N LYS C 311 -13.70 17.29 5.04
CA LYS C 311 -12.62 18.25 4.88
C LYS C 311 -12.87 19.09 3.65
N THR C 312 -12.74 20.42 3.83
CA THR C 312 -12.76 21.48 2.81
C THR C 312 -13.81 21.30 1.71
N GLN C 313 -15.11 21.23 2.04
CA GLN C 313 -16.15 21.20 0.99
C GLN C 313 -16.33 22.60 0.38
N ASN C 314 -15.26 23.06 -0.25
CA ASN C 314 -14.86 24.47 -0.36
C ASN C 314 -15.24 25.24 0.91
N ASP C 315 -14.79 24.70 2.05
CA ASP C 315 -15.51 24.74 3.32
C ASP C 315 -15.93 26.14 3.74
N PHE C 316 -17.24 26.36 3.75
CA PHE C 316 -17.72 27.72 3.79
C PHE C 316 -18.05 28.08 5.22
N VAL C 317 -18.41 27.09 6.04
CA VAL C 317 -18.96 27.37 7.36
C VAL C 317 -17.90 27.95 8.27
N LYS C 318 -16.71 27.34 8.28
CA LYS C 318 -15.59 27.90 9.02
C LYS C 318 -15.19 29.25 8.46
N ARG C 319 -15.29 29.43 7.14
CA ARG C 319 -15.09 30.73 6.54
C ARG C 319 -16.19 31.71 6.94
N MET C 320 -17.38 31.22 7.27
CA MET C 320 -18.49 32.10 7.56
C MET C 320 -18.76 32.24 9.05
N TYR C 321 -18.39 31.23 9.84
CA TYR C 321 -18.23 31.43 11.28
C TYR C 321 -17.19 32.49 11.55
N ASP C 322 -16.14 32.51 10.74
CA ASP C 322 -15.14 33.58 10.81
C ASP C 322 -15.77 34.91 10.45
N MET C 323 -16.71 34.90 9.50
CA MET C 323 -17.17 36.15 8.94
C MET C 323 -18.16 36.85 9.87
N ILE C 324 -18.94 36.09 10.64
CA ILE C 324 -19.97 36.68 11.49
C ILE C 324 -19.35 37.42 12.68
N LEU C 325 -18.38 36.79 13.36
CA LEU C 325 -17.72 37.45 14.48
C LEU C 325 -16.91 38.65 14.03
N LEU C 326 -16.32 38.58 12.85
CA LEU C 326 -15.55 39.72 12.38
C LEU C 326 -16.43 40.78 11.74
N ARG C 327 -17.65 40.43 11.32
CA ARG C 327 -18.58 41.47 10.87
C ARG C 327 -19.07 42.29 12.04
N SER C 328 -19.41 41.63 13.14
CA SER C 328 -19.99 42.32 14.28
C SER C 328 -19.86 41.42 15.50
N GLY C 329 -20.08 42.01 16.65
CA GLY C 329 -20.15 41.22 17.86
C GLY C 329 -19.03 41.52 18.82
N ASN C 330 -19.37 41.59 20.09
CA ASN C 330 -18.40 41.61 21.16
C ASN C 330 -18.12 40.15 21.53
N TRP C 331 -17.46 39.92 22.66
CA TRP C 331 -17.27 38.56 23.14
C TRP C 331 -18.58 37.94 23.63
N GLU C 332 -19.61 38.75 23.83
CA GLU C 332 -20.89 38.32 24.38
C GLU C 332 -21.79 37.64 23.35
N LEU C 333 -21.21 36.74 22.57
CA LEU C 333 -22.00 35.90 21.70
C LEU C 333 -21.68 34.42 21.87
N GLU C 334 -20.45 34.06 22.20
CA GLU C 334 -20.09 32.69 22.51
C GLU C 334 -20.25 32.37 23.98
N THR C 335 -20.56 33.36 24.81
CA THR C 335 -20.96 33.07 26.17
C THR C 335 -22.43 32.74 26.29
N MET C 336 -23.19 32.92 25.21
CA MET C 336 -24.61 32.62 25.23
C MET C 336 -24.84 31.12 25.16
N ARG C 337 -25.73 30.64 26.02
CA ARG C 337 -26.04 29.23 26.12
C ARG C 337 -27.40 28.93 25.50
N ASN C 338 -27.57 27.70 25.06
CA ASN C 338 -28.83 27.25 24.48
C ASN C 338 -29.76 26.75 25.59
N ASN C 339 -30.80 26.01 25.22
CA ASN C 339 -31.66 25.39 26.22
C ASN C 339 -31.11 24.04 26.68
N ASP C 340 -29.83 23.78 26.43
CA ASP C 340 -29.12 22.71 27.08
C ASP C 340 -28.06 23.33 27.98
N GLY C 341 -27.76 24.60 27.72
CA GLY C 341 -26.84 25.34 28.55
C GLY C 341 -25.42 25.28 28.05
N LEU C 342 -25.25 25.17 26.72
CA LEU C 342 -23.95 24.92 26.13
C LEU C 342 -23.47 26.12 25.35
N THR C 343 -22.21 26.50 25.56
CA THR C 343 -21.56 27.47 24.72
C THR C 343 -21.30 26.86 23.35
N PRO C 344 -21.15 27.66 22.29
CA PRO C 344 -20.88 27.08 20.97
C PRO C 344 -19.56 26.36 20.84
N LEU C 345 -18.59 26.68 21.68
CA LEU C 345 -17.42 25.82 21.78
C LEU C 345 -17.79 24.47 22.36
N GLN C 346 -18.60 24.45 23.41
CA GLN C 346 -19.06 23.19 23.97
C GLN C 346 -20.00 22.45 23.03
N LEU C 347 -20.81 23.17 22.28
CA LEU C 347 -21.72 22.52 21.35
C LEU C 347 -20.95 21.91 20.19
N ALA C 348 -19.84 22.55 19.80
CA ALA C 348 -18.99 21.98 18.76
C ALA C 348 -18.28 20.74 19.25
N ALA C 349 -18.07 20.65 20.55
CA ALA C 349 -17.43 19.47 21.09
C ALA C 349 -18.42 18.34 21.30
N LYS C 350 -19.61 18.67 21.81
CA LYS C 350 -20.61 17.64 22.07
C LYS C 350 -21.14 17.06 20.77
N MET C 351 -21.37 17.91 19.77
CA MET C 351 -21.72 17.39 18.46
C MET C 351 -20.53 16.79 17.74
N GLY C 352 -19.31 17.10 18.19
CA GLY C 352 -18.12 16.47 17.65
C GLY C 352 -17.68 16.99 16.31
N LYS C 353 -18.11 18.19 15.94
CA LYS C 353 -17.71 18.77 14.66
C LYS C 353 -16.28 19.25 14.82
N ALA C 354 -15.34 18.48 14.27
CA ALA C 354 -13.93 18.70 14.57
C ALA C 354 -13.39 19.93 13.85
N GLU C 355 -13.79 20.12 12.59
CA GLU C 355 -13.14 21.10 11.74
C GLU C 355 -13.49 22.52 12.17
N ILE C 356 -14.73 22.71 12.62
CA ILE C 356 -15.11 24.01 13.15
C ILE C 356 -14.46 24.24 14.51
N LEU C 357 -14.08 23.16 15.18
CA LEU C 357 -13.47 23.32 16.49
C LEU C 357 -11.96 23.52 16.36
N LYS C 358 -11.38 23.21 15.21
CA LYS C 358 -10.00 23.60 14.98
C LYS C 358 -9.89 25.09 14.75
N TYR C 359 -10.97 25.72 14.30
CA TYR C 359 -10.95 27.17 14.16
C TYR C 359 -11.16 27.89 15.47
N ILE C 360 -12.15 27.46 16.26
CA ILE C 360 -12.53 28.15 17.48
C ILE C 360 -11.39 28.15 18.49
N LEU C 361 -10.70 27.02 18.61
CA LEU C 361 -9.58 26.97 19.52
C LEU C 361 -8.34 27.65 18.99
N SER C 362 -8.18 27.77 17.67
CA SER C 362 -7.09 28.61 17.23
C SER C 362 -7.54 30.06 17.19
N ARG C 363 -8.31 30.42 16.15
CA ARG C 363 -8.82 31.76 15.87
C ARG C 363 -7.78 32.86 16.09
N GLU C 364 -6.73 32.92 15.28
CA GLU C 364 -5.81 34.04 15.38
C GLU C 364 -6.35 35.19 14.53
N ILE C 365 -6.31 36.39 15.09
CA ILE C 365 -6.85 37.58 14.42
C ILE C 365 -5.71 38.59 14.33
N LYS C 366 -5.26 38.86 13.11
CA LYS C 366 -4.16 39.79 12.92
C LYS C 366 -4.70 41.19 12.62
N GLU C 367 -5.46 41.75 13.55
CA GLU C 367 -5.97 43.11 13.39
C GLU C 367 -5.79 43.85 14.70
N LYS C 368 -6.09 45.13 14.69
CA LYS C 368 -6.21 45.82 15.96
C LYS C 368 -7.41 46.78 16.02
N PRO C 369 -8.63 46.41 15.55
CA PRO C 369 -9.79 46.84 16.34
C PRO C 369 -10.31 45.75 17.26
N LEU C 370 -10.09 44.49 16.87
CA LEU C 370 -10.88 43.40 17.42
C LEU C 370 -10.07 42.12 17.59
N ARG C 371 -8.77 42.25 17.87
CA ARG C 371 -8.02 41.05 18.21
C ARG C 371 -8.30 40.55 19.62
N SER C 372 -9.16 41.24 20.36
CA SER C 372 -9.65 40.73 21.64
C SER C 372 -10.52 39.50 21.45
N LEU C 373 -11.10 39.33 20.26
CA LEU C 373 -11.94 38.16 20.01
C LEU C 373 -11.12 36.91 19.75
N SER C 374 -9.81 37.07 19.59
CA SER C 374 -8.97 35.94 19.21
C SER C 374 -8.76 35.00 20.38
N ARG C 375 -8.60 33.72 20.07
CA ARG C 375 -8.34 32.68 21.05
C ARG C 375 -6.88 32.29 21.10
N LYS C 376 -6.16 32.41 19.98
CA LYS C 376 -4.71 32.24 19.93
C LYS C 376 -4.04 33.60 19.90
N PHE C 377 -2.98 33.74 20.68
CA PHE C 377 -2.20 34.96 20.67
C PHE C 377 -0.76 34.61 20.34
N THR C 378 0.12 35.55 20.63
CA THR C 378 1.55 35.35 20.47
C THR C 378 2.26 35.87 21.71
N ASP C 379 3.22 35.14 22.22
CA ASP C 379 4.01 35.74 23.30
C ASP C 379 4.99 36.70 22.64
N TRP C 380 5.75 36.17 21.71
CA TRP C 380 6.76 36.92 21.01
C TRP C 380 7.03 36.24 19.68
N ALA C 381 7.65 36.98 18.78
CA ALA C 381 8.00 36.40 17.50
C ALA C 381 9.39 36.87 17.14
N TYR C 382 10.27 35.92 16.84
CA TYR C 382 11.63 36.27 16.48
C TYR C 382 12.08 35.30 15.40
N GLY C 383 11.91 35.69 14.15
CA GLY C 383 12.24 34.84 13.04
C GLY C 383 11.39 33.58 13.02
N PRO C 384 11.98 32.46 12.63
CA PRO C 384 11.24 31.19 12.61
C PRO C 384 11.06 30.51 13.95
N VAL C 385 11.28 31.20 15.06
CA VAL C 385 10.90 30.66 16.36
C VAL C 385 9.90 31.61 16.97
N SER C 386 8.73 31.10 17.36
CA SER C 386 7.70 31.97 17.91
C SER C 386 6.88 31.22 18.95
N SER C 387 6.38 31.96 19.93
CA SER C 387 5.69 31.39 21.07
C SER C 387 4.22 31.77 21.02
N SER C 388 3.36 30.76 21.06
CA SER C 388 1.92 30.94 20.90
C SER C 388 1.20 30.80 22.23
N LEU C 389 0.15 31.59 22.41
CA LEU C 389 -0.61 31.68 23.65
C LEU C 389 -2.08 31.44 23.40
N TYR C 390 -2.70 30.59 24.22
CA TYR C 390 -4.09 30.18 24.02
C TYR C 390 -4.98 30.73 25.13
N ASP C 391 -6.14 31.29 24.73
CA ASP C 391 -6.97 32.03 25.67
C ASP C 391 -7.68 31.13 26.67
N LEU C 392 -8.07 29.92 26.24
CA LEU C 392 -8.20 28.74 27.11
C LEU C 392 -9.22 28.92 28.25
N THR C 393 -10.30 29.67 28.02
CA THR C 393 -11.19 29.99 29.13
C THR C 393 -12.01 28.78 29.56
N ASN C 394 -12.93 28.33 28.71
CA ASN C 394 -13.73 27.17 29.02
C ASN C 394 -13.07 25.85 28.63
N VAL C 395 -11.83 25.89 28.17
CA VAL C 395 -11.22 24.70 27.59
C VAL C 395 -10.78 23.73 28.67
N ASP C 396 -10.04 24.21 29.65
CA ASP C 396 -9.45 23.38 30.68
C ASP C 396 -10.51 22.89 31.66
N THR C 397 -10.24 21.75 32.28
CA THR C 397 -11.12 21.19 33.31
C THR C 397 -10.96 21.99 34.60
N THR C 398 -11.55 23.17 34.61
CA THR C 398 -11.60 23.99 35.81
C THR C 398 -12.98 24.56 36.09
N THR C 399 -13.90 24.47 35.14
CA THR C 399 -15.28 24.89 35.32
C THR C 399 -16.18 23.67 35.17
N ASP C 400 -17.48 23.89 35.36
CA ASP C 400 -18.43 22.82 35.18
C ASP C 400 -18.65 22.56 33.70
N ASN C 401 -18.55 21.28 33.32
CA ASN C 401 -18.77 20.78 31.97
C ASN C 401 -17.85 21.47 30.97
N SER C 402 -16.55 21.28 31.15
CA SER C 402 -15.54 21.88 30.30
C SER C 402 -15.45 21.15 28.97
N VAL C 403 -14.49 21.58 28.14
CA VAL C 403 -14.39 21.04 26.79
C VAL C 403 -13.83 19.63 26.82
N LEU C 404 -12.75 19.41 27.58
CA LEU C 404 -12.24 18.07 27.75
C LEU C 404 -13.23 17.20 28.52
N GLU C 405 -14.02 17.81 29.39
CA GLU C 405 -15.10 17.08 30.07
C GLU C 405 -16.12 16.57 29.05
N ILE C 406 -16.33 17.31 27.97
CA ILE C 406 -17.41 16.96 27.07
C ILE C 406 -16.85 16.36 25.77
N ILE C 407 -15.53 16.34 25.62
CA ILE C 407 -14.96 15.56 24.53
C ILE C 407 -14.68 14.14 24.99
N VAL C 408 -13.95 14.00 26.07
CA VAL C 408 -13.35 12.70 26.37
C VAL C 408 -14.38 11.77 26.99
N TYR C 409 -15.24 12.30 27.86
CA TYR C 409 -16.32 11.50 28.43
C TYR C 409 -17.45 11.26 27.44
N ASN C 410 -17.47 11.95 26.31
CA ASN C 410 -18.49 11.75 25.28
C ASN C 410 -18.33 10.37 24.66
N THR C 411 -19.43 9.76 24.25
CA THR C 411 -19.39 8.43 23.68
C THR C 411 -20.04 8.43 22.29
N ASN C 412 -20.87 9.43 22.05
CA ASN C 412 -21.74 9.45 20.88
C ASN C 412 -20.96 9.67 19.60
N ILE C 413 -20.04 10.64 19.62
CA ILE C 413 -19.35 11.03 18.41
C ILE C 413 -18.29 10.00 18.05
N ASP C 414 -17.89 10.01 16.78
CA ASP C 414 -16.94 9.02 16.30
C ASP C 414 -15.51 9.49 16.49
N ASN C 415 -15.23 10.73 16.11
CA ASN C 415 -13.86 11.21 15.98
C ASN C 415 -13.40 11.99 17.20
N ARG C 416 -13.31 11.29 18.33
CA ARG C 416 -12.71 11.91 19.51
C ARG C 416 -11.21 12.04 19.36
N HIS C 417 -10.57 11.10 18.66
CA HIS C 417 -9.13 11.19 18.47
C HIS C 417 -8.76 12.25 17.46
N GLU C 418 -9.66 12.53 16.51
CA GLU C 418 -9.37 13.59 15.55
C GLU C 418 -9.52 14.95 16.20
N MET C 419 -10.15 15.01 17.37
CA MET C 419 -10.32 16.27 18.07
C MET C 419 -9.23 16.50 19.10
N LEU C 420 -8.70 15.44 19.70
CA LEU C 420 -7.71 15.64 20.74
C LEU C 420 -6.31 15.81 20.16
N THR C 421 -6.16 15.69 18.85
CA THR C 421 -4.88 15.98 18.22
C THR C 421 -4.61 17.48 18.20
N LEU C 422 -5.66 18.28 18.37
CA LEU C 422 -5.59 19.74 18.27
C LEU C 422 -4.74 20.33 19.38
N GLU C 423 -4.02 21.40 19.06
CA GLU C 423 -2.98 21.93 19.93
C GLU C 423 -3.42 22.44 21.31
N PRO C 424 -4.56 23.13 21.50
CA PRO C 424 -4.91 23.50 22.88
C PRO C 424 -5.32 22.31 23.71
N LEU C 425 -5.82 21.26 23.08
CA LEU C 425 -6.23 20.09 23.84
C LEU C 425 -5.08 19.14 24.03
N HIS C 426 -4.13 19.14 23.09
CA HIS C 426 -3.10 18.12 23.10
C HIS C 426 -2.07 18.37 24.18
N THR C 427 -1.41 19.52 24.13
CA THR C 427 -0.33 19.80 25.08
C THR C 427 -0.88 19.97 26.48
N LEU C 428 -2.15 20.35 26.59
CA LEU C 428 -2.80 20.38 27.89
C LEU C 428 -3.00 18.96 28.41
N LEU C 429 -3.28 18.01 27.53
CA LEU C 429 -3.41 16.63 27.97
C LEU C 429 -2.05 16.01 28.28
N HIS C 430 -1.01 16.44 27.56
CA HIS C 430 0.38 16.02 27.81
C HIS C 430 0.86 16.56 29.15
N THR C 431 0.50 17.80 29.47
CA THR C 431 0.99 18.41 30.70
C THR C 431 0.28 17.85 31.92
N LYS C 432 -1.01 17.54 31.77
CA LYS C 432 -1.70 16.77 32.81
C LYS C 432 -1.12 15.37 32.92
N TRP C 433 -0.58 14.85 31.83
CA TRP C 433 0.02 13.53 31.89
C TRP C 433 1.35 13.55 32.60
N LYS C 434 2.23 14.48 32.22
CA LYS C 434 3.61 14.44 32.71
C LYS C 434 3.70 14.94 34.14
N LYS C 435 3.06 16.06 34.46
CA LYS C 435 3.18 16.63 35.79
C LYS C 435 2.39 15.83 36.81
N PHE C 436 1.25 15.29 36.39
CA PHE C 436 0.22 14.82 37.29
C PHE C 436 -0.13 13.34 37.17
N ALA C 437 -0.55 12.89 36.00
CA ALA C 437 -1.29 11.65 35.93
C ALA C 437 -0.37 10.45 35.76
N LYS C 438 0.87 10.68 35.33
CA LYS C 438 1.82 9.58 35.19
C LYS C 438 2.17 9.01 36.54
N TYR C 439 2.35 9.88 37.53
CA TYR C 439 2.85 9.43 38.82
C TYR C 439 1.73 8.81 39.65
N MET C 440 0.49 9.26 39.47
CA MET C 440 -0.62 8.61 40.14
C MET C 440 -0.90 7.25 39.53
N PHE C 441 -0.67 7.11 38.23
CA PHE C 441 -0.96 5.85 37.57
C PHE C 441 0.01 4.78 38.00
N PHE C 442 1.29 5.14 38.11
CA PHE C 442 2.27 4.20 38.64
C PHE C 442 2.03 3.94 40.12
N LEU C 443 1.51 4.93 40.85
CA LEU C 443 1.18 4.74 42.25
C LEU C 443 -0.02 3.83 42.39
N SER C 444 -1.04 4.03 41.57
CA SER C 444 -2.20 3.16 41.62
C SER C 444 -1.92 1.83 40.94
N PHE C 445 -0.83 1.75 40.19
CA PHE C 445 -0.34 0.45 39.76
C PHE C 445 0.21 -0.35 40.94
N CYS C 446 1.17 0.23 41.68
CA CYS C 446 1.90 -0.53 42.69
C CYS C 446 1.03 -0.86 43.89
N PHE C 447 -0.08 -0.14 44.06
CA PHE C 447 -1.04 -0.56 45.07
C PHE C 447 -1.86 -1.74 44.59
N TYR C 448 -2.39 -1.68 43.37
CA TYR C 448 -3.28 -2.73 42.92
C TYR C 448 -2.49 -3.92 42.41
N PHE C 449 -1.17 -3.77 42.28
CA PHE C 449 -0.33 -4.90 41.96
C PHE C 449 0.12 -5.63 43.21
N PHE C 450 0.44 -4.89 44.28
CA PHE C 450 0.69 -5.53 45.57
C PHE C 450 -0.59 -6.10 46.15
N TYR C 451 -1.73 -5.58 45.71
CA TYR C 451 -3.02 -6.15 46.08
C TYR C 451 -3.15 -7.58 45.59
N ASN C 452 -2.82 -7.83 44.32
CA ASN C 452 -3.05 -9.16 43.76
C ASN C 452 -1.98 -10.14 44.18
N ILE C 453 -0.78 -9.65 44.49
CA ILE C 453 0.26 -10.52 45.04
C ILE C 453 -0.18 -11.04 46.40
N THR C 454 -0.88 -10.20 47.16
CA THR C 454 -1.25 -10.58 48.52
C THR C 454 -2.29 -11.68 48.53
N LEU C 455 -3.27 -11.61 47.61
CA LEU C 455 -4.24 -12.69 47.49
C LEU C 455 -3.58 -13.97 47.01
N THR C 456 -2.53 -13.86 46.22
CA THR C 456 -1.78 -15.05 45.84
C THR C 456 -0.93 -15.53 47.01
N LEU C 457 -0.34 -14.61 47.78
CA LEU C 457 0.51 -15.03 48.87
C LEU C 457 -0.25 -15.29 50.16
N VAL C 458 -1.56 -15.10 50.20
CA VAL C 458 -2.29 -15.49 51.39
C VAL C 458 -2.87 -16.88 51.17
N SER C 459 -3.65 -17.03 50.10
CA SER C 459 -4.35 -18.30 49.88
C SER C 459 -3.39 -19.40 49.48
N TYR C 460 -2.69 -19.20 48.38
CA TYR C 460 -1.85 -20.24 47.82
C TYR C 460 -0.39 -19.97 48.17
N TYR C 461 -0.09 -19.94 49.47
CA TYR C 461 1.32 -19.91 49.82
C TYR C 461 1.72 -21.13 50.63
N ARG C 462 1.07 -21.34 51.79
CA ARG C 462 1.28 -22.47 52.70
C ARG C 462 2.75 -22.65 53.05
N PRO C 463 3.32 -21.81 53.97
CA PRO C 463 4.79 -21.77 54.18
C PRO C 463 5.43 -23.12 54.45
N ARG C 464 5.02 -23.77 55.55
CA ARG C 464 5.21 -25.19 55.77
C ARG C 464 4.02 -25.68 56.59
N GLU C 465 3.26 -26.63 56.06
CA GLU C 465 2.27 -27.43 56.78
C GLU C 465 1.17 -26.59 57.44
N ASP C 466 0.29 -26.02 56.62
CA ASP C 466 -0.76 -25.10 57.08
C ASP C 466 -1.70 -25.73 58.11
N GLU C 467 -2.46 -24.87 58.79
CA GLU C 467 -3.19 -25.24 60.00
C GLU C 467 -4.54 -25.89 59.69
N ASP C 468 -4.47 -27.06 59.06
CA ASP C 468 -5.58 -28.00 58.85
C ASP C 468 -6.76 -27.35 58.12
N LEU C 469 -6.55 -27.02 56.83
CA LEU C 469 -7.47 -26.29 55.96
C LEU C 469 -7.82 -24.93 56.56
N PRO C 470 -6.91 -23.94 56.52
CA PRO C 470 -7.16 -22.67 57.22
C PRO C 470 -8.20 -21.79 56.56
N HIS C 471 -8.24 -20.53 56.98
CA HIS C 471 -9.11 -19.58 56.33
C HIS C 471 -8.27 -18.38 55.89
N PRO C 472 -8.36 -17.97 54.60
CA PRO C 472 -7.41 -16.99 54.04
C PRO C 472 -7.47 -15.61 54.67
N LEU C 473 -8.64 -14.98 54.67
CA LEU C 473 -8.76 -13.61 55.17
C LEU C 473 -9.04 -13.59 56.67
N ALA C 474 -8.77 -14.69 57.35
CA ALA C 474 -8.97 -14.75 58.79
C ALA C 474 -7.91 -13.95 59.52
N LEU C 475 -8.30 -13.41 60.68
CA LEU C 475 -7.47 -12.54 61.49
C LEU C 475 -7.18 -13.12 62.88
N THR C 476 -6.74 -14.38 62.93
CA THR C 476 -6.58 -15.17 64.17
C THR C 476 -5.70 -14.52 65.24
N HIS C 477 -5.84 -15.02 66.47
CA HIS C 477 -5.43 -14.41 67.73
C HIS C 477 -3.98 -13.99 67.79
N LYS C 478 -3.06 -14.80 67.27
CA LYS C 478 -1.64 -14.45 67.27
C LYS C 478 -1.14 -14.44 65.83
N MET C 479 -0.76 -13.25 65.35
CA MET C 479 -0.19 -13.07 64.02
C MET C 479 0.85 -11.95 64.15
N SER C 480 2.07 -12.23 63.72
CA SER C 480 3.10 -11.20 63.65
C SER C 480 2.72 -10.15 62.62
N TRP C 481 3.08 -8.89 62.87
CA TRP C 481 2.57 -7.76 62.08
C TRP C 481 3.38 -7.56 60.79
N LEU C 482 3.58 -8.67 60.08
CA LEU C 482 4.00 -8.67 58.69
C LEU C 482 3.15 -9.67 57.93
N GLN C 483 2.57 -10.62 58.65
CA GLN C 483 1.86 -11.74 58.05
C GLN C 483 0.34 -11.60 58.13
N LEU C 484 -0.15 -10.51 58.72
CA LEU C 484 -1.59 -10.24 58.69
C LEU C 484 -1.92 -8.81 58.29
N LEU C 485 -0.94 -7.91 58.26
CA LEU C 485 -1.18 -6.57 57.74
C LEU C 485 -1.45 -6.61 56.25
N GLY C 486 -0.87 -7.58 55.54
CA GLY C 486 -1.24 -7.80 54.16
C GLY C 486 -2.68 -8.27 54.02
N ARG C 487 -3.14 -9.08 54.98
CA ARG C 487 -4.55 -9.45 55.00
C ARG C 487 -5.42 -8.24 55.33
N MET C 488 -4.89 -7.28 56.09
CA MET C 488 -5.59 -6.02 56.24
C MET C 488 -5.48 -5.18 54.98
N PHE C 489 -4.36 -5.33 54.26
CA PHE C 489 -4.11 -4.52 53.07
C PHE C 489 -5.08 -4.88 51.95
N VAL C 490 -5.48 -6.15 51.88
CA VAL C 490 -6.53 -6.54 50.95
C VAL C 490 -7.86 -5.96 51.38
N LEU C 491 -8.20 -6.09 52.67
CA LEU C 491 -9.52 -5.70 53.15
C LEU C 491 -9.72 -4.20 53.06
N ILE C 492 -8.66 -3.42 53.15
CA ILE C 492 -8.78 -1.99 52.96
C ILE C 492 -8.97 -1.66 51.49
N TRP C 493 -8.05 -2.14 50.65
CA TRP C 493 -8.00 -1.68 49.26
C TRP C 493 -9.05 -2.35 48.41
N ALA C 494 -9.68 -3.42 48.89
CA ALA C 494 -10.88 -3.91 48.23
C ALA C 494 -12.06 -3.02 48.54
N THR C 495 -12.20 -2.60 49.80
CA THR C 495 -13.25 -1.68 50.19
C THR C 495 -13.02 -0.30 49.59
N CYS C 496 -11.75 0.09 49.40
CA CYS C 496 -11.45 1.36 48.78
C CYS C 496 -11.89 1.38 47.32
N ILE C 497 -11.81 0.24 46.64
CA ILE C 497 -12.26 0.15 45.26
C ILE C 497 -13.77 -0.02 45.20
N SER C 498 -14.33 -0.75 46.17
CA SER C 498 -15.76 -1.06 46.15
C SER C 498 -16.61 0.19 46.36
N VAL C 499 -16.12 1.15 47.14
CA VAL C 499 -16.86 2.39 47.32
C VAL C 499 -16.71 3.27 46.09
N LYS C 500 -15.55 3.17 45.42
CA LYS C 500 -15.20 4.11 44.36
C LYS C 500 -16.09 3.96 43.14
N GLU C 501 -16.19 2.76 42.59
CA GLU C 501 -17.05 2.55 41.44
C GLU C 501 -18.48 2.29 41.85
N GLY C 502 -18.73 2.19 43.17
CA GLY C 502 -20.09 2.21 43.65
C GLY C 502 -20.73 3.57 43.46
N ILE C 503 -19.92 4.62 43.48
CA ILE C 503 -20.41 5.95 43.10
C ILE C 503 -20.64 6.00 41.60
N ALA C 504 -19.88 5.21 40.84
CA ALA C 504 -20.02 5.19 39.39
C ALA C 504 -21.30 4.48 38.96
N ILE C 505 -21.94 3.75 39.88
CA ILE C 505 -23.31 3.30 39.65
C ILE C 505 -24.23 4.50 39.55
N PHE C 506 -24.06 5.48 40.44
CA PHE C 506 -24.95 6.63 40.48
C PHE C 506 -24.69 7.60 39.33
N LEU C 507 -23.56 7.46 38.65
CA LEU C 507 -23.17 8.37 37.57
C LEU C 507 -23.40 7.77 36.19
N LEU C 508 -22.83 6.60 35.91
CA LEU C 508 -22.77 6.06 34.55
C LEU C 508 -24.05 5.32 34.23
N ARG C 509 -25.13 6.08 34.09
CA ARG C 509 -26.40 5.49 33.65
C ARG C 509 -26.48 5.31 32.14
N PRO C 510 -26.14 6.26 31.25
CA PRO C 510 -26.26 5.97 29.81
C PRO C 510 -24.98 5.49 29.13
N SER C 511 -23.83 5.55 29.79
CA SER C 511 -22.56 5.28 29.11
C SER C 511 -22.39 3.80 28.81
N ASP C 512 -22.80 2.93 29.75
CA ASP C 512 -22.50 1.50 29.69
C ASP C 512 -23.17 0.81 28.51
N LEU C 513 -24.42 1.16 28.21
CA LEU C 513 -25.11 0.51 27.10
C LEU C 513 -24.72 1.14 25.77
N GLN C 514 -24.40 2.43 25.77
CA GLN C 514 -23.97 3.07 24.53
C GLN C 514 -22.53 2.68 24.19
N SER C 515 -21.63 2.74 25.16
CA SER C 515 -20.30 2.14 25.00
C SER C 515 -20.40 0.65 25.28
N ILE C 516 -20.93 -0.06 24.28
CA ILE C 516 -21.29 -1.47 24.46
C ILE C 516 -20.05 -2.35 24.35
N LEU C 517 -18.97 -1.82 23.78
CA LEU C 517 -17.71 -2.55 23.71
C LEU C 517 -16.48 -1.71 23.98
N SER C 518 -16.59 -0.37 23.98
CA SER C 518 -15.40 0.45 23.91
C SER C 518 -14.73 0.62 25.27
N ASP C 519 -15.37 1.35 26.17
CA ASP C 519 -14.72 1.69 27.44
C ASP C 519 -15.70 1.52 28.58
N ALA C 520 -15.25 1.90 29.77
CA ALA C 520 -15.96 1.85 31.04
C ALA C 520 -16.38 0.45 31.47
N TRP C 521 -15.90 -0.60 30.80
CA TRP C 521 -16.09 -1.94 31.34
C TRP C 521 -15.18 -2.15 32.54
N PHE C 522 -14.06 -1.45 32.58
CA PHE C 522 -13.08 -1.68 33.62
C PHE C 522 -13.52 -1.09 34.95
N HIS C 523 -14.50 -0.19 34.93
CA HIS C 523 -15.21 0.15 36.16
C HIS C 523 -15.92 -1.06 36.74
N PHE C 524 -16.50 -1.88 35.86
CA PHE C 524 -17.27 -3.03 36.35
C PHE C 524 -16.34 -4.11 36.86
N VAL C 525 -15.29 -4.43 36.09
CA VAL C 525 -14.47 -5.60 36.41
C VAL C 525 -13.60 -5.33 37.62
N PHE C 526 -13.29 -4.06 37.88
CA PHE C 526 -12.74 -3.70 39.18
C PHE C 526 -13.76 -3.88 40.29
N PHE C 527 -15.02 -3.55 40.01
CA PHE C 527 -16.03 -3.58 41.05
C PHE C 527 -16.43 -5.02 41.37
N VAL C 528 -16.56 -5.86 40.34
CA VAL C 528 -16.91 -7.25 40.55
C VAL C 528 -15.80 -7.97 41.29
N GLN C 529 -14.55 -7.61 40.99
CA GLN C 529 -13.41 -8.22 41.67
C GLN C 529 -13.34 -7.76 43.13
N ALA C 530 -13.66 -6.49 43.37
CA ALA C 530 -13.56 -5.98 44.74
C ALA C 530 -14.68 -6.51 45.61
N VAL C 531 -15.88 -6.67 45.04
CA VAL C 531 -17.02 -7.12 45.83
C VAL C 531 -16.89 -8.59 46.18
N LEU C 532 -16.40 -9.40 45.24
CA LEU C 532 -16.30 -10.84 45.48
C LEU C 532 -15.20 -11.16 46.49
N VAL C 533 -14.25 -10.24 46.68
CA VAL C 533 -13.37 -10.37 47.84
C VAL C 533 -14.16 -10.14 49.12
N ILE C 534 -15.00 -9.10 49.12
CA ILE C 534 -15.71 -8.74 50.34
C ILE C 534 -16.84 -9.73 50.60
N LEU C 535 -17.49 -10.23 49.54
CA LEU C 535 -18.53 -11.24 49.74
C LEU C 535 -17.94 -12.55 50.21
N SER C 536 -16.67 -12.80 49.91
CA SER C 536 -15.98 -13.95 50.50
C SER C 536 -15.80 -13.76 52.01
N VAL C 537 -15.72 -12.51 52.46
CA VAL C 537 -15.67 -12.27 53.91
C VAL C 537 -17.06 -12.40 54.50
N PHE C 538 -18.08 -11.93 53.77
CA PHE C 538 -19.46 -12.15 54.21
C PHE C 538 -19.83 -13.62 54.15
N LEU C 539 -19.18 -14.39 53.29
CA LEU C 539 -19.48 -15.81 53.22
C LEU C 539 -18.87 -16.55 54.40
N TYR C 540 -17.79 -16.00 54.97
CA TYR C 540 -17.18 -16.62 56.14
C TYR C 540 -18.08 -16.52 57.37
N LEU C 541 -18.86 -15.44 57.46
CA LEU C 541 -19.69 -15.24 58.65
C LEU C 541 -20.91 -16.15 58.64
N PHE C 542 -21.23 -16.72 57.49
CA PHE C 542 -22.35 -17.65 57.38
C PHE C 542 -21.91 -19.05 57.03
N ALA C 543 -20.69 -19.21 56.50
CA ALA C 543 -20.04 -20.49 56.26
C ALA C 543 -20.85 -21.39 55.32
N TYR C 544 -21.09 -20.92 54.10
CA TYR C 544 -21.70 -21.77 53.10
C TYR C 544 -20.64 -22.58 52.37
N LYS C 545 -21.10 -23.28 51.32
CA LYS C 545 -20.22 -24.16 50.58
C LYS C 545 -19.26 -23.37 49.69
N GLU C 546 -19.72 -22.24 49.17
CA GLU C 546 -18.90 -21.42 48.26
C GLU C 546 -18.06 -20.39 49.02
N TYR C 547 -17.30 -20.91 49.98
CA TYR C 547 -16.32 -20.09 50.67
C TYR C 547 -15.09 -19.88 49.80
N LEU C 548 -14.63 -20.94 49.15
CA LEU C 548 -13.44 -20.87 48.31
C LEU C 548 -13.81 -20.46 46.90
N ALA C 549 -15.07 -20.65 46.50
CA ALA C 549 -15.45 -20.43 45.11
C ALA C 549 -15.47 -18.95 44.77
N CYS C 550 -16.03 -18.12 45.64
CA CYS C 550 -16.12 -16.71 45.34
C CYS C 550 -14.78 -16.01 45.53
N LEU C 551 -13.86 -16.64 46.25
CA LEU C 551 -12.55 -16.04 46.44
C LEU C 551 -11.70 -16.15 45.17
N VAL C 552 -11.79 -17.28 44.49
CA VAL C 552 -10.84 -17.57 43.42
C VAL C 552 -11.21 -16.81 42.15
N LEU C 553 -12.50 -16.70 41.86
CA LEU C 553 -12.94 -15.82 40.79
C LEU C 553 -12.65 -14.37 41.11
N ALA C 554 -12.58 -14.03 42.41
CA ALA C 554 -12.09 -12.72 42.79
C ALA C 554 -10.58 -12.64 42.64
N MET C 555 -9.88 -13.77 42.71
CA MET C 555 -8.44 -13.72 42.49
C MET C 555 -8.10 -13.83 41.01
N ALA C 556 -8.94 -14.54 40.25
CA ALA C 556 -8.64 -14.71 38.83
C ALA C 556 -8.91 -13.43 38.06
N LEU C 557 -9.95 -12.71 38.43
CA LEU C 557 -10.18 -11.39 37.82
C LEU C 557 -9.13 -10.40 38.29
N GLY C 558 -8.55 -10.63 39.47
CA GLY C 558 -7.58 -9.71 40.01
C GLY C 558 -6.30 -9.66 39.18
N TRP C 559 -5.87 -10.80 38.67
CA TRP C 559 -4.74 -10.77 37.75
C TRP C 559 -5.20 -10.41 36.34
N ALA C 560 -6.45 -10.70 36.00
CA ALA C 560 -6.94 -10.29 34.69
C ALA C 560 -7.19 -8.79 34.64
N ASN C 561 -7.38 -8.17 35.81
CA ASN C 561 -7.55 -6.72 35.88
C ASN C 561 -6.29 -5.94 35.61
N MET C 562 -5.12 -6.58 35.52
CA MET C 562 -3.90 -5.85 35.23
C MET C 562 -3.88 -5.34 33.80
N LEU C 563 -4.78 -5.81 32.95
CA LEU C 563 -4.90 -5.27 31.60
C LEU C 563 -5.32 -3.80 31.62
N TYR C 564 -5.99 -3.36 32.67
CA TYR C 564 -6.24 -1.93 32.82
C TYR C 564 -4.94 -1.18 33.09
N TYR C 565 -3.97 -1.84 33.71
CA TYR C 565 -2.70 -1.17 33.92
C TYR C 565 -1.75 -1.40 32.77
N THR C 566 -2.22 -2.02 31.69
CA THR C 566 -1.38 -2.10 30.50
C THR C 566 -1.53 -0.86 29.63
N ARG C 567 -2.41 0.06 30.02
CA ARG C 567 -2.29 1.42 29.52
C ARG C 567 -1.02 2.03 30.07
N GLY C 568 -0.47 3.00 29.37
CA GLY C 568 0.60 3.77 29.97
C GLY C 568 1.87 3.80 29.15
N PHE C 569 2.25 2.65 28.60
CA PHE C 569 3.34 2.59 27.64
C PHE C 569 2.72 2.63 26.26
N GLN C 570 3.37 3.32 25.31
CA GLN C 570 2.72 3.72 24.07
C GLN C 570 2.39 2.52 23.19
N SER C 571 3.16 1.44 23.33
CA SER C 571 2.88 0.27 22.54
C SER C 571 2.25 -0.83 23.37
N MET C 572 2.22 -0.66 24.70
CA MET C 572 1.75 -1.74 25.55
C MET C 572 0.24 -1.87 25.47
N GLY C 573 -0.47 -0.76 25.68
CA GLY C 573 -1.92 -0.79 25.49
C GLY C 573 -2.30 -0.96 24.04
N MET C 574 -1.42 -0.51 23.13
CA MET C 574 -1.63 -0.70 21.70
C MET C 574 -1.56 -2.18 21.34
N TYR C 575 -0.89 -2.97 22.18
CA TYR C 575 -1.08 -4.41 22.11
C TYR C 575 -2.30 -4.85 22.90
N SER C 576 -2.61 -4.16 24.01
CA SER C 576 -3.70 -4.61 24.85
C SER C 576 -5.05 -4.32 24.24
N VAL C 577 -5.14 -3.26 23.43
CA VAL C 577 -6.39 -2.97 22.74
C VAL C 577 -6.66 -4.03 21.67
N MET C 578 -5.61 -4.53 21.04
CA MET C 578 -5.77 -5.61 20.07
C MET C 578 -6.21 -6.89 20.73
N ILE C 579 -5.92 -7.06 22.02
CA ILE C 579 -6.52 -8.17 22.75
C ILE C 579 -8.00 -7.91 22.93
N GLN C 580 -8.35 -6.70 23.35
CA GLN C 580 -9.75 -6.37 23.62
C GLN C 580 -10.57 -6.33 22.35
N LYS C 581 -9.92 -6.15 21.20
CA LYS C 581 -10.66 -6.16 19.94
C LYS C 581 -11.00 -7.58 19.53
N VAL C 582 -10.06 -8.51 19.69
CA VAL C 582 -10.29 -9.86 19.18
C VAL C 582 -11.21 -10.64 20.11
N ILE C 583 -11.04 -10.47 21.42
CA ILE C 583 -11.86 -11.19 22.39
C ILE C 583 -13.31 -10.75 22.31
N LEU C 584 -13.55 -9.45 22.15
CA LEU C 584 -14.92 -8.98 22.04
C LEU C 584 -15.50 -9.26 20.66
N HIS C 585 -14.82 -8.83 19.60
CA HIS C 585 -15.40 -8.98 18.28
C HIS C 585 -15.22 -10.38 17.73
N ASP C 586 -13.98 -10.84 17.59
CA ASP C 586 -13.67 -11.87 16.62
C ASP C 586 -13.35 -13.25 17.21
N VAL C 587 -13.36 -13.40 18.53
CA VAL C 587 -13.27 -14.76 19.08
C VAL C 587 -14.58 -15.49 18.88
N LEU C 588 -15.70 -14.82 19.16
CA LEU C 588 -17.02 -15.42 18.99
C LEU C 588 -17.31 -15.67 17.51
N LYS C 589 -16.66 -14.93 16.63
CA LYS C 589 -16.61 -15.30 15.22
C LYS C 589 -15.98 -16.66 15.03
N PHE C 590 -14.75 -16.82 15.52
CA PHE C 590 -14.03 -18.07 15.30
C PHE C 590 -14.61 -19.21 16.11
N LEU C 591 -15.10 -18.91 17.32
CA LEU C 591 -15.56 -19.97 18.20
C LEU C 591 -16.85 -20.59 17.68
N PHE C 592 -17.69 -19.79 17.03
CA PHE C 592 -18.94 -20.32 16.51
C PHE C 592 -18.70 -21.23 15.31
N VAL C 593 -17.61 -21.00 14.58
CA VAL C 593 -17.28 -21.92 13.50
C VAL C 593 -16.49 -23.10 14.05
N TYR C 594 -15.71 -22.87 15.10
CA TYR C 594 -14.88 -23.95 15.61
C TYR C 594 -15.70 -24.95 16.40
N ILE C 595 -16.73 -24.48 17.12
CA ILE C 595 -17.71 -25.39 17.72
C ILE C 595 -18.42 -26.18 16.64
N LEU C 596 -18.58 -25.58 15.47
CA LEU C 596 -19.42 -26.14 14.42
C LEU C 596 -18.76 -27.35 13.78
N PHE C 597 -17.48 -27.25 13.46
CA PHE C 597 -16.79 -28.42 12.93
C PHE C 597 -16.42 -29.39 14.03
N LEU C 598 -16.29 -28.91 15.27
CA LEU C 598 -16.21 -29.80 16.42
C LEU C 598 -17.44 -30.65 16.55
N LEU C 599 -18.61 -30.02 16.59
CA LEU C 599 -19.85 -30.75 16.76
C LEU C 599 -20.23 -31.47 15.48
N GLY C 600 -19.67 -31.01 14.35
CA GLY C 600 -19.91 -31.71 13.10
C GLY C 600 -19.17 -33.02 13.00
N PHE C 601 -17.85 -32.99 13.23
CA PHE C 601 -17.09 -34.24 13.14
C PHE C 601 -17.26 -35.06 14.41
N GLY C 602 -17.72 -34.43 15.48
CA GLY C 602 -17.90 -35.16 16.73
C GLY C 602 -19.00 -36.20 16.64
N VAL C 603 -20.09 -35.85 15.95
CA VAL C 603 -21.11 -36.85 15.65
C VAL C 603 -20.54 -37.88 14.69
N ALA C 604 -19.73 -37.43 13.74
CA ALA C 604 -19.08 -38.36 12.83
C ALA C 604 -18.06 -39.23 13.54
N LEU C 605 -17.48 -38.72 14.63
CA LEU C 605 -16.55 -39.55 15.37
C LEU C 605 -17.31 -40.49 16.30
N ALA C 606 -18.46 -40.06 16.80
CA ALA C 606 -19.16 -40.86 17.80
C ALA C 606 -19.97 -41.99 17.16
N SER C 607 -19.76 -42.26 15.88
CA SER C 607 -20.05 -43.60 15.37
C SER C 607 -18.96 -44.55 15.82
N LEU C 608 -17.73 -44.07 15.86
CA LEU C 608 -16.61 -44.96 16.11
C LEU C 608 -16.40 -45.14 17.60
N ILE C 609 -17.19 -44.44 18.41
CA ILE C 609 -17.39 -44.83 19.80
C ILE C 609 -18.82 -45.31 19.97
N GLU C 610 -19.00 -46.40 20.71
CA GLU C 610 -20.29 -46.96 21.19
C GLU C 610 -21.11 -47.60 20.06
N LYS C 611 -20.75 -47.42 18.80
CA LYS C 611 -21.51 -48.05 17.74
C LYS C 611 -20.59 -48.98 16.95
N CYS C 612 -19.32 -48.61 16.87
CA CYS C 612 -18.34 -49.36 16.11
C CYS C 612 -17.64 -50.40 16.97
N SER C 613 -16.52 -50.92 16.45
CA SER C 613 -15.78 -52.05 16.97
C SER C 613 -15.39 -51.92 18.44
N LYS C 614 -14.49 -50.96 18.71
CA LYS C 614 -13.98 -50.50 20.00
C LYS C 614 -13.06 -51.50 20.69
N ASP C 615 -13.18 -52.77 20.34
CA ASP C 615 -12.29 -53.90 20.50
C ASP C 615 -12.01 -54.31 21.95
N LYS C 616 -12.14 -53.39 22.91
CA LYS C 616 -11.93 -53.68 24.34
C LYS C 616 -12.80 -52.80 25.23
N LYS C 617 -13.60 -51.92 24.66
CA LYS C 617 -14.06 -50.74 25.36
C LYS C 617 -15.37 -51.04 26.10
N ASP C 618 -16.12 -50.00 26.47
CA ASP C 618 -17.24 -50.02 27.42
C ASP C 618 -16.78 -50.52 28.78
N CYS C 619 -15.57 -50.10 29.15
CA CYS C 619 -15.03 -50.43 30.46
C CYS C 619 -14.25 -49.29 31.08
N SER C 620 -14.45 -48.04 30.64
CA SER C 620 -13.53 -47.03 31.14
C SER C 620 -14.15 -45.97 32.06
N SER C 621 -14.95 -45.04 31.52
CA SER C 621 -15.56 -44.10 32.45
C SER C 621 -17.06 -43.85 32.26
N TYR C 622 -17.43 -43.21 31.16
CA TYR C 622 -18.78 -42.70 30.92
C TYR C 622 -18.82 -42.04 29.54
N GLY C 623 -20.01 -41.54 29.19
CA GLY C 623 -20.15 -40.47 28.20
C GLY C 623 -19.72 -40.76 26.79
N SER C 624 -20.51 -41.57 26.07
CA SER C 624 -20.15 -42.06 24.73
C SER C 624 -19.93 -40.93 23.73
N PHE C 625 -20.87 -39.99 23.64
CA PHE C 625 -20.67 -38.85 22.75
C PHE C 625 -19.68 -37.86 23.31
N SER C 626 -19.70 -37.66 24.63
CA SER C 626 -18.90 -36.61 25.23
C SER C 626 -17.41 -36.94 25.19
N ASP C 627 -17.06 -38.21 25.39
CA ASP C 627 -15.66 -38.59 25.33
C ASP C 627 -15.14 -38.54 23.91
N ALA C 628 -16.00 -38.84 22.94
CA ALA C 628 -15.61 -38.76 21.54
C ALA C 628 -15.39 -37.31 21.12
N VAL C 629 -16.15 -36.39 21.73
CA VAL C 629 -15.91 -34.98 21.46
C VAL C 629 -14.60 -34.53 22.07
N LEU C 630 -14.40 -34.84 23.36
CA LEU C 630 -13.25 -34.30 24.09
C LEU C 630 -11.94 -34.85 23.55
N GLU C 631 -11.90 -36.12 23.14
CA GLU C 631 -10.67 -36.66 22.59
C GLU C 631 -10.45 -36.16 21.17
N LEU C 632 -11.46 -35.54 20.58
CA LEU C 632 -11.25 -34.77 19.36
C LEU C 632 -11.02 -33.30 19.69
N PHE C 633 -11.28 -32.92 20.94
CA PHE C 633 -11.20 -31.51 21.32
C PHE C 633 -9.89 -31.23 22.03
N LYS C 634 -9.17 -32.29 22.41
CA LYS C 634 -7.87 -32.11 23.03
C LYS C 634 -6.78 -31.90 22.00
N LEU C 635 -7.08 -32.14 20.72
CA LEU C 635 -6.06 -32.04 19.68
C LEU C 635 -5.67 -30.60 19.43
N THR C 636 -6.60 -29.67 19.66
CA THR C 636 -6.32 -28.27 19.40
C THR C 636 -5.32 -27.72 20.40
N ILE C 637 -5.34 -28.25 21.62
CA ILE C 637 -4.20 -28.08 22.51
C ILE C 637 -2.95 -28.68 21.91
N GLY C 638 -3.08 -29.85 21.28
CA GLY C 638 -1.95 -30.68 20.98
C GLY C 638 -1.74 -31.75 22.02
N LEU C 639 -2.59 -31.79 23.04
CA LEU C 639 -2.55 -32.81 24.06
C LEU C 639 -3.34 -34.02 23.53
N GLY C 640 -2.71 -34.74 22.61
CA GLY C 640 -3.39 -35.76 21.82
C GLY C 640 -3.19 -37.14 22.39
N ASP C 641 -4.27 -37.91 22.43
CA ASP C 641 -4.25 -39.26 22.98
C ASP C 641 -4.40 -40.27 21.85
N LEU C 642 -3.54 -41.28 21.85
CA LEU C 642 -3.67 -42.36 20.88
C LEU C 642 -4.46 -43.52 21.47
N ASN C 643 -4.45 -43.66 22.80
CA ASN C 643 -5.01 -44.84 23.45
C ASN C 643 -6.53 -44.86 23.40
N ILE C 644 -7.16 -43.72 23.09
CA ILE C 644 -8.61 -43.72 22.89
C ILE C 644 -8.94 -44.40 21.58
N GLN C 645 -8.00 -44.41 20.64
CA GLN C 645 -8.18 -45.08 19.36
C GLN C 645 -7.43 -46.40 19.37
N GLN C 646 -8.16 -47.46 19.74
CA GLN C 646 -7.77 -48.84 19.50
C GLN C 646 -9.02 -49.61 19.10
N ASN C 647 -9.30 -49.68 17.80
CA ASN C 647 -10.52 -50.36 17.33
C ASN C 647 -10.13 -51.43 16.32
N SER C 648 -11.10 -51.99 15.60
CA SER C 648 -10.84 -53.11 14.69
C SER C 648 -11.09 -52.68 13.25
N THR C 649 -10.01 -52.34 12.53
CA THR C 649 -9.85 -52.12 11.08
C THR C 649 -10.50 -50.81 10.61
N TYR C 650 -11.37 -50.26 11.45
CA TYR C 650 -11.79 -48.86 11.39
C TYR C 650 -10.75 -47.81 11.80
N PRO C 651 -9.69 -48.11 12.62
CA PRO C 651 -8.60 -47.12 12.75
C PRO C 651 -7.90 -46.64 11.49
N ILE C 652 -8.05 -47.35 10.38
CA ILE C 652 -7.77 -46.76 9.08
C ILE C 652 -8.71 -45.57 8.93
N LEU C 653 -10.02 -45.83 9.07
CA LEU C 653 -11.02 -44.81 8.79
C LEU C 653 -11.11 -43.80 9.92
N PHE C 654 -10.62 -44.16 11.11
CA PHE C 654 -10.63 -43.22 12.23
C PHE C 654 -9.69 -42.06 11.98
N LEU C 655 -8.45 -42.38 11.60
CA LEU C 655 -7.42 -41.35 11.59
C LEU C 655 -7.54 -40.46 10.37
N PHE C 656 -7.92 -41.03 9.22
CA PHE C 656 -8.13 -40.19 8.06
C PHE C 656 -9.40 -39.35 8.19
N LEU C 657 -10.30 -39.75 9.08
CA LEU C 657 -11.32 -38.80 9.52
C LEU C 657 -10.69 -37.73 10.38
N LEU C 658 -9.84 -38.13 11.32
CA LEU C 658 -9.35 -37.21 12.34
C LEU C 658 -8.28 -36.28 11.76
N ILE C 659 -7.59 -36.72 10.71
CA ILE C 659 -6.72 -35.83 9.95
C ILE C 659 -7.53 -34.75 9.27
N THR C 660 -8.67 -35.11 8.69
CA THR C 660 -9.51 -34.11 8.06
C THR C 660 -10.21 -33.23 9.08
N TYR C 661 -10.10 -33.56 10.36
CA TYR C 661 -10.45 -32.58 11.38
C TYR C 661 -9.36 -31.54 11.55
N VAL C 662 -8.10 -31.98 11.58
CA VAL C 662 -7.01 -31.05 11.89
C VAL C 662 -6.76 -30.11 10.73
N ILE C 663 -6.84 -30.63 9.51
CA ILE C 663 -6.69 -29.79 8.32
C ILE C 663 -7.84 -28.81 8.21
N LEU C 664 -9.07 -29.26 8.49
CA LEU C 664 -10.20 -28.34 8.50
C LEU C 664 -10.11 -27.35 9.64
N THR C 665 -9.60 -27.78 10.79
CA THR C 665 -9.36 -26.81 11.86
C THR C 665 -7.97 -26.22 11.77
N PHE C 666 -7.25 -26.46 10.68
CA PHE C 666 -6.17 -25.55 10.36
C PHE C 666 -6.66 -24.43 9.46
N VAL C 667 -7.56 -24.73 8.53
CA VAL C 667 -8.02 -23.72 7.59
C VAL C 667 -8.89 -22.70 8.32
N LEU C 668 -9.60 -23.15 9.36
CA LEU C 668 -10.28 -22.20 10.23
C LEU C 668 -9.29 -21.36 11.01
N LEU C 669 -8.10 -21.91 11.24
CA LEU C 669 -7.09 -21.15 11.95
C LEU C 669 -6.34 -20.24 11.00
N LEU C 670 -6.13 -20.71 9.77
CA LEU C 670 -5.35 -19.94 8.81
C LEU C 670 -6.16 -18.77 8.29
N ASN C 671 -7.46 -18.96 8.11
CA ASN C 671 -8.33 -17.86 7.72
C ASN C 671 -8.53 -16.90 8.87
N MET C 672 -8.32 -17.37 10.11
CA MET C 672 -8.47 -16.50 11.26
C MET C 672 -7.39 -15.45 11.29
N LEU C 673 -6.18 -15.81 10.84
CA LEU C 673 -5.14 -14.81 10.68
C LEU C 673 -5.50 -13.84 9.56
N ILE C 674 -6.09 -14.34 8.47
CA ILE C 674 -6.51 -13.49 7.37
C ILE C 674 -7.75 -12.69 7.76
N ALA C 675 -8.52 -13.18 8.74
CA ALA C 675 -9.69 -12.43 9.20
C ALA C 675 -9.28 -11.13 9.88
N LEU C 676 -8.18 -11.14 10.62
CA LEU C 676 -7.66 -9.90 11.16
C LEU C 676 -6.97 -9.09 10.08
N MET C 677 -6.54 -9.75 9.01
CA MET C 677 -5.96 -9.04 7.89
C MET C 677 -7.02 -8.29 7.11
N GLY C 678 -6.56 -7.45 6.19
CA GLY C 678 -7.40 -6.46 5.54
C GLY C 678 -7.09 -5.12 6.18
N GLU C 679 -6.19 -4.37 5.54
CA GLU C 679 -5.66 -3.10 6.05
C GLU C 679 -5.05 -3.21 7.44
N THR C 680 -4.34 -4.30 7.72
CA THR C 680 -3.58 -4.39 8.97
C THR C 680 -2.36 -3.49 8.91
N VAL C 681 -1.89 -3.20 7.70
CA VAL C 681 -0.84 -2.21 7.47
C VAL C 681 -1.29 -0.84 8.00
N GLU C 682 -2.57 -0.54 7.87
CA GLU C 682 -3.10 0.70 8.42
C GLU C 682 -4.09 0.51 9.56
N ASN C 683 -5.23 -0.13 9.31
CA ASN C 683 -6.39 0.10 10.17
C ASN C 683 -6.30 -0.66 11.48
N VAL C 684 -5.82 -1.89 11.47
CA VAL C 684 -5.78 -2.68 12.70
C VAL C 684 -4.71 -2.12 13.63
N SER C 685 -3.65 -1.55 13.07
CA SER C 685 -2.63 -0.93 13.90
C SER C 685 -3.07 0.46 14.37
N LYS C 686 -3.56 1.29 13.46
CA LYS C 686 -3.78 2.70 13.79
C LYS C 686 -5.01 2.91 14.65
N GLU C 687 -6.08 2.17 14.38
CA GLU C 687 -7.28 2.32 15.20
C GLU C 687 -7.04 1.80 16.61
N SER C 688 -6.25 0.74 16.74
CA SER C 688 -5.90 0.24 18.06
C SER C 688 -4.99 1.23 18.80
N GLU C 689 -4.29 2.08 18.06
CA GLU C 689 -3.56 3.15 18.71
C GLU C 689 -4.51 4.27 19.13
N ARG C 690 -5.44 4.65 18.25
CA ARG C 690 -6.27 5.80 18.58
C ARG C 690 -7.35 5.45 19.60
N ILE C 691 -7.71 4.17 19.70
CA ILE C 691 -8.62 3.76 20.77
C ILE C 691 -7.88 3.83 22.10
N TRP C 692 -6.59 3.51 22.07
CA TRP C 692 -5.79 3.51 23.28
C TRP C 692 -5.58 4.93 23.82
N ARG C 693 -5.33 5.90 22.94
CA ARG C 693 -5.10 7.26 23.39
C ARG C 693 -6.36 7.86 23.98
N LEU C 694 -7.52 7.47 23.45
CA LEU C 694 -8.77 7.89 24.08
C LEU C 694 -8.98 7.15 25.38
N GLN C 695 -8.57 5.89 25.44
CA GLN C 695 -8.77 5.11 26.65
C GLN C 695 -7.67 5.39 27.67
N ARG C 696 -6.69 6.21 27.33
CA ARG C 696 -5.82 6.72 28.37
C ARG C 696 -6.19 8.15 28.75
N ALA C 697 -6.72 8.92 27.80
CA ALA C 697 -7.13 10.29 28.12
C ALA C 697 -8.38 10.31 28.99
N ARG C 698 -9.14 9.21 29.02
CA ARG C 698 -10.27 9.17 29.93
C ARG C 698 -9.81 8.88 31.34
N THR C 699 -8.69 8.18 31.49
CA THR C 699 -8.15 7.92 32.81
C THR C 699 -7.66 9.20 33.46
N ILE C 700 -7.03 10.06 32.67
CA ILE C 700 -6.36 11.24 33.19
C ILE C 700 -7.37 12.24 33.75
N LEU C 701 -8.48 12.43 33.04
CA LEU C 701 -9.52 13.30 33.57
C LEU C 701 -10.26 12.64 34.72
N GLU C 702 -10.21 11.31 34.79
CA GLU C 702 -10.77 10.64 35.96
C GLU C 702 -9.89 10.86 37.17
N PHE C 703 -8.57 10.99 36.97
CA PHE C 703 -7.69 11.22 38.11
C PHE C 703 -7.85 12.63 38.66
N GLU C 704 -8.30 13.59 37.85
CA GLU C 704 -8.52 14.92 38.39
C GLU C 704 -9.78 14.97 39.23
N LYS C 705 -10.74 14.10 38.95
CA LYS C 705 -11.86 13.95 39.87
C LYS C 705 -11.40 13.29 41.17
N MET C 706 -10.39 12.44 41.08
CA MET C 706 -9.80 11.81 42.25
C MET C 706 -8.91 12.77 43.03
N LEU C 707 -8.35 13.77 42.37
CA LEU C 707 -7.48 14.74 43.01
C LEU C 707 -8.33 15.70 43.83
N PRO C 708 -7.97 15.94 45.10
CA PRO C 708 -8.77 16.82 45.95
C PRO C 708 -8.59 18.28 45.53
N GLU C 709 -9.61 19.10 45.85
CA GLU C 709 -9.70 20.45 45.29
C GLU C 709 -8.58 21.34 45.80
N TRP C 710 -8.10 21.08 47.01
CA TRP C 710 -6.99 21.83 47.55
C TRP C 710 -5.68 21.39 46.90
N LEU C 711 -4.81 22.37 46.71
CA LEU C 711 -3.53 22.22 46.02
C LEU C 711 -3.69 21.62 44.62
N ARG C 712 -4.38 22.35 43.77
CA ARG C 712 -4.27 22.18 42.32
C ARG C 712 -3.32 23.24 41.76
N SER C 713 -2.34 23.62 42.59
CA SER C 713 -1.25 24.52 42.21
C SER C 713 -0.37 23.78 41.22
N ARG C 714 -0.64 24.00 39.94
CA ARG C 714 -0.27 23.12 38.85
C ARG C 714 -0.02 23.98 37.62
N PHE C 715 -0.40 23.44 36.47
CA PHE C 715 -0.43 24.09 35.16
C PHE C 715 -1.47 25.21 35.13
N ARG C 716 -1.94 25.58 33.92
CA ARG C 716 -2.71 26.80 33.66
C ARG C 716 -1.84 28.03 33.85
N MET C 717 -0.93 28.28 32.91
CA MET C 717 0.13 29.29 32.97
C MET C 717 -0.36 30.72 33.17
N GLY C 718 0.61 31.61 33.39
CA GLY C 718 0.42 32.99 33.83
C GLY C 718 -0.57 33.81 33.03
N GLU C 719 -1.25 34.72 33.71
CA GLU C 719 -2.35 35.44 33.11
C GLU C 719 -1.92 36.75 32.49
N LEU C 720 -1.34 36.70 31.29
CA LEU C 720 -0.89 37.93 30.65
C LEU C 720 -2.06 38.69 30.04
N CYS C 721 -1.81 39.92 29.60
CA CYS C 721 -2.82 40.82 29.08
C CYS C 721 -3.42 40.31 27.78
N LYS C 722 -4.56 40.86 27.38
CA LYS C 722 -5.05 40.58 26.04
C LYS C 722 -4.98 41.83 25.19
N VAL C 723 -5.83 42.82 25.48
CA VAL C 723 -5.70 44.18 24.97
C VAL C 723 -5.98 45.12 26.13
N ALA C 724 -6.81 44.67 27.05
CA ALA C 724 -7.69 45.56 27.80
C ALA C 724 -6.97 46.17 29.00
N ASP C 725 -7.73 46.86 29.85
CA ASP C 725 -7.14 47.65 30.93
C ASP C 725 -6.73 46.77 32.10
N GLU C 726 -7.40 45.62 32.29
CA GLU C 726 -7.00 44.69 33.33
C GLU C 726 -5.68 44.04 32.93
N ASP C 727 -4.77 43.87 33.90
CA ASP C 727 -3.50 43.23 33.61
C ASP C 727 -3.72 41.74 33.39
N PHE C 728 -4.19 41.04 34.43
CA PHE C 728 -4.58 39.66 34.28
C PHE C 728 -5.94 39.61 33.62
N ARG C 729 -5.94 39.08 32.39
CA ARG C 729 -7.16 39.01 31.62
C ARG C 729 -7.73 37.61 31.59
N LEU C 730 -6.86 36.60 31.50
CA LEU C 730 -7.27 35.27 31.10
C LEU C 730 -6.15 34.29 31.38
N CYS C 731 -6.50 33.02 31.51
CA CYS C 731 -5.47 32.00 31.72
C CYS C 731 -4.89 31.54 30.38
N LEU C 732 -3.67 31.02 30.40
CA LEU C 732 -2.90 30.87 29.18
C LEU C 732 -2.25 29.49 29.05
N ARG C 733 -1.50 29.33 27.94
CA ARG C 733 -0.82 28.10 27.58
C ARG C 733 0.18 28.42 26.48
N ILE C 734 1.44 28.04 26.70
CA ILE C 734 2.56 28.52 25.89
C ILE C 734 3.04 27.41 24.96
N ASN C 735 3.26 27.74 23.69
CA ASN C 735 3.84 26.78 22.75
C ASN C 735 5.06 27.31 22.01
N GLU C 736 5.57 26.56 21.03
CA GLU C 736 6.86 26.84 20.43
C GLU C 736 6.92 26.68 18.91
N VAL C 737 6.02 27.36 18.17
CA VAL C 737 5.85 27.19 16.73
C VAL C 737 7.10 27.61 15.94
N LYS C 738 7.14 27.32 14.64
CA LYS C 738 8.37 27.11 13.85
C LYS C 738 8.35 27.78 12.48
N TRP C 739 9.11 27.21 11.52
CA TRP C 739 9.71 27.80 10.32
C TRP C 739 8.76 28.24 9.21
N THR C 740 9.27 28.16 7.98
CA THR C 740 8.97 28.88 6.74
C THR C 740 7.51 29.15 6.42
N GLU C 741 7.29 30.11 5.51
CA GLU C 741 6.22 31.13 5.53
C GLU C 741 6.46 32.11 6.68
N TRP C 742 7.52 32.90 6.52
CA TRP C 742 7.72 34.04 7.40
C TRP C 742 6.72 35.13 7.12
N LYS C 743 6.59 36.06 8.06
CA LYS C 743 5.88 37.31 7.86
C LYS C 743 6.46 38.34 8.82
N THR C 744 6.41 39.59 8.42
CA THR C 744 6.84 40.65 9.33
C THR C 744 5.77 40.87 10.37
N HIS C 745 6.06 40.43 11.60
CA HIS C 745 5.04 40.26 12.63
C HIS C 745 4.66 41.58 13.26
N VAL C 746 3.36 41.78 13.44
CA VAL C 746 2.88 42.81 14.36
C VAL C 746 1.94 42.16 15.37
N SER C 747 2.50 41.61 16.44
CA SER C 747 1.67 40.91 17.40
C SER C 747 1.68 41.45 18.82
N PHE C 748 2.81 41.45 19.51
CA PHE C 748 2.80 41.50 20.98
C PHE C 748 4.13 42.08 21.48
N LEU C 749 4.38 41.85 22.77
CA LEU C 749 5.62 42.22 23.45
C LEU C 749 6.81 41.59 22.73
N ASN C 750 7.66 42.45 22.16
CA ASN C 750 8.66 41.97 21.22
C ASN C 750 9.96 41.68 21.93
N GLU C 751 10.09 40.45 22.44
CA GLU C 751 11.13 40.06 23.37
C GLU C 751 11.40 38.56 23.28
N ASP C 752 12.01 38.01 24.30
CA ASP C 752 12.02 36.60 24.61
C ASP C 752 11.30 36.54 25.97
N PRO C 753 10.76 35.35 26.45
CA PRO C 753 9.61 35.38 27.40
C PRO C 753 9.79 36.10 28.72
N GLY C 754 11.01 36.23 29.22
CA GLY C 754 11.23 37.09 30.35
C GLY C 754 11.64 36.33 31.60
N PRO C 755 12.32 37.01 32.54
CA PRO C 755 12.77 36.44 33.81
C PRO C 755 11.63 35.97 34.71
N LYS D 115 -15.92 -12.38 -70.52
CA LYS D 115 -16.82 -11.27 -70.81
C LYS D 115 -15.99 -10.11 -71.35
N LYS D 116 -14.66 -10.23 -71.21
CA LYS D 116 -13.67 -9.21 -71.56
C LYS D 116 -13.96 -7.91 -70.81
N LYS D 117 -13.78 -8.02 -69.49
CA LYS D 117 -14.13 -6.96 -68.54
C LYS D 117 -12.97 -5.98 -68.33
N ARG D 118 -12.44 -5.49 -69.45
CA ARG D 118 -11.38 -4.50 -69.39
C ARG D 118 -11.91 -3.12 -69.02
N LEU D 119 -13.23 -2.94 -69.02
CA LEU D 119 -13.80 -1.65 -68.62
C LEU D 119 -14.06 -1.61 -67.11
N LYS D 120 -14.52 -2.73 -66.56
CA LYS D 120 -14.94 -2.75 -65.15
C LYS D 120 -13.76 -2.66 -64.21
N LYS D 121 -12.76 -3.51 -64.41
CA LYS D 121 -11.61 -3.57 -63.50
C LYS D 121 -10.73 -2.34 -63.66
N ARG D 122 -10.78 -1.70 -64.84
CA ARG D 122 -10.02 -0.47 -65.05
C ARG D 122 -10.60 0.68 -64.23
N ILE D 123 -11.93 0.70 -64.05
CA ILE D 123 -12.54 1.75 -63.25
C ILE D 123 -12.27 1.53 -61.78
N PHE D 124 -12.44 0.29 -61.29
CA PHE D 124 -12.32 -0.01 -59.87
C PHE D 124 -10.90 0.24 -59.36
N ALA D 125 -9.90 0.07 -60.23
CA ALA D 125 -8.55 0.48 -59.87
C ALA D 125 -8.46 2.00 -59.81
N ALA D 126 -9.01 2.68 -60.82
CA ALA D 126 -8.93 4.13 -60.87
C ALA D 126 -9.80 4.76 -59.80
N VAL D 127 -10.84 4.06 -59.37
CA VAL D 127 -11.61 4.50 -58.19
C VAL D 127 -10.77 4.32 -56.93
N SER D 128 -10.05 3.21 -56.83
CA SER D 128 -9.22 2.97 -55.66
C SER D 128 -8.03 3.91 -55.62
N GLU D 129 -7.58 4.37 -56.79
CA GLU D 129 -6.59 5.43 -56.82
C GLU D 129 -7.18 6.75 -56.37
N GLY D 130 -8.48 6.93 -56.60
CA GLY D 130 -9.14 8.20 -56.39
C GLY D 130 -8.87 9.22 -57.48
N CYS D 131 -8.19 8.83 -58.55
CA CYS D 131 -7.81 9.77 -59.59
C CYS D 131 -9.04 10.24 -60.37
N VAL D 132 -9.12 11.54 -60.58
CA VAL D 132 -10.25 12.16 -61.23
C VAL D 132 -10.11 12.17 -62.74
N GLU D 133 -8.97 12.65 -63.24
CA GLU D 133 -8.80 12.87 -64.68
C GLU D 133 -8.76 11.56 -65.44
N GLU D 134 -8.23 10.50 -64.82
CA GLU D 134 -8.27 9.20 -65.47
C GLU D 134 -9.68 8.63 -65.46
N LEU D 135 -10.47 8.98 -64.44
CA LEU D 135 -11.83 8.46 -64.37
C LEU D 135 -12.75 9.17 -65.36
N ARG D 136 -12.51 10.45 -65.63
CA ARG D 136 -13.34 11.19 -66.57
C ARG D 136 -13.18 10.65 -67.98
N GLU D 137 -11.99 10.14 -68.29
CA GLU D 137 -11.79 9.41 -69.54
C GLU D 137 -12.57 8.10 -69.53
N LEU D 138 -12.70 7.47 -68.37
CA LEU D 138 -13.41 6.20 -68.29
C LEU D 138 -14.92 6.39 -68.41
N LEU D 139 -15.40 7.60 -68.13
CA LEU D 139 -16.83 7.87 -68.23
C LEU D 139 -17.29 8.01 -69.67
N GLN D 140 -16.59 8.79 -70.48
CA GLN D 140 -17.04 9.06 -71.84
C GLN D 140 -16.88 7.81 -72.71
N ASP D 141 -15.92 6.96 -72.39
CA ASP D 141 -15.83 5.66 -73.06
C ASP D 141 -17.01 4.78 -72.65
N LEU D 142 -17.48 4.93 -71.42
CA LEU D 142 -18.64 4.16 -70.98
C LEU D 142 -19.92 4.75 -71.52
N GLN D 143 -19.96 6.08 -71.68
CA GLN D 143 -21.10 6.73 -72.33
C GLN D 143 -21.23 6.28 -73.78
N ASP D 144 -20.10 6.13 -74.47
CA ASP D 144 -20.13 5.54 -75.80
C ASP D 144 -20.44 4.06 -75.74
N LEU D 145 -20.08 3.39 -74.64
CA LEU D 145 -20.41 1.98 -74.50
C LEU D 145 -21.89 1.80 -74.16
N CYS D 146 -22.50 2.81 -73.53
CA CYS D 146 -23.96 2.81 -73.41
C CYS D 146 -24.64 3.07 -74.75
N ARG D 147 -23.96 3.79 -75.65
CA ARG D 147 -24.52 4.09 -76.95
C ARG D 147 -24.56 2.87 -77.86
N ARG D 148 -23.66 1.90 -77.66
CA ARG D 148 -23.54 0.78 -78.60
C ARG D 148 -24.72 -0.19 -78.50
N ARG D 149 -25.40 -0.24 -77.36
CA ARG D 149 -26.59 -1.09 -77.26
C ARG D 149 -27.60 -0.39 -76.36
N ARG D 150 -28.84 -0.37 -76.82
CA ARG D 150 -29.91 0.33 -76.12
C ARG D 150 -31.19 -0.49 -76.05
N GLY D 151 -31.10 -1.73 -75.58
CA GLY D 151 -32.29 -2.51 -75.28
C GLY D 151 -32.67 -2.43 -73.82
N LEU D 152 -31.66 -2.29 -72.96
CA LEU D 152 -31.81 -2.21 -71.52
C LEU D 152 -31.11 -0.99 -70.93
N ASP D 153 -31.40 0.19 -71.48
CA ASP D 153 -30.48 1.28 -71.76
C ASP D 153 -29.44 1.59 -70.68
N VAL D 154 -29.89 2.20 -69.59
CA VAL D 154 -29.00 2.47 -68.46
C VAL D 154 -28.90 1.36 -67.40
N PRO D 155 -30.04 0.78 -66.83
CA PRO D 155 -29.88 0.08 -65.54
C PRO D 155 -29.13 -1.24 -65.62
N ASP D 156 -29.57 -2.12 -66.51
CA ASP D 156 -29.05 -3.48 -66.47
C ASP D 156 -27.71 -3.61 -67.17
N PHE D 157 -27.20 -2.56 -67.79
CA PHE D 157 -25.84 -2.58 -68.33
C PHE D 157 -24.85 -1.97 -67.36
N LEU D 158 -25.20 -0.83 -66.74
CA LEU D 158 -24.28 -0.20 -65.81
C LEU D 158 -24.15 -0.96 -64.50
N MET D 159 -25.20 -1.65 -64.08
CA MET D 159 -25.11 -2.43 -62.84
C MET D 159 -24.39 -3.75 -63.08
N HIS D 160 -24.18 -4.10 -64.35
CA HIS D 160 -23.23 -5.17 -64.64
C HIS D 160 -21.82 -4.64 -64.71
N LYS D 161 -21.66 -3.33 -64.89
CA LYS D 161 -20.34 -2.72 -64.95
C LYS D 161 -19.92 -2.07 -63.64
N LEU D 162 -20.85 -1.54 -62.84
CA LEU D 162 -20.45 -0.85 -61.63
C LEU D 162 -20.47 -1.75 -60.40
N THR D 163 -20.98 -2.96 -60.51
CA THR D 163 -21.13 -3.85 -59.38
C THR D 163 -20.37 -5.13 -59.66
N ALA D 164 -19.57 -5.58 -58.68
CA ALA D 164 -18.88 -6.85 -58.80
C ALA D 164 -19.87 -8.00 -58.81
N SER D 165 -19.47 -9.11 -59.42
CA SER D 165 -20.40 -10.21 -59.64
C SER D 165 -20.64 -11.00 -58.36
N ASP D 166 -19.57 -11.52 -57.75
CA ASP D 166 -19.70 -12.43 -56.62
C ASP D 166 -20.05 -11.72 -55.32
N THR D 167 -19.28 -10.70 -54.95
CA THR D 167 -19.50 -10.05 -53.67
C THR D 167 -20.70 -9.10 -53.73
N GLY D 168 -20.99 -8.58 -54.91
CA GLY D 168 -21.96 -7.51 -55.00
C GLY D 168 -21.43 -6.16 -54.60
N LYS D 169 -20.10 -6.02 -54.46
CA LYS D 169 -19.50 -4.76 -54.08
C LYS D 169 -19.60 -3.77 -55.24
N THR D 170 -20.19 -2.62 -54.98
CA THR D 170 -20.42 -1.66 -56.04
C THR D 170 -19.23 -0.72 -56.21
N CYS D 171 -19.36 0.17 -57.18
CA CYS D 171 -18.31 1.13 -57.45
C CYS D 171 -18.26 2.19 -56.37
N LEU D 172 -19.42 2.54 -55.80
CA LEU D 172 -19.45 3.59 -54.80
C LEU D 172 -18.89 3.10 -53.47
N MET D 173 -19.16 1.83 -53.14
CA MET D 173 -18.58 1.28 -51.91
C MET D 173 -17.08 1.08 -52.06
N LYS D 174 -16.61 0.79 -53.27
CA LYS D 174 -15.18 0.78 -53.53
C LYS D 174 -14.58 2.17 -53.38
N ALA D 175 -15.37 3.20 -53.67
CA ALA D 175 -14.90 4.57 -53.46
C ALA D 175 -14.83 4.93 -51.98
N LEU D 176 -15.47 4.14 -51.13
CA LEU D 176 -15.50 4.46 -49.71
C LEU D 176 -14.71 3.47 -48.87
N LEU D 177 -14.30 2.33 -49.42
CA LEU D 177 -13.37 1.47 -48.69
C LEU D 177 -12.01 2.12 -48.69
N ASN D 178 -11.44 2.28 -49.88
CA ASN D 178 -10.25 3.11 -50.02
C ASN D 178 -10.66 4.57 -49.90
N ILE D 179 -9.80 5.38 -49.33
CA ILE D 179 -10.09 6.81 -49.19
C ILE D 179 -8.80 7.62 -49.23
N ASN D 180 -8.80 8.64 -50.08
CA ASN D 180 -7.73 9.61 -50.25
C ASN D 180 -8.41 10.97 -50.31
N PRO D 181 -7.64 12.10 -50.24
CA PRO D 181 -8.30 13.41 -50.30
C PRO D 181 -9.01 13.79 -51.61
N ASN D 182 -9.09 12.89 -52.58
CA ASN D 182 -9.90 13.11 -53.78
C ASN D 182 -11.26 12.42 -53.67
N THR D 183 -11.59 11.87 -52.50
CA THR D 183 -12.87 11.18 -52.36
C THR D 183 -14.02 12.14 -52.19
N LYS D 184 -13.75 13.36 -51.72
CA LYS D 184 -14.80 14.37 -51.63
C LYS D 184 -15.30 14.79 -53.00
N GLU D 185 -14.47 14.65 -54.03
CA GLU D 185 -14.88 14.88 -55.41
C GLU D 185 -15.35 13.61 -56.10
N ILE D 186 -14.74 12.46 -55.81
CA ILE D 186 -15.00 11.28 -56.61
C ILE D 186 -16.32 10.63 -56.22
N VAL D 187 -16.86 10.97 -55.04
CA VAL D 187 -18.22 10.57 -54.72
C VAL D 187 -19.21 11.37 -55.55
N ARG D 188 -18.93 12.66 -55.70
CA ARG D 188 -19.80 13.56 -56.47
C ARG D 188 -19.86 13.14 -57.92
N ILE D 189 -18.72 12.73 -58.48
CA ILE D 189 -18.68 12.31 -59.88
C ILE D 189 -19.41 10.99 -60.06
N LEU D 190 -19.23 10.06 -59.12
CA LEU D 190 -19.97 8.81 -59.21
C LEU D 190 -21.43 8.98 -58.84
N LEU D 191 -21.78 10.06 -58.15
CA LEU D 191 -23.20 10.36 -57.99
C LEU D 191 -23.75 11.04 -59.23
N ALA D 192 -23.01 12.01 -59.79
CA ALA D 192 -23.49 12.72 -60.98
C ALA D 192 -23.53 11.79 -62.18
N PHE D 193 -22.67 10.78 -62.21
CA PHE D 193 -22.76 9.77 -63.25
C PHE D 193 -24.04 8.95 -63.14
N ALA D 194 -24.45 8.63 -61.90
CA ALA D 194 -25.74 7.99 -61.72
C ALA D 194 -26.90 8.95 -61.90
N GLU D 195 -26.69 10.24 -61.62
CA GLU D 195 -27.70 11.26 -61.88
C GLU D 195 -27.88 11.55 -63.34
N GLU D 196 -26.80 11.59 -64.13
CA GLU D 196 -26.93 11.79 -65.57
C GLU D 196 -27.49 10.56 -66.26
N ASN D 197 -27.44 9.40 -65.62
CA ASN D 197 -27.96 8.18 -66.19
C ASN D 197 -29.20 7.66 -65.47
N ASP D 198 -29.67 8.39 -64.45
CA ASP D 198 -30.99 8.20 -63.82
C ASP D 198 -31.13 6.81 -63.19
N ILE D 199 -30.03 6.33 -62.60
CA ILE D 199 -29.98 5.03 -61.94
C ILE D 199 -29.61 5.15 -60.48
N LEU D 200 -29.76 6.35 -59.90
CA LEU D 200 -29.11 6.66 -58.62
C LEU D 200 -29.74 5.89 -57.46
N ASP D 201 -31.05 5.63 -57.55
CA ASP D 201 -31.77 5.02 -56.43
C ASP D 201 -31.35 3.58 -56.20
N ARG D 202 -31.15 2.82 -57.26
CA ARG D 202 -30.58 1.49 -57.14
C ARG D 202 -29.07 1.53 -57.04
N PHE D 203 -28.46 2.69 -57.21
CA PHE D 203 -27.02 2.82 -57.08
C PHE D 203 -26.62 3.30 -55.69
N ILE D 204 -27.40 4.24 -55.13
CA ILE D 204 -27.08 4.73 -53.80
C ILE D 204 -27.51 3.71 -52.74
N ASN D 205 -28.39 2.77 -53.10
CA ASN D 205 -28.96 1.85 -52.12
C ASN D 205 -28.68 0.40 -52.48
N ALA D 206 -27.53 0.12 -53.07
CA ALA D 206 -27.21 -1.25 -53.41
C ALA D 206 -26.45 -1.92 -52.27
N GLU D 207 -26.59 -3.24 -52.18
CA GLU D 207 -26.10 -3.99 -51.05
C GLU D 207 -25.20 -5.11 -51.54
N TYR D 208 -24.46 -5.70 -50.60
CA TYR D 208 -23.73 -6.92 -50.91
C TYR D 208 -24.69 -8.06 -51.15
N THR D 209 -24.50 -8.77 -52.26
CA THR D 209 -25.14 -10.07 -52.44
C THR D 209 -24.36 -11.15 -51.71
N GLU D 210 -23.16 -10.82 -51.24
CA GLU D 210 -22.33 -11.77 -50.52
C GLU D 210 -22.97 -12.12 -49.18
N GLU D 211 -22.82 -13.38 -48.79
CA GLU D 211 -23.50 -13.89 -47.61
C GLU D 211 -22.92 -13.29 -46.32
N ALA D 212 -21.67 -12.86 -46.35
CA ALA D 212 -21.03 -12.33 -45.15
C ALA D 212 -21.40 -10.90 -44.84
N TYR D 213 -22.02 -10.18 -45.78
CA TYR D 213 -22.20 -8.74 -45.61
C TYR D 213 -23.59 -8.32 -46.06
N GLU D 214 -24.60 -9.09 -45.70
CA GLU D 214 -25.92 -8.97 -46.35
C GLU D 214 -26.59 -7.66 -45.93
N GLY D 215 -26.36 -6.62 -46.72
CA GLY D 215 -26.95 -5.32 -46.45
C GLY D 215 -25.96 -4.26 -46.00
N GLN D 216 -24.67 -4.49 -46.20
CA GLN D 216 -23.66 -3.48 -45.96
C GLN D 216 -23.76 -2.47 -47.10
N THR D 217 -24.49 -1.38 -46.87
CA THR D 217 -24.76 -0.41 -47.93
C THR D 217 -23.65 0.62 -48.00
N ALA D 218 -23.75 1.50 -48.99
CA ALA D 218 -22.78 2.56 -49.14
C ALA D 218 -22.90 3.64 -48.07
N LEU D 219 -24.07 3.78 -47.47
CA LEU D 219 -24.24 4.71 -46.36
C LEU D 219 -23.58 4.20 -45.09
N ASN D 220 -23.72 2.91 -44.80
CA ASN D 220 -23.04 2.29 -43.65
C ASN D 220 -21.53 2.42 -43.76
N ILE D 221 -20.99 2.14 -44.95
CA ILE D 221 -19.55 2.18 -45.14
C ILE D 221 -19.03 3.60 -45.21
N ALA D 222 -19.90 4.59 -45.38
CA ALA D 222 -19.47 5.98 -45.31
C ALA D 222 -19.50 6.48 -43.87
N ILE D 223 -20.49 6.03 -43.11
CA ILE D 223 -20.49 6.28 -41.67
C ILE D 223 -19.36 5.52 -41.00
N GLU D 224 -19.03 4.34 -41.51
CA GLU D 224 -17.93 3.54 -40.99
C GLU D 224 -16.59 4.25 -41.10
N ARG D 225 -16.35 4.92 -42.21
CA ARG D 225 -15.12 5.69 -42.35
C ARG D 225 -15.24 7.09 -41.78
N ARG D 226 -16.31 7.36 -41.03
CA ARG D 226 -16.48 8.56 -40.19
C ARG D 226 -16.44 9.84 -41.00
N GLN D 227 -16.91 9.78 -42.24
CA GLN D 227 -16.87 10.95 -43.12
C GLN D 227 -18.20 11.67 -43.01
N GLY D 228 -18.22 12.73 -42.19
CA GLY D 228 -19.44 13.47 -41.97
C GLY D 228 -19.89 14.31 -43.15
N ASP D 229 -18.95 14.90 -43.88
CA ASP D 229 -19.31 15.73 -45.02
C ASP D 229 -19.82 14.89 -46.18
N ILE D 230 -19.21 13.72 -46.40
CA ILE D 230 -19.63 12.85 -47.49
C ILE D 230 -20.97 12.21 -47.17
N THR D 231 -21.26 11.99 -45.88
CA THR D 231 -22.49 11.35 -45.46
C THR D 231 -23.72 12.20 -45.80
N ALA D 232 -23.63 13.50 -45.55
CA ALA D 232 -24.76 14.40 -45.80
C ALA D 232 -25.05 14.51 -47.29
N VAL D 233 -24.03 14.32 -48.13
CA VAL D 233 -24.23 14.30 -49.57
C VAL D 233 -25.04 13.08 -49.98
N LEU D 234 -24.74 11.93 -49.37
CA LEU D 234 -25.40 10.69 -49.76
C LEU D 234 -26.85 10.68 -49.31
N ILE D 235 -27.13 11.26 -48.14
CA ILE D 235 -28.51 11.41 -47.69
C ILE D 235 -29.24 12.40 -48.58
N ALA D 236 -28.55 13.47 -49.00
CA ALA D 236 -29.14 14.40 -49.94
C ALA D 236 -29.28 13.79 -51.33
N ALA D 237 -28.46 12.79 -51.62
CA ALA D 237 -28.62 12.02 -52.85
C ALA D 237 -29.66 10.93 -52.71
N GLY D 238 -30.22 10.74 -51.51
CA GLY D 238 -31.31 9.79 -51.32
C GLY D 238 -30.89 8.42 -50.85
N ALA D 239 -29.86 8.32 -50.02
CA ALA D 239 -29.44 7.02 -49.50
C ALA D 239 -30.45 6.50 -48.50
N ASP D 240 -30.60 5.18 -48.45
CA ASP D 240 -31.53 4.59 -47.50
C ASP D 240 -30.93 4.64 -46.10
N VAL D 241 -31.54 5.44 -45.23
CA VAL D 241 -31.07 5.61 -43.87
C VAL D 241 -31.56 4.52 -42.95
N ASN D 242 -32.56 3.75 -43.36
CA ASN D 242 -33.11 2.69 -42.53
C ASN D 242 -32.64 1.33 -42.99
N ALA D 243 -31.38 1.21 -43.39
CA ALA D 243 -30.87 -0.03 -43.93
C ALA D 243 -30.67 -1.07 -42.83
N HIS D 244 -30.37 -2.29 -43.25
CA HIS D 244 -30.04 -3.36 -42.33
C HIS D 244 -28.98 -4.26 -42.93
N ALA D 245 -27.92 -4.50 -42.15
CA ALA D 245 -26.80 -5.32 -42.59
C ALA D 245 -26.84 -6.64 -41.84
N LYS D 246 -27.39 -7.67 -42.47
CA LYS D 246 -27.65 -8.93 -41.81
C LYS D 246 -26.56 -9.96 -42.04
N GLY D 247 -25.31 -9.53 -42.17
CA GLY D 247 -24.26 -10.46 -42.55
C GLY D 247 -23.81 -11.33 -41.40
N VAL D 248 -22.71 -12.04 -41.63
CA VAL D 248 -22.18 -12.97 -40.64
C VAL D 248 -21.23 -12.26 -39.68
N PHE D 249 -21.24 -10.93 -39.68
CA PHE D 249 -20.49 -10.25 -38.63
C PHE D 249 -21.23 -10.20 -37.29
N PHE D 250 -22.33 -10.94 -37.13
CA PHE D 250 -23.00 -10.97 -35.83
C PHE D 250 -22.21 -11.81 -34.84
N ASN D 251 -21.83 -13.04 -35.25
CA ASN D 251 -20.79 -13.85 -34.60
C ASN D 251 -21.00 -14.16 -33.13
N PRO D 252 -21.74 -15.22 -32.80
CA PRO D 252 -21.70 -15.77 -31.43
C PRO D 252 -20.30 -15.97 -30.88
N LYS D 253 -19.35 -16.39 -31.72
CA LYS D 253 -17.92 -16.27 -31.41
C LYS D 253 -17.53 -14.81 -31.62
N TYR D 254 -17.75 -14.00 -30.58
CA TYR D 254 -17.82 -12.56 -30.73
C TYR D 254 -16.49 -11.86 -30.94
N GLN D 255 -15.46 -12.27 -30.20
CA GLN D 255 -14.22 -11.50 -30.11
C GLN D 255 -13.47 -11.38 -31.42
N HIS D 256 -13.69 -12.30 -32.35
CA HIS D 256 -13.16 -12.16 -33.69
C HIS D 256 -14.29 -11.91 -34.66
N GLU D 257 -13.97 -11.16 -35.73
CA GLU D 257 -14.80 -10.77 -36.87
C GLU D 257 -16.21 -10.29 -36.53
N GLY D 258 -16.41 -9.74 -35.35
CA GLY D 258 -17.76 -9.47 -34.90
C GLY D 258 -18.22 -8.04 -35.14
N PHE D 259 -18.23 -7.27 -34.07
CA PHE D 259 -18.76 -5.90 -33.99
C PHE D 259 -20.25 -5.88 -34.36
N TYR D 260 -21.03 -6.49 -33.49
CA TYR D 260 -22.47 -6.30 -33.51
C TYR D 260 -22.78 -4.87 -33.13
N PHE D 261 -23.64 -4.21 -33.89
CA PHE D 261 -23.99 -2.83 -33.60
C PHE D 261 -25.46 -2.58 -33.90
N GLY D 262 -26.19 -3.64 -34.17
CA GLY D 262 -27.62 -3.49 -34.41
C GLY D 262 -27.98 -3.15 -35.84
N GLU D 263 -26.98 -3.17 -36.73
CA GLU D 263 -27.06 -3.22 -38.19
C GLU D 263 -27.75 -2.03 -38.86
N THR D 264 -28.23 -1.06 -38.11
CA THR D 264 -28.84 0.06 -38.80
C THR D 264 -27.82 1.17 -38.98
N PRO D 265 -27.98 2.02 -40.00
CA PRO D 265 -27.06 3.14 -40.15
C PRO D 265 -27.17 4.17 -39.05
N LEU D 266 -28.32 4.27 -38.39
CA LEU D 266 -28.44 5.19 -37.27
C LEU D 266 -27.65 4.70 -36.07
N ALA D 267 -27.70 3.40 -35.80
CA ALA D 267 -26.98 2.88 -34.64
C ALA D 267 -25.49 2.85 -34.89
N LEU D 268 -25.06 2.74 -36.14
CA LEU D 268 -23.62 2.64 -36.42
C LEU D 268 -22.91 3.95 -36.12
N ALA D 269 -23.51 5.08 -36.48
CA ALA D 269 -22.97 6.35 -36.01
C ALA D 269 -23.14 6.50 -34.52
N ALA D 270 -24.18 5.89 -33.96
CA ALA D 270 -24.38 5.92 -32.53
C ALA D 270 -23.41 5.00 -31.81
N CYS D 271 -22.94 3.95 -32.49
CA CYS D 271 -22.04 3.04 -31.83
C CYS D 271 -20.60 3.50 -31.89
N THR D 272 -20.22 4.21 -32.95
CA THR D 272 -18.81 4.51 -33.20
C THR D 272 -18.45 5.96 -32.92
N ASN D 273 -19.09 6.58 -31.92
CA ASN D 273 -18.81 7.95 -31.46
C ASN D 273 -18.94 8.97 -32.58
N GLN D 274 -20.06 8.96 -33.26
CA GLN D 274 -20.24 9.93 -34.32
C GLN D 274 -21.46 10.76 -33.96
N PRO D 275 -21.31 11.74 -33.06
CA PRO D 275 -22.49 12.47 -32.58
C PRO D 275 -23.09 13.38 -33.61
N GLU D 276 -22.28 13.91 -34.52
CA GLU D 276 -22.80 14.84 -35.53
C GLU D 276 -23.59 14.10 -36.58
N ILE D 277 -23.21 12.86 -36.89
CA ILE D 277 -23.97 12.07 -37.86
C ILE D 277 -25.28 11.60 -37.26
N VAL D 278 -25.29 11.26 -35.97
CA VAL D 278 -26.53 10.99 -35.26
C VAL D 278 -27.37 12.26 -35.21
N GLN D 279 -26.72 13.39 -34.99
CA GLN D 279 -27.40 14.68 -35.09
C GLN D 279 -27.87 14.93 -36.52
N LEU D 280 -27.18 14.38 -37.51
CA LEU D 280 -27.64 14.49 -38.88
C LEU D 280 -28.77 13.51 -39.16
N LEU D 281 -28.59 12.24 -38.80
CA LEU D 281 -29.56 11.20 -39.17
C LEU D 281 -30.88 11.31 -38.43
N MET D 282 -30.89 11.72 -37.17
CA MET D 282 -32.15 11.82 -36.46
C MET D 282 -32.94 13.06 -36.84
N GLU D 283 -32.33 14.01 -37.54
CA GLU D 283 -33.08 15.13 -38.09
C GLU D 283 -33.73 14.78 -39.42
N ASN D 284 -33.27 13.71 -40.08
CA ASN D 284 -33.99 13.17 -41.21
C ASN D 284 -35.31 12.59 -40.73
N GLU D 285 -36.40 13.04 -41.34
CA GLU D 285 -37.72 12.57 -40.91
C GLU D 285 -38.02 11.16 -41.37
N GLN D 286 -37.28 10.66 -42.36
CA GLN D 286 -37.50 9.29 -42.83
C GLN D 286 -36.76 8.27 -41.99
N THR D 287 -35.97 8.70 -41.02
CA THR D 287 -35.20 7.78 -40.20
C THR D 287 -36.12 7.09 -39.20
N ASP D 288 -36.19 5.76 -39.27
CA ASP D 288 -37.03 4.99 -38.36
C ASP D 288 -36.21 4.75 -37.09
N ILE D 289 -36.44 5.58 -36.09
CA ILE D 289 -35.68 5.49 -34.85
C ILE D 289 -36.18 4.32 -34.02
N THR D 290 -37.45 3.99 -34.17
CA THR D 290 -38.10 2.91 -33.45
C THR D 290 -37.85 1.55 -34.11
N SER D 291 -37.01 1.49 -35.14
CA SER D 291 -36.82 0.29 -35.93
C SER D 291 -36.10 -0.80 -35.15
N GLN D 292 -36.26 -2.04 -35.59
CA GLN D 292 -35.74 -3.19 -34.91
C GLN D 292 -34.64 -3.88 -35.70
N ASP D 293 -34.20 -5.03 -35.20
CA ASP D 293 -33.09 -5.80 -35.74
C ASP D 293 -33.56 -7.21 -36.02
N SER D 294 -32.69 -8.00 -36.67
CA SER D 294 -32.90 -9.44 -36.78
C SER D 294 -32.96 -10.10 -35.41
N ARG D 295 -32.20 -9.58 -34.44
CA ARG D 295 -32.36 -10.01 -33.06
C ARG D 295 -33.52 -9.32 -32.36
N GLY D 296 -34.28 -8.47 -33.07
CA GLY D 296 -35.34 -7.70 -32.45
C GLY D 296 -34.87 -6.46 -31.75
N ASN D 297 -33.58 -6.14 -31.80
CA ASN D 297 -33.02 -5.03 -31.05
C ASN D 297 -33.39 -3.69 -31.66
N ASN D 298 -33.82 -2.76 -30.82
CA ASN D 298 -33.88 -1.38 -31.24
C ASN D 298 -32.53 -0.73 -31.02
N ILE D 299 -32.45 0.59 -31.16
CA ILE D 299 -31.15 1.23 -31.08
C ILE D 299 -30.62 1.29 -29.65
N LEU D 300 -31.49 1.40 -28.65
CA LEU D 300 -30.99 1.42 -27.28
C LEU D 300 -30.55 0.06 -26.82
N HIS D 301 -31.06 -1.01 -27.42
CA HIS D 301 -30.44 -2.32 -27.24
C HIS D 301 -29.04 -2.35 -27.81
N ALA D 302 -28.84 -1.68 -28.95
CA ALA D 302 -27.55 -1.73 -29.61
C ALA D 302 -26.49 -0.98 -28.84
N LEU D 303 -26.84 0.15 -28.21
CA LEU D 303 -25.87 0.84 -27.38
C LEU D 303 -25.54 0.06 -26.12
N VAL D 304 -26.53 -0.64 -25.59
CA VAL D 304 -26.32 -1.49 -24.43
C VAL D 304 -25.38 -2.64 -24.76
N THR D 305 -25.57 -3.27 -25.89
CA THR D 305 -24.70 -4.39 -26.23
C THR D 305 -23.31 -3.99 -26.65
N VAL D 306 -22.94 -2.73 -26.64
CA VAL D 306 -21.58 -2.35 -27.01
C VAL D 306 -20.87 -1.72 -25.81
N ALA D 307 -21.60 -0.91 -25.04
CA ALA D 307 -21.02 -0.02 -24.04
C ALA D 307 -20.28 -0.74 -22.94
N GLU D 308 -18.95 -0.63 -22.95
CA GLU D 308 -18.15 -1.45 -22.07
C GLU D 308 -18.17 -0.93 -20.64
N ASP D 309 -17.80 -1.83 -19.73
CA ASP D 309 -17.64 -1.48 -18.32
C ASP D 309 -16.20 -1.02 -18.07
N PHE D 310 -15.77 -0.10 -18.92
CA PHE D 310 -14.58 0.70 -18.69
C PHE D 310 -15.06 2.06 -18.24
N LYS D 311 -14.38 2.65 -17.27
CA LYS D 311 -14.81 3.93 -16.75
C LYS D 311 -14.34 5.02 -17.68
N THR D 312 -15.27 5.92 -18.04
CA THR D 312 -15.09 7.17 -18.79
C THR D 312 -14.09 7.09 -19.95
N GLN D 313 -14.32 6.23 -20.96
CA GLN D 313 -13.46 6.23 -22.16
C GLN D 313 -13.81 7.42 -23.06
N ASN D 314 -13.57 8.61 -22.50
CA ASN D 314 -14.31 9.84 -22.74
C ASN D 314 -15.80 9.55 -23.01
N ASP D 315 -16.40 8.80 -22.07
CA ASP D 315 -17.45 7.82 -22.32
C ASP D 315 -18.62 8.37 -23.12
N PHE D 316 -18.75 7.87 -24.33
CA PHE D 316 -19.60 8.55 -25.28
C PHE D 316 -20.97 7.89 -25.28
N VAL D 317 -21.03 6.61 -24.95
CA VAL D 317 -22.26 5.85 -25.15
C VAL D 317 -23.34 6.32 -24.18
N LYS D 318 -22.97 6.48 -22.91
CA LYS D 318 -23.89 7.05 -21.94
C LYS D 318 -24.25 8.48 -22.30
N ARG D 319 -23.31 9.22 -22.86
CA ARG D 319 -23.59 10.55 -23.38
C ARG D 319 -24.50 10.48 -24.60
N MET D 320 -24.48 9.38 -25.33
CA MET D 320 -25.24 9.28 -26.57
C MET D 320 -26.52 8.49 -26.41
N TYR D 321 -26.56 7.56 -25.45
CA TYR D 321 -27.82 7.04 -24.96
C TYR D 321 -28.68 8.15 -24.40
N ASP D 322 -28.03 9.12 -23.74
CA ASP D 322 -28.72 10.31 -23.28
C ASP D 322 -29.22 11.12 -24.46
N MET D 323 -28.46 11.13 -25.55
CA MET D 323 -28.76 12.06 -26.62
C MET D 323 -29.93 11.58 -27.47
N ILE D 324 -30.09 10.26 -27.62
CA ILE D 324 -31.14 9.72 -28.49
C ILE D 324 -32.52 9.93 -27.90
N LEU D 325 -32.69 9.63 -26.60
CA LEU D 325 -33.98 9.84 -25.97
C LEU D 325 -34.34 11.32 -25.86
N LEU D 326 -33.34 12.17 -25.67
CA LEU D 326 -33.64 13.58 -25.60
C LEU D 326 -33.76 14.22 -26.98
N ARG D 327 -33.23 13.59 -28.02
CA ARG D 327 -33.48 14.08 -29.38
C ARG D 327 -34.91 13.80 -29.78
N SER D 328 -35.41 12.60 -29.49
CA SER D 328 -36.73 12.21 -29.91
C SER D 328 -37.17 11.02 -29.09
N GLY D 329 -38.46 10.73 -29.17
CA GLY D 329 -38.95 9.53 -28.56
C GLY D 329 -39.90 9.80 -27.41
N ASN D 330 -40.96 9.02 -27.36
CA ASN D 330 -41.82 8.96 -26.20
C ASN D 330 -41.26 7.90 -25.28
N TRP D 331 -42.02 7.48 -24.27
CA TRP D 331 -41.60 6.38 -23.42
C TRP D 331 -41.64 5.05 -24.15
N GLU D 332 -42.28 5.00 -25.33
CA GLU D 332 -42.47 3.78 -26.08
C GLU D 332 -41.23 3.39 -26.90
N LEU D 333 -40.07 3.45 -26.27
CA LEU D 333 -38.87 2.90 -26.89
C LEU D 333 -38.13 1.95 -25.97
N GLU D 334 -38.19 2.15 -24.66
CA GLU D 334 -37.61 1.20 -23.71
C GLU D 334 -38.61 0.15 -23.28
N THR D 335 -39.86 0.25 -23.70
CA THR D 335 -40.79 -0.85 -23.52
C THR D 335 -40.68 -1.87 -24.64
N MET D 336 -39.93 -1.56 -25.68
CA MET D 336 -39.77 -2.49 -26.78
C MET D 336 -38.82 -3.62 -26.41
N ARG D 337 -39.23 -4.84 -26.73
CA ARG D 337 -38.47 -6.02 -26.40
C ARG D 337 -37.81 -6.59 -27.65
N ASN D 338 -36.72 -7.32 -27.45
CA ASN D 338 -35.99 -7.96 -28.53
C ASN D 338 -36.59 -9.33 -28.81
N ASN D 339 -35.85 -10.18 -29.52
CA ASN D 339 -36.30 -11.55 -29.72
C ASN D 339 -35.87 -12.46 -28.57
N ASP D 340 -35.49 -11.88 -27.45
CA ASP D 340 -35.38 -12.60 -26.19
C ASP D 340 -36.46 -12.11 -25.27
N GLY D 341 -37.01 -10.94 -25.58
CA GLY D 341 -38.12 -10.39 -24.83
C GLY D 341 -37.67 -9.47 -23.72
N LEU D 342 -36.54 -8.78 -23.91
CA LEU D 342 -35.91 -8.01 -22.87
C LEU D 342 -36.00 -6.52 -23.18
N THR D 343 -36.38 -5.74 -22.18
CA THR D 343 -36.29 -4.30 -22.25
C THR D 343 -34.81 -3.90 -22.18
N PRO D 344 -34.45 -2.71 -22.69
CA PRO D 344 -33.03 -2.31 -22.63
C PRO D 344 -32.51 -2.09 -21.23
N LEU D 345 -33.37 -1.82 -20.26
CA LEU D 345 -32.93 -1.88 -18.87
C LEU D 345 -32.58 -3.31 -18.49
N GLN D 346 -33.43 -4.27 -18.87
CA GLN D 346 -33.12 -5.66 -18.59
C GLN D 346 -31.93 -6.15 -19.39
N LEU D 347 -31.77 -5.67 -20.62
CA LEU D 347 -30.62 -6.11 -21.41
C LEU D 347 -29.34 -5.54 -20.86
N ALA D 348 -29.40 -4.35 -20.27
CA ALA D 348 -28.21 -3.79 -19.62
C ALA D 348 -27.87 -4.55 -18.36
N ALA D 349 -28.86 -5.18 -17.75
CA ALA D 349 -28.59 -5.95 -16.55
C ALA D 349 -28.09 -7.35 -16.91
N LYS D 350 -28.70 -7.97 -17.92
CA LYS D 350 -28.30 -9.32 -18.30
C LYS D 350 -26.91 -9.33 -18.92
N MET D 351 -26.61 -8.34 -19.75
CA MET D 351 -25.25 -8.20 -20.24
C MET D 351 -24.32 -7.65 -19.18
N GLY D 352 -24.86 -7.06 -18.11
CA GLY D 352 -24.04 -6.63 -17.00
C GLY D 352 -23.27 -5.35 -17.23
N LYS D 353 -23.69 -4.53 -18.19
CA LYS D 353 -23.01 -3.28 -18.45
C LYS D 353 -23.41 -2.32 -17.36
N ALA D 354 -22.51 -2.11 -16.40
CA ALA D 354 -22.87 -1.39 -15.18
C ALA D 354 -23.02 0.10 -15.41
N GLU D 355 -22.13 0.68 -16.20
CA GLU D 355 -22.03 2.13 -16.29
C GLU D 355 -23.22 2.72 -17.04
N ILE D 356 -23.70 2.00 -18.05
CA ILE D 356 -24.90 2.45 -18.75
C ILE D 356 -26.12 2.23 -17.86
N LEU D 357 -26.03 1.32 -16.90
CA LEU D 357 -27.17 1.07 -16.04
C LEU D 357 -27.18 2.02 -14.86
N LYS D 358 -26.07 2.68 -14.56
CA LYS D 358 -26.11 3.77 -13.60
C LYS D 358 -26.81 4.98 -14.17
N TYR D 359 -26.83 5.12 -15.48
CA TYR D 359 -27.59 6.21 -16.09
C TYR D 359 -29.07 5.93 -16.16
N ILE D 360 -29.45 4.73 -16.61
CA ILE D 360 -30.84 4.40 -16.85
C ILE D 360 -31.64 4.44 -15.56
N LEU D 361 -31.07 3.93 -14.48
CA LEU D 361 -31.76 3.98 -13.21
C LEU D 361 -31.73 5.36 -12.57
N SER D 362 -30.75 6.20 -12.88
CA SER D 362 -30.90 7.55 -12.39
C SER D 362 -31.72 8.37 -13.38
N ARG D 363 -31.10 8.77 -14.49
CA ARG D 363 -31.68 9.59 -15.56
C ARG D 363 -32.50 10.76 -15.03
N GLU D 364 -31.89 11.74 -14.38
CA GLU D 364 -32.63 12.93 -14.01
C GLU D 364 -32.63 13.90 -15.18
N ILE D 365 -33.80 14.47 -15.47
CA ILE D 365 -33.96 15.38 -16.60
C ILE D 365 -34.49 16.70 -16.05
N LYS D 366 -33.67 17.74 -16.12
CA LYS D 366 -34.07 19.04 -15.59
C LYS D 366 -34.66 19.90 -16.70
N GLU D 367 -35.75 19.43 -17.31
CA GLU D 367 -36.42 20.22 -18.34
C GLU D 367 -37.91 20.14 -18.09
N LYS D 368 -38.68 20.89 -18.86
CA LYS D 368 -40.11 20.66 -18.86
C LYS D 368 -40.73 20.70 -20.27
N PRO D 369 -40.15 20.08 -21.32
CA PRO D 369 -41.03 19.40 -22.27
C PRO D 369 -41.12 17.90 -22.00
N LEU D 370 -40.07 17.33 -21.43
CA LEU D 370 -39.86 15.89 -21.51
C LEU D 370 -39.24 15.32 -20.25
N ARG D 371 -39.53 15.90 -19.09
CA ARG D 371 -39.08 15.26 -17.86
C ARG D 371 -39.92 14.05 -17.48
N SER D 372 -40.93 13.72 -18.28
CA SER D 372 -41.65 12.47 -18.12
C SER D 372 -40.77 11.26 -18.44
N LEU D 373 -39.72 11.47 -19.24
CA LEU D 373 -38.83 10.36 -19.57
C LEU D 373 -37.87 10.04 -18.44
N SER D 374 -37.83 10.89 -17.42
CA SER D 374 -36.85 10.73 -16.35
C SER D 374 -37.23 9.56 -15.44
N ARG D 375 -36.22 8.91 -14.89
CA ARG D 375 -36.39 7.81 -13.96
C ARG D 375 -36.19 8.25 -12.51
N LYS D 376 -35.36 9.25 -12.27
CA LYS D 376 -35.20 9.88 -10.97
C LYS D 376 -36.00 11.18 -10.93
N PHE D 377 -36.69 11.41 -9.83
CA PHE D 377 -37.41 12.65 -9.65
C PHE D 377 -36.94 13.30 -8.37
N THR D 378 -37.72 14.25 -7.89
CA THR D 378 -37.47 14.90 -6.62
C THR D 378 -38.78 14.97 -5.84
N ASP D 379 -38.75 14.67 -4.56
CA ASP D 379 -39.96 14.94 -3.80
C ASP D 379 -40.01 16.43 -3.54
N TRP D 380 -38.94 16.92 -2.93
CA TRP D 380 -38.82 18.31 -2.56
C TRP D 380 -37.36 18.65 -2.46
N ALA D 381 -37.06 19.94 -2.48
CA ALA D 381 -35.68 20.37 -2.33
C ALA D 381 -35.66 21.58 -1.42
N TYR D 382 -34.86 21.50 -0.37
CA TYR D 382 -34.77 22.61 0.57
C TYR D 382 -33.33 22.71 1.02
N GLY D 383 -32.55 23.55 0.33
CA GLY D 383 -31.15 23.68 0.63
C GLY D 383 -30.40 22.40 0.38
N PRO D 384 -29.42 22.11 1.24
CA PRO D 384 -28.64 20.87 1.08
C PRO D 384 -29.31 19.62 1.61
N VAL D 385 -30.61 19.63 1.86
CA VAL D 385 -31.34 18.39 2.14
C VAL D 385 -32.39 18.25 1.06
N SER D 386 -32.41 17.11 0.38
CA SER D 386 -33.37 16.91 -0.69
C SER D 386 -33.78 15.46 -0.81
N SER D 387 -35.01 15.22 -1.24
CA SER D 387 -35.59 13.88 -1.27
C SER D 387 -35.77 13.44 -2.72
N SER D 388 -35.20 12.29 -3.05
CA SER D 388 -35.19 11.79 -4.41
C SER D 388 -36.17 10.64 -4.57
N LEU D 389 -36.79 10.58 -5.76
CA LEU D 389 -37.85 9.62 -6.07
C LEU D 389 -37.51 8.85 -7.34
N TYR D 390 -37.66 7.53 -7.29
CA TYR D 390 -37.27 6.66 -8.39
C TYR D 390 -38.49 6.01 -9.04
N ASP D 391 -38.51 6.04 -10.38
CA ASP D 391 -39.70 5.66 -11.12
C ASP D 391 -39.97 4.16 -11.08
N LEU D 392 -38.91 3.34 -11.07
CA LEU D 392 -38.91 2.01 -10.45
C LEU D 392 -39.93 1.04 -11.06
N THR D 393 -40.19 1.14 -12.37
CA THR D 393 -41.29 0.35 -12.94
C THR D 393 -40.91 -1.12 -13.04
N ASN D 394 -39.97 -1.46 -13.90
CA ASN D 394 -39.53 -2.84 -14.05
C ASN D 394 -38.43 -3.22 -13.08
N VAL D 395 -38.07 -2.34 -12.14
CA VAL D 395 -36.90 -2.55 -11.31
C VAL D 395 -37.18 -3.57 -10.23
N ASP D 396 -38.25 -3.38 -9.49
CA ASP D 396 -38.58 -4.19 -8.33
C ASP D 396 -39.09 -5.56 -8.76
N THR D 397 -38.91 -6.55 -7.89
CA THR D 397 -39.40 -7.90 -8.12
C THR D 397 -40.92 -7.93 -7.91
N THR D 398 -41.64 -7.40 -8.89
CA THR D 398 -43.08 -7.48 -8.91
C THR D 398 -43.65 -7.91 -10.24
N THR D 399 -42.84 -7.94 -11.28
CA THR D 399 -43.24 -8.43 -12.59
C THR D 399 -42.40 -9.65 -12.95
N ASP D 400 -42.69 -10.24 -14.09
CA ASP D 400 -41.91 -11.37 -14.55
C ASP D 400 -40.56 -10.90 -15.07
N ASN D 401 -39.50 -11.56 -14.58
CA ASN D 401 -38.11 -11.32 -15.00
C ASN D 401 -37.72 -9.85 -14.77
N SER D 402 -37.74 -9.45 -13.51
CA SER D 402 -37.42 -8.08 -13.13
C SER D 402 -35.91 -7.86 -13.16
N VAL D 403 -35.50 -6.66 -12.74
CA VAL D 403 -34.10 -6.28 -12.85
C VAL D 403 -33.27 -7.01 -11.79
N LEU D 404 -33.75 -7.00 -10.55
CA LEU D 404 -33.09 -7.79 -9.51
C LEU D 404 -33.20 -9.28 -9.79
N GLU D 405 -34.26 -9.69 -10.47
CA GLU D 405 -34.37 -11.08 -10.91
C GLU D 405 -33.26 -11.42 -11.88
N ILE D 406 -32.83 -10.46 -12.69
CA ILE D 406 -31.89 -10.78 -13.76
C ILE D 406 -30.51 -10.25 -13.43
N ILE D 407 -30.36 -9.53 -12.32
CA ILE D 407 -29.02 -9.23 -11.84
C ILE D 407 -28.53 -10.31 -10.90
N VAL D 408 -29.32 -10.60 -9.87
CA VAL D 408 -28.79 -11.37 -8.75
C VAL D 408 -28.73 -12.85 -9.09
N TYR D 409 -29.75 -13.36 -9.78
CA TYR D 409 -29.73 -14.74 -10.23
C TYR D 409 -28.80 -14.97 -11.41
N ASN D 410 -28.30 -13.91 -12.05
CA ASN D 410 -27.37 -14.05 -13.15
C ASN D 410 -26.05 -14.60 -12.64
N THR D 411 -25.36 -15.37 -13.48
CA THR D 411 -24.10 -15.98 -13.09
C THR D 411 -22.99 -15.58 -14.07
N ASN D 412 -23.39 -15.18 -15.27
CA ASN D 412 -22.48 -14.99 -16.38
C ASN D 412 -21.57 -13.79 -16.16
N ILE D 413 -22.16 -12.67 -15.75
CA ILE D 413 -21.41 -11.43 -15.66
C ILE D 413 -20.51 -11.43 -14.45
N ASP D 414 -19.50 -10.57 -14.48
CA ASP D 414 -18.51 -10.54 -13.42
C ASP D 414 -18.95 -9.60 -12.30
N ASN D 415 -19.38 -8.40 -12.67
CA ASN D 415 -19.54 -7.32 -11.71
C ASN D 415 -21.00 -7.17 -11.26
N ARG D 416 -21.48 -8.19 -10.55
CA ARG D 416 -22.80 -8.06 -9.94
C ARG D 416 -22.75 -7.15 -8.73
N HIS D 417 -21.63 -7.14 -8.02
CA HIS D 417 -21.52 -6.26 -6.86
C HIS D 417 -21.34 -4.82 -7.27
N GLU D 418 -20.75 -4.57 -8.43
CA GLU D 418 -20.61 -3.20 -8.89
C GLU D 418 -21.94 -2.65 -9.38
N MET D 419 -22.92 -3.53 -9.59
CA MET D 419 -24.23 -3.09 -10.04
C MET D 419 -25.19 -2.91 -8.87
N LEU D 420 -25.04 -3.72 -7.81
CA LEU D 420 -25.98 -3.61 -6.71
C LEU D 420 -25.62 -2.50 -5.74
N THR D 421 -24.50 -1.83 -5.96
CA THR D 421 -24.16 -0.67 -5.15
C THR D 421 -25.04 0.52 -5.53
N LEU D 422 -25.65 0.47 -6.70
CA LEU D 422 -26.43 1.57 -7.25
C LEU D 422 -27.68 1.84 -6.41
N GLU D 423 -28.05 3.11 -6.32
CA GLU D 423 -29.07 3.55 -5.37
C GLU D 423 -30.48 2.98 -5.53
N PRO D 424 -31.04 2.79 -6.74
CA PRO D 424 -32.38 2.17 -6.77
C PRO D 424 -32.34 0.70 -6.42
N LEU D 425 -31.21 0.05 -6.63
CA LEU D 425 -31.12 -1.37 -6.29
C LEU D 425 -30.70 -1.55 -4.84
N HIS D 426 -29.96 -0.59 -4.30
CA HIS D 426 -29.34 -0.80 -3.00
C HIS D 426 -30.35 -0.67 -1.88
N THR D 427 -31.00 0.50 -1.78
CA THR D 427 -31.92 0.73 -0.67
C THR D 427 -33.16 -0.14 -0.80
N LEU D 428 -33.47 -0.56 -2.02
CA LEU D 428 -34.54 -1.54 -2.21
C LEU D 428 -34.12 -2.90 -1.66
N LEU D 429 -32.84 -3.24 -1.79
CA LEU D 429 -32.37 -4.50 -1.22
C LEU D 429 -32.25 -4.42 0.30
N HIS D 430 -31.91 -3.22 0.82
CA HIS D 430 -31.87 -2.96 2.26
C HIS D 430 -33.26 -3.02 2.87
N THR D 431 -34.27 -2.51 2.15
CA THR D 431 -35.61 -2.47 2.71
C THR D 431 -36.25 -3.85 2.68
N LYS D 432 -35.96 -4.63 1.64
CA LYS D 432 -36.34 -6.04 1.65
C LYS D 432 -35.58 -6.79 2.75
N TRP D 433 -34.40 -6.31 3.11
CA TRP D 433 -33.66 -6.97 4.16
C TRP D 433 -34.24 -6.66 5.52
N LYS D 434 -34.48 -5.38 5.80
CA LYS D 434 -34.85 -4.97 7.15
C LYS D 434 -36.30 -5.31 7.47
N LYS D 435 -37.22 -5.01 6.56
CA LYS D 435 -38.63 -5.24 6.84
C LYS D 435 -38.97 -6.72 6.78
N PHE D 436 -38.32 -7.44 5.88
CA PHE D 436 -38.77 -8.75 5.44
C PHE D 436 -37.80 -9.89 5.69
N ALA D 437 -36.59 -9.81 5.15
CA ALA D 437 -35.78 -11.02 4.99
C ALA D 437 -34.93 -11.31 6.21
N LYS D 438 -34.72 -10.31 7.06
CA LYS D 438 -33.95 -10.53 8.28
C LYS D 438 -34.69 -11.44 9.23
N TYR D 439 -36.01 -11.26 9.33
CA TYR D 439 -36.78 -11.99 10.32
C TYR D 439 -37.07 -13.41 9.85
N MET D 440 -37.21 -13.61 8.54
CA MET D 440 -37.36 -14.96 8.04
C MET D 440 -36.07 -15.74 8.16
N PHE D 441 -34.93 -15.06 8.02
CA PHE D 441 -33.65 -15.74 8.07
C PHE D 441 -33.35 -16.23 9.47
N PHE D 442 -33.66 -15.40 10.47
CA PHE D 442 -33.52 -15.84 11.85
C PHE D 442 -34.55 -16.90 12.19
N LEU D 443 -35.73 -16.83 11.56
CA LEU D 443 -36.74 -17.86 11.78
C LEU D 443 -36.32 -19.17 11.14
N SER D 444 -35.78 -19.11 9.92
CA SER D 444 -35.31 -20.32 9.27
C SER D 444 -33.98 -20.76 9.86
N PHE D 445 -33.32 -19.88 10.61
CA PHE D 445 -32.20 -20.32 11.43
C PHE D 445 -32.67 -21.22 12.56
N CYS D 446 -33.59 -20.72 13.39
CA CYS D 446 -33.95 -21.40 14.63
C CYS D 446 -34.73 -22.68 14.35
N PHE D 447 -35.29 -22.83 13.16
CA PHE D 447 -35.86 -24.11 12.79
C PHE D 447 -34.78 -25.10 12.41
N TYR D 448 -33.85 -24.69 11.55
CA TYR D 448 -32.85 -25.64 11.07
C TYR D 448 -31.73 -25.81 12.09
N PHE D 449 -31.72 -24.98 13.13
CA PHE D 449 -30.77 -25.19 14.21
C PHE D 449 -31.35 -26.12 15.26
N PHE D 450 -32.64 -25.99 15.57
CA PHE D 450 -33.30 -26.97 16.42
C PHE D 450 -33.44 -28.31 15.73
N TYR D 451 -33.40 -28.30 14.40
CA TYR D 451 -33.36 -29.52 13.62
C TYR D 451 -32.11 -30.34 13.92
N ASN D 452 -30.94 -29.69 13.92
CA ASN D 452 -29.71 -30.44 14.08
C ASN D 452 -29.45 -30.80 15.54
N ILE D 453 -29.99 -30.03 16.47
CA ILE D 453 -29.91 -30.40 17.88
C ILE D 453 -30.69 -31.69 18.12
N THR D 454 -31.81 -31.84 17.41
CA THR D 454 -32.68 -32.99 17.65
C THR D 454 -32.03 -34.28 17.19
N LEU D 455 -31.35 -34.24 16.03
CA LEU D 455 -30.60 -35.41 15.59
C LEU D 455 -29.45 -35.75 16.53
N THR D 456 -28.87 -34.72 17.15
CA THR D 456 -27.87 -34.98 18.16
C THR D 456 -28.52 -35.51 19.44
N LEU D 457 -29.68 -34.97 19.81
CA LEU D 457 -30.31 -35.39 21.05
C LEU D 457 -31.18 -36.62 20.88
N VAL D 458 -31.33 -37.16 19.68
CA VAL D 458 -32.05 -38.41 19.56
C VAL D 458 -31.05 -39.56 19.53
N SER D 459 -30.11 -39.51 18.61
CA SER D 459 -29.18 -40.61 18.43
C SER D 459 -28.20 -40.70 19.58
N TYR D 460 -27.44 -39.64 19.78
CA TYR D 460 -26.36 -39.67 20.76
C TYR D 460 -26.79 -38.94 22.03
N TYR D 461 -27.86 -39.43 22.65
CA TYR D 461 -28.16 -38.88 23.98
C TYR D 461 -28.08 -39.95 25.05
N ARG D 462 -28.90 -41.02 24.92
CA ARG D 462 -28.95 -42.17 25.82
C ARG D 462 -29.10 -41.75 27.27
N PRO D 463 -30.35 -41.34 27.71
CA PRO D 463 -30.54 -40.70 29.03
C PRO D 463 -29.95 -41.47 30.20
N ARG D 464 -30.44 -42.68 30.43
CA ARG D 464 -29.78 -43.70 31.23
C ARG D 464 -30.16 -45.05 30.64
N GLU D 465 -29.14 -45.82 30.20
CA GLU D 465 -29.27 -47.24 29.88
C GLU D 465 -30.30 -47.54 28.79
N ASP D 466 -29.99 -47.16 27.55
CA ASP D 466 -30.90 -47.28 26.41
C ASP D 466 -31.36 -48.72 26.16
N GLU D 467 -32.43 -48.85 25.36
CA GLU D 467 -33.18 -50.10 25.24
C GLU D 467 -32.55 -51.05 24.23
N ASP D 468 -31.34 -51.52 24.57
CA ASP D 468 -30.62 -52.62 23.92
C ASP D 468 -30.41 -52.38 22.41
N LEU D 469 -29.59 -51.38 22.08
CA LEU D 469 -29.32 -50.87 20.74
C LEU D 469 -30.61 -50.42 20.08
N PRO D 470 -31.17 -49.25 20.45
CA PRO D 470 -32.48 -48.85 19.95
C PRO D 470 -32.48 -48.41 18.50
N HIS D 471 -33.57 -47.77 18.08
CA HIS D 471 -33.62 -47.19 16.75
C HIS D 471 -33.99 -45.72 16.86
N PRO D 472 -33.19 -44.82 16.24
CA PRO D 472 -33.33 -43.38 16.51
C PRO D 472 -34.65 -42.77 16.09
N LEU D 473 -35.03 -42.90 14.82
CA LEU D 473 -36.24 -42.27 14.33
C LEU D 473 -37.46 -43.17 14.52
N ALA D 474 -37.35 -44.15 15.41
CA ALA D 474 -38.48 -45.03 15.68
C ALA D 474 -39.54 -44.32 16.50
N LEU D 475 -40.78 -44.73 16.29
CA LEU D 475 -41.96 -44.14 16.91
C LEU D 475 -42.71 -45.11 17.81
N THR D 476 -42.02 -45.80 18.71
CA THR D 476 -42.53 -46.90 19.53
C THR D 476 -43.78 -46.56 20.35
N HIS D 477 -44.47 -47.62 20.80
CA HIS D 477 -45.85 -47.64 21.29
C HIS D 477 -46.13 -46.63 22.41
N LYS D 478 -45.23 -46.49 23.38
CA LYS D 478 -45.44 -45.53 24.46
C LYS D 478 -44.28 -44.54 24.46
N MET D 479 -44.60 -43.27 24.17
CA MET D 479 -43.65 -42.17 24.20
C MET D 479 -44.40 -40.95 24.69
N SER D 480 -43.89 -40.30 25.74
CA SER D 480 -44.44 -39.04 26.19
C SER D 480 -44.25 -37.97 25.13
N TRP D 481 -45.19 -37.04 25.02
CA TRP D 481 -45.23 -36.09 23.88
C TRP D 481 -44.31 -34.89 24.12
N LEU D 482 -43.08 -35.20 24.53
CA LEU D 482 -41.97 -34.27 24.47
C LEU D 482 -40.75 -35.00 23.92
N GLN D 483 -40.78 -36.34 24.00
CA GLN D 483 -39.62 -37.15 23.66
C GLN D 483 -39.78 -37.85 22.30
N LEU D 484 -40.91 -37.65 21.62
CA LEU D 484 -41.06 -38.15 20.26
C LEU D 484 -41.57 -37.11 19.28
N LEU D 485 -42.08 -35.98 19.76
CA LEU D 485 -42.47 -34.90 18.87
C LEU D 485 -41.25 -34.29 18.21
N GLY D 486 -40.11 -34.32 18.88
CA GLY D 486 -38.86 -33.95 18.24
C GLY D 486 -38.47 -34.92 17.13
N ARG D 487 -38.76 -36.20 17.34
CA ARG D 487 -38.57 -37.18 16.27
C ARG D 487 -39.55 -36.94 15.13
N MET D 488 -40.73 -36.39 15.44
CA MET D 488 -41.61 -35.94 14.38
C MET D 488 -41.09 -34.65 13.76
N PHE D 489 -40.43 -33.82 14.57
CA PHE D 489 -39.95 -32.52 14.11
C PHE D 489 -38.84 -32.68 13.07
N VAL D 490 -38.03 -33.73 13.22
CA VAL D 490 -37.05 -34.05 12.18
C VAL D 490 -37.74 -34.53 10.92
N LEU D 491 -38.71 -35.45 11.07
CA LEU D 491 -39.33 -36.08 9.91
C LEU D 491 -40.17 -35.10 9.11
N ILE D 492 -40.68 -34.07 9.75
CA ILE D 492 -41.39 -33.03 9.02
C ILE D 492 -40.40 -32.13 8.28
N TRP D 493 -39.43 -31.58 9.03
CA TRP D 493 -38.60 -30.52 8.47
C TRP D 493 -37.51 -31.07 7.57
N ALA D 494 -37.27 -32.39 7.60
CA ALA D 494 -36.45 -32.97 6.54
C ALA D 494 -37.24 -33.10 5.26
N THR D 495 -38.50 -33.54 5.36
CA THR D 495 -39.36 -33.61 4.19
C THR D 495 -39.71 -32.23 3.66
N CYS D 496 -39.78 -31.23 4.55
CA CYS D 496 -40.03 -29.87 4.12
C CYS D 496 -38.87 -29.32 3.29
N ILE D 497 -37.64 -29.73 3.62
CA ILE D 497 -36.48 -29.30 2.84
C ILE D 497 -36.35 -30.14 1.59
N SER D 498 -36.69 -31.44 1.68
CA SER D 498 -36.50 -32.35 0.56
C SER D 498 -37.41 -32.01 -0.61
N VAL D 499 -38.61 -31.50 -0.34
CA VAL D 499 -39.49 -31.10 -1.42
C VAL D 499 -39.02 -29.77 -2.00
N LYS D 500 -38.43 -28.92 -1.16
CA LYS D 500 -38.14 -27.54 -1.55
C LYS D 500 -37.07 -27.46 -2.63
N GLU D 501 -35.91 -28.07 -2.39
CA GLU D 501 -34.86 -28.04 -3.40
C GLU D 501 -35.05 -29.16 -4.42
N GLY D 502 -36.04 -30.03 -4.20
CA GLY D 502 -36.46 -30.94 -5.25
C GLY D 502 -37.11 -30.22 -6.40
N ILE D 503 -37.75 -29.08 -6.11
CA ILE D 503 -38.24 -28.21 -7.17
C ILE D 503 -37.06 -27.51 -7.85
N ALA D 504 -35.98 -27.29 -7.10
CA ALA D 504 -34.80 -26.63 -7.65
C ALA D 504 -34.03 -27.54 -8.60
N ILE D 505 -34.34 -28.84 -8.59
CA ILE D 505 -33.89 -29.72 -9.67
C ILE D 505 -34.53 -29.29 -10.98
N PHE D 506 -35.84 -28.98 -10.95
CA PHE D 506 -36.55 -28.64 -12.17
C PHE D 506 -36.21 -27.25 -12.67
N LEU D 507 -35.57 -26.43 -11.84
CA LEU D 507 -35.24 -25.06 -12.19
C LEU D 507 -33.77 -24.87 -12.57
N LEU D 508 -32.85 -25.25 -11.68
CA LEU D 508 -31.45 -24.91 -11.82
C LEU D 508 -30.75 -25.91 -12.74
N ARG D 509 -31.09 -25.83 -14.02
CA ARG D 509 -30.40 -26.65 -15.01
C ARG D 509 -29.06 -26.04 -15.47
N PRO D 510 -28.92 -24.75 -15.82
CA PRO D 510 -27.60 -24.27 -16.22
C PRO D 510 -26.76 -23.61 -15.14
N SER D 511 -27.32 -23.34 -13.96
CA SER D 511 -26.61 -22.55 -12.96
C SER D 511 -25.48 -23.34 -12.30
N ASP D 512 -25.72 -24.62 -12.04
CA ASP D 512 -24.82 -25.45 -11.23
C ASP D 512 -23.46 -25.66 -11.89
N LEU D 513 -23.44 -25.89 -13.20
CA LEU D 513 -22.17 -26.11 -13.88
C LEU D 513 -21.46 -24.80 -14.18
N GLN D 514 -22.23 -23.73 -14.43
CA GLN D 514 -21.62 -22.43 -14.68
C GLN D 514 -21.10 -21.81 -13.37
N SER D 515 -21.91 -21.82 -12.32
CA SER D 515 -21.43 -21.49 -10.98
C SER D 515 -20.76 -22.73 -10.39
N ILE D 516 -19.54 -22.98 -10.86
CA ILE D 516 -18.86 -24.23 -10.56
C ILE D 516 -18.23 -24.17 -9.17
N LEU D 517 -18.08 -22.97 -8.61
CA LEU D 517 -17.58 -22.82 -7.26
C LEU D 517 -18.30 -21.75 -6.44
N SER D 518 -19.10 -20.88 -7.07
CA SER D 518 -19.53 -19.67 -6.38
C SER D 518 -20.72 -19.93 -5.46
N ASP D 519 -21.88 -20.20 -6.04
CA ASP D 519 -23.09 -20.29 -5.23
C ASP D 519 -23.92 -21.49 -5.67
N ALA D 520 -25.10 -21.61 -5.07
CA ALA D 520 -26.09 -22.65 -5.29
C ALA D 520 -25.60 -24.05 -4.98
N TRP D 521 -24.44 -24.20 -4.34
CA TRP D 521 -24.07 -25.50 -3.81
C TRP D 521 -24.90 -25.82 -2.58
N PHE D 522 -25.36 -24.79 -1.87
CA PHE D 522 -26.05 -25.00 -0.62
C PHE D 522 -27.46 -25.50 -0.84
N HIS D 523 -27.99 -25.34 -2.06
CA HIS D 523 -29.19 -26.09 -2.42
C HIS D 523 -28.93 -27.58 -2.39
N PHE D 524 -27.75 -28.00 -2.83
CA PHE D 524 -27.46 -29.43 -2.90
C PHE D 524 -27.21 -30.00 -1.51
N VAL D 525 -26.41 -29.30 -0.70
CA VAL D 525 -25.96 -29.87 0.57
C VAL D 525 -27.09 -29.87 1.58
N PHE D 526 -28.06 -28.96 1.42
CA PHE D 526 -29.32 -29.10 2.15
C PHE D 526 -30.10 -30.31 1.65
N PHE D 527 -30.07 -30.55 0.36
CA PHE D 527 -30.90 -31.62 -0.19
C PHE D 527 -30.30 -32.98 0.13
N VAL D 528 -28.98 -33.11 0.03
CA VAL D 528 -28.31 -34.38 0.35
C VAL D 528 -28.47 -34.70 1.83
N GLN D 529 -28.43 -33.68 2.68
CA GLN D 529 -28.62 -33.87 4.11
C GLN D 529 -30.07 -34.26 4.42
N ALA D 530 -31.02 -33.67 3.71
CA ALA D 530 -32.42 -33.96 4.01
C ALA D 530 -32.80 -35.35 3.50
N VAL D 531 -32.26 -35.76 2.36
CA VAL D 531 -32.63 -37.04 1.78
C VAL D 531 -32.04 -38.19 2.59
N LEU D 532 -30.79 -38.03 3.05
CA LEU D 532 -30.14 -39.10 3.79
C LEU D 532 -30.75 -39.29 5.17
N VAL D 533 -31.44 -38.28 5.69
CA VAL D 533 -32.30 -38.53 6.85
C VAL D 533 -33.47 -39.41 6.45
N ILE D 534 -34.09 -39.12 5.32
CA ILE D 534 -35.29 -39.84 4.91
C ILE D 534 -34.92 -41.23 4.41
N LEU D 535 -33.76 -41.36 3.73
CA LEU D 535 -33.33 -42.67 3.29
C LEU D 535 -32.92 -43.55 4.46
N SER D 536 -32.53 -42.94 5.58
CA SER D 536 -32.33 -43.69 6.80
C SER D 536 -33.64 -44.25 7.33
N VAL D 537 -34.74 -43.58 7.05
CA VAL D 537 -36.05 -44.12 7.43
C VAL D 537 -36.46 -45.21 6.44
N PHE D 538 -36.15 -45.02 5.16
CA PHE D 538 -36.38 -46.08 4.18
C PHE D 538 -35.46 -47.27 4.42
N LEU D 539 -34.32 -47.03 5.05
CA LEU D 539 -33.41 -48.14 5.32
C LEU D 539 -33.91 -48.96 6.50
N TYR D 540 -34.70 -48.33 7.39
CA TYR D 540 -35.27 -49.06 8.52
C TYR D 540 -36.31 -50.07 8.06
N LEU D 541 -37.03 -49.76 6.99
CA LEU D 541 -38.12 -50.63 6.55
C LEU D 541 -37.57 -51.87 5.85
N PHE D 542 -36.30 -51.84 5.44
CA PHE D 542 -35.67 -52.99 4.81
C PHE D 542 -34.55 -53.57 5.65
N ALA D 543 -34.03 -52.80 6.61
CA ALA D 543 -33.06 -53.24 7.62
C ALA D 543 -31.78 -53.80 6.99
N TYR D 544 -31.09 -52.96 6.23
CA TYR D 544 -29.77 -53.34 5.73
C TYR D 544 -28.69 -53.01 6.75
N LYS D 545 -27.45 -53.18 6.33
CA LYS D 545 -26.31 -52.97 7.22
C LYS D 545 -26.08 -51.49 7.47
N GLU D 546 -26.32 -50.65 6.47
CA GLU D 546 -26.07 -49.21 6.57
C GLU D 546 -27.30 -48.47 7.12
N TYR D 547 -27.76 -48.94 8.28
CA TYR D 547 -28.80 -48.24 9.01
C TYR D 547 -28.22 -47.03 9.73
N LEU D 548 -27.05 -47.21 10.35
CA LEU D 548 -26.43 -46.13 11.10
C LEU D 548 -25.55 -45.30 10.20
N ALA D 549 -25.11 -45.86 9.07
CA ALA D 549 -24.12 -45.18 8.24
C ALA D 549 -24.74 -43.98 7.52
N CYS D 550 -25.92 -44.14 6.97
CA CYS D 550 -26.53 -43.03 6.24
C CYS D 550 -27.10 -41.97 7.18
N LEU D 551 -27.30 -42.33 8.45
CA LEU D 551 -27.80 -41.36 9.40
C LEU D 551 -26.72 -40.36 9.79
N VAL D 552 -25.49 -40.84 9.96
CA VAL D 552 -24.45 -40.01 10.59
C VAL D 552 -23.89 -39.01 9.58
N LEU D 553 -23.72 -39.44 8.33
CA LEU D 553 -23.39 -38.49 7.27
C LEU D 553 -24.51 -37.50 7.05
N ALA D 554 -25.75 -37.89 7.36
CA ALA D 554 -26.83 -36.93 7.38
C ALA D 554 -26.76 -36.04 8.62
N MET D 555 -26.14 -36.52 9.69
CA MET D 555 -25.98 -35.66 10.85
C MET D 555 -24.74 -34.81 10.75
N ALA D 556 -23.69 -35.32 10.09
CA ALA D 556 -22.46 -34.57 9.98
C ALA D 556 -22.60 -33.41 9.01
N LEU D 557 -23.34 -33.61 7.91
CA LEU D 557 -23.63 -32.50 7.02
C LEU D 557 -24.59 -31.52 7.67
N GLY D 558 -25.40 -32.01 8.62
CA GLY D 558 -26.38 -31.14 9.26
C GLY D 558 -25.74 -30.05 10.09
N TRP D 559 -24.64 -30.37 10.77
CA TRP D 559 -23.92 -29.31 11.46
C TRP D 559 -23.01 -28.57 10.51
N ALA D 560 -22.56 -29.22 9.44
CA ALA D 560 -21.76 -28.51 8.46
C ALA D 560 -22.61 -27.56 7.62
N ASN D 561 -23.92 -27.81 7.56
CA ASN D 561 -24.84 -26.93 6.86
C ASN D 561 -25.08 -25.61 7.56
N MET D 562 -24.63 -25.44 8.80
CA MET D 562 -24.83 -24.17 9.49
C MET D 562 -23.98 -23.05 8.87
N LEU D 563 -23.02 -23.40 8.02
CA LEU D 563 -22.26 -22.40 7.29
C LEU D 563 -23.14 -21.59 6.35
N TYR D 564 -24.26 -22.16 5.90
CA TYR D 564 -25.23 -21.36 5.17
C TYR D 564 -25.88 -20.33 6.08
N TYR D 565 -25.99 -20.63 7.37
CA TYR D 565 -26.55 -19.63 8.27
C TYR D 565 -25.48 -18.73 8.85
N THR D 566 -24.25 -18.83 8.36
CA THR D 566 -23.24 -17.87 8.75
C THR D 566 -23.29 -16.62 7.87
N ARG D 567 -24.15 -16.62 6.86
CA ARG D 567 -24.56 -15.35 6.28
C ARG D 567 -25.37 -14.58 7.30
N GLY D 568 -25.37 -13.26 7.18
CA GLY D 568 -26.30 -12.49 7.98
C GLY D 568 -25.65 -11.43 8.83
N PHE D 569 -24.53 -11.75 9.45
CA PHE D 569 -23.72 -10.76 10.13
C PHE D 569 -22.63 -10.34 9.15
N GLN D 570 -22.29 -9.05 9.17
CA GLN D 570 -21.53 -8.45 8.06
C GLN D 570 -20.12 -9.00 8.00
N SER D 571 -19.58 -9.43 9.13
CA SER D 571 -18.23 -9.99 9.13
C SER D 571 -18.26 -11.50 9.27
N MET D 572 -19.43 -12.07 9.57
CA MET D 572 -19.47 -13.50 9.84
C MET D 572 -19.33 -14.30 8.56
N GLY D 573 -20.16 -14.00 7.56
CA GLY D 573 -20.01 -14.64 6.28
C GLY D 573 -18.73 -14.20 5.58
N MET D 574 -18.28 -12.99 5.89
CA MET D 574 -17.02 -12.48 5.35
C MET D 574 -15.84 -13.29 5.90
N TYR D 575 -16.03 -13.94 7.03
CA TYR D 575 -15.13 -15.00 7.43
C TYR D 575 -15.51 -16.33 6.78
N SER D 576 -16.80 -16.56 6.56
CA SER D 576 -17.22 -17.87 6.06
C SER D 576 -16.91 -18.02 4.58
N VAL D 577 -16.88 -16.91 3.84
CA VAL D 577 -16.51 -16.97 2.44
C VAL D 577 -15.03 -17.30 2.31
N MET D 578 -14.21 -16.79 3.23
CA MET D 578 -12.79 -17.12 3.22
C MET D 578 -12.56 -18.58 3.56
N ILE D 579 -13.49 -19.22 4.26
CA ILE D 579 -13.42 -20.66 4.40
C ILE D 579 -13.73 -21.32 3.06
N GLN D 580 -14.78 -20.86 2.40
CA GLN D 580 -15.21 -21.47 1.14
C GLN D 580 -14.21 -21.20 0.03
N LYS D 581 -13.39 -20.16 0.18
CA LYS D 581 -12.38 -19.88 -0.82
C LYS D 581 -11.21 -20.84 -0.69
N VAL D 582 -10.78 -21.10 0.55
CA VAL D 582 -9.57 -21.89 0.73
C VAL D 582 -9.85 -23.37 0.53
N ILE D 583 -11.01 -23.84 1.00
CA ILE D 583 -11.36 -25.26 0.87
C ILE D 583 -11.57 -25.63 -0.60
N LEU D 584 -12.20 -24.75 -1.36
CA LEU D 584 -12.40 -25.06 -2.78
C LEU D 584 -11.12 -24.83 -3.58
N HIS D 585 -10.53 -23.65 -3.47
CA HIS D 585 -9.39 -23.36 -4.32
C HIS D 585 -8.10 -23.96 -3.77
N ASP D 586 -7.71 -23.59 -2.55
CA ASP D 586 -6.32 -23.67 -2.17
C ASP D 586 -5.97 -24.77 -1.17
N VAL D 587 -6.94 -25.56 -0.71
CA VAL D 587 -6.58 -26.74 0.07
C VAL D 587 -5.98 -27.80 -0.84
N LEU D 588 -6.63 -28.03 -1.99
CA LEU D 588 -6.13 -29.01 -2.94
C LEU D 588 -4.79 -28.59 -3.54
N LYS D 589 -4.52 -27.29 -3.53
CA LYS D 589 -3.17 -26.79 -3.76
C LYS D 589 -2.20 -27.33 -2.73
N PHE D 590 -2.49 -27.09 -1.45
CA PHE D 590 -1.57 -27.48 -0.40
C PHE D 590 -1.55 -28.99 -0.21
N LEU D 591 -2.69 -29.65 -0.38
CA LEU D 591 -2.77 -31.07 -0.10
C LEU D 591 -2.00 -31.87 -1.13
N PHE D 592 -1.95 -31.39 -2.37
CA PHE D 592 -1.23 -32.13 -3.40
C PHE D 592 0.28 -32.02 -3.19
N VAL D 593 0.74 -30.95 -2.55
CA VAL D 593 2.15 -30.87 -2.22
C VAL D 593 2.41 -31.57 -0.91
N TYR D 594 1.43 -31.57 -0.02
CA TYR D 594 1.68 -32.17 1.30
C TYR D 594 1.63 -33.68 1.22
N ILE D 595 0.77 -34.24 0.35
CA ILE D 595 0.82 -35.67 0.05
C ILE D 595 2.16 -36.02 -0.58
N LEU D 596 2.74 -35.08 -1.31
CA LEU D 596 3.91 -35.35 -2.12
C LEU D 596 5.15 -35.54 -1.27
N PHE D 597 5.36 -34.67 -0.28
CA PHE D 597 6.49 -34.87 0.61
C PHE D 597 6.18 -35.93 1.65
N LEU D 598 4.90 -36.15 1.95
CA LEU D 598 4.50 -37.33 2.72
C LEU D 598 4.91 -38.60 2.03
N LEU D 599 4.48 -38.77 0.78
CA LEU D 599 4.78 -39.99 0.04
C LEU D 599 6.24 -40.01 -0.39
N GLY D 600 6.88 -38.84 -0.42
CA GLY D 600 8.29 -38.79 -0.73
C GLY D 600 9.15 -39.29 0.40
N PHE D 601 8.97 -38.74 1.60
CA PHE D 601 9.77 -39.17 2.73
C PHE D 601 9.25 -40.49 3.29
N GLY D 602 8.01 -40.85 2.97
CA GLY D 602 7.44 -42.07 3.47
C GLY D 602 8.12 -43.30 2.91
N VAL D 603 8.47 -43.25 1.62
CA VAL D 603 9.30 -44.30 1.05
C VAL D 603 10.68 -44.24 1.65
N ALA D 604 11.19 -43.03 1.90
CA ALA D 604 12.47 -42.88 2.56
C ALA D 604 12.41 -43.36 4.00
N LEU D 605 11.25 -43.26 4.63
CA LEU D 605 11.14 -43.77 5.99
C LEU D 605 10.96 -45.27 5.99
N ALA D 606 10.29 -45.81 4.97
CA ALA D 606 9.97 -47.23 4.98
C ALA D 606 11.15 -48.10 4.54
N SER D 607 12.34 -47.52 4.43
CA SER D 607 13.54 -48.33 4.57
C SER D 607 13.76 -48.69 6.02
N LEU D 608 13.44 -47.75 6.92
CA LEU D 608 13.78 -47.96 8.31
C LEU D 608 12.68 -48.74 9.02
N ILE D 609 11.62 -49.07 8.29
CA ILE D 609 10.73 -50.15 8.69
C ILE D 609 10.88 -51.29 7.69
N GLU D 610 10.93 -52.52 8.19
CA GLU D 610 10.87 -53.79 7.45
C GLU D 610 12.15 -54.08 6.64
N LYS D 611 13.05 -53.11 6.51
CA LYS D 611 14.29 -53.40 5.79
C LYS D 611 15.47 -53.17 6.71
N CYS D 612 15.31 -52.24 7.66
CA CYS D 612 16.39 -51.89 8.57
C CYS D 612 16.32 -52.72 9.84
N SER D 613 17.04 -52.25 10.86
CA SER D 613 17.31 -52.94 12.12
C SER D 613 16.06 -53.39 12.84
N LYS D 614 15.26 -52.42 13.31
CA LYS D 614 13.95 -52.50 13.97
C LYS D 614 13.99 -53.10 15.37
N ASP D 615 15.04 -53.88 15.66
CA ASP D 615 15.59 -54.29 16.94
C ASP D 615 14.67 -55.20 17.77
N LYS D 616 13.35 -55.11 17.59
CA LYS D 616 12.37 -55.94 18.30
C LYS D 616 11.12 -56.22 17.48
N LYS D 617 11.06 -55.71 16.25
CA LYS D 617 9.79 -55.47 15.59
C LYS D 617 9.37 -56.71 14.79
N ASP D 618 8.45 -56.55 13.85
CA ASP D 618 7.69 -57.62 13.17
C ASP D 618 6.90 -58.44 14.18
N CYS D 619 6.36 -57.73 15.17
CA CYS D 619 5.51 -58.38 16.16
C CYS D 619 4.33 -57.50 16.57
N SER D 620 3.95 -56.50 15.77
CA SER D 620 2.94 -55.60 16.31
C SER D 620 1.58 -55.64 15.62
N SER D 621 1.44 -55.11 14.40
CA SER D 621 0.13 -55.24 13.77
C SER D 621 0.13 -55.71 12.32
N TYR D 622 0.64 -54.88 11.42
CA TYR D 622 0.52 -55.07 9.97
C TYR D 622 1.24 -53.93 9.26
N GLY D 623 1.21 -53.98 7.92
CA GLY D 623 1.37 -52.81 7.07
C GLY D 623 2.69 -52.07 7.14
N SER D 624 3.74 -52.65 6.57
CA SER D 624 5.11 -52.13 6.67
C SER D 624 5.24 -50.72 6.11
N PHE D 625 4.75 -50.48 4.90
CA PHE D 625 4.79 -49.13 4.34
C PHE D 625 3.75 -48.24 4.98
N SER D 626 2.57 -48.78 5.28
CA SER D 626 1.46 -47.95 5.74
C SER D 626 1.71 -47.43 7.14
N ASP D 627 2.30 -48.24 8.01
CA ASP D 627 2.58 -47.78 9.36
C ASP D 627 3.69 -46.75 9.36
N ALA D 628 4.65 -46.89 8.45
CA ALA D 628 5.72 -45.92 8.34
C ALA D 628 5.20 -44.59 7.82
N VAL D 629 4.16 -44.63 6.98
CA VAL D 629 3.54 -43.39 6.55
C VAL D 629 2.79 -42.74 7.69
N LEU D 630 1.93 -43.51 8.37
CA LEU D 630 1.04 -42.95 9.37
C LEU D 630 1.80 -42.40 10.57
N GLU D 631 2.87 -43.06 10.98
CA GLU D 631 3.65 -42.53 12.10
C GLU D 631 4.49 -41.34 11.66
N LEU D 632 4.60 -41.11 10.36
CA LEU D 632 5.11 -39.84 9.87
C LEU D 632 3.97 -38.87 9.59
N PHE D 633 2.75 -39.38 9.58
CA PHE D 633 1.60 -38.56 9.21
C PHE D 633 0.88 -38.07 10.45
N LYS D 634 1.20 -38.64 11.61
CA LYS D 634 0.60 -38.19 12.85
C LYS D 634 1.31 -36.97 13.40
N LEU D 635 2.48 -36.63 12.85
CA LEU D 635 3.25 -35.51 13.38
C LEU D 635 2.60 -34.18 13.07
N THR D 636 1.86 -34.12 11.97
CA THR D 636 1.23 -32.87 11.57
C THR D 636 0.11 -32.50 12.52
N ILE D 637 -0.56 -33.51 13.08
CA ILE D 637 -1.37 -33.28 14.26
C ILE D 637 -0.52 -32.77 15.41
N GLY D 638 0.67 -33.32 15.57
CA GLY D 638 1.41 -33.19 16.80
C GLY D 638 1.22 -34.36 17.71
N LEU D 639 0.42 -35.34 17.30
CA LEU D 639 0.22 -36.57 18.05
C LEU D 639 1.35 -37.52 17.68
N GLY D 640 2.53 -37.25 18.25
CA GLY D 640 3.76 -37.88 17.82
C GLY D 640 4.12 -39.05 18.71
N ASP D 641 4.55 -40.14 18.10
CA ASP D 641 4.91 -41.35 18.82
C ASP D 641 6.42 -41.55 18.74
N LEU D 642 7.03 -41.83 19.90
CA LEU D 642 8.44 -42.14 19.93
C LEU D 642 8.66 -43.65 19.89
N ASN D 643 7.67 -44.42 20.33
CA ASN D 643 7.85 -45.86 20.52
C ASN D 643 7.89 -46.61 19.20
N ILE D 644 7.46 -45.97 18.10
CA ILE D 644 7.61 -46.59 16.79
C ILE D 644 9.09 -46.55 16.37
N GLN D 645 9.84 -45.61 16.92
CA GLN D 645 11.27 -45.51 16.64
C GLN D 645 12.05 -46.07 17.83
N GLN D 646 12.38 -47.36 17.72
CA GLN D 646 13.39 -48.01 18.54
C GLN D 646 14.18 -48.95 17.64
N ASN D 647 15.26 -48.47 17.03
CA ASN D 647 16.04 -49.31 16.11
C ASN D 647 17.48 -49.34 16.58
N SER D 648 18.40 -49.85 15.75
CA SER D 648 19.79 -50.03 16.13
C SER D 648 20.69 -49.12 15.32
N THR D 649 21.07 -47.97 15.90
CA THR D 649 22.11 -46.99 15.52
C THR D 649 21.70 -46.16 14.30
N TYR D 650 20.70 -46.65 13.57
CA TYR D 650 19.92 -45.84 12.63
C TYR D 650 18.96 -44.81 13.24
N PRO D 651 18.48 -44.91 14.53
CA PRO D 651 17.78 -43.75 15.11
C PRO D 651 18.51 -42.41 15.15
N ILE D 652 19.83 -42.41 14.97
CA ILE D 652 20.52 -41.19 14.58
C ILE D 652 19.94 -40.75 13.25
N LEU D 653 19.97 -41.66 12.27
CA LEU D 653 19.59 -41.29 10.91
C LEU D 653 18.07 -41.22 10.76
N PHE D 654 17.34 -41.83 11.69
CA PHE D 654 15.88 -41.76 11.65
C PHE D 654 15.40 -40.35 11.92
N LEU D 655 15.89 -39.76 13.01
CA LEU D 655 15.29 -38.53 13.49
C LEU D 655 15.74 -37.34 12.66
N PHE D 656 17.00 -37.33 12.22
CA PHE D 656 17.44 -36.25 11.35
C PHE D 656 16.83 -36.37 9.96
N LEU D 657 16.34 -37.55 9.60
CA LEU D 657 15.42 -37.63 8.47
C LEU D 657 14.09 -37.02 8.85
N LEU D 658 13.58 -37.36 10.03
CA LEU D 658 12.23 -36.98 10.38
C LEU D 658 12.14 -35.51 10.78
N ILE D 659 13.25 -34.94 11.24
CA ILE D 659 13.32 -33.49 11.41
C ILE D 659 13.22 -32.78 10.07
N THR D 660 13.91 -33.31 9.06
CA THR D 660 13.82 -32.70 7.74
C THR D 660 12.47 -32.96 7.09
N TYR D 661 11.63 -33.79 7.70
CA TYR D 661 10.23 -33.81 7.31
C TYR D 661 9.48 -32.63 7.89
N VAL D 662 9.72 -32.33 9.17
CA VAL D 662 8.92 -31.29 9.84
C VAL D 662 9.29 -29.91 9.33
N ILE D 663 10.59 -29.68 9.11
CA ILE D 663 11.04 -28.42 8.54
C ILE D 663 10.53 -28.25 7.11
N LEU D 664 10.57 -29.31 6.32
CA LEU D 664 10.02 -29.24 4.97
C LEU D 664 8.51 -29.10 4.99
N THR D 665 7.84 -29.74 5.96
CA THR D 665 6.42 -29.48 6.09
C THR D 665 6.13 -28.33 7.04
N PHE D 666 7.17 -27.58 7.43
CA PHE D 666 6.89 -26.24 7.91
C PHE D 666 6.93 -25.24 6.77
N VAL D 667 7.86 -25.43 5.84
CA VAL D 667 8.01 -24.47 4.75
C VAL D 667 6.82 -24.57 3.81
N LEU D 668 6.25 -25.76 3.68
CA LEU D 668 4.98 -25.89 2.97
C LEU D 668 3.85 -25.20 3.74
N LEU D 669 4.00 -25.12 5.05
CA LEU D 669 2.98 -24.45 5.84
C LEU D 669 3.20 -22.95 5.84
N LEU D 670 4.47 -22.54 5.85
CA LEU D 670 4.80 -21.12 5.92
C LEU D 670 4.51 -20.44 4.60
N ASN D 671 4.76 -21.13 3.49
CA ASN D 671 4.41 -20.60 2.20
C ASN D 671 2.91 -20.63 1.98
N MET D 672 2.21 -21.47 2.72
CA MET D 672 0.76 -21.56 2.58
C MET D 672 0.11 -20.28 3.12
N LEU D 673 0.69 -19.70 4.16
CA LEU D 673 0.23 -18.40 4.63
C LEU D 673 0.55 -17.33 3.59
N ILE D 674 1.72 -17.42 2.96
CA ILE D 674 2.09 -16.46 1.92
C ILE D 674 1.31 -16.73 0.64
N ALA D 675 0.81 -17.94 0.47
CA ALA D 675 -0.01 -18.25 -0.71
C ALA D 675 -1.33 -17.49 -0.68
N LEU D 676 -1.91 -17.33 0.51
CA LEU D 676 -3.09 -16.48 0.64
C LEU D 676 -2.69 -15.01 0.58
N MET D 677 -1.45 -14.71 0.90
CA MET D 677 -0.97 -13.34 0.79
C MET D 677 -0.78 -12.95 -0.68
N GLY D 678 -0.54 -11.67 -0.88
CA GLY D 678 -0.63 -11.06 -2.20
C GLY D 678 -1.93 -10.30 -2.27
N GLU D 679 -1.86 -9.00 -1.99
CA GLU D 679 -3.03 -8.11 -1.88
C GLU D 679 -4.08 -8.60 -0.88
N THR D 680 -3.64 -9.15 0.25
CA THR D 680 -4.59 -9.48 1.32
C THR D 680 -5.07 -8.21 1.99
N VAL D 681 -4.26 -7.14 1.92
CA VAL D 681 -4.68 -5.82 2.37
C VAL D 681 -5.90 -5.36 1.60
N GLU D 682 -6.00 -5.72 0.32
CA GLU D 682 -7.18 -5.39 -0.46
C GLU D 682 -7.98 -6.61 -0.90
N ASN D 683 -7.41 -7.50 -1.71
CA ASN D 683 -8.24 -8.36 -2.54
C ASN D 683 -8.84 -9.52 -1.78
N VAL D 684 -8.08 -10.13 -0.87
CA VAL D 684 -8.62 -11.29 -0.15
C VAL D 684 -9.69 -10.85 0.83
N SER D 685 -9.57 -9.64 1.35
CA SER D 685 -10.62 -9.12 2.24
C SER D 685 -11.82 -8.62 1.45
N LYS D 686 -11.58 -7.82 0.41
CA LYS D 686 -12.68 -7.11 -0.23
C LYS D 686 -13.51 -8.03 -1.12
N GLU D 687 -12.84 -8.93 -1.84
CA GLU D 687 -13.60 -9.84 -2.70
C GLU D 687 -14.42 -10.80 -1.86
N SER D 688 -13.90 -11.22 -0.71
CA SER D 688 -14.66 -12.08 0.19
C SER D 688 -15.84 -11.31 0.80
N GLU D 689 -15.75 -9.99 0.85
CA GLU D 689 -16.91 -9.21 1.25
C GLU D 689 -17.91 -9.12 0.10
N ARG D 690 -17.45 -8.87 -1.11
CA ARG D 690 -18.39 -8.65 -2.21
C ARG D 690 -19.00 -9.96 -2.68
N ILE D 691 -18.33 -11.09 -2.47
CA ILE D 691 -18.95 -12.38 -2.75
C ILE D 691 -20.05 -12.64 -1.76
N TRP D 692 -19.83 -12.20 -0.52
CA TRP D 692 -20.80 -12.42 0.53
C TRP D 692 -22.08 -11.61 0.32
N ARG D 693 -21.94 -10.35 -0.12
CA ARG D 693 -23.12 -9.52 -0.32
C ARG D 693 -23.96 -10.04 -1.48
N LEU D 694 -23.31 -10.61 -2.49
CA LEU D 694 -24.06 -11.26 -3.54
C LEU D 694 -24.67 -12.56 -3.05
N GLN D 695 -23.96 -13.27 -2.17
CA GLN D 695 -24.48 -14.53 -1.67
C GLN D 695 -25.46 -14.32 -0.52
N ARG D 696 -25.66 -13.07 -0.11
CA ARG D 696 -26.80 -12.82 0.76
C ARG D 696 -27.96 -12.21 -0.02
N ALA D 697 -27.66 -11.44 -1.07
CA ALA D 697 -28.73 -10.86 -1.87
C ALA D 697 -29.44 -11.92 -2.70
N ARG D 698 -28.82 -13.06 -2.91
CA ARG D 698 -29.53 -14.14 -3.61
C ARG D 698 -30.49 -14.83 -2.67
N THR D 699 -30.18 -14.84 -1.38
CA THR D 699 -31.09 -15.43 -0.41
C THR D 699 -32.38 -14.63 -0.29
N ILE D 700 -32.25 -13.30 -0.33
CA ILE D 700 -33.38 -12.42 -0.07
C ILE D 700 -34.41 -12.51 -1.18
N LEU D 701 -33.96 -12.56 -2.42
CA LEU D 701 -34.91 -12.75 -3.51
C LEU D 701 -35.45 -14.16 -3.55
N GLU D 702 -34.71 -15.11 -2.96
CA GLU D 702 -35.25 -16.46 -2.83
C GLU D 702 -36.35 -16.50 -1.79
N PHE D 703 -36.27 -15.64 -0.76
CA PHE D 703 -37.31 -15.62 0.26
C PHE D 703 -38.60 -15.01 -0.27
N GLU D 704 -38.51 -14.15 -1.28
CA GLU D 704 -39.75 -13.60 -1.84
C GLU D 704 -40.46 -14.62 -2.71
N LYS D 705 -39.71 -15.57 -3.28
CA LYS D 705 -40.37 -16.70 -3.91
C LYS D 705 -41.02 -17.60 -2.86
N MET D 706 -40.43 -17.65 -1.68
CA MET D 706 -40.99 -18.39 -0.56
C MET D 706 -42.19 -17.68 0.06
N LEU D 707 -42.25 -16.37 -0.06
CA LEU D 707 -43.34 -15.59 0.52
C LEU D 707 -44.58 -15.76 -0.37
N PRO D 708 -45.74 -16.06 0.23
CA PRO D 708 -46.95 -16.28 -0.56
C PRO D 708 -47.49 -14.97 -1.12
N GLU D 709 -48.23 -15.07 -2.23
CA GLU D 709 -48.58 -13.89 -3.00
C GLU D 709 -49.52 -12.96 -2.24
N TRP D 710 -50.34 -13.53 -1.36
CA TRP D 710 -51.22 -12.73 -0.53
C TRP D 710 -50.42 -12.06 0.59
N LEU D 711 -50.86 -10.83 0.90
CA LEU D 711 -50.20 -9.94 1.85
C LEU D 711 -48.72 -9.73 1.54
N ARG D 712 -48.47 -9.12 0.39
CA ARG D 712 -47.21 -8.44 0.12
C ARG D 712 -47.39 -6.94 0.36
N SER D 713 -48.27 -6.61 1.30
CA SER D 713 -48.50 -5.25 1.78
C SER D 713 -47.26 -4.82 2.54
N ARG D 714 -46.36 -4.15 1.83
CA ARG D 714 -44.95 -4.00 2.17
C ARG D 714 -44.49 -2.64 1.69
N PHE D 715 -43.25 -2.63 1.23
CA PHE D 715 -42.57 -1.52 0.55
C PHE D 715 -43.22 -1.22 -0.81
N ARG D 716 -42.47 -0.59 -1.73
CA ARG D 716 -42.99 0.02 -2.96
C ARG D 716 -43.88 1.22 -2.63
N MET D 717 -43.26 2.33 -2.22
CA MET D 717 -43.91 3.52 -1.70
C MET D 717 -44.92 4.17 -2.63
N GLY D 718 -45.64 5.17 -2.08
CA GLY D 718 -46.80 5.81 -2.66
C GLY D 718 -46.66 6.29 -4.09
N GLU D 719 -47.75 6.26 -4.83
CA GLU D 719 -47.69 6.50 -6.26
C GLU D 719 -47.97 7.96 -6.59
N LEU D 720 -46.97 8.83 -6.43
CA LEU D 720 -47.20 10.23 -6.71
C LEU D 720 -47.16 10.50 -8.22
N CYS D 721 -47.54 11.72 -8.61
CA CYS D 721 -47.65 12.10 -10.01
C CYS D 721 -46.32 12.12 -10.71
N LYS D 722 -46.32 12.13 -12.04
CA LYS D 722 -45.08 12.39 -12.75
C LYS D 722 -45.14 13.74 -13.43
N VAL D 723 -45.97 13.85 -14.49
CA VAL D 723 -46.37 15.13 -15.07
C VAL D 723 -47.86 15.05 -15.34
N ALA D 724 -48.34 13.84 -15.60
CA ALA D 724 -49.47 13.65 -16.50
C ALA D 724 -50.80 13.82 -15.75
N ASP D 725 -51.90 13.48 -16.44
CA ASP D 725 -53.22 13.75 -15.92
C ASP D 725 -53.64 12.75 -14.87
N GLU D 726 -53.11 11.53 -14.93
CA GLU D 726 -53.40 10.54 -13.90
C GLU D 726 -52.69 10.94 -12.62
N ASP D 727 -53.35 10.78 -11.47
CA ASP D 727 -52.74 11.12 -10.20
C ASP D 727 -51.67 10.08 -9.86
N PHE D 728 -52.10 8.83 -9.68
CA PHE D 728 -51.15 7.74 -9.50
C PHE D 728 -50.59 7.37 -10.88
N ARG D 729 -49.30 7.63 -11.02
CA ARG D 729 -48.65 7.38 -12.29
C ARG D 729 -47.79 6.12 -12.24
N LEU D 730 -47.11 5.90 -11.10
CA LEU D 730 -45.99 4.97 -11.06
C LEU D 730 -45.63 4.70 -9.60
N CYS D 731 -44.98 3.58 -9.36
CA CYS D 731 -44.53 3.28 -8.01
C CYS D 731 -43.19 3.93 -7.72
N LEU D 732 -42.90 4.16 -6.44
CA LEU D 732 -41.81 5.07 -6.09
C LEU D 732 -40.89 4.51 -5.00
N ARG D 733 -39.91 5.32 -4.63
CA ARG D 733 -38.87 4.99 -3.66
C ARG D 733 -38.18 6.28 -3.24
N ILE D 734 -38.12 6.53 -1.93
CA ILE D 734 -37.75 7.84 -1.40
C ILE D 734 -36.34 7.78 -0.82
N ASN D 735 -35.51 8.78 -1.14
CA ASN D 735 -34.19 8.88 -0.54
C ASN D 735 -33.91 10.24 0.09
N GLU D 736 -32.67 10.47 0.53
CA GLU D 736 -32.35 11.62 1.37
C GLU D 736 -31.03 12.33 1.01
N VAL D 737 -30.85 12.74 -0.24
CA VAL D 737 -29.59 13.27 -0.77
C VAL D 737 -29.20 14.59 -0.07
N LYS D 738 -27.97 15.08 -0.32
CA LYS D 738 -27.22 15.94 0.59
C LYS D 738 -26.51 17.11 -0.10
N TRP D 739 -25.41 17.58 0.50
CA TRP D 739 -24.79 18.91 0.43
C TRP D 739 -24.16 19.31 -0.90
N THR D 740 -23.12 20.15 -0.80
CA THR D 740 -22.55 21.14 -1.72
C THR D 740 -22.47 20.76 -3.19
N GLU D 741 -22.31 21.80 -4.03
CA GLU D 741 -22.93 21.97 -5.36
C GLU D 741 -24.44 22.18 -5.20
N TRP D 742 -24.78 23.34 -4.64
CA TRP D 742 -26.16 23.78 -4.65
C TRP D 742 -26.59 24.18 -6.06
N LYS D 743 -27.90 24.29 -6.24
CA LYS D 743 -28.48 24.91 -7.42
C LYS D 743 -29.86 25.42 -7.04
N THR D 744 -30.30 26.49 -7.70
CA THR D 744 -31.65 26.96 -7.47
C THR D 744 -32.63 26.04 -8.18
N HIS D 745 -33.35 25.25 -7.39
CA HIS D 745 -34.08 24.09 -7.88
C HIS D 745 -35.38 24.50 -8.56
N VAL D 746 -35.65 23.91 -9.72
CA VAL D 746 -36.99 23.90 -10.27
C VAL D 746 -37.42 22.46 -10.52
N SER D 747 -37.95 21.81 -9.48
CA SER D 747 -38.32 20.41 -9.65
C SER D 747 -39.77 20.06 -9.43
N PHE D 748 -40.33 20.27 -8.24
CA PHE D 748 -41.54 19.55 -7.83
C PHE D 748 -42.28 20.35 -6.76
N LEU D 749 -43.18 19.65 -6.06
CA LEU D 749 -43.94 20.18 -4.93
C LEU D 749 -42.99 20.71 -3.86
N ASN D 750 -43.03 22.02 -3.64
CA ASN D 750 -41.99 22.68 -2.87
C ASN D 750 -42.38 22.75 -1.40
N GLU D 751 -42.06 21.69 -0.66
CA GLU D 751 -42.57 21.46 0.68
C GLU D 751 -41.60 20.60 1.48
N ASP D 752 -42.10 20.00 2.54
CA ASP D 752 -41.50 18.85 3.21
C ASP D 752 -42.55 17.75 3.01
N PRO D 753 -42.24 16.40 3.16
CA PRO D 753 -43.02 15.37 2.44
C PRO D 753 -44.52 15.27 2.70
N GLY D 754 -44.99 15.73 3.86
CA GLY D 754 -46.41 15.85 4.05
C GLY D 754 -46.95 14.88 5.08
N PRO D 755 -48.11 15.21 5.67
CA PRO D 755 -48.80 14.38 6.67
C PRO D 755 -49.24 13.02 6.14
B01 FZ4 E . 0.79 -17.26 -21.37
C02 FZ4 E . 1.35 -18.48 -20.54
C03 FZ4 E . 0.56 -19.08 -19.57
C04 FZ4 E . 1.04 -20.15 -18.84
C05 FZ4 E . 2.32 -20.62 -19.08
C06 FZ4 E . 3.11 -20.02 -20.04
C07 FZ4 E . 2.62 -18.94 -20.77
C08 FZ4 E . 1.65 -15.94 -21.47
C09 FZ4 E . 1.47 -14.92 -20.57
C10 FZ4 E . 2.21 -13.76 -20.65
C11 FZ4 E . 3.14 -13.60 -21.66
C12 FZ4 E . 3.31 -14.62 -22.58
C13 FZ4 E . 2.57 -15.79 -22.49
C15 FZ4 E . -1.48 -17.19 -22.24
C16 FZ4 E . -1.63 -15.71 -22.62
N17 FZ4 E . -3.04 -15.40 -22.81
O14 FZ4 E . -0.12 -17.53 -22.32
B01 FZ4 F . 10.13 -36.77 -21.08
C02 FZ4 F . 10.68 -35.71 -20.06
C03 FZ4 F . 11.78 -34.96 -20.40
C04 FZ4 F . 12.29 -34.03 -19.50
C05 FZ4 F . 11.69 -33.84 -18.28
C06 FZ4 F . 10.57 -34.60 -17.94
C07 FZ4 F . 10.07 -35.54 -18.83
C08 FZ4 F . 8.60 -36.76 -21.46
C09 FZ4 F . 8.05 -35.65 -22.08
C10 FZ4 F . 6.71 -35.64 -22.41
C11 FZ4 F . 5.91 -36.73 -22.13
C12 FZ4 F . 6.46 -37.84 -21.51
C13 FZ4 F . 7.81 -37.86 -21.18
C15 FZ4 F . 11.17 -38.22 -22.76
C16 FZ4 F . 12.67 -38.50 -22.91
N17 FZ4 F . 12.98 -39.02 -24.24
O14 FZ4 F . 10.90 -37.82 -21.43
B01 FZ4 G . 27.48 -0.61 1.18
C02 FZ4 G . 27.53 -1.61 2.39
C03 FZ4 G . 27.13 -2.93 2.23
C04 FZ4 G . 27.18 -3.80 3.30
C05 FZ4 G . 27.65 -3.39 4.53
C06 FZ4 G . 28.06 -2.07 4.69
C07 FZ4 G . 28.01 -1.19 3.62
C08 FZ4 G . 26.79 0.79 1.36
C09 FZ4 G . 25.45 0.94 1.07
C10 FZ4 G . 24.82 2.17 1.23
C11 FZ4 G . 25.55 3.26 1.67
C12 FZ4 G . 26.89 3.10 1.95
C13 FZ4 G . 27.50 1.87 1.80
C15 FZ4 G . 28.14 -1.25 -1.09
C16 FZ4 G . 27.56 -0.10 -1.92
N17 FZ4 G . 27.52 -0.48 -3.32
O14 FZ4 G . 28.39 -0.77 0.20
B01 FZ4 H . 38.91 -9.72 17.12
C02 FZ4 H . 37.46 -9.25 17.48
C03 FZ4 H . 37.29 -7.99 18.05
C04 FZ4 H . 36.02 -7.55 18.37
C05 FZ4 H . 34.92 -8.36 18.15
C06 FZ4 H . 35.10 -9.61 17.58
C07 FZ4 H . 36.37 -10.06 17.25
C08 FZ4 H . 39.20 -10.28 15.67
C09 FZ4 H . 39.03 -9.46 14.58
C10 FZ4 H . 39.29 -9.95 13.31
C11 FZ4 H . 39.71 -11.26 13.13
C12 FZ4 H . 39.88 -12.08 14.24
C13 FZ4 H . 39.62 -11.59 15.51
C15 FZ4 H . 41.12 -9.35 18.09
C16 FZ4 H . 41.43 -8.73 19.46
N17 FZ4 H . 42.80 -8.25 19.55
O14 FZ4 H . 39.82 -9.89 18.10
B01 FZ4 I . -0.45 12.64 24.42
C02 FZ4 I . -0.84 11.35 25.22
C03 FZ4 I . 0.07 10.31 25.34
C04 FZ4 I . -0.26 9.18 26.06
C05 FZ4 I . -1.50 9.07 26.67
C06 FZ4 I . -2.40 10.11 26.55
C07 FZ4 I . -2.07 11.26 25.83
C08 FZ4 I . -1.43 13.18 23.30
C09 FZ4 I . -1.30 12.77 21.99
C10 FZ4 I . -2.15 13.24 21.02
C11 FZ4 I . -3.17 14.13 21.34
C12 FZ4 I . -3.28 14.55 22.65
C13 FZ4 I . -2.43 14.08 23.63
C15 FZ4 I . 1.75 13.69 24.55
C16 FZ4 I . 1.73 14.63 23.35
N17 FZ4 I . 3.08 15.06 23.05
O14 FZ4 I . 0.42 13.49 24.97
B01 FZ4 J . -7.79 3.78 42.73
C02 FZ4 J . -8.38 3.20 41.39
C03 FZ4 J . -9.57 3.70 40.90
C04 FZ4 J . -10.11 3.21 39.72
C05 FZ4 J . -9.45 2.22 39.03
C06 FZ4 J . -8.25 1.72 39.51
C07 FZ4 J . -7.71 2.21 40.69
C08 FZ4 J . -6.30 4.28 42.77
C09 FZ4 J . -5.90 5.33 41.97
C10 FZ4 J . -4.59 5.77 42.01
C11 FZ4 J . -3.68 5.15 42.84
C12 FZ4 J . -4.08 4.10 43.64
C13 FZ4 J . -5.38 3.66 43.60
C15 FZ4 J . -8.79 4.64 44.78
C16 FZ4 J . -10.26 4.52 45.21
N17 FZ4 J . -10.61 5.49 46.24
O14 FZ4 J . -8.48 3.61 43.88
B01 FZ4 K . -27.15 -3.99 1.88
C02 FZ4 K . -27.03 -5.50 2.30
C03 FZ4 K . -26.50 -5.83 3.54
C04 FZ4 K . -26.39 -7.16 3.91
C05 FZ4 K . -26.83 -8.17 3.06
C06 FZ4 K . -27.35 -7.83 1.83
C07 FZ4 K . -27.46 -6.49 1.45
C08 FZ4 K . -26.58 -3.54 0.48
C09 FZ4 K . -25.28 -3.08 0.36
C10 FZ4 K . -24.77 -2.67 -0.85
C11 FZ4 K . -25.57 -2.72 -1.98
C12 FZ4 K . -26.87 -3.16 -1.87
C13 FZ4 K . -27.37 -3.57 -0.64
C15 FZ4 K . -27.88 -2.24 3.40
C16 FZ4 K . -27.47 -0.96 2.65
N17 FZ4 K . -27.47 0.17 3.56
O14 FZ4 K . -28.10 -3.25 2.47
B01 FZ4 L . -36.59 -23.27 4.52
C02 FZ4 L . -35.17 -23.26 3.84
C03 FZ4 L . -35.08 -23.27 2.46
C04 FZ4 L . -33.85 -23.27 1.85
C05 FZ4 L . -32.69 -23.27 2.60
C06 FZ4 L . -32.79 -23.28 3.99
C07 FZ4 L . -34.02 -23.27 4.61
C08 FZ4 L . -36.92 -22.19 5.63
C09 FZ4 L . -36.90 -20.85 5.32
C10 FZ4 L . -37.19 -19.91 6.29
C11 FZ4 L . -37.48 -20.31 7.58
C12 FZ4 L . -37.50 -21.66 7.89
C13 FZ4 L . -37.21 -22.60 6.92
C15 FZ4 L . -38.75 -24.22 3.93
C16 FZ4 L . -39.03 -25.25 2.83
N17 FZ4 L . -40.44 -25.29 2.45
O14 FZ4 L . -37.41 -24.32 4.34
#